data_9GOD
#
_entry.id   9GOD
#
_cell.length_a   89.306
_cell.length_b   106.746
_cell.length_c   121.482
_cell.angle_alpha   65.24
_cell.angle_beta   71.02
_cell.angle_gamma   76.71
#
_symmetry.space_group_name_H-M   'P 1'
#
loop_
_entity.id
_entity.type
_entity.pdbx_description
1 polymer 'Dipeptidyl peptidase 9'
2 non-polymer 'ethoxy-[2-(4-pentylphenyl)sulfanylethyl]phosphinous acid'
3 non-polymer 1,2-ETHANEDIOL
4 non-polymer 'CHLORIDE ION'
5 water water
#
_entity_poly.entity_id   1
_entity_poly.type   'polypeptide(L)'
_entity_poly.pdbx_seq_one_letter_code
;MPAARFQVQKHSWDGLRSIIHGSRKYSGLIVNKAPHDFQFVQKTDESGPHSHRLYYLGMPYGSRENSLLYSEIPKKVRKE
ALLLLSWKQMLDHFQATPHHGVYSREEELLRERKRLGVFGITSYDFHSESGLFLFQASNSLFHCRDGGKNGFMVSPMKPL
EIKTQCSGPRMDPKICPADPAFFSFINNSDLWVANIETGEERRLTFCHQGLSNVLDDPKSAGVATFVIQEEFDRFTGYWW
CPTASWEGSEGLKTLRILYEEVDESEVEVIHVPSPALEERKTDSYRYPRTGSKNPKIALKLAEFQTDSQGKIVSTQEKEL
VQPFSSLFPKVEYIARAGWTRDGKYAWAMFLDRPQQWLQLVLLPPALFIPSTENEEQRLASARAVPRNVQPYVVYEEVTN
VWINVHDIFYPFPQSEGEDELCFLRANECKTGFCHLYKVTAVLKSQGYDWSEPFSPGEDEFKCPIKEEIALTSGEWEVLA
RHGSKIWVNEETKLVYFQGTKDTPLEHHLYVVSYEAAGEIVRLTTPGFSHSCSMSQNFDMFVSHYSSVSTPPCVHVYKLS
GPDDDPLHKQPRFWASMMEAASCPPDYVPPEIFHFHTRSDVRLYGMIYKPHALQPGKKHPTVLFVYGGPQVQLVNNSFKG
IKYLRLNTLASLGYAVVVIDGRGSCQRGLRFEGALKNQMGQVEIEDQVEGLQFVAEKYGFIDLSRVAIHGWSYGGFLSLM
GLIHKPQVFKVAIAGAPVTVWMAYDTGYTERYMDVPENNQHGYEAGSVALHVEKLPNEPNRLLILHGFLDENVHFFHTNF
LVSQLIRAGKPYQLQIYPNERHSIRCPESGEHYEVTLLHFLQEYLHHHHHH
;
_entity_poly.pdbx_strand_id   A,B,C,D
#
loop_
_chem_comp.id
_chem_comp.type
_chem_comp.name
_chem_comp.formula
A1INH non-polymer 'ethoxy-[2-(4-pentylphenyl)sulfanylethyl]phosphinous acid' 'C15 H25 O2 P S'
CL non-polymer 'CHLORIDE ION' 'Cl -1'
EDO non-polymer 1,2-ETHANEDIOL 'C2 H6 O2'
#
# COMPACT_ATOMS: atom_id res chain seq x y z
N ALA A 3 42.24 12.17 26.36
CA ALA A 3 42.86 13.51 26.21
C ALA A 3 42.28 14.34 25.05
N ALA A 4 41.75 13.70 23.99
CA ALA A 4 41.16 14.39 22.83
C ALA A 4 39.73 13.92 22.56
N ARG A 5 38.87 14.83 22.08
CA ARG A 5 37.45 14.55 21.90
C ARG A 5 37.14 14.00 20.51
N PHE A 6 36.35 12.92 20.45
CA PHE A 6 35.75 12.47 19.20
C PHE A 6 34.58 13.37 18.82
N GLN A 7 34.52 13.74 17.53
CA GLN A 7 33.39 14.46 16.97
C GLN A 7 32.62 13.48 16.08
N VAL A 8 31.29 13.48 16.23
CA VAL A 8 30.40 12.69 15.38
C VAL A 8 30.23 13.41 14.05
N GLN A 9 30.20 12.63 12.96
CA GLN A 9 29.91 13.17 11.64
C GLN A 9 28.54 13.84 11.67
N LYS A 10 28.48 15.16 11.37
CA LYS A 10 27.21 15.85 11.21
C LYS A 10 26.69 15.54 9.81
N HIS A 11 25.46 15.05 9.72
CA HIS A 11 24.82 14.72 8.46
C HIS A 11 23.63 15.65 8.25
N SER A 12 23.20 15.76 7.00
CA SER A 12 21.95 16.42 6.68
C SER A 12 20.79 15.53 7.15
N TRP A 13 19.60 16.15 7.20
CA TRP A 13 18.36 15.47 7.54
C TRP A 13 18.14 14.26 6.64
N ASP A 14 18.34 14.43 5.34
CA ASP A 14 18.16 13.36 4.37
C ASP A 14 19.22 12.29 4.58
N GLY A 15 20.43 12.73 4.98
CA GLY A 15 21.50 11.81 5.32
C GLY A 15 21.08 10.88 6.46
N LEU A 16 20.51 11.48 7.52
CA LEU A 16 20.07 10.75 8.70
C LEU A 16 18.92 9.81 8.35
N ARG A 17 18.02 10.23 7.44
CA ARG A 17 16.92 9.39 7.03
C ARG A 17 17.42 8.14 6.31
N SER A 18 18.46 8.32 5.48
CA SER A 18 19.07 7.22 4.77
C SER A 18 19.65 6.19 5.74
N ILE A 19 20.36 6.68 6.75
CA ILE A 19 20.95 5.84 7.76
C ILE A 19 19.86 5.03 8.47
N ILE A 20 18.77 5.70 8.88
CA ILE A 20 17.73 5.04 9.68
C ILE A 20 16.96 4.05 8.80
N HIS A 21 16.62 4.45 7.58
CA HIS A 21 15.90 3.55 6.68
C HIS A 21 16.75 2.31 6.38
N GLY A 22 18.07 2.51 6.21
CA GLY A 22 19.00 1.44 5.92
C GLY A 22 19.14 0.44 7.07
N SER A 23 19.19 0.96 8.31
CA SER A 23 19.35 0.14 9.50
C SER A 23 18.16 -0.80 9.70
N ARG A 24 16.94 -0.36 9.32
CA ARG A 24 15.73 -1.14 9.50
C ARG A 24 15.71 -2.33 8.54
N LYS A 25 16.18 -2.14 7.30
CA LYS A 25 16.26 -3.21 6.32
C LYS A 25 17.38 -4.17 6.72
N TYR A 26 18.58 -3.63 6.92
CA TYR A 26 19.82 -4.39 7.09
C TYR A 26 19.82 -5.21 8.38
N SER A 27 18.89 -4.95 9.31
CA SER A 27 18.70 -5.76 10.51
C SER A 27 18.43 -7.22 10.14
N GLY A 28 17.37 -7.44 9.34
CA GLY A 28 17.03 -8.77 8.83
C GLY A 28 16.92 -9.82 9.93
N LEU A 29 16.19 -9.50 11.01
CA LEU A 29 16.01 -10.40 12.14
C LEU A 29 14.57 -10.94 12.17
N LYS A 33 7.79 -13.03 14.82
CA LYS A 33 7.99 -14.26 14.00
C LYS A 33 8.12 -15.53 14.85
N ALA A 34 8.52 -15.39 16.13
CA ALA A 34 8.65 -16.51 17.08
C ALA A 34 7.31 -17.16 17.39
N PRO A 35 7.18 -18.50 17.31
CA PRO A 35 5.94 -19.18 17.68
C PRO A 35 5.71 -19.17 19.21
N HIS A 36 4.45 -19.27 19.64
CA HIS A 36 4.06 -19.04 21.03
C HIS A 36 2.74 -19.72 21.37
N ASP A 37 2.41 -19.73 22.67
CA ASP A 37 1.19 -20.34 23.21
C ASP A 37 1.14 -21.81 22.83
N PHE A 38 2.14 -22.56 23.32
CA PHE A 38 2.33 -23.96 22.99
C PHE A 38 1.34 -24.86 23.75
N GLN A 39 0.90 -25.95 23.09
CA GLN A 39 0.14 -27.02 23.69
C GLN A 39 0.64 -28.34 23.15
N PHE A 40 1.25 -29.16 24.02
CA PHE A 40 1.58 -30.54 23.68
C PHE A 40 0.34 -31.40 23.84
N VAL A 41 0.16 -32.35 22.92
CA VAL A 41 -0.82 -33.41 23.05
C VAL A 41 -0.13 -34.71 22.65
N GLN A 42 -0.28 -35.74 23.48
CA GLN A 42 0.25 -37.07 23.19
C GLN A 42 -0.59 -37.71 22.10
N LYS A 43 0.07 -38.46 21.21
CA LYS A 43 -0.61 -39.27 20.21
C LYS A 43 -0.85 -40.68 20.78
N THR A 44 -2.04 -41.24 20.52
CA THR A 44 -2.45 -42.53 21.04
C THR A 44 -2.44 -43.56 19.92
N ASP A 45 -1.29 -43.67 19.24
CA ASP A 45 -1.12 -44.54 18.09
C ASP A 45 0.30 -45.12 18.15
N GLU A 46 0.42 -46.39 18.53
CA GLU A 46 1.70 -47.06 18.63
C GLU A 46 2.33 -47.29 17.25
N SER A 47 1.50 -47.32 16.18
CA SER A 47 1.94 -47.63 14.84
C SER A 47 2.74 -46.47 14.21
N GLY A 48 2.24 -45.24 14.39
CA GLY A 48 2.76 -44.09 13.66
C GLY A 48 4.08 -43.59 14.23
N PRO A 49 4.79 -42.68 13.52
CA PRO A 49 6.12 -42.22 13.94
C PRO A 49 6.23 -41.03 14.90
N HIS A 50 5.07 -40.57 15.42
CA HIS A 50 4.97 -39.31 16.12
C HIS A 50 4.49 -39.54 17.55
N SER A 51 5.25 -39.03 18.53
CA SER A 51 4.91 -39.14 19.93
C SER A 51 3.85 -38.11 20.33
N HIS A 52 3.96 -36.89 19.78
CA HIS A 52 3.10 -35.77 20.13
C HIS A 52 2.74 -34.91 18.92
N ARG A 53 1.65 -34.14 19.06
CA ARG A 53 1.42 -32.96 18.25
C ARG A 53 1.53 -31.72 19.13
N LEU A 54 2.15 -30.66 18.59
CA LEU A 54 2.45 -29.43 19.34
C LEU A 54 1.73 -28.28 18.65
N TYR A 55 0.67 -27.74 19.27
CA TYR A 55 -0.11 -26.65 18.70
C TYR A 55 0.46 -25.33 19.20
N TYR A 56 0.34 -24.26 18.40
CA TYR A 56 0.89 -22.96 18.74
C TYR A 56 0.36 -21.89 17.77
N LEU A 57 0.70 -20.63 18.08
CA LEU A 57 0.42 -19.51 17.21
C LEU A 57 1.74 -19.06 16.60
N GLY A 58 1.71 -18.76 15.30
CA GLY A 58 2.90 -18.33 14.59
C GLY A 58 2.51 -17.72 13.26
N MET A 59 3.39 -16.85 12.75
CA MET A 59 3.25 -16.24 11.44
C MET A 59 4.08 -17.06 10.46
N PRO A 60 3.48 -18.00 9.67
CA PRO A 60 4.27 -18.86 8.79
C PRO A 60 4.94 -18.14 7.62
N TYR A 61 5.66 -18.90 6.79
CA TYR A 61 6.38 -18.38 5.63
C TYR A 61 5.35 -17.96 4.57
N GLY A 62 5.59 -16.79 3.96
CA GLY A 62 4.69 -16.24 2.96
C GLY A 62 3.34 -15.76 3.49
N SER A 63 3.29 -15.50 4.81
CA SER A 63 2.07 -15.14 5.50
C SER A 63 2.37 -13.95 6.42
N ARG A 64 1.41 -13.01 6.49
CA ARG A 64 1.60 -11.75 7.19
C ARG A 64 0.78 -11.68 8.48
N GLU A 65 0.07 -12.76 8.81
CA GLU A 65 -0.81 -12.81 9.99
C GLU A 65 -0.46 -14.03 10.82
N ASN A 66 -0.72 -13.93 12.12
CA ASN A 66 -0.62 -15.09 13.00
C ASN A 66 -1.80 -16.02 12.71
N SER A 67 -1.55 -17.34 12.75
CA SER A 67 -2.61 -18.33 12.72
C SER A 67 -2.28 -19.51 13.62
N LEU A 68 -3.27 -20.40 13.80
CA LEU A 68 -3.10 -21.66 14.49
C LEU A 68 -2.29 -22.61 13.61
N LEU A 69 -1.20 -23.11 14.19
CA LEU A 69 -0.28 -24.01 13.53
C LEU A 69 -0.04 -25.21 14.41
N TYR A 70 0.50 -26.29 13.83
CA TYR A 70 0.98 -27.41 14.61
C TYR A 70 2.28 -27.94 14.03
N SER A 71 2.96 -28.76 14.83
CA SER A 71 4.13 -29.50 14.40
C SER A 71 4.06 -30.93 14.95
N GLU A 72 4.54 -31.89 14.13
CA GLU A 72 4.57 -33.30 14.49
C GLU A 72 5.88 -33.62 15.19
N ILE A 73 5.80 -34.14 16.43
CA ILE A 73 6.99 -34.40 17.24
C ILE A 73 7.37 -35.86 17.05
N PRO A 74 8.57 -36.19 16.49
CA PRO A 74 8.93 -37.58 16.22
C PRO A 74 9.27 -38.37 17.48
N LYS A 75 9.11 -39.69 17.38
CA LYS A 75 9.45 -40.61 18.46
C LYS A 75 10.97 -40.75 18.58
N LYS A 76 11.69 -40.63 17.45
CA LYS A 76 13.14 -40.82 17.41
C LYS A 76 13.78 -39.78 16.48
N VAL A 77 15.02 -39.35 16.81
CA VAL A 77 15.76 -38.31 16.09
C VAL A 77 17.22 -38.76 15.97
N ARG A 78 17.89 -38.36 14.88
CA ARG A 78 19.30 -38.68 14.66
C ARG A 78 20.18 -37.80 15.57
N LYS A 79 21.26 -38.38 16.12
CA LYS A 79 21.94 -37.86 17.29
C LYS A 79 22.54 -36.48 17.07
N GLU A 80 23.36 -36.30 16.02
CA GLU A 80 24.02 -35.03 15.77
C GLU A 80 23.53 -34.45 14.44
N ALA A 81 22.24 -34.67 14.14
CA ALA A 81 21.54 -34.03 13.03
C ALA A 81 20.43 -33.15 13.60
N LEU A 82 20.34 -31.92 13.09
CA LEU A 82 19.45 -30.91 13.63
C LEU A 82 18.14 -30.93 12.85
N LEU A 83 17.07 -31.33 13.52
CA LEU A 83 15.74 -31.41 12.92
C LEU A 83 15.05 -30.07 13.09
N LEU A 84 14.74 -29.42 11.96
CA LEU A 84 13.92 -28.23 11.95
C LEU A 84 12.49 -28.65 11.62
N LEU A 85 11.56 -28.44 12.55
CA LEU A 85 10.21 -28.94 12.45
C LEU A 85 9.42 -28.11 11.44
N SER A 86 8.61 -28.78 10.63
CA SER A 86 7.72 -28.12 9.69
C SER A 86 6.51 -27.54 10.43
N TRP A 87 6.23 -26.27 10.16
CA TRP A 87 5.01 -25.61 10.63
C TRP A 87 3.85 -25.96 9.70
N LYS A 88 2.96 -26.87 10.12
CA LYS A 88 1.73 -27.16 9.39
C LYS A 88 0.63 -26.18 9.79
N GLN A 89 -0.28 -25.85 8.85
CA GLN A 89 -1.45 -25.04 9.15
C GLN A 89 -2.57 -25.96 9.64
N MET A 90 -3.38 -25.42 10.56
CA MET A 90 -4.64 -26.05 10.95
C MET A 90 -5.80 -25.47 10.15
N LEU A 91 -5.65 -24.24 9.63
CA LEU A 91 -6.76 -23.46 9.10
C LEU A 91 -6.54 -23.17 7.62
N ASP A 92 -7.63 -23.27 6.84
CA ASP A 92 -7.59 -23.04 5.41
C ASP A 92 -7.48 -21.54 5.13
N PHE A 119 -1.31 -9.58 13.83
CA PHE A 119 -2.74 -9.65 13.39
C PHE A 119 -3.15 -11.11 13.27
N GLY A 120 -4.41 -11.33 12.85
CA GLY A 120 -4.99 -12.67 12.71
C GLY A 120 -5.51 -13.18 14.06
N ILE A 121 -4.81 -14.18 14.61
CA ILE A 121 -5.20 -14.82 15.85
C ILE A 121 -4.12 -14.56 16.90
N THR A 122 -4.52 -13.92 17.99
CA THR A 122 -3.62 -13.47 19.03
C THR A 122 -3.62 -14.45 20.21
N SER A 123 -4.73 -15.19 20.41
CA SER A 123 -4.86 -16.19 21.46
C SER A 123 -5.96 -17.20 21.10
N TYR A 124 -6.03 -18.31 21.86
CA TYR A 124 -7.03 -19.34 21.65
C TYR A 124 -7.26 -20.10 22.95
N ASP A 125 -8.49 -20.59 23.18
CA ASP A 125 -8.77 -21.51 24.26
C ASP A 125 -8.84 -22.94 23.71
N PHE A 126 -8.43 -23.92 24.52
CA PHE A 126 -8.30 -25.29 24.08
C PHE A 126 -8.81 -26.24 25.17
N HIS A 127 -9.58 -27.25 24.77
CA HIS A 127 -10.13 -28.27 25.65
C HIS A 127 -9.48 -29.61 25.28
N SER A 128 -8.56 -30.08 26.13
CA SER A 128 -7.67 -31.18 25.73
C SER A 128 -8.47 -32.46 25.51
N GLU A 129 -9.49 -32.72 26.33
CA GLU A 129 -10.23 -33.96 26.25
C GLU A 129 -10.97 -34.05 24.91
N SER A 130 -11.72 -33.01 24.55
CA SER A 130 -12.52 -33.02 23.33
C SER A 130 -11.73 -32.60 22.11
N GLY A 131 -10.58 -31.93 22.30
CA GLY A 131 -9.78 -31.42 21.20
C GLY A 131 -10.37 -30.17 20.54
N LEU A 132 -11.22 -29.42 21.26
CA LEU A 132 -11.86 -28.21 20.75
C LEU A 132 -10.94 -26.99 20.87
N PHE A 133 -10.83 -26.20 19.79
CA PHE A 133 -10.16 -24.91 19.80
C PHE A 133 -11.21 -23.80 19.63
N LEU A 134 -11.06 -22.70 20.39
CA LEU A 134 -11.98 -21.57 20.32
C LEU A 134 -11.16 -20.30 20.30
N PHE A 135 -11.50 -19.36 19.40
CA PHE A 135 -10.67 -18.20 19.13
C PHE A 135 -11.46 -17.12 18.39
N GLN A 136 -11.08 -15.86 18.60
CA GLN A 136 -11.62 -14.73 17.86
C GLN A 136 -10.82 -14.53 16.58
N ALA A 137 -11.50 -14.05 15.52
CA ALA A 137 -10.90 -13.88 14.19
C ALA A 137 -11.92 -13.23 13.25
N SER A 138 -11.48 -12.22 12.47
CA SER A 138 -12.32 -11.57 11.48
C SER A 138 -13.60 -11.01 12.10
N ASN A 139 -13.46 -10.39 13.28
CA ASN A 139 -14.54 -9.75 14.04
C ASN A 139 -15.65 -10.74 14.39
N SER A 140 -15.26 -11.97 14.75
CA SER A 140 -16.23 -13.04 14.99
C SER A 140 -15.60 -14.10 15.89
N LEU A 141 -16.36 -15.17 16.15
CA LEU A 141 -15.88 -16.32 16.90
C LEU A 141 -15.83 -17.53 15.99
N PHE A 142 -14.76 -18.33 16.12
CA PHE A 142 -14.59 -19.54 15.34
C PHE A 142 -14.12 -20.68 16.25
N HIS A 143 -14.29 -21.90 15.75
CA HIS A 143 -13.85 -23.08 16.47
C HIS A 143 -13.43 -24.18 15.50
N CYS A 144 -12.58 -25.09 15.99
CA CYS A 144 -12.23 -26.29 15.24
C CYS A 144 -11.92 -27.42 16.20
N ARG A 145 -11.78 -28.63 15.68
CA ARG A 145 -11.48 -29.80 16.49
C ARG A 145 -10.27 -30.52 15.91
N ASP A 146 -9.43 -31.06 16.78
CA ASP A 146 -8.37 -31.97 16.38
C ASP A 146 -8.02 -32.84 17.59
N GLY A 147 -7.83 -34.13 17.36
CA GLY A 147 -7.58 -35.07 18.44
C GLY A 147 -8.89 -35.51 19.08
N GLY A 148 -8.78 -36.06 20.30
CA GLY A 148 -9.89 -36.76 20.93
C GLY A 148 -10.27 -38.02 20.15
N LYS A 149 -11.57 -38.35 20.15
CA LYS A 149 -12.10 -39.44 19.37
C LYS A 149 -12.01 -39.15 17.87
N ASN A 150 -12.01 -37.86 17.49
CA ASN A 150 -12.02 -37.44 16.09
C ASN A 150 -10.74 -37.84 15.34
N GLY A 151 -9.61 -37.96 16.05
CA GLY A 151 -8.33 -38.25 15.42
C GLY A 151 -7.72 -37.00 14.78
N PHE A 152 -6.46 -37.11 14.36
CA PHE A 152 -5.65 -35.97 13.96
C PHE A 152 -5.77 -35.71 12.46
N MET A 153 -6.03 -34.44 12.09
CA MET A 153 -6.03 -34.01 10.71
C MET A 153 -4.66 -34.26 10.08
N VAL A 154 -4.68 -34.58 8.78
CA VAL A 154 -3.47 -34.72 7.98
C VAL A 154 -3.38 -33.54 7.00
N SER A 155 -4.28 -32.55 7.12
CA SER A 155 -4.37 -31.44 6.18
C SER A 155 -5.23 -30.31 6.76
N PRO A 156 -5.00 -29.03 6.36
CA PRO A 156 -5.84 -27.92 6.83
C PRO A 156 -7.34 -28.13 6.69
N MET A 157 -8.09 -27.66 7.70
CA MET A 157 -9.54 -27.70 7.72
C MET A 157 -10.08 -26.27 7.85
N LYS A 158 -11.35 -26.08 7.44
CA LYS A 158 -12.00 -24.78 7.46
C LYS A 158 -12.50 -24.53 8.88
N PRO A 159 -12.30 -23.30 9.43
CA PRO A 159 -12.83 -22.97 10.76
C PRO A 159 -14.32 -22.64 10.70
N LEU A 160 -15.12 -23.32 11.53
CA LEU A 160 -16.56 -23.12 11.57
C LEU A 160 -16.85 -21.88 12.43
N GLU A 161 -17.56 -20.90 11.85
CA GLU A 161 -18.02 -19.72 12.57
C GLU A 161 -19.08 -20.12 13.60
N ILE A 162 -19.22 -19.27 14.64
CA ILE A 162 -20.31 -19.35 15.60
C ILE A 162 -21.18 -18.12 15.39
N LYS A 163 -22.43 -18.35 14.94
CA LYS A 163 -23.36 -17.28 14.63
C LYS A 163 -23.91 -16.71 15.94
N THR A 164 -24.36 -15.46 15.91
CA THR A 164 -24.97 -14.83 17.07
C THR A 164 -26.07 -13.86 16.65
N GLN A 165 -27.04 -13.61 17.54
CA GLN A 165 -27.97 -12.50 17.43
C GLN A 165 -27.52 -11.29 18.25
N CYS A 166 -26.30 -11.32 18.82
CA CYS A 166 -25.83 -10.27 19.70
C CYS A 166 -25.35 -9.08 18.87
N SER A 167 -25.66 -7.87 19.34
CA SER A 167 -25.15 -6.64 18.77
C SER A 167 -23.78 -6.34 19.35
N GLY A 168 -22.83 -5.99 18.48
CA GLY A 168 -21.50 -5.59 18.91
C GLY A 168 -20.63 -6.80 19.26
N PRO A 169 -19.34 -6.56 19.64
CA PRO A 169 -18.37 -7.65 19.76
C PRO A 169 -18.68 -8.67 20.85
N ARG A 170 -18.23 -9.90 20.64
CA ARG A 170 -18.24 -10.94 21.66
C ARG A 170 -16.81 -11.13 22.17
N MET A 171 -16.58 -10.76 23.42
CA MET A 171 -15.25 -10.57 23.98
C MET A 171 -14.93 -11.69 24.97
N ASP A 172 -13.62 -11.97 25.12
CA ASP A 172 -13.08 -12.80 26.19
C ASP A 172 -13.79 -14.15 26.22
N PRO A 173 -13.80 -14.90 25.11
CA PRO A 173 -14.48 -16.20 25.08
C PRO A 173 -13.72 -17.29 25.83
N LYS A 174 -14.43 -18.21 26.48
CA LYS A 174 -13.80 -19.37 27.10
C LYS A 174 -14.73 -20.57 27.04
N ILE A 175 -14.15 -21.73 26.77
CA ILE A 175 -14.84 -23.01 26.77
C ILE A 175 -15.15 -23.38 28.22
N CYS A 176 -16.30 -24.02 28.44
CA CYS A 176 -16.66 -24.52 29.76
C CYS A 176 -15.88 -25.79 30.05
N PRO A 177 -15.10 -25.88 31.14
CA PRO A 177 -14.29 -27.07 31.42
C PRO A 177 -15.10 -28.34 31.67
N ALA A 178 -16.21 -28.21 32.40
CA ALA A 178 -17.02 -29.34 32.79
C ALA A 178 -17.80 -29.92 31.60
N ASP A 179 -18.06 -29.09 30.58
CA ASP A 179 -18.86 -29.49 29.44
C ASP A 179 -18.52 -28.60 28.25
N PRO A 180 -17.68 -29.07 27.30
CA PRO A 180 -17.18 -28.21 26.21
C PRO A 180 -18.19 -27.82 25.12
N ALA A 181 -19.41 -28.36 25.21
CA ALA A 181 -20.51 -27.91 24.37
C ALA A 181 -20.82 -26.45 24.64
N PHE A 182 -20.58 -25.99 25.87
CA PHE A 182 -20.84 -24.60 26.25
C PHE A 182 -19.56 -23.79 26.19
N PHE A 183 -19.75 -22.48 25.99
CA PHE A 183 -18.69 -21.51 26.12
C PHE A 183 -19.31 -20.21 26.63
N SER A 184 -18.45 -19.29 27.06
CA SER A 184 -18.87 -18.02 27.63
C SER A 184 -18.31 -16.89 26.78
N PHE A 185 -18.87 -15.70 26.94
CA PHE A 185 -18.30 -14.50 26.34
C PHE A 185 -18.95 -13.28 27.00
N ILE A 186 -18.33 -12.13 26.79
CA ILE A 186 -18.86 -10.85 27.24
C ILE A 186 -19.44 -10.12 26.03
N ASN A 187 -20.61 -9.51 26.22
CA ASN A 187 -21.26 -8.70 25.21
C ASN A 187 -21.95 -7.53 25.90
N ASN A 188 -21.56 -6.31 25.51
CA ASN A 188 -22.04 -5.06 26.09
C ASN A 188 -21.96 -5.13 27.61
N SER A 189 -20.76 -5.48 28.11
CA SER A 189 -20.43 -5.52 29.53
C SER A 189 -21.34 -6.44 30.35
N ASP A 190 -21.74 -7.57 29.77
CA ASP A 190 -22.51 -8.58 30.50
C ASP A 190 -22.08 -9.97 30.04
N LEU A 191 -22.34 -10.93 30.92
CA LEU A 191 -21.84 -12.28 30.76
C LEU A 191 -22.90 -13.09 30.03
N TRP A 192 -22.47 -13.80 28.98
CA TRP A 192 -23.32 -14.67 28.19
C TRP A 192 -22.70 -16.06 28.20
N VAL A 193 -23.56 -17.06 27.98
CA VAL A 193 -23.11 -18.38 27.59
C VAL A 193 -23.85 -18.79 26.33
N ALA A 194 -23.28 -19.75 25.62
CA ALA A 194 -23.89 -20.31 24.43
C ALA A 194 -23.57 -21.80 24.38
N ASN A 195 -24.31 -22.50 23.52
CA ASN A 195 -24.05 -23.91 23.19
C ASN A 195 -23.59 -23.93 21.75
N ILE A 196 -22.36 -24.44 21.54
CA ILE A 196 -21.71 -24.35 20.25
C ILE A 196 -22.34 -25.34 19.27
N GLU A 197 -22.91 -26.42 19.81
CA GLU A 197 -23.55 -27.47 19.02
C GLU A 197 -24.96 -27.02 18.58
N THR A 198 -25.84 -26.71 19.56
CA THR A 198 -27.24 -26.35 19.28
C THR A 198 -27.32 -24.94 18.69
N GLY A 199 -26.40 -24.05 19.09
CA GLY A 199 -26.41 -22.67 18.64
C GLY A 199 -27.17 -21.75 19.60
N GLU A 200 -27.69 -22.29 20.72
CA GLU A 200 -28.47 -21.51 21.67
C GLU A 200 -27.56 -20.52 22.39
N GLU A 201 -28.07 -19.31 22.67
CA GLU A 201 -27.35 -18.30 23.44
C GLU A 201 -28.24 -17.76 24.56
N ARG A 202 -27.69 -17.57 25.76
CA ARG A 202 -28.43 -17.01 26.88
C ARG A 202 -27.55 -16.03 27.65
N ARG A 203 -28.05 -14.80 27.83
CA ARG A 203 -27.48 -13.80 28.71
C ARG A 203 -27.70 -14.19 30.17
N LEU A 204 -26.66 -14.02 31.01
CA LEU A 204 -26.72 -14.39 32.42
C LEU A 204 -26.80 -13.17 33.32
N THR A 205 -26.14 -12.05 32.99
CA THR A 205 -26.10 -10.88 33.85
C THR A 205 -26.80 -9.72 33.15
N PHE A 206 -27.44 -8.85 33.96
CA PHE A 206 -28.28 -7.78 33.45
C PHE A 206 -27.87 -6.43 34.02
N CYS A 207 -26.55 -6.21 34.14
CA CYS A 207 -25.99 -5.00 34.71
C CYS A 207 -26.05 -3.80 33.78
N HIS A 208 -25.77 -4.05 32.50
CA HIS A 208 -25.65 -3.00 31.51
C HIS A 208 -27.01 -2.79 30.86
N GLN A 209 -27.61 -1.63 31.13
CA GLN A 209 -28.94 -1.30 30.64
C GLN A 209 -28.89 -0.94 29.16
N GLY A 210 -27.72 -0.50 28.67
CA GLY A 210 -27.54 -0.14 27.27
C GLY A 210 -28.15 1.22 26.94
N LEU A 211 -28.08 2.17 27.89
CA LEU A 211 -28.50 3.54 27.67
C LEU A 211 -27.57 4.23 26.69
N SER A 212 -28.09 5.31 26.12
CA SER A 212 -27.37 6.15 25.16
C SER A 212 -26.16 6.79 25.86
N ASN A 213 -26.44 7.50 26.97
N ASN A 213 -26.45 7.49 26.97
CA ASN A 213 -25.39 8.13 27.76
CA ASN A 213 -25.43 8.12 27.79
C ASN A 213 -24.73 7.05 28.62
C ASN A 213 -24.74 7.04 28.63
N VAL A 214 -23.42 6.87 28.39
CA VAL A 214 -22.62 5.84 29.05
C VAL A 214 -22.43 6.20 30.52
N LEU A 215 -22.44 7.50 30.84
CA LEU A 215 -22.29 8.01 32.19
C LEU A 215 -23.48 7.62 33.07
N ASP A 216 -24.63 7.36 32.46
CA ASP A 216 -25.82 6.92 33.18
C ASP A 216 -25.86 5.40 33.32
N ASP A 217 -24.89 4.68 32.73
CA ASP A 217 -24.92 3.23 32.65
C ASP A 217 -23.57 2.64 33.12
N PRO A 218 -23.27 2.71 34.44
CA PRO A 218 -21.91 2.44 34.93
C PRO A 218 -21.54 1.06 35.44
N LYS A 219 -22.41 0.06 35.29
CA LYS A 219 -22.19 -1.25 35.91
C LYS A 219 -21.82 -2.26 34.82
N SER A 220 -20.88 -3.16 35.16
CA SER A 220 -20.44 -4.22 34.27
C SER A 220 -20.40 -5.54 35.04
N ALA A 221 -20.47 -6.63 34.28
CA ALA A 221 -20.24 -7.96 34.80
C ALA A 221 -19.24 -8.67 33.89
N GLY A 222 -18.23 -9.28 34.52
CA GLY A 222 -17.27 -10.15 33.84
C GLY A 222 -16.06 -9.40 33.28
N VAL A 223 -15.91 -8.12 33.65
CA VAL A 223 -15.05 -7.21 32.92
C VAL A 223 -13.98 -6.64 33.84
N ALA A 224 -12.73 -6.60 33.34
CA ALA A 224 -11.61 -6.01 34.06
C ALA A 224 -11.48 -4.54 33.66
N THR A 225 -11.53 -3.64 34.64
CA THR A 225 -11.54 -2.21 34.40
C THR A 225 -10.11 -1.72 34.16
N PHE A 226 -9.99 -0.42 33.89
CA PHE A 226 -8.75 0.15 33.38
C PHE A 226 -7.57 -0.18 34.29
N VAL A 227 -7.67 0.16 35.59
CA VAL A 227 -6.56 -0.04 36.51
C VAL A 227 -6.22 -1.52 36.67
N ILE A 228 -7.24 -2.38 36.61
CA ILE A 228 -7.03 -3.82 36.74
C ILE A 228 -6.20 -4.34 35.57
N GLN A 229 -6.49 -3.88 34.36
CA GLN A 229 -5.78 -4.32 33.18
C GLN A 229 -4.38 -3.72 33.14
N GLU A 230 -4.30 -2.39 33.30
CA GLU A 230 -3.07 -1.67 33.11
C GLU A 230 -2.10 -1.92 34.27
N GLU A 231 -2.59 -1.95 35.53
CA GLU A 231 -1.70 -1.94 36.68
C GLU A 231 -1.69 -3.26 37.46
N PHE A 232 -2.66 -4.16 37.22
CA PHE A 232 -2.72 -5.41 37.97
C PHE A 232 -2.62 -6.64 37.06
N ASP A 233 -2.43 -6.43 35.75
CA ASP A 233 -2.12 -7.51 34.81
C ASP A 233 -3.25 -8.54 34.77
N ARG A 234 -4.51 -8.10 34.92
CA ARG A 234 -5.66 -8.97 34.85
C ARG A 234 -6.56 -8.49 33.72
N PHE A 235 -6.91 -9.41 32.80
CA PHE A 235 -7.70 -9.10 31.61
C PHE A 235 -9.01 -9.88 31.54
N THR A 236 -9.46 -10.48 32.66
CA THR A 236 -10.77 -11.11 32.72
C THR A 236 -11.46 -10.75 34.04
N GLY A 237 -12.78 -10.88 34.09
CA GLY A 237 -13.52 -10.72 35.33
C GLY A 237 -14.52 -11.85 35.55
N TYR A 238 -14.23 -13.04 34.98
CA TYR A 238 -15.08 -14.19 35.21
C TYR A 238 -14.24 -15.46 35.06
N TRP A 239 -14.72 -16.53 35.71
CA TRP A 239 -13.97 -17.76 35.90
C TRP A 239 -14.95 -18.94 35.96
N TRP A 240 -14.88 -19.84 34.98
CA TRP A 240 -15.71 -21.04 34.97
C TRP A 240 -15.41 -21.88 36.19
N CYS A 241 -16.46 -22.33 36.90
CA CYS A 241 -16.33 -23.47 37.79
C CYS A 241 -15.95 -24.68 36.96
N PRO A 242 -14.89 -25.42 37.32
CA PRO A 242 -14.42 -26.54 36.50
C PRO A 242 -15.29 -27.80 36.51
N THR A 243 -16.28 -27.89 37.40
CA THR A 243 -17.13 -29.06 37.52
C THR A 243 -18.60 -28.66 37.41
N ALA A 244 -19.40 -29.67 37.01
CA ALA A 244 -20.84 -29.63 37.07
C ALA A 244 -21.35 -30.20 38.39
N SER A 245 -22.56 -29.81 38.79
CA SER A 245 -23.24 -30.41 39.93
C SER A 245 -24.68 -30.76 39.54
N TRP A 246 -25.36 -31.54 40.40
CA TRP A 246 -26.65 -32.16 40.07
C TRP A 246 -27.68 -31.98 41.19
N GLU A 247 -27.81 -30.76 41.69
CA GLU A 247 -28.97 -30.34 42.47
C GLU A 247 -30.16 -30.25 41.52
N GLY A 248 -31.35 -30.59 42.02
CA GLY A 248 -32.53 -30.82 41.20
C GLY A 248 -32.60 -32.29 40.83
N SER A 249 -33.53 -33.02 41.45
CA SER A 249 -33.72 -34.45 41.24
C SER A 249 -34.28 -34.75 39.85
N GLU A 250 -34.73 -33.72 39.12
CA GLU A 250 -35.14 -33.81 37.73
C GLU A 250 -34.01 -34.21 36.77
N GLY A 251 -32.76 -34.23 37.25
CA GLY A 251 -31.62 -34.60 36.42
C GLY A 251 -31.14 -33.43 35.57
N LEU A 252 -31.43 -32.19 36.02
CA LEU A 252 -30.78 -31.00 35.54
C LEU A 252 -29.35 -31.00 36.09
N LYS A 253 -28.42 -30.69 35.19
CA LYS A 253 -27.04 -30.40 35.54
C LYS A 253 -26.87 -28.90 35.73
N THR A 254 -26.18 -28.51 36.81
CA THR A 254 -25.87 -27.11 37.09
C THR A 254 -24.41 -26.81 36.69
N LEU A 255 -24.22 -25.68 35.98
CA LEU A 255 -22.92 -25.13 35.67
C LEU A 255 -22.84 -23.69 36.21
N ARG A 256 -21.65 -23.28 36.67
CA ARG A 256 -21.48 -22.06 37.45
C ARG A 256 -20.32 -21.24 36.94
N ILE A 257 -20.45 -19.91 37.06
CA ILE A 257 -19.37 -18.98 36.75
C ILE A 257 -19.27 -17.98 37.88
N LEU A 258 -18.06 -17.91 38.49
CA LEU A 258 -17.68 -16.81 39.35
C LEU A 258 -17.41 -15.60 38.48
N TYR A 259 -17.87 -14.42 38.91
CA TYR A 259 -17.58 -13.21 38.16
C TYR A 259 -17.53 -11.99 39.06
N GLU A 260 -16.75 -10.98 38.62
CA GLU A 260 -16.65 -9.68 39.28
C GLU A 260 -17.71 -8.75 38.68
N GLU A 261 -18.53 -8.14 39.56
CA GLU A 261 -19.44 -7.08 39.16
C GLU A 261 -18.88 -5.77 39.68
N VAL A 262 -18.88 -4.75 38.83
CA VAL A 262 -18.26 -3.47 39.14
C VAL A 262 -19.24 -2.35 38.86
N ASP A 263 -19.07 -1.21 39.56
CA ASP A 263 -19.88 -0.02 39.40
C ASP A 263 -18.93 1.19 39.38
N GLU A 264 -18.89 1.89 38.23
CA GLU A 264 -17.94 2.96 38.02
C GLU A 264 -18.56 4.35 38.22
N SER A 265 -19.75 4.41 38.85
CA SER A 265 -20.49 5.64 39.05
C SER A 265 -19.63 6.74 39.66
N GLU A 266 -18.91 6.39 40.74
CA GLU A 266 -18.17 7.39 41.51
C GLU A 266 -16.77 7.62 40.93
N VAL A 267 -16.37 6.88 39.88
CA VAL A 267 -15.06 7.04 39.27
C VAL A 267 -15.10 8.27 38.37
N GLU A 268 -14.02 9.06 38.44
CA GLU A 268 -13.87 10.26 37.62
C GLU A 268 -13.78 9.89 36.14
N VAL A 269 -14.32 10.78 35.30
CA VAL A 269 -14.29 10.66 33.85
C VAL A 269 -13.19 11.60 33.29
N ILE A 270 -12.46 11.13 32.29
CA ILE A 270 -11.58 11.96 31.51
C ILE A 270 -11.90 11.70 30.04
N HIS A 271 -11.51 12.65 29.18
CA HIS A 271 -11.72 12.53 27.75
C HIS A 271 -10.39 12.40 27.05
N VAL A 272 -10.28 11.38 26.17
CA VAL A 272 -9.08 11.17 25.36
C VAL A 272 -9.48 11.28 23.89
N PRO A 273 -8.70 12.02 23.05
CA PRO A 273 -8.97 12.11 21.62
C PRO A 273 -9.16 10.76 20.93
N SER A 274 -10.23 10.69 20.13
CA SER A 274 -10.53 9.57 19.25
C SER A 274 -9.44 9.40 18.20
N PRO A 275 -9.12 8.16 17.75
CA PRO A 275 -8.10 7.95 16.72
C PRO A 275 -8.43 8.51 15.33
N ALA A 276 -9.71 8.60 14.99
CA ALA A 276 -10.16 9.30 13.80
C ALA A 276 -10.07 10.81 14.00
N LEU A 277 -8.87 11.38 13.77
CA LEU A 277 -8.56 12.75 14.16
C LEU A 277 -9.51 13.75 13.51
N GLU A 278 -9.88 13.49 12.25
CA GLU A 278 -10.69 14.37 11.43
C GLU A 278 -12.07 14.60 12.03
N GLU A 279 -12.54 13.71 12.93
CA GLU A 279 -13.82 13.85 13.60
C GLU A 279 -13.78 14.85 14.76
N ARG A 280 -12.58 15.15 15.29
CA ARG A 280 -12.39 16.12 16.35
C ARG A 280 -13.27 15.81 17.56
N LYS A 281 -13.28 14.53 17.94
CA LYS A 281 -14.07 14.02 19.06
C LYS A 281 -13.15 13.27 20.02
N THR A 282 -13.70 12.89 21.18
CA THR A 282 -13.01 12.19 22.25
C THR A 282 -13.87 11.01 22.70
N ASP A 283 -13.23 10.11 23.46
CA ASP A 283 -13.91 9.01 24.12
C ASP A 283 -13.87 9.30 25.62
N SER A 284 -15.00 9.03 26.31
CA SER A 284 -15.07 9.12 27.77
C SER A 284 -14.49 7.87 28.41
N TYR A 285 -13.65 8.03 29.44
CA TYR A 285 -13.01 6.92 30.14
C TYR A 285 -13.09 7.13 31.65
N ARG A 286 -13.38 6.06 32.39
CA ARG A 286 -13.33 6.06 33.84
C ARG A 286 -11.87 5.94 34.29
N TYR A 287 -11.28 7.04 34.77
CA TYR A 287 -9.86 7.05 35.12
C TYR A 287 -9.70 7.31 36.61
N PRO A 288 -9.43 6.27 37.44
CA PRO A 288 -9.16 6.47 38.86
C PRO A 288 -7.78 7.10 39.04
N ARG A 289 -7.72 8.43 39.20
CA ARG A 289 -6.45 9.09 39.47
C ARG A 289 -6.11 8.86 40.94
N THR A 290 -4.81 8.83 41.23
CA THR A 290 -4.32 8.55 42.57
C THR A 290 -5.10 9.42 43.58
N GLY A 291 -5.57 8.80 44.66
CA GLY A 291 -6.31 9.50 45.70
C GLY A 291 -7.83 9.45 45.49
N SER A 292 -8.30 9.27 44.24
CA SER A 292 -9.71 9.35 43.92
C SER A 292 -10.37 7.97 44.00
N LYS A 293 -11.69 7.90 43.75
CA LYS A 293 -12.45 6.67 43.91
C LYS A 293 -12.06 5.64 42.84
N ASN A 294 -11.75 4.42 43.30
CA ASN A 294 -11.74 3.24 42.45
C ASN A 294 -13.17 2.73 42.32
N PRO A 295 -13.47 1.83 41.36
CA PRO A 295 -14.80 1.24 41.24
C PRO A 295 -15.24 0.50 42.51
N LYS A 296 -16.56 0.46 42.70
CA LYS A 296 -17.18 -0.43 43.66
C LYS A 296 -17.24 -1.83 43.04
N ILE A 297 -16.79 -2.84 43.79
CA ILE A 297 -16.59 -4.18 43.26
C ILE A 297 -17.32 -5.21 44.13
N ALA A 298 -17.49 -6.43 43.59
CA ALA A 298 -18.14 -7.53 44.28
C ALA A 298 -17.97 -8.80 43.46
N LEU A 299 -17.75 -9.93 44.13
CA LEU A 299 -17.82 -11.22 43.48
C LEU A 299 -19.22 -11.78 43.62
N LYS A 300 -19.68 -12.33 42.49
CA LYS A 300 -21.02 -12.87 42.34
C LYS A 300 -20.94 -14.19 41.60
N LEU A 301 -22.06 -14.91 41.57
CA LEU A 301 -22.10 -16.23 40.98
C LEU A 301 -23.26 -16.29 40.00
N ALA A 302 -22.97 -16.61 38.73
CA ALA A 302 -23.98 -16.90 37.74
C ALA A 302 -24.06 -18.41 37.59
N GLU A 303 -25.29 -18.94 37.58
CA GLU A 303 -25.54 -20.35 37.38
C GLU A 303 -26.55 -20.50 36.25
N PHE A 304 -26.50 -21.66 35.60
CA PHE A 304 -27.52 -22.04 34.66
C PHE A 304 -27.61 -23.56 34.65
N GLN A 305 -28.82 -24.05 34.35
CA GLN A 305 -29.09 -25.48 34.40
C GLN A 305 -29.32 -25.99 32.98
N THR A 306 -28.89 -27.23 32.70
CA THR A 306 -28.98 -27.80 31.37
C THR A 306 -29.62 -29.19 31.47
N ASP A 307 -30.32 -29.60 30.40
CA ASP A 307 -30.96 -30.91 30.32
C ASP A 307 -30.02 -31.89 29.60
N SER A 308 -30.51 -33.10 29.34
CA SER A 308 -29.70 -34.11 28.66
C SER A 308 -29.40 -33.72 27.21
N GLN A 309 -30.30 -32.95 26.59
CA GLN A 309 -30.11 -32.48 25.22
C GLN A 309 -29.14 -31.30 25.14
N GLY A 310 -28.88 -30.65 26.29
CA GLY A 310 -27.97 -29.53 26.36
C GLY A 310 -28.69 -28.19 26.18
N LYS A 311 -30.00 -28.14 26.47
CA LYS A 311 -30.77 -26.90 26.39
C LYS A 311 -30.68 -26.17 27.72
N ILE A 312 -30.69 -24.84 27.69
CA ILE A 312 -30.59 -24.01 28.89
C ILE A 312 -31.98 -23.82 29.48
N VAL A 313 -32.29 -24.61 30.52
CA VAL A 313 -33.57 -24.66 31.22
C VAL A 313 -33.78 -23.43 32.09
N SER A 314 -32.73 -23.01 32.81
CA SER A 314 -32.84 -21.90 33.75
C SER A 314 -31.49 -21.23 33.94
N THR A 315 -31.55 -19.97 34.40
CA THR A 315 -30.39 -19.18 34.75
C THR A 315 -30.69 -18.45 36.05
N GLN A 316 -29.65 -18.10 36.82
CA GLN A 316 -29.85 -17.46 38.11
C GLN A 316 -28.61 -16.62 38.45
N GLU A 317 -28.82 -15.30 38.72
CA GLU A 317 -27.82 -14.43 39.35
C GLU A 317 -27.87 -14.64 40.85
N LYS A 318 -26.75 -15.11 41.44
CA LYS A 318 -26.61 -15.25 42.87
C LYS A 318 -25.57 -14.26 43.40
N GLU A 319 -25.66 -13.93 44.69
CA GLU A 319 -24.77 -12.95 45.30
C GLU A 319 -24.52 -13.31 46.76
N LEU A 320 -23.43 -12.77 47.34
CA LEU A 320 -23.04 -13.13 48.70
C LEU A 320 -24.19 -12.85 49.65
N VAL A 321 -24.33 -13.69 50.69
CA VAL A 321 -25.46 -13.69 51.58
C VAL A 321 -25.52 -12.35 52.32
N GLN A 322 -24.37 -11.82 52.71
CA GLN A 322 -24.25 -10.41 53.08
C GLN A 322 -23.42 -9.70 52.01
N PRO A 323 -23.49 -8.36 51.89
CA PRO A 323 -22.67 -7.63 50.92
C PRO A 323 -21.17 -7.91 51.07
N PHE A 324 -20.50 -7.99 49.92
CA PHE A 324 -19.05 -7.99 49.81
C PHE A 324 -18.40 -6.93 50.71
N SER A 325 -18.95 -5.73 50.73
CA SER A 325 -18.40 -4.63 51.51
C SER A 325 -18.54 -4.87 53.00
N SER A 326 -19.56 -5.63 53.43
CA SER A 326 -19.75 -6.00 54.83
C SER A 326 -18.72 -7.03 55.26
N LEU A 327 -18.61 -8.10 54.46
CA LEU A 327 -17.73 -9.22 54.77
C LEU A 327 -16.26 -8.80 54.68
N PHE A 328 -15.93 -7.99 53.66
CA PHE A 328 -14.55 -7.70 53.32
C PHE A 328 -14.36 -6.18 53.21
N PRO A 329 -14.53 -5.44 54.32
CA PRO A 329 -14.58 -3.98 54.25
C PRO A 329 -13.27 -3.28 53.87
N LYS A 330 -12.12 -3.96 54.04
CA LYS A 330 -10.82 -3.35 53.76
C LYS A 330 -10.31 -3.65 52.34
N VAL A 331 -11.08 -4.42 51.55
CA VAL A 331 -10.69 -4.81 50.21
C VAL A 331 -10.96 -3.68 49.21
N GLU A 332 -9.91 -3.26 48.50
CA GLU A 332 -10.01 -2.25 47.45
C GLU A 332 -10.01 -2.91 46.08
N TYR A 333 -9.22 -3.99 45.89
CA TYR A 333 -9.04 -4.61 44.58
C TYR A 333 -9.18 -6.14 44.68
N ILE A 334 -9.76 -6.76 43.65
CA ILE A 334 -9.62 -8.19 43.43
C ILE A 334 -8.48 -8.38 42.45
N ALA A 335 -7.34 -8.90 42.93
CA ALA A 335 -6.19 -9.12 42.06
C ALA A 335 -6.49 -10.29 41.14
N ARG A 336 -6.91 -11.40 41.73
CA ARG A 336 -7.00 -12.68 41.07
C ARG A 336 -8.20 -13.44 41.62
N ALA A 337 -8.64 -14.47 40.87
CA ALA A 337 -9.68 -15.36 41.36
C ALA A 337 -9.67 -16.66 40.57
N GLY A 338 -10.44 -17.64 41.03
CA GLY A 338 -10.51 -18.94 40.37
C GLY A 338 -11.32 -19.92 41.22
N TRP A 339 -11.05 -21.20 40.99
CA TRP A 339 -11.74 -22.30 41.65
C TRP A 339 -10.76 -23.39 42.05
N THR A 340 -11.07 -24.16 43.09
CA THR A 340 -10.37 -25.41 43.35
C THR A 340 -10.75 -26.37 42.23
N ARG A 341 -9.92 -27.39 41.99
CA ARG A 341 -10.05 -28.24 40.81
C ARG A 341 -11.37 -29.02 40.84
N ASP A 342 -11.87 -29.30 42.06
CA ASP A 342 -13.11 -30.02 42.25
C ASP A 342 -14.34 -29.12 42.19
N GLY A 343 -14.15 -27.80 42.15
CA GLY A 343 -15.26 -26.87 42.12
C GLY A 343 -15.89 -26.66 43.50
N LYS A 344 -15.28 -27.22 44.56
CA LYS A 344 -15.82 -27.16 45.90
C LYS A 344 -15.82 -25.72 46.40
N TYR A 345 -14.72 -25.02 46.13
CA TYR A 345 -14.55 -23.65 46.56
C TYR A 345 -14.13 -22.80 45.37
N ALA A 346 -14.79 -21.64 45.25
CA ALA A 346 -14.23 -20.50 44.55
C ALA A 346 -13.18 -19.85 45.44
N TRP A 347 -12.20 -19.17 44.82
CA TRP A 347 -11.23 -18.43 45.61
C TRP A 347 -10.92 -17.11 44.94
N ALA A 348 -10.45 -16.17 45.76
CA ALA A 348 -10.09 -14.84 45.30
C ALA A 348 -8.87 -14.35 46.09
N MET A 349 -8.07 -13.52 45.43
CA MET A 349 -6.92 -12.87 46.02
C MET A 349 -7.27 -11.38 46.18
N PHE A 350 -7.37 -10.92 47.43
CA PHE A 350 -7.82 -9.56 47.74
C PHE A 350 -6.67 -8.66 48.16
N LEU A 351 -6.82 -7.34 47.90
CA LEU A 351 -5.80 -6.34 48.23
C LEU A 351 -6.49 -5.17 48.90
N ASP A 352 -5.88 -4.64 49.97
CA ASP A 352 -6.33 -3.39 50.55
C ASP A 352 -5.84 -2.24 49.66
N ARG A 353 -6.32 -1.02 49.94
CA ARG A 353 -6.02 0.11 49.10
C ARG A 353 -4.52 0.44 49.12
N PRO A 354 -3.82 0.45 50.28
CA PRO A 354 -2.37 0.64 50.31
C PRO A 354 -1.52 -0.42 49.60
N GLN A 355 -2.13 -1.60 49.34
CA GLN A 355 -1.48 -2.74 48.73
C GLN A 355 -0.36 -3.26 49.61
N GLN A 356 -0.63 -3.32 50.93
CA GLN A 356 0.31 -3.85 51.91
C GLN A 356 -0.27 -5.04 52.67
N TRP A 357 -1.48 -5.47 52.28
CA TRP A 357 -2.23 -6.51 52.96
C TRP A 357 -3.04 -7.29 51.93
N LEU A 358 -2.65 -8.56 51.73
CA LEU A 358 -3.29 -9.46 50.78
C LEU A 358 -3.91 -10.62 51.54
N GLN A 359 -5.05 -11.12 51.04
CA GLN A 359 -5.67 -12.34 51.56
C GLN A 359 -6.13 -13.23 50.42
N LEU A 360 -5.79 -14.52 50.51
CA LEU A 360 -6.39 -15.56 49.70
C LEU A 360 -7.57 -16.16 50.44
N VAL A 361 -8.73 -16.14 49.80
CA VAL A 361 -10.01 -16.36 50.48
C VAL A 361 -10.81 -17.40 49.70
N LEU A 362 -11.21 -18.48 50.37
CA LEU A 362 -12.11 -19.47 49.81
C LEU A 362 -13.55 -19.03 50.04
N LEU A 363 -14.36 -19.18 48.99
CA LEU A 363 -15.77 -18.83 49.00
C LEU A 363 -16.56 -20.01 48.48
N PRO A 364 -17.34 -20.73 49.32
CA PRO A 364 -18.14 -21.85 48.84
C PRO A 364 -19.40 -21.35 48.14
N PRO A 365 -19.86 -22.02 47.05
CA PRO A 365 -21.10 -21.65 46.36
C PRO A 365 -22.36 -21.48 47.22
N ALA A 366 -22.43 -22.23 48.32
CA ALA A 366 -23.54 -22.16 49.26
C ALA A 366 -23.63 -20.80 49.97
N LEU A 367 -22.55 -20.00 49.93
CA LEU A 367 -22.54 -18.68 50.55
C LEU A 367 -23.27 -17.66 49.67
N PHE A 368 -23.53 -18.02 48.41
CA PHE A 368 -24.23 -17.14 47.47
C PHE A 368 -25.71 -17.53 47.43
N ILE A 369 -26.60 -16.51 47.42
CA ILE A 369 -28.04 -16.72 47.41
C ILE A 369 -28.62 -16.07 46.15
N PRO A 370 -29.83 -16.44 45.70
CA PRO A 370 -30.47 -15.77 44.58
C PRO A 370 -30.63 -14.27 44.80
N SER A 371 -30.22 -13.47 43.82
CA SER A 371 -30.48 -12.04 43.80
C SER A 371 -31.98 -11.80 43.64
N THR A 372 -32.52 -10.82 44.38
CA THR A 372 -33.93 -10.46 44.26
C THR A 372 -34.15 -9.09 44.88
N GLU A 373 -35.09 -8.33 44.29
CA GLU A 373 -35.54 -7.05 44.81
C GLU A 373 -36.48 -7.27 46.00
N ASN A 374 -37.15 -8.44 46.04
CA ASN A 374 -38.06 -8.77 47.12
C ASN A 374 -37.26 -9.01 48.40
N GLU A 375 -37.35 -8.07 49.36
CA GLU A 375 -36.60 -8.16 50.61
C GLU A 375 -37.04 -9.36 51.45
N GLU A 376 -38.32 -9.75 51.37
CA GLU A 376 -38.86 -10.88 52.10
C GLU A 376 -38.25 -12.19 51.59
N GLN A 377 -38.12 -12.32 50.25
CA GLN A 377 -37.51 -13.48 49.63
C GLN A 377 -36.03 -13.61 49.99
N ARG A 378 -35.31 -12.47 50.00
CA ARG A 378 -33.90 -12.41 50.37
C ARG A 378 -33.67 -13.02 51.75
N LEU A 379 -34.48 -12.60 52.73
CA LEU A 379 -34.35 -13.02 54.10
C LEU A 379 -34.56 -14.53 54.24
N ALA A 380 -35.55 -15.08 53.51
CA ALA A 380 -35.77 -16.52 53.49
C ALA A 380 -34.50 -17.25 53.06
N SER A 381 -33.91 -16.81 51.95
CA SER A 381 -32.66 -17.35 51.40
C SER A 381 -31.54 -17.25 52.43
N ALA A 382 -31.42 -16.09 53.10
CA ALA A 382 -30.38 -15.87 54.10
C ALA A 382 -30.55 -16.82 55.29
N ARG A 383 -31.82 -17.02 55.69
CA ARG A 383 -32.17 -17.94 56.76
C ARG A 383 -31.79 -19.36 56.40
N ALA A 384 -31.97 -19.74 55.13
CA ALA A 384 -31.64 -21.08 54.66
C ALA A 384 -30.13 -21.36 54.57
N VAL A 385 -29.26 -20.33 54.63
CA VAL A 385 -27.83 -20.56 54.47
C VAL A 385 -27.31 -21.19 55.75
N PRO A 386 -26.74 -22.43 55.72
CA PRO A 386 -26.20 -23.07 56.93
C PRO A 386 -25.21 -22.22 57.73
N ARG A 387 -25.13 -22.49 59.04
CA ARG A 387 -24.26 -21.73 59.92
C ARG A 387 -22.79 -22.04 59.68
N ASN A 388 -22.49 -23.24 59.17
CA ASN A 388 -21.13 -23.68 58.95
C ASN A 388 -20.66 -23.39 57.52
N VAL A 389 -21.45 -22.62 56.76
CA VAL A 389 -20.98 -22.05 55.51
C VAL A 389 -20.35 -20.70 55.84
N GLN A 390 -19.12 -20.48 55.34
CA GLN A 390 -18.42 -19.23 55.57
C GLN A 390 -17.24 -19.09 54.61
N PRO A 391 -16.68 -17.86 54.46
CA PRO A 391 -15.37 -17.70 53.84
C PRO A 391 -14.26 -18.24 54.73
N TYR A 392 -13.12 -18.57 54.11
CA TYR A 392 -11.91 -18.98 54.81
C TYR A 392 -10.71 -18.22 54.24
N VAL A 393 -10.11 -17.33 55.04
CA VAL A 393 -8.86 -16.66 54.70
C VAL A 393 -7.71 -17.63 54.93
N VAL A 394 -7.33 -18.39 53.89
CA VAL A 394 -6.37 -19.48 54.01
C VAL A 394 -4.92 -18.97 53.94
N TYR A 395 -4.72 -17.71 53.55
CA TYR A 395 -3.37 -17.16 53.53
C TYR A 395 -3.45 -15.65 53.62
N GLU A 396 -2.40 -15.06 54.19
CA GLU A 396 -2.38 -13.63 54.47
C GLU A 396 -0.94 -13.13 54.37
N GLU A 397 -0.73 -12.07 53.60
CA GLU A 397 0.59 -11.58 53.26
C GLU A 397 0.62 -10.10 53.61
N VAL A 398 1.63 -9.70 54.39
CA VAL A 398 1.66 -8.36 54.96
C VAL A 398 3.09 -7.85 54.88
N THR A 399 3.21 -6.57 54.56
CA THR A 399 4.52 -5.97 54.34
C THR A 399 4.46 -4.51 54.71
N ASN A 400 5.63 -3.91 54.94
N ASN A 400 5.63 -3.90 54.95
CA ASN A 400 5.78 -2.47 55.09
CA ASN A 400 5.76 -2.46 55.08
C ASN A 400 6.36 -1.85 53.80
C ASN A 400 6.36 -1.85 53.80
N VAL A 401 6.40 -2.62 52.70
CA VAL A 401 6.86 -2.11 51.43
C VAL A 401 5.64 -2.06 50.50
N TRP A 402 5.45 -3.07 49.66
CA TRP A 402 4.22 -3.24 48.90
C TRP A 402 4.07 -4.72 48.52
N ILE A 403 2.82 -5.13 48.30
CA ILE A 403 2.53 -6.48 47.83
C ILE A 403 2.53 -6.45 46.31
N ASN A 404 3.56 -7.03 45.69
CA ASN A 404 3.49 -7.43 44.30
C ASN A 404 2.61 -8.68 44.21
N VAL A 405 1.70 -8.67 43.23
CA VAL A 405 0.81 -9.77 42.96
C VAL A 405 1.58 -10.85 42.21
N HIS A 406 1.76 -12.00 42.87
CA HIS A 406 2.32 -13.20 42.28
C HIS A 406 1.20 -14.15 41.89
N ASP A 407 1.33 -14.78 40.72
CA ASP A 407 0.22 -15.54 40.15
C ASP A 407 0.21 -16.98 40.66
N ILE A 408 1.23 -17.41 41.41
CA ILE A 408 1.35 -18.79 41.83
C ILE A 408 0.49 -19.04 43.07
N PHE A 409 -0.57 -19.83 42.89
CA PHE A 409 -1.34 -20.42 43.97
C PHE A 409 -1.97 -21.70 43.47
N TYR A 410 -1.47 -22.84 43.95
CA TYR A 410 -1.89 -24.15 43.47
C TYR A 410 -2.48 -24.94 44.63
N PRO A 411 -3.82 -25.09 44.72
CA PRO A 411 -4.43 -25.92 45.75
C PRO A 411 -4.49 -27.39 45.31
N PHE A 412 -3.99 -28.26 46.21
CA PHE A 412 -4.06 -29.70 46.03
C PHE A 412 -5.46 -30.19 46.38
N PRO A 413 -5.88 -31.38 45.89
CA PRO A 413 -7.20 -31.91 46.23
C PRO A 413 -7.22 -32.29 47.70
N GLN A 414 -8.40 -32.21 48.30
CA GLN A 414 -8.59 -32.58 49.69
C GLN A 414 -9.04 -34.04 49.78
N SER A 415 -8.66 -34.72 50.88
CA SER A 415 -9.26 -36.00 51.24
C SER A 415 -10.71 -35.76 51.71
N GLU A 416 -11.57 -36.79 51.55
CA GLU A 416 -12.99 -36.70 51.90
C GLU A 416 -13.14 -36.51 53.42
N GLY A 417 -13.96 -35.52 53.81
CA GLY A 417 -14.21 -35.23 55.22
C GLY A 417 -13.01 -34.61 55.93
N GLU A 418 -12.11 -33.98 55.15
CA GLU A 418 -10.94 -33.33 55.71
C GLU A 418 -11.23 -31.84 55.82
N ASP A 419 -10.80 -31.22 56.92
CA ASP A 419 -11.05 -29.81 57.20
C ASP A 419 -9.75 -29.02 57.03
N GLU A 420 -8.91 -29.41 56.08
CA GLU A 420 -7.71 -28.66 55.77
C GLU A 420 -7.49 -28.63 54.26
N LEU A 421 -6.70 -27.65 53.85
CA LEU A 421 -6.36 -27.42 52.47
C LEU A 421 -4.86 -27.22 52.39
N CYS A 422 -4.22 -28.03 51.55
CA CYS A 422 -2.80 -27.89 51.26
C CYS A 422 -2.63 -27.21 49.90
N PHE A 423 -1.58 -26.38 49.78
CA PHE A 423 -1.35 -25.65 48.55
C PHE A 423 0.08 -25.13 48.44
N LEU A 424 0.53 -24.93 47.19
CA LEU A 424 1.74 -24.16 46.88
C LEU A 424 1.39 -22.69 46.74
N ARG A 425 2.27 -21.82 47.25
CA ARG A 425 2.10 -20.37 47.17
C ARG A 425 3.47 -19.71 47.02
N ALA A 426 3.56 -18.74 46.10
CA ALA A 426 4.72 -17.87 46.00
C ALA A 426 4.54 -16.72 46.98
N ASN A 427 5.52 -16.56 47.87
CA ASN A 427 5.53 -15.50 48.86
C ASN A 427 6.85 -14.75 48.78
N GLU A 428 6.76 -13.41 48.66
CA GLU A 428 7.92 -12.54 48.54
C GLU A 428 8.18 -11.83 49.87
N CYS A 429 7.11 -11.42 50.55
CA CYS A 429 7.19 -10.51 51.68
C CYS A 429 7.86 -11.15 52.89
N LYS A 430 7.81 -12.49 53.00
CA LYS A 430 8.32 -13.16 54.17
C LYS A 430 9.82 -12.94 54.34
N THR A 431 10.62 -13.27 53.32
CA THR A 431 12.07 -13.14 53.36
C THR A 431 12.54 -11.93 52.55
N GLY A 432 11.62 -11.27 51.83
CA GLY A 432 11.95 -10.19 50.92
C GLY A 432 12.45 -10.72 49.58
N PHE A 433 12.28 -12.02 49.34
CA PHE A 433 12.51 -12.66 48.06
C PHE A 433 11.37 -13.64 47.79
N CYS A 434 10.93 -13.68 46.52
CA CYS A 434 9.81 -14.49 46.09
C CYS A 434 10.22 -15.95 46.05
N HIS A 435 9.57 -16.78 46.88
CA HIS A 435 9.91 -18.19 46.98
C HIS A 435 8.64 -19.05 47.07
N LEU A 436 8.81 -20.34 46.76
CA LEU A 436 7.75 -21.32 46.87
C LEU A 436 7.65 -21.86 48.30
N TYR A 437 6.40 -21.89 48.79
CA TYR A 437 6.08 -22.47 50.07
C TYR A 437 4.96 -23.51 49.89
N LYS A 438 5.03 -24.62 50.63
CA LYS A 438 3.92 -25.55 50.72
C LYS A 438 3.20 -25.30 52.04
N VAL A 439 1.99 -24.74 51.95
CA VAL A 439 1.20 -24.35 53.10
C VAL A 439 0.05 -25.36 53.32
N THR A 440 -0.26 -25.63 54.60
CA THR A 440 -1.47 -26.34 54.96
C THR A 440 -2.22 -25.46 55.96
N ALA A 441 -3.44 -25.08 55.56
CA ALA A 441 -4.32 -24.27 56.40
C ALA A 441 -5.48 -25.13 56.91
N VAL A 442 -5.98 -24.79 58.09
CA VAL A 442 -7.10 -25.51 58.68
C VAL A 442 -8.37 -24.66 58.51
N LEU A 443 -9.39 -25.25 57.90
CA LEU A 443 -10.62 -24.56 57.58
C LEU A 443 -11.54 -24.58 58.79
N LYS A 444 -11.46 -23.49 59.58
CA LYS A 444 -12.04 -23.44 60.90
C LYS A 444 -13.43 -22.79 60.85
N SER A 445 -14.48 -23.57 61.16
CA SER A 445 -15.82 -23.02 61.26
C SER A 445 -15.99 -22.30 62.59
N GLN A 446 -16.26 -21.01 62.56
CA GLN A 446 -16.69 -20.29 63.75
C GLN A 446 -18.19 -20.47 63.97
N GLY A 447 -18.98 -20.68 62.90
CA GLY A 447 -20.44 -20.77 62.96
C GLY A 447 -21.08 -19.38 62.96
N TYR A 448 -21.97 -19.07 62.00
CA TYR A 448 -22.40 -17.71 61.72
C TYR A 448 -23.90 -17.65 61.41
N ASP A 449 -24.56 -16.58 61.88
CA ASP A 449 -25.98 -16.35 61.63
C ASP A 449 -26.10 -15.35 60.49
N TRP A 450 -26.36 -15.88 59.28
CA TRP A 450 -26.32 -15.06 58.08
C TRP A 450 -27.60 -14.23 57.88
N SER A 451 -28.62 -14.41 58.71
CA SER A 451 -29.80 -13.57 58.68
C SER A 451 -29.48 -12.21 59.28
N GLU A 452 -28.54 -12.16 60.22
CA GLU A 452 -28.19 -10.93 60.92
C GLU A 452 -27.25 -10.10 60.07
N PRO A 453 -27.29 -8.74 60.15
CA PRO A 453 -26.29 -7.90 59.47
C PRO A 453 -24.93 -8.11 60.12
N PHE A 454 -23.88 -8.12 59.30
CA PHE A 454 -22.60 -8.68 59.69
C PHE A 454 -21.55 -7.59 59.90
N SER A 455 -20.77 -7.70 60.98
CA SER A 455 -19.62 -6.84 61.18
C SER A 455 -18.40 -7.68 61.58
N PRO A 456 -17.39 -7.85 60.70
CA PRO A 456 -16.23 -8.68 61.01
C PRO A 456 -15.30 -7.99 62.01
N GLY A 457 -14.78 -8.75 62.96
CA GLY A 457 -13.70 -8.28 63.82
C GLY A 457 -12.35 -8.50 63.14
N GLU A 458 -11.27 -8.19 63.87
CA GLU A 458 -9.91 -8.59 63.52
C GLU A 458 -9.87 -10.12 63.43
N ASP A 459 -9.15 -10.63 62.42
CA ASP A 459 -8.91 -12.06 62.26
C ASP A 459 -10.18 -12.85 62.02
N GLU A 460 -11.23 -12.23 61.45
CA GLU A 460 -12.44 -12.92 61.07
C GLU A 460 -12.12 -13.81 59.87
N PHE A 461 -12.48 -15.09 59.95
CA PHE A 461 -12.29 -16.06 58.88
C PHE A 461 -10.83 -16.50 58.76
N LYS A 462 -9.95 -16.05 59.66
CA LYS A 462 -8.53 -16.34 59.53
C LYS A 462 -8.28 -17.82 59.83
N CYS A 463 -7.55 -18.50 58.95
CA CYS A 463 -7.34 -19.93 59.06
C CYS A 463 -5.97 -20.21 59.66
N PRO A 464 -5.89 -21.03 60.74
CA PRO A 464 -4.59 -21.40 61.31
C PRO A 464 -3.75 -22.17 60.30
N ILE A 465 -2.43 -21.92 60.32
CA ILE A 465 -1.49 -22.53 59.40
C ILE A 465 -0.79 -23.67 60.12
N LYS A 466 -1.16 -24.89 59.76
CA LYS A 466 -0.64 -26.07 60.42
C LYS A 466 0.82 -26.29 60.04
N GLU A 467 1.16 -26.06 58.77
CA GLU A 467 2.49 -26.33 58.25
C GLU A 467 2.78 -25.34 57.13
N GLU A 468 4.06 -24.94 57.02
CA GLU A 468 4.51 -24.02 55.97
C GLU A 468 5.97 -24.30 55.63
N ILE A 469 6.23 -25.17 54.65
CA ILE A 469 7.57 -25.58 54.25
C ILE A 469 8.10 -24.64 53.16
N ALA A 470 9.37 -24.21 53.29
CA ALA A 470 10.09 -23.50 52.25
C ALA A 470 10.63 -24.50 51.22
N LEU A 471 10.20 -24.41 49.96
CA LEU A 471 10.74 -25.28 48.93
C LEU A 471 11.97 -24.66 48.29
N THR A 472 12.03 -23.31 48.33
CA THR A 472 13.14 -22.54 47.80
C THR A 472 13.51 -21.48 48.83
N SER A 473 14.75 -21.02 48.77
CA SER A 473 15.23 -19.93 49.61
C SER A 473 16.51 -19.37 49.00
N GLY A 474 16.93 -18.22 49.51
CA GLY A 474 18.16 -17.57 49.10
C GLY A 474 17.88 -16.18 48.56
N GLU A 475 18.97 -15.45 48.26
CA GLU A 475 18.88 -14.11 47.71
C GLU A 475 18.75 -14.22 46.19
N TRP A 476 17.58 -14.71 45.77
CA TRP A 476 17.18 -14.82 44.38
C TRP A 476 15.68 -15.09 44.32
N GLU A 477 15.08 -14.97 43.13
CA GLU A 477 13.64 -14.97 42.99
C GLU A 477 13.15 -16.18 42.20
N VAL A 478 12.03 -16.76 42.67
CA VAL A 478 11.13 -17.51 41.82
C VAL A 478 10.29 -16.49 41.06
N LEU A 479 10.20 -16.67 39.74
CA LEU A 479 9.47 -15.75 38.89
C LEU A 479 8.00 -16.15 38.88
N ALA A 480 7.12 -15.19 39.19
CA ALA A 480 5.70 -15.48 39.40
C ALA A 480 4.77 -14.43 38.79
N ARG A 481 5.29 -13.61 37.87
CA ARG A 481 4.57 -12.45 37.37
C ARG A 481 4.70 -12.40 35.86
N HIS A 482 3.83 -11.58 35.25
CA HIS A 482 3.99 -11.18 33.86
C HIS A 482 4.19 -12.38 32.94
N GLY A 483 3.44 -13.47 33.18
CA GLY A 483 3.49 -14.64 32.31
C GLY A 483 4.19 -15.83 32.96
N SER A 484 5.05 -15.59 33.96
CA SER A 484 5.71 -16.68 34.66
C SER A 484 4.70 -17.47 35.48
N LYS A 485 4.92 -18.79 35.54
CA LYS A 485 3.97 -19.73 36.13
C LYS A 485 4.70 -20.99 36.63
N ILE A 486 4.00 -21.84 37.38
CA ILE A 486 4.57 -23.13 37.77
C ILE A 486 3.78 -24.26 37.14
N TRP A 487 4.42 -25.43 37.10
CA TRP A 487 3.79 -26.64 36.62
C TRP A 487 4.03 -27.74 37.67
N VAL A 488 2.94 -28.38 38.12
CA VAL A 488 3.01 -29.32 39.23
C VAL A 488 2.65 -30.71 38.74
N ASN A 489 3.52 -31.68 39.00
CA ASN A 489 3.29 -33.07 38.66
C ASN A 489 2.95 -33.80 39.95
N GLU A 490 1.65 -34.08 40.14
CA GLU A 490 1.13 -34.71 41.34
C GLU A 490 1.50 -36.18 41.41
N GLU A 491 1.80 -36.83 40.27
CA GLU A 491 2.26 -38.20 40.27
C GLU A 491 3.65 -38.26 40.93
N THR A 492 4.57 -37.38 40.52
CA THR A 492 5.96 -37.44 40.95
C THR A 492 6.24 -36.51 42.13
N LYS A 493 5.29 -35.64 42.48
CA LYS A 493 5.42 -34.70 43.60
C LYS A 493 6.49 -33.64 43.30
N LEU A 494 6.59 -33.21 42.03
CA LEU A 494 7.60 -32.25 41.60
C LEU A 494 6.91 -31.00 41.10
N VAL A 495 7.54 -29.85 41.40
CA VAL A 495 7.08 -28.55 40.93
C VAL A 495 8.18 -27.93 40.08
N TYR A 496 7.84 -27.61 38.82
CA TYR A 496 8.73 -26.95 37.87
C TYR A 496 8.49 -25.45 37.95
N PHE A 497 9.57 -24.66 37.86
CA PHE A 497 9.46 -23.22 38.02
C PHE A 497 10.62 -22.52 37.34
N GLN A 498 10.51 -21.19 37.20
CA GLN A 498 11.58 -20.37 36.68
C GLN A 498 12.09 -19.46 37.79
N GLY A 499 13.38 -19.13 37.72
CA GLY A 499 13.99 -18.28 38.74
C GLY A 499 15.31 -17.66 38.31
N THR A 500 15.89 -16.84 39.21
CA THR A 500 17.15 -16.16 39.03
C THR A 500 18.22 -16.76 39.95
N LYS A 501 18.14 -18.08 40.17
CA LYS A 501 18.98 -18.71 41.17
C LYS A 501 20.44 -18.64 40.74
N ASP A 502 20.68 -19.01 39.48
CA ASP A 502 22.01 -19.03 38.89
C ASP A 502 22.55 -17.60 38.80
N THR A 503 21.72 -16.63 38.40
CA THR A 503 22.15 -15.24 38.22
C THR A 503 20.93 -14.34 38.00
N PRO A 504 20.97 -13.05 38.40
CA PRO A 504 19.88 -12.12 38.06
C PRO A 504 19.81 -11.79 36.58
N LEU A 505 20.83 -12.18 35.80
CA LEU A 505 20.92 -11.83 34.39
C LEU A 505 20.27 -12.88 33.49
N GLU A 506 19.79 -14.00 34.07
CA GLU A 506 19.23 -15.08 33.27
C GLU A 506 18.05 -15.70 34.02
N HIS A 507 16.93 -15.90 33.31
CA HIS A 507 15.85 -16.75 33.80
C HIS A 507 16.15 -18.17 33.34
N HIS A 508 16.03 -19.13 34.28
CA HIS A 508 16.23 -20.54 33.98
C HIS A 508 15.04 -21.37 34.47
N LEU A 509 14.96 -22.61 33.99
CA LEU A 509 13.93 -23.55 34.41
C LEU A 509 14.53 -24.50 35.44
N TYR A 510 13.84 -24.63 36.59
CA TYR A 510 14.27 -25.49 37.68
C TYR A 510 13.16 -26.49 37.98
N VAL A 511 13.49 -27.48 38.80
CA VAL A 511 12.51 -28.38 39.40
C VAL A 511 12.94 -28.70 40.83
N VAL A 512 11.95 -28.86 41.72
CA VAL A 512 12.16 -29.28 43.09
C VAL A 512 10.98 -30.14 43.52
N SER A 513 11.20 -31.02 44.52
CA SER A 513 10.14 -31.79 45.12
C SER A 513 9.36 -30.92 46.10
N TYR A 514 8.04 -31.07 46.11
CA TYR A 514 7.21 -30.44 47.12
C TYR A 514 6.90 -31.42 48.26
N GLU A 515 7.27 -32.69 48.14
CA GLU A 515 7.16 -33.60 49.29
C GLU A 515 8.47 -33.46 50.09
N ALA A 516 9.55 -33.91 49.46
CA ALA A 516 10.85 -34.06 50.10
C ALA A 516 11.72 -32.85 49.72
N ALA A 517 11.40 -31.67 50.28
CA ALA A 517 12.06 -30.42 49.94
C ALA A 517 13.57 -30.58 50.04
N GLY A 518 14.31 -30.15 49.01
CA GLY A 518 15.76 -30.31 49.01
C GLY A 518 16.42 -29.83 47.72
N GLU A 519 16.91 -30.78 46.93
CA GLU A 519 17.79 -30.46 45.82
C GLU A 519 16.96 -29.84 44.71
N ILE A 520 17.46 -28.71 44.17
CA ILE A 520 16.90 -28.03 43.02
C ILE A 520 17.74 -28.37 41.80
N VAL A 521 17.12 -29.00 40.80
CA VAL A 521 17.77 -29.33 39.55
C VAL A 521 17.43 -28.26 38.51
N ARG A 522 18.47 -27.73 37.84
CA ARG A 522 18.29 -26.77 36.76
C ARG A 522 18.19 -27.53 35.45
N LEU A 523 17.29 -27.09 34.55
CA LEU A 523 16.99 -27.81 33.33
C LEU A 523 17.40 -27.08 32.06
N THR A 524 17.79 -25.80 32.13
CA THR A 524 18.17 -25.02 30.95
C THR A 524 19.69 -24.76 30.94
N THR A 525 20.23 -24.50 29.73
CA THR A 525 21.67 -24.30 29.52
C THR A 525 22.07 -22.91 30.03
N PRO A 526 23.06 -22.78 30.93
CA PRO A 526 23.61 -21.47 31.32
C PRO A 526 24.24 -20.69 30.16
N GLY A 527 24.34 -19.37 30.35
CA GLY A 527 24.82 -18.46 29.31
C GLY A 527 23.71 -17.99 28.39
N PHE A 528 22.43 -18.24 28.76
CA PHE A 528 21.29 -17.69 28.05
C PHE A 528 20.16 -17.41 29.04
N SER A 529 19.21 -16.54 28.65
CA SER A 529 17.98 -16.34 29.42
C SER A 529 16.83 -17.05 28.71
N HIS A 530 16.02 -17.80 29.48
CA HIS A 530 15.09 -18.76 28.92
C HIS A 530 13.65 -18.48 29.34
N SER A 531 12.71 -18.70 28.41
CA SER A 531 11.29 -18.65 28.67
C SER A 531 10.64 -19.99 28.27
N CYS A 532 10.21 -20.79 29.25
CA CYS A 532 9.87 -22.19 29.01
C CYS A 532 8.35 -22.46 29.09
N SER A 533 7.89 -23.40 28.27
CA SER A 533 6.56 -23.97 28.29
C SER A 533 6.68 -25.47 28.50
N MET A 534 5.94 -26.01 29.47
CA MET A 534 6.04 -27.41 29.88
C MET A 534 4.82 -28.16 29.39
N SER A 535 5.01 -29.39 28.86
CA SER A 535 3.92 -30.30 28.54
C SER A 535 3.13 -30.67 29.80
N GLN A 536 1.83 -30.93 29.63
CA GLN A 536 0.99 -31.32 30.78
C GLN A 536 1.37 -32.73 31.26
N ASN A 537 2.07 -33.50 30.41
CA ASN A 537 2.53 -34.84 30.73
C ASN A 537 3.98 -34.87 31.24
N PHE A 538 4.63 -33.70 31.30
CA PHE A 538 5.94 -33.51 31.90
C PHE A 538 7.01 -34.35 31.17
N ASP A 539 6.82 -34.62 29.88
CA ASP A 539 7.77 -35.40 29.10
C ASP A 539 8.66 -34.50 28.24
N MET A 540 8.14 -33.34 27.82
CA MET A 540 8.83 -32.44 26.92
C MET A 540 8.54 -31.00 27.33
N PHE A 541 9.44 -30.10 26.92
CA PHE A 541 9.21 -28.67 27.12
C PHE A 541 9.88 -27.86 26.00
N VAL A 542 9.41 -26.62 25.87
CA VAL A 542 9.93 -25.67 24.89
C VAL A 542 10.70 -24.61 25.65
N SER A 543 11.78 -24.10 25.04
CA SER A 543 12.48 -22.93 25.57
C SER A 543 12.69 -21.91 24.47
N HIS A 544 12.10 -20.73 24.65
CA HIS A 544 12.46 -19.54 23.91
C HIS A 544 13.60 -18.87 24.67
N TYR A 545 14.78 -18.75 24.03
CA TYR A 545 15.95 -18.22 24.72
C TYR A 545 16.91 -17.49 23.77
N SER A 546 17.81 -16.69 24.39
CA SER A 546 18.74 -15.81 23.70
C SER A 546 19.82 -15.31 24.65
N SER A 547 20.80 -14.57 24.11
CA SER A 547 21.85 -13.89 24.86
C SER A 547 22.11 -12.53 24.22
N VAL A 548 22.91 -11.67 24.88
CA VAL A 548 23.24 -10.36 24.31
C VAL A 548 23.86 -10.52 22.92
N SER A 549 24.60 -11.62 22.70
CA SER A 549 25.32 -11.84 21.46
C SER A 549 24.51 -12.63 20.44
N THR A 550 23.52 -13.44 20.87
CA THR A 550 22.81 -14.36 19.98
C THR A 550 21.32 -14.06 19.94
N PRO A 551 20.71 -13.84 18.75
CA PRO A 551 19.26 -13.75 18.62
C PRO A 551 18.50 -14.98 19.13
N PRO A 552 17.16 -14.86 19.37
CA PRO A 552 16.40 -15.92 19.99
C PRO A 552 16.21 -17.14 19.09
N CYS A 553 16.11 -18.32 19.72
CA CYS A 553 15.65 -19.54 19.09
C CYS A 553 14.57 -20.17 19.96
N VAL A 554 13.83 -21.12 19.38
CA VAL A 554 12.83 -21.89 20.09
C VAL A 554 13.15 -23.36 19.83
N HIS A 555 13.47 -24.10 20.90
CA HIS A 555 13.87 -25.49 20.80
C HIS A 555 12.97 -26.35 21.69
N VAL A 556 12.68 -27.56 21.21
CA VAL A 556 11.94 -28.57 21.96
C VAL A 556 12.94 -29.52 22.62
N TYR A 557 12.72 -29.80 23.91
CA TYR A 557 13.57 -30.67 24.71
C TYR A 557 12.75 -31.86 25.18
N LYS A 558 13.43 -33.01 25.36
CA LYS A 558 12.81 -34.21 25.92
C LYS A 558 13.41 -34.48 27.28
N LEU A 559 12.55 -34.63 28.29
CA LEU A 559 12.93 -35.07 29.63
C LEU A 559 12.88 -36.60 29.70
N SER A 560 14.07 -37.21 29.78
CA SER A 560 14.20 -38.66 29.71
C SER A 560 15.06 -39.19 30.86
N GLY A 561 14.74 -40.40 31.33
CA GLY A 561 15.54 -41.10 32.31
C GLY A 561 14.71 -42.16 33.04
N PRO A 562 15.31 -42.92 33.99
CA PRO A 562 14.54 -43.83 34.85
C PRO A 562 13.39 -43.10 35.56
N ASP A 563 12.20 -43.70 35.54
CA ASP A 563 11.01 -43.09 36.11
C ASP A 563 11.07 -43.07 37.64
N ASP A 564 11.88 -43.95 38.24
CA ASP A 564 12.01 -44.01 39.69
C ASP A 564 12.90 -42.90 40.23
N ASP A 565 13.56 -42.10 39.37
CA ASP A 565 14.34 -40.95 39.81
C ASP A 565 13.90 -39.71 39.03
N PRO A 566 12.66 -39.21 39.26
CA PRO A 566 12.08 -38.20 38.37
C PRO A 566 12.73 -36.81 38.50
N LEU A 567 13.30 -36.52 39.67
CA LEU A 567 13.94 -35.24 39.92
C LEU A 567 15.14 -35.05 38.98
N HIS A 568 15.80 -36.14 38.59
CA HIS A 568 17.00 -36.06 37.78
C HIS A 568 16.75 -36.52 36.35
N LYS A 569 15.52 -36.33 35.85
CA LYS A 569 15.25 -36.53 34.43
C LYS A 569 16.14 -35.57 33.64
N GLN A 570 16.68 -36.07 32.53
CA GLN A 570 17.69 -35.37 31.76
C GLN A 570 16.98 -34.63 30.63
N PRO A 571 17.22 -33.31 30.44
CA PRO A 571 16.74 -32.57 29.27
C PRO A 571 17.66 -32.81 28.08
N ARG A 572 17.09 -33.24 26.96
CA ARG A 572 17.87 -33.49 25.76
C ARG A 572 17.25 -32.69 24.60
N PHE A 573 18.10 -31.93 23.89
CA PHE A 573 17.69 -31.25 22.68
C PHE A 573 17.04 -32.26 21.73
N TRP A 574 15.86 -31.93 21.20
CA TRP A 574 15.10 -32.88 20.42
C TRP A 574 14.91 -32.34 19.00
N ALA A 575 14.39 -31.12 18.89
CA ALA A 575 14.18 -30.47 17.60
C ALA A 575 14.14 -28.96 17.77
N SER A 576 14.27 -28.27 16.64
CA SER A 576 14.13 -26.82 16.58
C SER A 576 12.77 -26.44 16.03
N MET A 577 12.14 -25.44 16.65
CA MET A 577 10.96 -24.77 16.11
C MET A 577 11.39 -23.55 15.29
N MET A 578 12.54 -22.97 15.63
CA MET A 578 13.03 -21.74 15.03
C MET A 578 14.50 -21.58 15.42
N GLU A 579 15.39 -21.55 14.43
CA GLU A 579 16.80 -21.34 14.69
C GLU A 579 17.09 -19.85 14.79
N ALA A 580 18.16 -19.52 15.53
CA ALA A 580 18.53 -18.13 15.77
C ALA A 580 19.04 -17.50 14.48
N ALA A 581 18.55 -16.30 14.16
CA ALA A 581 19.05 -15.53 13.03
C ALA A 581 20.53 -15.18 13.26
N SER A 582 21.25 -14.98 12.15
CA SER A 582 22.64 -14.57 12.21
C SER A 582 22.70 -13.15 12.77
N CYS A 583 23.50 -12.96 13.83
CA CYS A 583 23.77 -11.64 14.38
C CYS A 583 24.37 -10.77 13.28
N PRO A 584 23.69 -9.68 12.82
CA PRO A 584 24.18 -8.88 11.70
C PRO A 584 25.65 -8.46 11.82
N PRO A 585 26.45 -8.34 10.72
CA PRO A 585 27.78 -7.73 10.79
C PRO A 585 27.83 -6.29 11.34
N ASP A 586 26.81 -5.50 11.00
CA ASP A 586 26.62 -4.14 11.50
C ASP A 586 26.32 -4.08 13.00
N TYR A 587 25.80 -5.17 13.58
CA TYR A 587 25.35 -5.19 14.97
C TYR A 587 26.48 -5.64 15.86
N VAL A 588 26.81 -4.83 16.87
CA VAL A 588 27.83 -5.17 17.85
C VAL A 588 27.16 -5.26 19.21
N PRO A 589 27.04 -6.50 19.80
CA PRO A 589 26.45 -6.67 21.12
C PRO A 589 27.03 -5.72 22.16
N PRO A 590 26.19 -5.27 23.12
CA PRO A 590 26.71 -4.52 24.26
C PRO A 590 27.39 -5.49 25.21
N GLU A 591 28.18 -4.95 26.13
CA GLU A 591 28.90 -5.73 27.12
C GLU A 591 28.25 -5.46 28.47
N ILE A 592 27.78 -6.51 29.12
CA ILE A 592 27.26 -6.43 30.48
C ILE A 592 28.44 -6.29 31.44
N PHE A 593 28.26 -5.49 32.51
CA PHE A 593 29.26 -5.35 33.56
C PHE A 593 28.52 -5.14 34.88
N HIS A 594 29.25 -5.02 35.99
CA HIS A 594 28.66 -4.71 37.28
C HIS A 594 29.69 -3.97 38.13
N PHE A 595 29.21 -3.40 39.24
CA PHE A 595 30.04 -2.58 40.11
C PHE A 595 29.31 -2.41 41.45
N HIS A 596 29.99 -1.78 42.41
CA HIS A 596 29.45 -1.56 43.74
C HIS A 596 29.37 -0.07 44.01
N THR A 597 28.20 0.37 44.48
CA THR A 597 27.97 1.75 44.88
C THR A 597 28.81 2.08 46.10
N ARG A 598 28.79 3.35 46.50
CA ARG A 598 29.44 3.80 47.72
C ARG A 598 28.83 3.12 48.94
N SER A 599 27.54 2.76 48.88
CA SER A 599 26.88 1.99 49.94
C SER A 599 27.14 0.48 49.82
N ASP A 600 27.92 0.06 48.81
CA ASP A 600 28.33 -1.32 48.61
C ASP A 600 27.15 -2.17 48.14
N VAL A 601 26.36 -1.63 47.20
CA VAL A 601 25.26 -2.33 46.58
C VAL A 601 25.66 -2.65 45.13
N ARG A 602 25.41 -3.89 44.71
CA ARG A 602 25.82 -4.33 43.39
C ARG A 602 24.77 -3.88 42.37
N LEU A 603 25.21 -3.08 41.39
CA LEU A 603 24.39 -2.72 40.24
C LEU A 603 25.02 -3.32 39.01
N TYR A 604 24.17 -3.83 38.11
CA TYR A 604 24.57 -4.25 36.78
C TYR A 604 24.24 -3.14 35.78
N GLY A 605 25.03 -3.09 34.71
CA GLY A 605 24.85 -2.15 33.61
C GLY A 605 25.23 -2.81 32.28
N MET A 606 25.01 -2.11 31.16
CA MET A 606 25.64 -2.50 29.90
C MET A 606 26.18 -1.29 29.16
N ILE A 607 27.16 -1.56 28.27
CA ILE A 607 27.87 -0.54 27.52
C ILE A 607 27.89 -0.96 26.05
N TYR A 608 27.36 -0.10 25.18
CA TYR A 608 27.60 -0.19 23.75
C TYR A 608 28.83 0.66 23.46
N LYS A 609 29.98 0.01 23.18
CA LYS A 609 31.20 0.73 22.87
C LYS A 609 31.03 1.45 21.54
N PRO A 610 31.56 2.69 21.37
CA PRO A 610 31.53 3.36 20.07
C PRO A 610 32.21 2.45 19.06
N HIS A 611 31.55 2.24 17.90
CA HIS A 611 32.13 1.39 16.87
C HIS A 611 33.43 2.01 16.35
N ALA A 612 34.32 1.14 15.86
CA ALA A 612 35.61 1.54 15.33
C ALA A 612 36.32 2.46 16.33
N LEU A 613 36.45 1.99 17.56
CA LEU A 613 36.98 2.80 18.64
C LEU A 613 38.47 2.96 18.39
N GLN A 614 38.95 4.21 18.54
CA GLN A 614 40.36 4.52 18.50
C GLN A 614 40.78 4.95 19.89
N PRO A 615 41.99 4.57 20.37
CA PRO A 615 42.37 4.81 21.76
C PRO A 615 42.70 6.28 21.99
N GLY A 616 42.48 6.75 23.23
CA GLY A 616 42.78 8.13 23.60
C GLY A 616 41.73 9.14 23.13
N LYS A 617 40.64 8.68 22.50
CA LYS A 617 39.50 9.51 22.16
C LYS A 617 38.43 9.36 23.24
N LYS A 618 37.86 10.51 23.65
CA LYS A 618 36.73 10.58 24.57
C LYS A 618 35.45 10.91 23.78
N HIS A 619 34.48 9.98 23.79
CA HIS A 619 33.29 10.05 22.95
C HIS A 619 32.09 10.65 23.70
N PRO A 620 31.14 11.29 22.97
CA PRO A 620 29.90 11.75 23.57
C PRO A 620 29.08 10.51 23.93
N THR A 621 28.27 10.64 24.98
CA THR A 621 27.65 9.48 25.60
C THR A 621 26.15 9.72 25.78
N VAL A 622 25.36 8.67 25.50
CA VAL A 622 23.92 8.66 25.74
C VAL A 622 23.61 7.68 26.87
N LEU A 623 23.09 8.22 28.00
CA LEU A 623 22.53 7.43 29.08
C LEU A 623 21.08 7.10 28.71
N PHE A 624 20.84 5.82 28.35
CA PHE A 624 19.49 5.34 28.12
C PHE A 624 18.92 4.81 29.43
N VAL A 625 17.78 5.35 29.84
CA VAL A 625 17.23 5.10 31.16
C VAL A 625 15.76 4.69 31.04
N TYR A 626 15.37 3.72 31.88
CA TYR A 626 13.98 3.46 32.26
C TYR A 626 13.87 3.80 33.74
N GLY A 627 14.41 2.91 34.59
CA GLY A 627 14.77 3.28 35.96
C GLY A 627 13.68 3.01 36.99
N GLY A 628 12.49 2.62 36.55
CA GLY A 628 11.33 2.51 37.42
C GLY A 628 11.04 1.06 37.81
N PRO A 629 10.02 0.84 38.68
CA PRO A 629 9.69 -0.50 39.17
C PRO A 629 9.15 -1.43 38.09
N GLN A 630 9.32 -2.72 38.36
CA GLN A 630 8.75 -3.82 37.59
C GLN A 630 9.51 -4.03 36.27
N VAL A 631 10.67 -3.38 36.07
CA VAL A 631 11.42 -3.57 34.84
C VAL A 631 12.88 -3.83 35.19
N GLN A 632 13.54 -4.62 34.33
CA GLN A 632 14.97 -4.83 34.38
C GLN A 632 15.52 -4.73 32.96
N LEU A 633 16.31 -3.67 32.71
CA LEU A 633 16.87 -3.46 31.38
C LEU A 633 18.07 -4.37 31.11
N VAL A 634 18.83 -4.71 32.16
CA VAL A 634 20.12 -5.36 32.00
C VAL A 634 20.00 -6.84 32.39
N ASN A 635 20.13 -7.69 31.37
CA ASN A 635 20.15 -9.13 31.54
C ASN A 635 20.70 -9.73 30.25
N ASN A 636 21.08 -11.02 30.32
CA ASN A 636 21.75 -11.67 29.21
C ASN A 636 20.70 -12.25 28.26
N SER A 637 20.12 -11.35 27.47
CA SER A 637 19.23 -11.69 26.39
C SER A 637 19.44 -10.69 25.27
N PHE A 638 18.92 -11.04 24.08
CA PHE A 638 19.23 -10.27 22.88
C PHE A 638 18.45 -8.97 22.89
N LYS A 639 19.17 -7.84 22.75
CA LYS A 639 18.56 -6.53 22.79
C LYS A 639 18.40 -5.94 21.39
N GLY A 640 18.84 -6.66 20.35
CA GLY A 640 18.99 -6.08 19.02
C GLY A 640 17.66 -5.88 18.28
N ILE A 641 16.57 -6.55 18.70
CA ILE A 641 15.28 -6.29 18.10
C ILE A 641 14.73 -4.99 18.68
N LYS A 642 14.45 -4.99 19.99
CA LYS A 642 13.73 -3.90 20.63
C LYS A 642 14.61 -2.65 20.76
N TYR A 643 15.93 -2.81 20.94
CA TYR A 643 16.82 -1.68 21.19
C TYR A 643 17.88 -1.55 20.10
N LEU A 644 17.49 -1.77 18.83
CA LEU A 644 18.40 -1.66 17.71
C LEU A 644 19.05 -0.27 17.65
N ARG A 645 18.25 0.76 17.88
CA ARG A 645 18.70 2.14 17.76
C ARG A 645 19.85 2.44 18.71
N LEU A 646 19.99 1.69 19.81
CA LEU A 646 21.14 1.86 20.71
C LEU A 646 22.43 1.42 20.01
N ASN A 647 22.37 0.34 19.24
CA ASN A 647 23.48 -0.06 18.40
C ASN A 647 23.75 0.99 17.33
N THR A 648 22.68 1.53 16.73
CA THR A 648 22.81 2.58 15.71
C THR A 648 23.55 3.80 16.29
N LEU A 649 23.19 4.21 17.50
CA LEU A 649 23.89 5.31 18.17
C LEU A 649 25.39 5.01 18.26
N ALA A 650 25.71 3.80 18.69
CA ALA A 650 27.10 3.40 18.90
C ALA A 650 27.88 3.39 17.59
N SER A 651 27.20 3.05 16.48
CA SER A 651 27.82 3.05 15.17
C SER A 651 28.22 4.44 14.72
N LEU A 652 27.54 5.49 15.22
CA LEU A 652 27.87 6.87 14.85
C LEU A 652 28.86 7.48 15.84
N GLY A 653 29.27 6.72 16.86
CA GLY A 653 30.39 7.11 17.71
C GLY A 653 29.93 7.64 19.07
N TYR A 654 28.65 7.45 19.40
CA TYR A 654 28.19 7.65 20.77
C TYR A 654 28.44 6.37 21.58
N ALA A 655 28.93 6.52 22.80
CA ALA A 655 28.88 5.42 23.75
C ALA A 655 27.46 5.39 24.33
N VAL A 656 26.91 4.18 24.55
CA VAL A 656 25.58 4.03 25.12
C VAL A 656 25.70 3.27 26.45
N VAL A 657 25.27 3.91 27.53
CA VAL A 657 25.28 3.33 28.86
C VAL A 657 23.85 3.03 29.30
N VAL A 658 23.66 1.90 29.98
CA VAL A 658 22.40 1.51 30.61
C VAL A 658 22.71 1.02 32.02
N ILE A 659 21.97 1.54 33.02
CA ILE A 659 22.20 1.17 34.41
C ILE A 659 20.87 0.72 35.03
N ASP A 660 20.82 -0.51 35.57
CA ASP A 660 19.72 -0.90 36.44
C ASP A 660 20.04 -0.49 37.88
N GLY A 661 19.58 0.70 38.27
CA GLY A 661 19.74 1.18 39.62
C GLY A 661 18.67 0.60 40.55
N ARG A 662 18.70 1.08 41.79
CA ARG A 662 17.74 0.65 42.80
C ARG A 662 16.37 1.17 42.38
N GLY A 663 15.34 0.36 42.66
CA GLY A 663 14.01 0.56 42.12
C GLY A 663 13.66 -0.53 41.10
N SER A 664 14.67 -1.04 40.38
CA SER A 664 14.45 -1.98 39.30
C SER A 664 14.15 -3.36 39.90
N CYS A 665 13.68 -4.30 39.06
CA CYS A 665 13.17 -5.57 39.56
C CYS A 665 14.19 -6.70 39.39
N GLN A 666 13.81 -7.88 39.90
CA GLN A 666 14.58 -9.12 39.85
C GLN A 666 15.71 -9.15 40.89
N ARG A 667 15.66 -8.27 41.89
CA ARG A 667 16.72 -8.19 42.89
C ARG A 667 16.15 -8.19 44.31
N GLY A 668 14.90 -8.64 44.47
CA GLY A 668 14.25 -8.69 45.77
C GLY A 668 13.52 -7.40 46.10
N LEU A 669 12.63 -7.50 47.10
CA LEU A 669 11.71 -6.45 47.49
C LEU A 669 12.45 -5.27 48.14
N ARG A 670 13.54 -5.56 48.86
CA ARG A 670 14.34 -4.54 49.52
C ARG A 670 14.96 -3.60 48.48
N PHE A 671 15.54 -4.17 47.43
CA PHE A 671 16.22 -3.44 46.36
C PHE A 671 15.26 -2.51 45.63
N GLU A 672 14.07 -3.02 45.26
CA GLU A 672 13.07 -2.22 44.56
C GLU A 672 12.38 -1.26 45.52
N GLY A 673 12.32 -1.62 46.82
CA GLY A 673 11.67 -0.80 47.84
C GLY A 673 12.42 0.49 48.16
N ALA A 674 13.67 0.60 47.70
CA ALA A 674 14.51 1.76 47.91
C ALA A 674 13.81 3.09 47.58
N LEU A 675 12.89 3.10 46.61
CA LEU A 675 12.29 4.34 46.16
C LEU A 675 10.91 4.56 46.79
N LYS A 676 10.56 3.82 47.85
CA LYS A 676 9.24 3.90 48.43
C LYS A 676 8.96 5.34 48.90
N ASN A 677 7.92 5.95 48.33
CA ASN A 677 7.42 7.28 48.68
C ASN A 677 8.37 8.41 48.28
N GLN A 678 9.39 8.13 47.47
CA GLN A 678 10.35 9.15 47.10
C GLN A 678 10.88 8.90 45.69
N MET A 679 9.97 8.63 44.76
CA MET A 679 10.36 8.42 43.37
C MET A 679 11.01 9.69 42.85
N GLY A 680 12.10 9.53 42.09
CA GLY A 680 12.90 10.65 41.62
C GLY A 680 14.24 10.75 42.35
N GLN A 681 14.26 10.49 43.66
CA GLN A 681 15.38 10.86 44.51
C GLN A 681 16.53 9.86 44.34
N VAL A 682 16.33 8.61 44.74
CA VAL A 682 17.41 7.63 44.74
C VAL A 682 17.90 7.32 43.33
N GLU A 683 17.01 7.39 42.32
CA GLU A 683 17.24 6.75 41.05
C GLU A 683 18.37 7.44 40.28
N ILE A 684 18.37 8.77 40.29
CA ILE A 684 19.35 9.54 39.54
C ILE A 684 20.74 9.39 40.16
N GLU A 685 20.81 9.32 41.49
CA GLU A 685 22.08 9.12 42.17
C GLU A 685 22.74 7.85 41.64
N ASP A 686 21.98 6.76 41.53
CA ASP A 686 22.53 5.50 41.04
C ASP A 686 22.91 5.55 39.56
N GLN A 687 22.14 6.31 38.77
CA GLN A 687 22.43 6.49 37.36
C GLN A 687 23.79 7.17 37.18
N VAL A 688 24.01 8.25 37.95
CA VAL A 688 25.21 9.04 37.87
C VAL A 688 26.41 8.24 38.39
N GLU A 689 26.24 7.57 39.54
CA GLU A 689 27.30 6.75 40.10
C GLU A 689 27.77 5.73 39.06
N GLY A 690 26.82 5.15 38.31
CA GLY A 690 27.12 4.16 37.28
C GLY A 690 27.82 4.78 36.07
N LEU A 691 27.40 5.99 35.71
CA LEU A 691 28.01 6.73 34.62
C LEU A 691 29.48 7.04 34.93
N GLN A 692 29.73 7.44 36.19
CA GLN A 692 31.07 7.79 36.65
C GLN A 692 31.94 6.54 36.71
N PHE A 693 31.36 5.42 37.15
CA PHE A 693 32.06 4.14 37.14
C PHE A 693 32.50 3.80 35.72
N VAL A 694 31.60 3.97 34.74
CA VAL A 694 31.83 3.52 33.38
C VAL A 694 32.92 4.35 32.73
N ALA A 695 32.96 5.65 33.06
CA ALA A 695 34.00 6.55 32.56
C ALA A 695 35.36 6.11 33.07
N GLU A 696 35.45 5.90 34.39
CA GLU A 696 36.66 5.41 35.08
C GLU A 696 37.13 4.08 34.51
N LYS A 697 36.22 3.11 34.32
CA LYS A 697 36.62 1.78 33.90
C LYS A 697 37.06 1.80 32.43
N TYR A 698 36.28 2.42 31.55
CA TYR A 698 36.42 2.22 30.11
C TYR A 698 37.23 3.35 29.45
N GLY A 699 37.16 4.57 29.99
CA GLY A 699 38.10 5.62 29.61
C GLY A 699 37.76 6.38 28.32
N PHE A 700 36.76 5.95 27.53
CA PHE A 700 36.35 6.67 26.33
C PHE A 700 35.04 7.47 26.53
N ILE A 701 34.70 7.79 27.79
CA ILE A 701 33.51 8.56 28.09
C ILE A 701 33.90 10.02 28.27
N ASP A 702 33.26 10.91 27.49
CA ASP A 702 33.44 12.35 27.65
C ASP A 702 32.35 12.88 28.56
N LEU A 703 32.67 13.03 29.86
CA LEU A 703 31.71 13.46 30.87
C LEU A 703 31.16 14.86 30.61
N SER A 704 31.79 15.65 29.75
CA SER A 704 31.27 16.96 29.37
C SER A 704 30.09 16.84 28.38
N ARG A 705 29.92 15.67 27.74
CA ARG A 705 28.94 15.51 26.68
C ARG A 705 28.10 14.26 26.89
N VAL A 706 27.23 14.32 27.91
CA VAL A 706 26.34 13.22 28.24
C VAL A 706 24.89 13.66 28.03
N ALA A 707 24.15 12.85 27.26
CA ALA A 707 22.72 13.04 27.07
C ALA A 707 21.96 11.96 27.83
N ILE A 708 20.82 12.32 28.43
CA ILE A 708 19.92 11.37 29.07
C ILE A 708 18.66 11.25 28.22
N HIS A 709 18.23 10.02 27.96
CA HIS A 709 17.06 9.77 27.13
C HIS A 709 16.30 8.56 27.66
N GLY A 710 14.99 8.72 27.88
CA GLY A 710 14.12 7.62 28.31
C GLY A 710 12.66 7.91 27.98
N TRP A 711 11.82 6.87 28.08
CA TRP A 711 10.39 6.97 27.84
C TRP A 711 9.61 6.63 29.12
N SER A 712 8.51 7.35 29.35
CA SER A 712 7.59 7.07 30.44
C SER A 712 8.27 7.37 31.78
N TYR A 713 8.58 6.34 32.59
CA TYR A 713 9.40 6.55 33.77
C TYR A 713 10.77 7.11 33.38
N GLY A 714 11.31 6.66 32.24
CA GLY A 714 12.58 7.15 31.72
C GLY A 714 12.53 8.62 31.30
N GLY A 715 11.34 9.06 30.83
CA GLY A 715 11.10 10.45 30.49
C GLY A 715 11.07 11.32 31.74
N PHE A 716 10.35 10.83 32.75
CA PHE A 716 10.35 11.42 34.09
C PHE A 716 11.78 11.61 34.60
N LEU A 717 12.61 10.56 34.49
CA LEU A 717 13.95 10.57 35.03
C LEU A 717 14.87 11.44 34.19
N SER A 718 14.66 11.48 32.86
CA SER A 718 15.45 12.34 31.98
C SER A 718 15.32 13.79 32.46
N LEU A 719 14.10 14.18 32.84
CA LEU A 719 13.86 15.52 33.35
C LEU A 719 14.45 15.69 34.75
N MET A 720 14.34 14.67 35.61
CA MET A 720 14.94 14.71 36.92
C MET A 720 16.45 14.92 36.84
N GLY A 721 17.09 14.24 35.87
CA GLY A 721 18.53 14.31 35.71
C GLY A 721 18.97 15.73 35.38
N LEU A 722 18.24 16.39 34.47
CA LEU A 722 18.56 17.72 34.02
C LEU A 722 18.29 18.74 35.13
N ILE A 723 17.22 18.51 35.91
CA ILE A 723 16.87 19.38 37.03
C ILE A 723 17.94 19.29 38.12
N HIS A 724 18.26 18.06 38.57
CA HIS A 724 19.03 17.85 39.79
C HIS A 724 20.52 17.67 39.53
N LYS A 725 20.92 17.31 38.29
CA LYS A 725 22.32 17.10 37.95
C LYS A 725 22.63 17.81 36.64
N PRO A 726 22.43 19.14 36.57
CA PRO A 726 22.64 19.87 35.32
C PRO A 726 24.10 19.89 34.85
N GLN A 727 25.04 19.75 35.80
CA GLN A 727 26.47 19.70 35.51
C GLN A 727 26.86 18.34 34.90
N VAL A 728 26.04 17.30 35.11
CA VAL A 728 26.29 15.97 34.58
C VAL A 728 25.70 15.84 33.17
N PHE A 729 24.44 16.29 33.02
CA PHE A 729 23.68 16.06 31.80
C PHE A 729 23.59 17.36 31.02
N LYS A 730 24.18 17.35 29.83
CA LYS A 730 24.17 18.53 28.97
C LYS A 730 22.76 18.68 28.39
N VAL A 731 22.17 17.57 27.91
CA VAL A 731 20.83 17.60 27.33
C VAL A 731 19.99 16.45 27.87
N ALA A 732 18.65 16.61 27.79
CA ALA A 732 17.67 15.58 28.09
C ALA A 732 16.64 15.46 26.96
N ILE A 733 16.36 14.23 26.53
CA ILE A 733 15.26 13.92 25.63
C ILE A 733 14.25 13.08 26.40
N ALA A 734 13.11 13.69 26.74
CA ALA A 734 12.11 13.09 27.61
C ALA A 734 10.92 12.62 26.79
N GLY A 735 10.75 11.30 26.68
CA GLY A 735 9.60 10.72 25.99
C GLY A 735 8.43 10.48 26.94
N ALA A 736 7.23 10.93 26.54
CA ALA A 736 6.00 10.66 27.25
C ALA A 736 6.22 10.72 28.76
N PRO A 737 6.76 11.84 29.29
CA PRO A 737 7.16 11.88 30.70
C PRO A 737 5.98 11.94 31.66
N VAL A 738 6.12 11.29 32.83
CA VAL A 738 5.27 11.58 33.97
C VAL A 738 5.84 12.84 34.60
N THR A 739 5.05 13.93 34.59
CA THR A 739 5.49 15.24 35.03
C THR A 739 4.81 15.63 36.33
N VAL A 740 3.71 14.96 36.68
CA VAL A 740 2.96 15.29 37.89
C VAL A 740 2.21 14.04 38.35
N TRP A 741 2.59 13.51 39.53
CA TRP A 741 2.12 12.21 39.97
C TRP A 741 0.64 12.21 40.37
N MET A 742 0.12 13.38 40.75
N MET A 742 0.10 13.38 40.74
CA MET A 742 -1.29 13.57 41.07
CA MET A 742 -1.31 13.48 41.08
C MET A 742 -2.19 13.19 39.89
C MET A 742 -2.21 13.17 39.88
N ALA A 743 -1.63 13.16 38.66
CA ALA A 743 -2.38 12.91 37.44
C ALA A 743 -2.27 11.45 36.95
N TYR A 744 -1.57 10.58 37.70
CA TYR A 744 -1.44 9.17 37.33
C TYR A 744 -2.42 8.39 38.20
N ASP A 745 -2.56 7.08 37.94
CA ASP A 745 -3.69 6.30 38.46
C ASP A 745 -3.45 5.79 39.87
N THR A 746 -4.50 5.18 40.44
CA THR A 746 -4.50 4.64 41.80
C THR A 746 -3.55 3.45 41.90
N GLY A 747 -3.79 2.43 41.09
CA GLY A 747 -3.10 1.15 41.20
C GLY A 747 -1.59 1.30 41.30
N TYR A 748 -1.00 2.07 40.39
CA TYR A 748 0.45 2.19 40.30
C TYR A 748 0.93 3.23 41.32
N THR A 749 0.38 4.44 41.23
CA THR A 749 0.97 5.55 41.95
C THR A 749 0.92 5.27 43.44
N GLU A 750 -0.22 4.75 43.94
CA GLU A 750 -0.42 4.61 45.38
C GLU A 750 0.44 3.48 45.93
N ARG A 751 0.68 2.45 45.11
CA ARG A 751 1.50 1.33 45.52
C ARG A 751 2.86 1.85 45.98
N TYR A 752 3.45 2.75 45.19
CA TYR A 752 4.83 3.17 45.36
C TYR A 752 4.96 4.51 46.09
N MET A 753 3.89 5.33 46.16
CA MET A 753 4.00 6.70 46.68
C MET A 753 2.92 7.07 47.71
N ASP A 754 1.98 6.16 48.01
CA ASP A 754 0.82 6.46 48.84
C ASP A 754 -0.09 7.45 48.09
N VAL A 755 -1.17 7.89 48.75
CA VAL A 755 -2.08 8.87 48.19
C VAL A 755 -1.51 10.26 48.42
N PRO A 756 -1.89 11.28 47.60
CA PRO A 756 -1.26 12.59 47.67
C PRO A 756 -1.32 13.25 49.05
N GLU A 757 -2.47 13.12 49.73
CA GLU A 757 -2.66 13.74 51.03
C GLU A 757 -1.70 13.18 52.07
N ASN A 758 -1.33 11.89 51.95
CA ASN A 758 -0.43 11.26 52.91
C ASN A 758 1.05 11.45 52.57
N ASN A 759 1.37 12.08 51.43
CA ASN A 759 2.77 12.17 51.00
C ASN A 759 2.98 13.42 50.16
N GLN A 760 2.57 14.59 50.69
CA GLN A 760 2.69 15.83 49.94
C GLN A 760 4.16 16.09 49.58
N HIS A 761 5.09 15.79 50.49
CA HIS A 761 6.50 16.06 50.27
C HIS A 761 7.03 15.24 49.10
N GLY A 762 6.64 13.95 49.05
CA GLY A 762 7.11 13.02 48.04
C GLY A 762 6.54 13.35 46.67
N TYR A 763 5.23 13.63 46.62
CA TYR A 763 4.54 14.01 45.40
C TYR A 763 5.16 15.29 44.82
N GLU A 764 5.47 16.27 45.68
CA GLU A 764 6.03 17.55 45.24
C GLU A 764 7.44 17.35 44.71
N ALA A 765 8.24 16.60 45.46
CA ALA A 765 9.64 16.35 45.13
C ALA A 765 9.77 15.65 43.77
N GLY A 766 8.88 14.67 43.51
CA GLY A 766 8.99 13.77 42.39
C GLY A 766 8.13 14.18 41.19
N SER A 767 7.40 15.30 41.29
CA SER A 767 6.63 15.85 40.18
C SER A 767 7.48 16.89 39.46
N VAL A 768 8.11 16.51 38.34
CA VAL A 768 9.13 17.34 37.70
C VAL A 768 8.55 18.67 37.19
N ALA A 769 7.26 18.71 36.86
CA ALA A 769 6.63 19.94 36.38
C ALA A 769 6.54 21.01 37.46
N LEU A 770 6.71 20.63 38.74
CA LEU A 770 6.71 21.58 39.85
C LEU A 770 8.12 22.14 40.12
N HIS A 771 9.13 21.75 39.32
CA HIS A 771 10.51 22.18 39.51
C HIS A 771 11.08 22.77 38.21
N VAL A 772 10.21 23.37 37.37
CA VAL A 772 10.61 23.96 36.10
C VAL A 772 11.57 25.14 36.29
N GLU A 773 11.50 25.84 37.44
CA GLU A 773 12.42 26.93 37.73
C GLU A 773 13.88 26.42 37.74
N LYS A 774 14.09 25.14 38.09
CA LYS A 774 15.42 24.58 38.15
C LYS A 774 15.87 23.99 36.80
N LEU A 775 15.02 24.05 35.77
CA LEU A 775 15.41 23.58 34.44
C LEU A 775 16.28 24.65 33.78
N PRO A 776 17.10 24.30 32.77
CA PRO A 776 18.12 25.23 32.28
C PRO A 776 17.47 26.39 31.53
N ASN A 777 18.02 27.59 31.77
CA ASN A 777 17.59 28.79 31.07
C ASN A 777 18.52 29.03 29.88
N GLU A 778 19.02 27.94 29.28
CA GLU A 778 19.76 27.95 28.03
C GLU A 778 19.01 27.06 27.05
N PRO A 779 18.81 27.47 25.78
CA PRO A 779 18.04 26.65 24.84
C PRO A 779 18.77 25.37 24.45
N ASN A 780 18.04 24.45 23.81
CA ASN A 780 18.58 23.28 23.16
C ASN A 780 19.22 22.30 24.15
N ARG A 781 18.68 22.24 25.38
CA ARG A 781 19.07 21.24 26.36
C ARG A 781 17.90 20.32 26.72
N LEU A 782 16.74 20.46 26.04
CA LEU A 782 15.52 19.80 26.44
C LEU A 782 14.65 19.57 25.21
N LEU A 783 14.38 18.29 24.91
CA LEU A 783 13.44 17.87 23.88
C LEU A 783 12.37 17.00 24.50
N ILE A 784 11.10 17.36 24.27
CA ILE A 784 9.95 16.63 24.78
C ILE A 784 9.24 15.95 23.61
N LEU A 785 8.93 14.67 23.79
CA LEU A 785 8.25 13.84 22.80
C LEU A 785 7.01 13.23 23.46
N HIS A 786 5.89 13.11 22.75
CA HIS A 786 4.68 12.53 23.34
C HIS A 786 3.68 12.19 22.23
N GLY A 787 3.14 10.96 22.27
CA GLY A 787 2.00 10.59 21.44
C GLY A 787 0.70 11.22 21.96
N PHE A 788 -0.11 11.77 21.06
CA PHE A 788 -1.26 12.59 21.41
C PHE A 788 -2.38 11.72 22.00
N LEU A 789 -2.49 10.47 21.53
CA LEU A 789 -3.55 9.56 21.93
C LEU A 789 -3.15 8.68 23.11
N ASP A 790 -1.96 8.94 23.69
CA ASP A 790 -1.46 8.13 24.79
C ASP A 790 -2.51 8.13 25.90
N GLU A 791 -2.93 6.92 26.31
CA GLU A 791 -3.94 6.76 27.35
C GLU A 791 -3.40 5.97 28.54
N ASN A 792 -2.07 5.98 28.72
CA ASN A 792 -1.41 5.62 29.97
C ASN A 792 -0.86 6.89 30.60
N VAL A 793 0.14 7.47 29.94
CA VAL A 793 0.66 8.78 30.30
C VAL A 793 -0.07 9.79 29.41
N HIS A 794 -1.14 10.38 29.94
CA HIS A 794 -1.95 11.32 29.17
C HIS A 794 -1.07 12.45 28.65
N PHE A 795 -1.42 12.98 27.47
CA PHE A 795 -0.73 14.13 26.88
C PHE A 795 -0.76 15.31 27.85
N PHE A 796 -1.79 15.35 28.70
CA PHE A 796 -1.87 16.29 29.79
C PHE A 796 -0.52 16.51 30.48
N HIS A 797 0.25 15.44 30.67
CA HIS A 797 1.54 15.53 31.36
C HIS A 797 2.46 16.51 30.64
N THR A 798 2.55 16.38 29.31
CA THR A 798 3.42 17.24 28.52
C THR A 798 2.83 18.63 28.43
N ASN A 799 1.50 18.73 28.30
CA ASN A 799 0.83 20.01 28.24
C ASN A 799 1.06 20.84 29.51
N PHE A 800 0.95 20.17 30.66
CA PHE A 800 1.12 20.82 31.94
C PHE A 800 2.57 21.26 32.11
N LEU A 801 3.51 20.41 31.71
CA LEU A 801 4.93 20.73 31.72
C LEU A 801 5.20 21.99 30.90
N VAL A 802 4.73 22.00 29.65
CA VAL A 802 4.88 23.15 28.76
C VAL A 802 4.31 24.40 29.43
N SER A 803 3.11 24.27 30.00
CA SER A 803 2.44 25.36 30.69
C SER A 803 3.37 25.97 31.75
N GLN A 804 4.02 25.12 32.56
CA GLN A 804 4.88 25.56 33.64
C GLN A 804 6.19 26.15 33.11
N LEU A 805 6.72 25.53 32.04
CA LEU A 805 7.91 26.05 31.38
C LEU A 805 7.69 27.48 30.90
N ILE A 806 6.51 27.75 30.32
CA ILE A 806 6.16 29.08 29.84
C ILE A 806 6.10 30.05 31.02
N ARG A 807 5.47 29.61 32.12
CA ARG A 807 5.29 30.40 33.31
C ARG A 807 6.64 30.73 33.94
N ALA A 808 7.63 29.82 33.85
CA ALA A 808 8.93 30.04 34.45
C ALA A 808 9.95 30.51 33.40
N GLY A 809 9.50 30.83 32.18
CA GLY A 809 10.31 31.44 31.16
C GLY A 809 11.45 30.55 30.66
N LYS A 810 11.17 29.24 30.59
CA LYS A 810 12.17 28.27 30.20
C LYS A 810 11.98 27.88 28.73
N PRO A 811 13.09 27.68 27.98
CA PRO A 811 13.02 27.17 26.61
C PRO A 811 12.80 25.66 26.54
N TYR A 812 12.12 25.20 25.48
CA TYR A 812 11.89 23.79 25.25
C TYR A 812 11.72 23.55 23.75
N GLN A 813 12.04 22.33 23.31
CA GLN A 813 11.61 21.82 22.01
C GLN A 813 10.60 20.71 22.22
N LEU A 814 9.69 20.56 21.26
CA LEU A 814 8.55 19.68 21.40
C LEU A 814 8.29 18.95 20.08
N GLN A 815 8.03 17.64 20.19
CA GLN A 815 7.54 16.82 19.10
C GLN A 815 6.31 16.06 19.60
N ILE A 816 5.30 15.99 18.75
CA ILE A 816 4.12 15.19 19.04
C ILE A 816 3.95 14.14 17.96
N TYR A 817 3.27 13.04 18.31
CA TYR A 817 2.90 11.99 17.38
C TYR A 817 1.38 11.92 17.40
N PRO A 818 0.66 12.68 16.55
CA PRO A 818 -0.81 12.74 16.58
C PRO A 818 -1.57 11.42 16.55
N ASN A 819 -1.04 10.42 15.85
CA ASN A 819 -1.77 9.17 15.62
C ASN A 819 -1.32 8.06 16.57
N GLU A 820 -0.43 8.36 17.53
CA GLU A 820 0.19 7.33 18.36
C GLU A 820 -0.37 7.36 19.78
N ARG A 821 -0.55 6.17 20.35
CA ARG A 821 -0.75 5.98 21.77
C ARG A 821 0.61 6.02 22.48
N HIS A 822 0.78 5.24 23.55
CA HIS A 822 1.99 5.31 24.35
C HIS A 822 3.19 4.87 23.52
N SER A 823 3.09 3.65 22.95
CA SER A 823 4.12 3.09 22.08
C SER A 823 3.91 3.56 20.65
N ILE A 824 5.01 3.95 19.99
CA ILE A 824 4.98 4.38 18.60
C ILE A 824 4.96 3.14 17.71
N ARG A 825 3.75 2.76 17.25
CA ARG A 825 3.54 1.55 16.46
C ARG A 825 3.88 1.81 15.00
N CYS A 826 3.25 2.83 14.37
CA CYS A 826 3.44 3.13 12.95
C CYS A 826 4.90 3.40 12.63
N PRO A 827 5.45 2.77 11.55
CA PRO A 827 6.89 2.83 11.30
C PRO A 827 7.45 4.19 10.89
N GLU A 828 6.65 5.00 10.18
CA GLU A 828 7.10 6.32 9.76
C GLU A 828 7.25 7.24 10.98
N SER A 829 6.31 7.15 11.93
CA SER A 829 6.43 7.84 13.21
C SER A 829 7.73 7.48 13.91
N GLY A 830 8.03 6.18 13.96
CA GLY A 830 9.24 5.67 14.59
C GLY A 830 10.50 6.19 13.90
N GLU A 831 10.57 6.09 12.56
CA GLU A 831 11.72 6.59 11.82
C GLU A 831 11.91 8.08 12.13
N HIS A 832 10.80 8.84 12.13
CA HIS A 832 10.83 10.27 12.34
C HIS A 832 11.43 10.58 13.71
N TYR A 833 10.97 9.83 14.73
CA TYR A 833 11.47 9.93 16.09
C TYR A 833 12.98 9.71 16.09
N GLU A 834 13.44 8.64 15.44
CA GLU A 834 14.84 8.27 15.46
C GLU A 834 15.69 9.34 14.78
N VAL A 835 15.23 9.81 13.61
CA VAL A 835 15.94 10.84 12.86
C VAL A 835 16.04 12.12 13.70
N THR A 836 14.91 12.52 14.31
CA THR A 836 14.87 13.72 15.14
C THR A 836 15.87 13.60 16.29
N LEU A 837 16.00 12.39 16.87
CA LEU A 837 16.88 12.18 18.01
C LEU A 837 18.33 12.33 17.59
N LEU A 838 18.69 11.71 16.45
CA LEU A 838 20.06 11.79 15.93
C LEU A 838 20.42 13.24 15.63
N HIS A 839 19.50 13.96 14.96
CA HIS A 839 19.72 15.36 14.62
C HIS A 839 19.96 16.16 15.90
N PHE A 840 19.06 15.98 16.88
CA PHE A 840 19.13 16.72 18.12
C PHE A 840 20.49 16.48 18.78
N LEU A 841 20.93 15.22 18.83
CA LEU A 841 22.18 14.86 19.49
C LEU A 841 23.36 15.48 18.74
N GLN A 842 23.37 15.32 17.40
CA GLN A 842 24.49 15.78 16.60
C GLN A 842 24.61 17.30 16.68
N GLU A 843 23.47 18.01 16.81
CA GLU A 843 23.50 19.47 16.85
C GLU A 843 23.83 19.95 18.26
N TYR A 844 23.26 19.36 19.32
CA TYR A 844 23.26 20.01 20.62
C TYR A 844 24.07 19.28 21.68
N LEU A 845 24.61 18.10 21.38
CA LEU A 845 25.44 17.41 22.36
C LEU A 845 26.88 17.83 22.14
N HIS A 846 27.22 18.99 22.71
CA HIS A 846 28.56 19.58 22.67
C HIS A 846 28.94 20.04 24.10
N HIS A 847 30.18 20.52 24.27
CA HIS A 847 30.59 21.22 25.49
C HIS A 847 30.60 22.72 25.20
N PRO B 2 55.32 7.69 -8.47
CA PRO B 2 54.40 6.55 -8.41
C PRO B 2 54.08 5.94 -9.76
N ALA B 3 53.40 4.78 -9.70
CA ALA B 3 53.22 3.93 -10.85
C ALA B 3 52.12 4.48 -11.77
N ALA B 4 52.49 4.59 -13.04
CA ALA B 4 51.61 5.07 -14.10
C ALA B 4 50.35 4.19 -14.22
N ARG B 5 49.23 4.81 -14.63
CA ARG B 5 48.00 4.10 -14.91
C ARG B 5 47.91 3.85 -16.40
N PHE B 6 47.95 2.57 -16.79
CA PHE B 6 47.89 2.17 -18.19
C PHE B 6 46.48 2.36 -18.73
N GLN B 7 46.41 2.95 -19.93
CA GLN B 7 45.16 3.16 -20.64
C GLN B 7 45.11 2.18 -21.79
N VAL B 8 43.96 1.50 -21.93
CA VAL B 8 43.74 0.57 -23.02
C VAL B 8 43.36 1.39 -24.25
N GLN B 9 43.92 0.99 -25.39
CA GLN B 9 43.70 1.69 -26.64
C GLN B 9 42.21 1.67 -26.97
N LYS B 10 41.63 2.85 -27.17
CA LYS B 10 40.24 2.99 -27.60
C LYS B 10 40.15 2.68 -29.09
N HIS B 11 39.25 1.74 -29.46
CA HIS B 11 38.99 1.37 -30.84
C HIS B 11 37.53 1.67 -31.21
N SER B 12 37.21 1.71 -32.51
CA SER B 12 35.82 1.77 -32.94
C SER B 12 35.17 0.40 -32.75
N TRP B 13 33.83 0.34 -32.89
CA TRP B 13 33.05 -0.89 -32.81
C TRP B 13 33.55 -1.90 -33.83
N ASP B 14 33.77 -1.45 -35.07
CA ASP B 14 34.28 -2.31 -36.13
C ASP B 14 35.72 -2.72 -35.83
N GLY B 15 36.47 -1.84 -35.18
CA GLY B 15 37.80 -2.16 -34.72
C GLY B 15 37.78 -3.34 -33.75
N LEU B 16 36.85 -3.27 -32.78
CA LEU B 16 36.66 -4.32 -31.80
C LEU B 16 36.22 -5.61 -32.49
N ARG B 17 35.38 -5.52 -33.51
CA ARG B 17 34.93 -6.72 -34.21
C ARG B 17 36.10 -7.37 -34.95
N SER B 18 36.97 -6.54 -35.51
CA SER B 18 38.14 -7.01 -36.22
C SER B 18 39.07 -7.76 -35.26
N ILE B 19 39.29 -7.20 -34.07
CA ILE B 19 40.09 -7.85 -33.04
C ILE B 19 39.49 -9.21 -32.69
N ILE B 20 38.17 -9.26 -32.46
CA ILE B 20 37.53 -10.48 -32.00
C ILE B 20 37.54 -11.53 -33.10
N HIS B 21 37.23 -11.12 -34.34
CA HIS B 21 37.26 -12.05 -35.45
C HIS B 21 38.66 -12.62 -35.64
N GLY B 22 39.69 -11.77 -35.48
CA GLY B 22 41.08 -12.17 -35.59
C GLY B 22 41.51 -13.18 -34.54
N SER B 23 41.06 -13.00 -33.29
CA SER B 23 41.40 -13.89 -32.19
C SER B 23 40.88 -15.31 -32.42
N ARG B 24 39.72 -15.45 -33.07
CA ARG B 24 39.09 -16.74 -33.35
C ARG B 24 39.92 -17.65 -34.26
N LYS B 25 40.72 -17.05 -35.16
CA LYS B 25 41.60 -17.80 -36.05
C LYS B 25 42.75 -18.41 -35.23
N ASN B 32 36.23 -29.63 -31.88
CA ASN B 32 36.50 -30.69 -30.86
C ASN B 32 37.30 -31.79 -31.53
N LYS B 33 38.64 -31.70 -31.45
CA LYS B 33 39.53 -32.65 -32.09
C LYS B 33 39.52 -33.99 -31.37
N ALA B 34 39.35 -33.99 -30.02
CA ALA B 34 39.87 -35.06 -29.18
C ALA B 34 38.99 -36.31 -29.24
N PRO B 35 39.59 -37.51 -29.42
CA PRO B 35 38.81 -38.76 -29.38
C PRO B 35 38.36 -39.12 -27.96
N HIS B 36 37.27 -39.92 -27.85
CA HIS B 36 36.61 -40.19 -26.57
C HIS B 36 35.73 -41.44 -26.66
N ASP B 37 35.19 -41.88 -25.51
CA ASP B 37 34.38 -43.09 -25.37
C ASP B 37 35.15 -44.29 -25.91
N PHE B 38 36.28 -44.59 -25.26
CA PHE B 38 37.19 -45.63 -25.71
C PHE B 38 36.65 -47.01 -25.33
N GLN B 39 36.87 -47.97 -26.23
CA GLN B 39 36.64 -49.38 -25.98
C GLN B 39 37.81 -50.18 -26.53
N PHE B 40 38.60 -50.77 -25.61
CA PHE B 40 39.67 -51.68 -25.98
C PHE B 40 39.06 -53.06 -26.19
N VAL B 41 39.50 -53.73 -27.27
CA VAL B 41 39.18 -55.12 -27.51
C VAL B 41 40.46 -55.82 -27.95
N GLN B 42 40.80 -56.95 -27.30
CA GLN B 42 41.96 -57.73 -27.69
C GLN B 42 41.67 -58.44 -29.01
N LYS B 43 42.70 -58.46 -29.88
CA LYS B 43 42.67 -59.27 -31.09
C LYS B 43 43.35 -60.59 -30.74
N THR B 44 42.65 -61.70 -31.00
CA THR B 44 43.07 -63.03 -30.57
C THR B 44 43.55 -63.82 -31.79
N ASP B 45 44.61 -63.28 -32.39
CA ASP B 45 45.17 -63.77 -33.64
C ASP B 45 46.70 -63.61 -33.57
N GLU B 46 47.41 -64.72 -33.35
CA GLU B 46 48.86 -64.68 -33.16
C GLU B 46 49.60 -64.36 -34.47
N SER B 47 48.94 -64.57 -35.63
CA SER B 47 49.52 -64.29 -36.94
C SER B 47 49.67 -62.78 -37.20
N GLY B 48 48.63 -62.00 -36.86
CA GLY B 48 48.58 -60.57 -37.14
C GLY B 48 49.51 -59.76 -36.22
N PRO B 49 49.87 -58.50 -36.58
CA PRO B 49 50.81 -57.70 -35.78
C PRO B 49 50.21 -56.77 -34.71
N HIS B 50 48.96 -57.03 -34.31
CA HIS B 50 48.17 -56.12 -33.49
C HIS B 50 47.63 -56.82 -32.23
N SER B 51 47.87 -56.21 -31.06
CA SER B 51 47.42 -56.76 -29.79
C SER B 51 45.94 -56.46 -29.56
N HIS B 52 45.50 -55.24 -29.93
CA HIS B 52 44.14 -54.78 -29.69
C HIS B 52 43.65 -53.90 -30.83
N ARG B 53 42.32 -53.76 -30.90
CA ARG B 53 41.65 -52.67 -31.58
C ARG B 53 41.04 -51.74 -30.54
N LEU B 54 41.17 -50.43 -30.79
CA LEU B 54 40.64 -49.41 -29.91
C LEU B 54 39.52 -48.66 -30.64
N TYR B 55 38.26 -48.85 -30.19
CA TYR B 55 37.12 -48.13 -30.73
C TYR B 55 36.94 -46.82 -29.96
N TYR B 56 36.39 -45.78 -30.63
CA TYR B 56 36.17 -44.49 -30.02
C TYR B 56 35.29 -43.64 -30.94
N LEU B 57 34.83 -42.51 -30.38
CA LEU B 57 34.22 -41.42 -31.15
C LEU B 57 35.27 -40.34 -31.40
N GLY B 58 35.22 -39.71 -32.57
CA GLY B 58 36.09 -38.57 -32.86
C GLY B 58 35.75 -37.96 -34.22
N MET B 59 36.44 -36.84 -34.51
CA MET B 59 36.28 -36.10 -35.75
C MET B 59 37.65 -35.96 -36.41
N PRO B 60 37.94 -36.70 -37.49
CA PRO B 60 39.21 -36.55 -38.22
C PRO B 60 39.42 -35.18 -38.86
N TYR B 61 40.62 -34.97 -39.44
CA TYR B 61 40.89 -33.81 -40.28
C TYR B 61 40.12 -33.98 -41.58
N GLY B 62 39.48 -32.90 -42.05
CA GLY B 62 38.60 -32.96 -43.20
C GLY B 62 37.17 -33.37 -42.85
N SER B 63 37.01 -34.26 -41.86
CA SER B 63 35.72 -34.73 -41.40
C SER B 63 35.04 -33.64 -40.57
N ARG B 64 33.71 -33.52 -40.73
CA ARG B 64 32.97 -32.36 -40.27
C ARG B 64 32.02 -32.72 -39.13
N GLU B 65 31.89 -34.01 -38.77
CA GLU B 65 31.05 -34.46 -37.65
C GLU B 65 31.70 -35.68 -36.96
N ASN B 66 31.31 -35.95 -35.70
CA ASN B 66 31.78 -37.12 -34.94
C ASN B 66 31.26 -38.40 -35.58
N SER B 67 32.13 -39.41 -35.67
CA SER B 67 31.74 -40.73 -36.09
C SER B 67 32.47 -41.79 -35.25
N LEU B 68 32.01 -43.03 -35.41
CA LEU B 68 32.66 -44.20 -34.84
C LEU B 68 33.92 -44.50 -35.64
N LEU B 69 35.04 -44.63 -34.93
CA LEU B 69 36.36 -44.87 -35.51
C LEU B 69 37.03 -46.02 -34.76
N TYR B 70 38.12 -46.53 -35.34
CA TYR B 70 38.99 -47.47 -34.63
C TYR B 70 40.46 -47.18 -34.96
N SER B 71 41.34 -47.74 -34.13
CA SER B 71 42.79 -47.70 -34.34
C SER B 71 43.42 -48.99 -33.85
N GLU B 72 44.44 -49.46 -34.58
CA GLU B 72 45.09 -50.73 -34.31
C GLU B 72 46.28 -50.50 -33.38
N ILE B 73 46.27 -51.20 -32.23
CA ILE B 73 47.37 -51.15 -31.27
C ILE B 73 48.38 -52.23 -31.62
N PRO B 74 49.66 -51.88 -31.93
CA PRO B 74 50.65 -52.89 -32.32
C PRO B 74 51.11 -53.77 -31.16
N LYS B 75 51.60 -54.97 -31.50
CA LYS B 75 52.27 -55.84 -30.54
C LYS B 75 53.65 -55.27 -30.20
N LYS B 76 54.30 -54.62 -31.17
CA LYS B 76 55.67 -54.16 -31.02
C LYS B 76 55.78 -52.70 -31.50
N VAL B 77 56.58 -51.93 -30.77
CA VAL B 77 56.85 -50.53 -31.09
C VAL B 77 58.37 -50.32 -30.98
N ARG B 78 58.90 -49.44 -31.84
CA ARG B 78 60.30 -49.03 -31.80
C ARG B 78 60.51 -48.13 -30.58
N LYS B 79 61.57 -48.43 -29.81
CA LYS B 79 61.79 -47.86 -28.48
C LYS B 79 61.92 -46.33 -28.52
N GLU B 80 62.76 -45.81 -29.42
CA GLU B 80 62.94 -44.37 -29.56
C GLU B 80 62.41 -43.94 -30.93
N ALA B 81 61.11 -44.20 -31.16
CA ALA B 81 60.37 -43.63 -32.29
C ALA B 81 58.89 -43.56 -31.95
N LEU B 82 58.27 -42.40 -32.21
CA LEU B 82 56.94 -42.08 -31.71
C LEU B 82 55.90 -42.38 -32.78
N LEU B 83 54.96 -43.26 -32.45
CA LEU B 83 53.94 -43.70 -33.39
C LEU B 83 52.67 -42.88 -33.18
N LEU B 84 52.25 -42.17 -34.24
CA LEU B 84 50.93 -41.58 -34.36
C LEU B 84 50.00 -42.58 -35.02
N LEU B 85 48.95 -43.00 -34.31
CA LEU B 85 48.04 -44.02 -34.79
C LEU B 85 47.12 -43.44 -35.86
N SER B 86 46.90 -44.22 -36.93
CA SER B 86 45.96 -43.86 -37.98
C SER B 86 44.52 -44.09 -37.49
N TRP B 87 43.69 -43.05 -37.60
CA TRP B 87 42.26 -43.14 -37.32
C TRP B 87 41.54 -43.72 -38.53
N LYS B 88 41.08 -44.98 -38.40
CA LYS B 88 40.25 -45.63 -39.43
C LYS B 88 38.78 -45.33 -39.15
N GLN B 89 37.99 -45.17 -40.22
CA GLN B 89 36.55 -45.00 -40.13
C GLN B 89 35.88 -46.36 -40.06
N MET B 90 34.76 -46.43 -39.33
CA MET B 90 33.95 -47.63 -39.21
C MET B 90 32.72 -47.55 -40.12
N LEU B 91 32.31 -46.33 -40.49
CA LEU B 91 31.02 -46.10 -41.14
C LEU B 91 31.27 -45.53 -42.53
N ASP B 92 30.68 -46.19 -43.52
CA ASP B 92 30.81 -45.77 -44.91
C ASP B 92 29.86 -44.60 -45.12
N HIS B 93 30.42 -43.37 -45.11
CA HIS B 93 29.75 -42.15 -45.56
C HIS B 93 28.37 -42.05 -44.90
N PHE B 94 28.35 -41.81 -43.57
CA PHE B 94 27.13 -41.70 -42.80
C PHE B 94 27.33 -40.68 -41.67
N GLY B 120 27.74 -35.14 -34.42
CA GLY B 120 27.29 -36.31 -35.21
C GLY B 120 26.78 -37.45 -34.32
N ILE B 121 27.68 -38.38 -33.93
CA ILE B 121 27.37 -39.43 -32.96
C ILE B 121 27.98 -39.07 -31.61
N THR B 122 27.12 -38.98 -30.59
CA THR B 122 27.49 -38.45 -29.29
C THR B 122 27.82 -39.58 -28.31
N SER B 123 27.22 -40.77 -28.51
CA SER B 123 27.45 -41.95 -27.68
C SER B 123 27.03 -43.20 -28.46
N TYR B 124 27.44 -44.37 -27.95
CA TYR B 124 27.11 -45.66 -28.54
C TYR B 124 27.11 -46.72 -27.46
N ASP B 125 26.23 -47.73 -27.61
CA ASP B 125 26.26 -48.91 -26.75
C ASP B 125 26.99 -50.03 -27.49
N PHE B 126 27.79 -50.80 -26.75
CA PHE B 126 28.62 -51.82 -27.33
C PHE B 126 28.51 -53.09 -26.49
N HIS B 127 28.36 -54.23 -27.18
CA HIS B 127 28.33 -55.55 -26.55
C HIS B 127 29.58 -56.31 -27.00
N SER B 128 30.55 -56.45 -26.10
CA SER B 128 31.88 -56.89 -26.48
C SER B 128 31.86 -58.33 -27.00
N GLU B 129 31.03 -59.21 -26.42
CA GLU B 129 31.00 -60.60 -26.83
C GLU B 129 30.57 -60.73 -28.29
N SER B 130 29.42 -60.11 -28.66
CA SER B 130 28.87 -60.22 -30.00
C SER B 130 29.48 -59.21 -30.97
N GLY B 131 30.12 -58.15 -30.45
CA GLY B 131 30.68 -57.08 -31.26
C GLY B 131 29.64 -56.16 -31.89
N LEU B 132 28.45 -56.07 -31.26
CA LEU B 132 27.35 -55.27 -31.76
C LEU B 132 27.48 -53.84 -31.22
N PHE B 133 27.45 -52.87 -32.14
CA PHE B 133 27.38 -51.46 -31.81
C PHE B 133 25.97 -50.96 -32.09
N LEU B 134 25.43 -50.14 -31.16
CA LEU B 134 24.09 -49.58 -31.27
C LEU B 134 24.15 -48.10 -30.93
N PHE B 135 23.47 -47.26 -31.74
CA PHE B 135 23.60 -45.82 -31.61
C PHE B 135 22.46 -45.10 -32.34
N GLN B 136 22.07 -43.92 -31.81
CA GLN B 136 21.19 -42.99 -32.51
C GLN B 136 22.01 -42.16 -33.48
N ALA B 137 21.38 -41.80 -34.61
CA ALA B 137 22.02 -41.03 -35.67
C ALA B 137 20.97 -40.68 -36.71
N SER B 138 20.95 -39.41 -37.13
CA SER B 138 20.08 -38.95 -38.20
C SER B 138 18.60 -39.23 -37.89
N ASN B 139 18.21 -38.99 -36.62
CA ASN B 139 16.84 -39.13 -36.15
C ASN B 139 16.31 -40.56 -36.32
N SER B 140 17.16 -41.57 -36.11
CA SER B 140 16.73 -42.96 -36.15
C SER B 140 17.70 -43.81 -35.31
N LEU B 141 17.53 -45.14 -35.37
CA LEU B 141 18.43 -46.08 -34.70
C LEU B 141 19.21 -46.86 -35.75
N PHE B 142 20.51 -47.08 -35.51
CA PHE B 142 21.38 -47.82 -36.41
C PHE B 142 22.26 -48.77 -35.59
N HIS B 143 22.89 -49.71 -36.29
CA HIS B 143 23.76 -50.69 -35.65
C HIS B 143 24.83 -51.16 -36.65
N CYS B 144 25.91 -51.72 -36.11
CA CYS B 144 26.92 -52.39 -36.91
C CYS B 144 27.63 -53.44 -36.06
N ARG B 145 28.41 -54.31 -36.70
CA ARG B 145 29.11 -55.40 -36.04
C ARG B 145 30.58 -55.37 -36.41
N ASP B 146 31.45 -55.67 -35.44
CA ASP B 146 32.89 -55.78 -35.66
C ASP B 146 33.47 -56.56 -34.47
N GLY B 147 34.36 -57.52 -34.76
CA GLY B 147 34.80 -58.48 -33.76
C GLY B 147 33.78 -59.61 -33.57
N GLY B 148 34.03 -60.48 -32.58
CA GLY B 148 33.22 -61.68 -32.36
C GLY B 148 33.34 -62.66 -33.53
N LYS B 149 32.23 -63.34 -33.86
CA LYS B 149 32.17 -64.26 -35.00
C LYS B 149 32.34 -63.52 -36.32
N ASN B 150 31.90 -62.24 -36.38
CA ASN B 150 31.88 -61.46 -37.61
C ASN B 150 33.30 -61.15 -38.13
N GLY B 151 34.28 -61.07 -37.22
CA GLY B 151 35.65 -60.73 -37.59
C GLY B 151 35.83 -59.24 -37.86
N PHE B 152 37.09 -58.80 -38.04
CA PHE B 152 37.45 -57.38 -38.04
C PHE B 152 37.44 -56.82 -39.46
N MET B 153 36.67 -55.75 -39.65
CA MET B 153 36.67 -54.98 -40.88
C MET B 153 38.06 -54.37 -41.13
N VAL B 154 38.39 -54.13 -42.41
CA VAL B 154 39.58 -53.40 -42.82
C VAL B 154 39.21 -52.14 -43.60
N SER B 155 37.90 -51.89 -43.80
CA SER B 155 37.44 -50.66 -44.45
C SER B 155 35.98 -50.40 -44.12
N PRO B 156 35.51 -49.14 -44.10
CA PRO B 156 34.21 -48.80 -43.51
C PRO B 156 33.03 -49.59 -44.08
N MET B 157 32.10 -49.99 -43.19
CA MET B 157 30.90 -50.72 -43.56
C MET B 157 29.69 -49.82 -43.36
N LYS B 158 28.60 -50.12 -44.08
CA LYS B 158 27.39 -49.33 -44.08
C LYS B 158 26.58 -49.74 -42.84
N PRO B 159 26.11 -48.77 -42.02
CA PRO B 159 25.31 -49.09 -40.83
C PRO B 159 23.86 -49.38 -41.22
N LEU B 160 23.34 -50.53 -40.79
CA LEU B 160 21.96 -50.91 -41.07
C LEU B 160 21.05 -50.20 -40.06
N GLU B 161 20.06 -49.46 -40.57
CA GLU B 161 19.02 -48.84 -39.77
C GLU B 161 18.11 -49.91 -39.16
N ILE B 162 17.43 -49.54 -38.07
CA ILE B 162 16.45 -50.39 -37.40
C ILE B 162 15.09 -49.77 -37.64
N LYS B 163 14.23 -50.55 -38.34
CA LYS B 163 12.88 -50.13 -38.68
C LYS B 163 12.00 -50.21 -37.43
N THR B 164 10.92 -49.42 -37.41
CA THR B 164 10.00 -49.34 -36.28
C THR B 164 8.61 -48.90 -36.77
N GLN B 165 7.57 -49.32 -36.03
CA GLN B 165 6.22 -48.82 -36.22
C GLN B 165 5.87 -47.76 -35.15
N CYS B 166 6.85 -47.34 -34.32
CA CYS B 166 6.61 -46.39 -33.25
C CYS B 166 6.51 -44.97 -33.79
N SER B 167 5.59 -44.18 -33.21
CA SER B 167 5.49 -42.75 -33.49
C SER B 167 6.49 -41.97 -32.63
N GLY B 168 7.24 -41.06 -33.27
CA GLY B 168 8.13 -40.17 -32.56
C GLY B 168 9.45 -40.86 -32.18
N PRO B 169 10.35 -40.15 -31.47
CA PRO B 169 11.71 -40.64 -31.24
C PRO B 169 11.79 -41.91 -30.39
N ARG B 170 12.82 -42.71 -30.66
CA ARG B 170 13.18 -43.84 -29.82
C ARG B 170 14.43 -43.44 -29.04
N MET B 171 14.24 -43.11 -27.76
CA MET B 171 15.26 -42.47 -26.96
C MET B 171 15.96 -43.49 -26.06
N ASP B 172 17.21 -43.16 -25.68
CA ASP B 172 17.97 -43.88 -24.68
C ASP B 172 18.05 -45.36 -25.02
N PRO B 173 18.52 -45.74 -26.23
CA PRO B 173 18.64 -47.15 -26.62
C PRO B 173 19.77 -47.87 -25.90
N LYS B 174 19.54 -49.14 -25.55
CA LYS B 174 20.53 -49.95 -24.87
C LYS B 174 20.36 -51.41 -25.27
N ILE B 175 21.49 -52.07 -25.51
CA ILE B 175 21.54 -53.47 -25.88
C ILE B 175 21.22 -54.30 -24.64
N CYS B 176 20.53 -55.43 -24.84
CA CYS B 176 20.25 -56.37 -23.76
C CYS B 176 21.53 -57.16 -23.45
N PRO B 177 22.11 -57.06 -22.23
CA PRO B 177 23.39 -57.73 -21.94
C PRO B 177 23.35 -59.25 -22.03
N ALA B 178 22.26 -59.86 -21.54
CA ALA B 178 22.16 -61.32 -21.50
C ALA B 178 21.97 -61.91 -22.91
N ASP B 179 21.41 -61.12 -23.84
CA ASP B 179 21.08 -61.60 -25.17
C ASP B 179 21.02 -60.42 -26.13
N PRO B 180 22.06 -60.20 -26.97
CA PRO B 180 22.14 -59.02 -27.81
C PRO B 180 21.22 -58.99 -29.04
N ALA B 181 20.40 -60.03 -29.21
CA ALA B 181 19.29 -59.98 -30.15
C ALA B 181 18.30 -58.88 -29.78
N PHE B 182 18.19 -58.59 -28.49
CA PHE B 182 17.24 -57.59 -28.02
C PHE B 182 17.95 -56.29 -27.66
N PHE B 183 17.17 -55.21 -27.66
CA PHE B 183 17.59 -53.90 -27.20
C PHE B 183 16.34 -53.16 -26.70
N SER B 184 16.58 -52.11 -25.91
CA SER B 184 15.51 -51.35 -25.27
C SER B 184 15.52 -49.93 -25.80
N PHE B 185 14.40 -49.22 -25.63
CA PHE B 185 14.33 -47.79 -25.92
C PHE B 185 13.10 -47.20 -25.22
N ILE B 186 13.06 -45.87 -25.17
CA ILE B 186 11.91 -45.16 -24.63
C ILE B 186 11.17 -44.49 -25.77
N ASN B 187 9.84 -44.60 -25.74
CA ASN B 187 8.98 -44.04 -26.77
C ASN B 187 7.71 -43.51 -26.12
N ASN B 188 7.47 -42.21 -26.25
CA ASN B 188 6.34 -41.52 -25.63
C ASN B 188 6.21 -41.90 -24.15
N SER B 189 7.31 -41.74 -23.43
CA SER B 189 7.41 -41.93 -21.98
C SER B 189 7.06 -43.34 -21.54
N ASP B 190 7.43 -44.34 -22.34
CA ASP B 190 7.27 -45.73 -21.94
C ASP B 190 8.42 -46.57 -22.48
N LEU B 191 8.65 -47.69 -21.80
CA LEU B 191 9.76 -48.57 -22.13
C LEU B 191 9.30 -49.60 -23.17
N TRP B 192 10.12 -49.77 -24.20
CA TRP B 192 9.90 -50.77 -25.24
C TRP B 192 11.14 -51.65 -25.35
N VAL B 193 10.96 -52.91 -25.77
CA VAL B 193 12.06 -53.71 -26.28
C VAL B 193 11.74 -54.14 -27.70
N ALA B 194 12.80 -54.45 -28.44
CA ALA B 194 12.68 -54.88 -29.81
C ALA B 194 13.76 -55.92 -30.10
N ASN B 195 13.59 -56.62 -31.22
CA ASN B 195 14.50 -57.66 -31.64
C ASN B 195 15.17 -57.19 -32.92
N ILE B 196 16.50 -57.09 -32.88
CA ILE B 196 17.26 -56.49 -33.95
C ILE B 196 17.26 -57.42 -35.16
N GLU B 197 17.15 -58.74 -34.92
CA GLU B 197 17.10 -59.76 -35.97
C GLU B 197 15.70 -59.81 -36.58
N THR B 198 14.67 -60.10 -35.76
CA THR B 198 13.34 -60.38 -36.26
C THR B 198 12.65 -59.09 -36.67
N GLY B 199 12.93 -57.99 -35.95
CA GLY B 199 12.25 -56.71 -36.18
C GLY B 199 10.99 -56.54 -35.33
N GLU B 200 10.70 -57.50 -34.44
CA GLU B 200 9.54 -57.43 -33.54
C GLU B 200 9.80 -56.34 -32.50
N GLU B 201 8.74 -55.58 -32.16
CA GLU B 201 8.77 -54.60 -31.09
C GLU B 201 7.61 -54.89 -30.13
N ARG B 202 7.88 -54.82 -28.83
CA ARG B 202 6.83 -54.92 -27.83
C ARG B 202 7.00 -53.81 -26.80
N ARG B 203 5.91 -53.10 -26.53
CA ARG B 203 5.81 -52.14 -25.45
C ARG B 203 5.72 -52.88 -24.11
N LEU B 204 6.46 -52.41 -23.09
CA LEU B 204 6.50 -53.07 -21.80
C LEU B 204 5.71 -52.31 -20.74
N THR B 205 5.76 -50.98 -20.73
CA THR B 205 5.06 -50.17 -19.74
C THR B 205 3.94 -49.40 -20.42
N PHE B 206 2.88 -49.14 -19.63
CA PHE B 206 1.65 -48.52 -20.11
C PHE B 206 1.31 -47.36 -19.16
N CYS B 207 2.32 -46.53 -18.85
CA CYS B 207 2.15 -45.33 -18.05
C CYS B 207 1.49 -44.21 -18.84
N HIS B 208 1.91 -44.05 -20.09
CA HIS B 208 1.56 -42.89 -20.87
C HIS B 208 0.37 -43.24 -21.75
N GLN B 209 -0.78 -42.64 -21.44
CA GLN B 209 -2.02 -42.88 -22.16
C GLN B 209 -1.99 -42.22 -23.53
N GLY B 210 -1.16 -41.18 -23.70
CA GLY B 210 -1.05 -40.46 -24.96
C GLY B 210 -2.26 -39.57 -25.22
N LEU B 211 -2.75 -38.91 -24.15
CA LEU B 211 -3.96 -38.12 -24.18
C LEU B 211 -3.71 -36.85 -25.00
N SER B 212 -4.83 -36.20 -25.37
CA SER B 212 -4.82 -34.88 -25.99
C SER B 212 -4.19 -33.86 -25.05
N ASN B 213 -4.75 -33.77 -23.82
CA ASN B 213 -4.16 -32.94 -22.79
C ASN B 213 -2.97 -33.67 -22.16
N VAL B 214 -1.76 -33.14 -22.37
CA VAL B 214 -0.52 -33.73 -21.88
C VAL B 214 -0.45 -33.55 -20.36
N LEU B 215 -1.05 -32.48 -19.84
CA LEU B 215 -1.06 -32.18 -18.42
C LEU B 215 -1.95 -33.15 -17.65
N ASP B 216 -2.87 -33.82 -18.34
CA ASP B 216 -3.68 -34.88 -17.73
C ASP B 216 -2.99 -36.25 -17.79
N ASP B 217 -1.78 -36.29 -18.38
CA ASP B 217 -1.11 -37.53 -18.69
C ASP B 217 0.28 -37.54 -18.06
N PRO B 218 0.37 -37.58 -16.70
CA PRO B 218 1.56 -37.17 -15.95
C PRO B 218 2.60 -38.22 -15.58
N LYS B 219 2.48 -39.45 -16.12
CA LYS B 219 3.32 -40.56 -15.73
C LYS B 219 4.32 -40.90 -16.83
N SER B 220 5.53 -41.29 -16.41
CA SER B 220 6.55 -41.84 -17.29
C SER B 220 7.09 -43.15 -16.74
N ALA B 221 7.66 -43.97 -17.62
CA ALA B 221 8.51 -45.07 -17.18
C ALA B 221 9.82 -45.06 -17.95
N GLY B 222 10.94 -45.21 -17.23
CA GLY B 222 12.25 -45.39 -17.83
C GLY B 222 12.99 -44.06 -18.07
N VAL B 223 12.44 -42.97 -17.53
CA VAL B 223 12.79 -41.62 -17.94
C VAL B 223 13.31 -40.86 -16.73
N ALA B 224 14.39 -40.11 -16.97
CA ALA B 224 14.92 -39.16 -15.99
C ALA B 224 14.19 -37.82 -16.15
N THR B 225 13.57 -37.34 -15.06
CA THR B 225 12.85 -36.07 -15.04
C THR B 225 13.87 -34.92 -14.93
N PHE B 226 13.35 -33.69 -14.98
CA PHE B 226 14.16 -32.51 -15.17
C PHE B 226 15.29 -32.43 -14.13
N VAL B 227 14.93 -32.44 -12.83
CA VAL B 227 15.90 -32.23 -11.76
C VAL B 227 16.91 -33.36 -11.70
N ILE B 228 16.49 -34.59 -12.04
CA ILE B 228 17.38 -35.74 -11.99
C ILE B 228 18.49 -35.56 -13.03
N GLN B 229 18.11 -35.08 -14.23
CA GLN B 229 19.07 -34.85 -15.29
C GLN B 229 19.96 -33.65 -14.99
N GLU B 230 19.32 -32.54 -14.64
CA GLU B 230 19.99 -31.25 -14.52
C GLU B 230 20.84 -31.22 -13.26
N GLU B 231 20.34 -31.74 -12.12
CA GLU B 231 20.97 -31.51 -10.82
C GLU B 231 21.59 -32.78 -10.23
N PHE B 232 21.26 -33.98 -10.75
CA PHE B 232 21.79 -35.21 -10.19
C PHE B 232 22.60 -36.01 -11.21
N ASP B 233 22.73 -35.50 -12.44
CA ASP B 233 23.64 -36.05 -13.44
C ASP B 233 23.26 -37.49 -13.80
N ARG B 234 21.96 -37.81 -13.79
CA ARG B 234 21.44 -39.09 -14.25
C ARG B 234 20.52 -38.86 -15.44
N PHE B 235 20.76 -39.58 -16.55
CA PHE B 235 20.06 -39.35 -17.81
C PHE B 235 19.24 -40.57 -18.26
N THR B 236 19.02 -41.55 -17.37
CA THR B 236 18.28 -42.76 -17.68
C THR B 236 17.44 -43.10 -16.47
N GLY B 237 16.33 -43.80 -16.73
CA GLY B 237 15.47 -44.27 -15.67
C GLY B 237 15.22 -45.77 -15.79
N TYR B 238 16.15 -46.50 -16.41
CA TYR B 238 16.01 -47.95 -16.50
C TYR B 238 17.38 -48.58 -16.62
N TRP B 239 17.43 -49.87 -16.25
CA TRP B 239 18.68 -50.61 -16.06
C TRP B 239 18.41 -52.08 -16.36
N TRP B 240 19.01 -52.58 -17.45
CA TRP B 240 18.92 -53.98 -17.83
C TRP B 240 19.47 -54.85 -16.71
N CYS B 241 18.74 -55.91 -16.40
CA CYS B 241 19.30 -57.03 -15.68
C CYS B 241 20.38 -57.66 -16.55
N PRO B 242 21.60 -57.94 -16.04
CA PRO B 242 22.66 -58.53 -16.86
C PRO B 242 22.47 -60.01 -17.20
N THR B 243 21.53 -60.70 -16.53
CA THR B 243 21.38 -62.14 -16.66
C THR B 243 19.93 -62.50 -17.00
N ALA B 244 19.79 -63.66 -17.65
CA ALA B 244 18.50 -64.25 -17.97
C ALA B 244 18.11 -65.27 -16.90
N SER B 245 16.79 -65.46 -16.72
CA SER B 245 16.27 -66.44 -15.77
C SER B 245 15.21 -67.31 -16.46
N TRP B 246 14.82 -68.40 -15.78
CA TRP B 246 14.08 -69.52 -16.39
C TRP B 246 12.97 -70.04 -15.46
N GLU B 247 12.25 -69.13 -14.78
CA GLU B 247 11.14 -69.51 -13.93
C GLU B 247 9.97 -69.90 -14.82
N GLY B 248 9.15 -70.85 -14.36
CA GLY B 248 8.10 -71.44 -15.16
C GLY B 248 8.54 -72.79 -15.70
N SER B 249 7.63 -73.77 -15.65
CA SER B 249 7.89 -75.11 -16.16
C SER B 249 7.98 -75.13 -17.69
N GLU B 250 7.50 -74.07 -18.35
CA GLU B 250 7.42 -74.03 -19.81
C GLU B 250 8.81 -73.89 -20.45
N GLY B 251 9.81 -73.47 -19.67
CA GLY B 251 11.18 -73.37 -20.14
C GLY B 251 11.43 -72.10 -20.96
N LEU B 252 10.58 -71.08 -20.83
CA LEU B 252 10.79 -69.77 -21.45
C LEU B 252 11.92 -69.02 -20.75
N LYS B 253 12.66 -68.20 -21.51
CA LYS B 253 13.70 -67.34 -20.97
C LYS B 253 13.07 -66.00 -20.58
N THR B 254 13.34 -65.57 -19.34
CA THR B 254 12.90 -64.28 -18.82
C THR B 254 14.07 -63.30 -18.84
N LEU B 255 13.80 -62.12 -19.39
CA LEU B 255 14.69 -60.97 -19.37
C LEU B 255 14.00 -59.88 -18.56
N ARG B 256 14.79 -59.10 -17.82
CA ARG B 256 14.29 -58.12 -16.88
C ARG B 256 14.89 -56.74 -17.10
N ILE B 257 14.06 -55.72 -16.87
CA ILE B 257 14.52 -54.35 -16.80
C ILE B 257 13.97 -53.71 -15.52
N LEU B 258 14.86 -53.31 -14.60
CA LEU B 258 14.55 -52.38 -13.52
C LEU B 258 14.29 -51.00 -14.10
N TYR B 259 13.32 -50.27 -13.54
CA TYR B 259 13.01 -48.94 -14.06
C TYR B 259 12.35 -48.06 -12.99
N GLU B 260 12.50 -46.74 -13.18
CA GLU B 260 11.83 -45.75 -12.36
C GLU B 260 10.54 -45.33 -13.06
N GLU B 261 9.41 -45.45 -12.34
CA GLU B 261 8.14 -44.87 -12.74
C GLU B 261 7.93 -43.59 -11.96
N VAL B 262 7.46 -42.52 -12.62
CA VAL B 262 7.30 -41.22 -11.97
C VAL B 262 5.89 -40.70 -12.28
N ASP B 263 5.34 -39.97 -11.30
CA ASP B 263 4.11 -39.25 -11.49
C ASP B 263 4.35 -37.80 -11.12
N GLU B 264 4.26 -36.92 -12.14
CA GLU B 264 4.60 -35.52 -11.98
C GLU B 264 3.35 -34.65 -11.85
N SER B 265 2.20 -35.24 -11.52
CA SER B 265 0.93 -34.53 -11.51
C SER B 265 0.98 -33.32 -10.59
N GLU B 266 1.59 -33.46 -9.40
CA GLU B 266 1.63 -32.38 -8.42
C GLU B 266 2.80 -31.41 -8.66
N VAL B 267 3.63 -31.64 -9.69
CA VAL B 267 4.77 -30.78 -9.96
C VAL B 267 4.27 -29.54 -10.69
N GLU B 268 4.81 -28.38 -10.28
CA GLU B 268 4.50 -27.12 -10.92
C GLU B 268 4.99 -27.10 -12.37
N VAL B 269 4.23 -26.39 -13.22
CA VAL B 269 4.50 -26.31 -14.64
C VAL B 269 4.93 -24.89 -14.97
N ILE B 270 5.94 -24.76 -15.83
CA ILE B 270 6.42 -23.48 -16.32
C ILE B 270 6.63 -23.60 -17.82
N HIS B 271 6.59 -22.46 -18.51
CA HIS B 271 6.71 -22.42 -19.96
C HIS B 271 7.99 -21.67 -20.32
N VAL B 272 8.83 -22.25 -21.19
CA VAL B 272 10.07 -21.64 -21.65
C VAL B 272 9.95 -21.49 -23.17
N PRO B 273 10.31 -20.34 -23.76
CA PRO B 273 10.27 -20.19 -25.21
C PRO B 273 10.99 -21.29 -26.00
N SER B 274 10.29 -21.82 -27.01
CA SER B 274 10.81 -22.83 -27.92
C SER B 274 11.91 -22.22 -28.82
N PRO B 275 12.89 -23.01 -29.31
CA PRO B 275 13.91 -22.51 -30.23
C PRO B 275 13.49 -21.87 -31.55
N ALA B 276 12.37 -22.34 -32.13
CA ALA B 276 11.83 -21.72 -33.34
C ALA B 276 11.08 -20.43 -32.97
N LEU B 277 11.82 -19.32 -32.88
CA LEU B 277 11.27 -18.05 -32.40
C LEU B 277 10.04 -17.60 -33.18
N GLU B 278 10.07 -17.83 -34.49
CA GLU B 278 9.06 -17.30 -35.41
C GLU B 278 7.70 -17.94 -35.15
N GLU B 279 7.68 -19.08 -34.45
CA GLU B 279 6.44 -19.76 -34.08
C GLU B 279 5.80 -19.14 -32.83
N ARG B 280 6.57 -18.42 -32.01
CA ARG B 280 6.08 -17.74 -30.82
C ARG B 280 5.33 -18.71 -29.89
N LYS B 281 5.93 -19.89 -29.69
CA LYS B 281 5.43 -20.89 -28.76
C LYS B 281 6.47 -21.12 -27.66
N THR B 282 6.01 -21.82 -26.64
CA THR B 282 6.84 -22.26 -25.53
C THR B 282 6.69 -23.77 -25.41
N ASP B 283 7.62 -24.37 -24.65
CA ASP B 283 7.53 -25.75 -24.22
C ASP B 283 7.23 -25.78 -22.72
N SER B 284 6.36 -26.70 -22.30
CA SER B 284 6.06 -26.91 -20.89
C SER B 284 7.14 -27.76 -20.22
N TYR B 285 7.54 -27.36 -19.02
CA TYR B 285 8.41 -28.11 -18.14
C TYR B 285 7.67 -28.34 -16.84
N ARG B 286 7.76 -29.57 -16.34
CA ARG B 286 7.50 -29.83 -14.93
C ARG B 286 8.74 -29.41 -14.15
N TYR B 287 8.67 -28.25 -13.47
CA TYR B 287 9.83 -27.63 -12.84
C TYR B 287 9.62 -27.61 -11.33
N PRO B 288 10.26 -28.52 -10.57
CA PRO B 288 10.18 -28.48 -9.11
C PRO B 288 11.01 -27.32 -8.57
N ARG B 289 10.36 -26.18 -8.28
CA ARG B 289 11.08 -25.07 -7.66
C ARG B 289 11.31 -25.38 -6.18
N THR B 290 12.37 -24.76 -5.63
CA THR B 290 12.77 -25.03 -4.26
C THR B 290 11.55 -24.90 -3.35
N GLY B 291 11.36 -25.91 -2.47
CA GLY B 291 10.25 -25.92 -1.53
C GLY B 291 8.94 -26.49 -2.08
N SER B 292 8.83 -26.72 -3.39
CA SER B 292 7.61 -27.24 -4.00
C SER B 292 7.75 -28.75 -4.20
N LYS B 293 6.70 -29.39 -4.75
CA LYS B 293 6.64 -30.85 -4.84
C LYS B 293 7.58 -31.35 -5.92
N ASN B 294 8.37 -32.38 -5.57
CA ASN B 294 9.10 -33.17 -6.55
C ASN B 294 8.16 -34.26 -7.06
N PRO B 295 8.49 -35.00 -8.15
CA PRO B 295 7.69 -36.14 -8.58
C PRO B 295 7.53 -37.20 -7.50
N LYS B 296 6.39 -37.91 -7.54
CA LYS B 296 6.22 -39.17 -6.87
C LYS B 296 6.93 -40.23 -7.71
N ILE B 297 7.77 -41.05 -7.05
CA ILE B 297 8.65 -41.98 -7.73
C ILE B 297 8.44 -43.38 -7.16
N ALA B 298 8.89 -44.37 -7.95
CA ALA B 298 8.86 -45.76 -7.55
C ALA B 298 9.76 -46.58 -8.47
N LEU B 299 10.46 -47.56 -7.89
CA LEU B 299 11.17 -48.57 -8.66
C LEU B 299 10.24 -49.73 -8.93
N LYS B 300 10.29 -50.18 -10.19
CA LYS B 300 9.44 -51.24 -10.70
C LYS B 300 10.27 -52.17 -11.57
N LEU B 301 9.66 -53.31 -11.93
CA LEU B 301 10.34 -54.32 -12.71
C LEU B 301 9.50 -54.69 -13.93
N ALA B 302 10.07 -54.55 -15.14
CA ALA B 302 9.46 -55.00 -16.37
C ALA B 302 10.15 -56.29 -16.79
N GLU B 303 9.35 -57.30 -17.12
CA GLU B 303 9.84 -58.60 -17.56
C GLU B 303 9.18 -58.97 -18.87
N PHE B 304 9.90 -59.76 -19.67
CA PHE B 304 9.29 -60.33 -20.85
C PHE B 304 9.97 -61.66 -21.15
N GLN B 305 9.17 -62.58 -21.71
CA GLN B 305 9.59 -63.96 -21.94
C GLN B 305 9.84 -64.15 -23.42
N THR B 306 10.91 -64.90 -23.74
CA THR B 306 11.25 -65.20 -25.12
C THR B 306 11.40 -66.72 -25.28
N ASP B 307 11.10 -67.20 -26.50
CA ASP B 307 11.13 -68.60 -26.85
C ASP B 307 12.45 -68.92 -27.53
N SER B 308 12.58 -70.15 -28.05
CA SER B 308 13.80 -70.59 -28.73
C SER B 308 14.05 -69.80 -30.02
N GLN B 309 12.97 -69.35 -30.68
CA GLN B 309 13.07 -68.60 -31.92
C GLN B 309 13.39 -67.13 -31.66
N GLY B 310 13.22 -66.68 -30.42
CA GLY B 310 13.47 -65.29 -30.03
C GLY B 310 12.23 -64.41 -30.18
N LYS B 311 11.04 -65.04 -30.16
CA LYS B 311 9.77 -64.33 -30.23
C LYS B 311 9.34 -63.99 -28.82
N ILE B 312 8.72 -62.82 -28.64
CA ILE B 312 8.32 -62.36 -27.32
C ILE B 312 6.92 -62.89 -27.04
N VAL B 313 6.87 -63.93 -26.21
CA VAL B 313 5.68 -64.64 -25.81
C VAL B 313 4.86 -63.83 -24.79
N SER B 314 5.51 -63.15 -23.85
CA SER B 314 4.77 -62.40 -22.83
C SER B 314 5.57 -61.21 -22.31
N THR B 315 4.85 -60.29 -21.69
CA THR B 315 5.40 -59.12 -21.01
C THR B 315 4.62 -58.94 -19.71
N GLN B 316 5.23 -58.29 -18.72
CA GLN B 316 4.59 -58.11 -17.43
C GLN B 316 5.23 -56.96 -16.66
N GLU B 317 4.40 -56.02 -16.23
CA GLU B 317 4.74 -54.97 -15.27
C GLU B 317 4.63 -55.55 -13.86
N LYS B 318 5.75 -55.63 -13.13
CA LYS B 318 5.74 -55.99 -11.72
C LYS B 318 6.10 -54.78 -10.85
N GLU B 319 5.77 -54.84 -9.55
CA GLU B 319 5.99 -53.74 -8.63
C GLU B 319 6.19 -54.27 -7.20
N LEU B 320 6.80 -53.45 -6.35
CA LEU B 320 7.13 -53.83 -4.98
C LEU B 320 5.86 -54.32 -4.27
N VAL B 321 6.03 -55.35 -3.44
CA VAL B 321 4.92 -56.08 -2.85
C VAL B 321 4.17 -55.14 -1.92
N GLN B 322 4.90 -54.29 -1.19
CA GLN B 322 4.31 -53.14 -0.52
C GLN B 322 4.70 -51.88 -1.31
N PRO B 323 3.90 -50.80 -1.24
CA PRO B 323 4.26 -49.55 -1.91
C PRO B 323 5.65 -49.02 -1.52
N PHE B 324 6.34 -48.47 -2.52
CA PHE B 324 7.64 -47.82 -2.35
C PHE B 324 7.59 -46.80 -1.21
N SER B 325 6.51 -46.02 -1.14
CA SER B 325 6.37 -45.00 -0.11
C SER B 325 6.23 -45.59 1.29
N SER B 326 5.70 -46.82 1.39
CA SER B 326 5.60 -47.53 2.67
C SER B 326 6.97 -48.03 3.09
N LEU B 327 7.66 -48.75 2.19
CA LEU B 327 8.94 -49.38 2.48
C LEU B 327 10.02 -48.34 2.74
N PHE B 328 10.03 -47.26 1.95
CA PHE B 328 11.11 -46.29 2.00
C PHE B 328 10.49 -44.89 2.15
N PRO B 329 9.86 -44.62 3.32
CA PRO B 329 9.08 -43.40 3.48
C PRO B 329 9.85 -42.08 3.46
N LYS B 330 11.16 -42.09 3.74
CA LYS B 330 11.92 -40.84 3.81
C LYS B 330 12.75 -40.61 2.54
N VAL B 331 12.53 -41.41 1.48
CA VAL B 331 13.26 -41.25 0.23
C VAL B 331 12.56 -40.20 -0.65
N GLU B 332 13.34 -39.18 -1.06
CA GLU B 332 12.87 -38.15 -1.99
C GLU B 332 13.34 -38.46 -3.42
N TYR B 333 14.58 -38.97 -3.58
CA TYR B 333 15.21 -39.06 -4.89
C TYR B 333 15.86 -40.43 -5.06
N ILE B 334 15.77 -40.99 -6.28
CA ILE B 334 16.60 -42.11 -6.69
C ILE B 334 17.83 -41.53 -7.39
N ALA B 335 18.98 -41.59 -6.72
CA ALA B 335 20.19 -41.01 -7.28
C ALA B 335 20.67 -41.90 -8.42
N ARG B 336 20.79 -43.20 -8.13
CA ARG B 336 21.39 -44.17 -9.01
C ARG B 336 20.74 -45.53 -8.77
N ALA B 337 20.93 -46.46 -9.71
CA ALA B 337 20.44 -47.82 -9.57
C ALA B 337 21.19 -48.74 -10.53
N GLY B 338 20.97 -50.04 -10.39
CA GLY B 338 21.60 -51.02 -11.24
C GLY B 338 21.43 -52.42 -10.67
N TRP B 339 22.34 -53.34 -11.01
CA TRP B 339 22.22 -54.75 -10.66
C TRP B 339 23.57 -55.30 -10.23
N THR B 340 23.55 -56.32 -9.38
CA THR B 340 24.73 -57.16 -9.18
C THR B 340 24.99 -57.91 -10.48
N ARG B 341 26.23 -58.39 -10.67
CA ARG B 341 26.66 -58.88 -11.97
C ARG B 341 25.93 -60.18 -12.32
N ASP B 342 25.51 -60.92 -11.29
CA ASP B 342 24.77 -62.17 -11.42
C ASP B 342 23.27 -61.94 -11.61
N GLY B 343 22.79 -60.70 -11.44
CA GLY B 343 21.38 -60.40 -11.57
C GLY B 343 20.57 -60.80 -10.34
N LYS B 344 21.25 -61.26 -9.27
CA LYS B 344 20.58 -61.77 -8.09
C LYS B 344 19.82 -60.65 -7.41
N TYR B 345 20.45 -59.47 -7.31
CA TYR B 345 19.84 -58.29 -6.73
C TYR B 345 19.91 -57.10 -7.68
N ALA B 346 18.79 -56.38 -7.76
CA ALA B 346 18.77 -54.98 -8.17
C ALA B 346 19.26 -54.13 -6.99
N TRP B 347 19.85 -52.98 -7.27
CA TRP B 347 20.25 -52.07 -6.21
C TRP B 347 19.93 -50.64 -6.59
N ALA B 348 19.67 -49.85 -5.57
CA ALA B 348 19.34 -48.45 -5.76
C ALA B 348 20.04 -47.64 -4.68
N MET B 349 20.43 -46.42 -5.08
CA MET B 349 21.03 -45.45 -4.19
C MET B 349 19.99 -44.36 -3.94
N PHE B 350 19.49 -44.25 -2.69
CA PHE B 350 18.38 -43.38 -2.33
C PHE B 350 18.85 -42.15 -1.54
N LEU B 351 18.09 -41.04 -1.61
CA LEU B 351 18.40 -39.79 -0.90
C LEU B 351 17.13 -39.25 -0.25
N ASP B 352 17.26 -38.73 0.98
CA ASP B 352 16.16 -37.97 1.58
C ASP B 352 16.13 -36.59 0.96
N ARG B 353 15.09 -35.82 1.26
CA ARG B 353 14.89 -34.54 0.62
C ARG B 353 15.97 -33.55 1.04
N PRO B 354 16.39 -33.46 2.32
CA PRO B 354 17.51 -32.59 2.72
C PRO B 354 18.87 -32.93 2.11
N GLN B 355 19.00 -34.14 1.55
CA GLN B 355 20.22 -34.62 0.92
C GLN B 355 21.33 -34.76 1.97
N GLN B 356 20.95 -35.26 3.16
CA GLN B 356 21.85 -35.47 4.28
C GLN B 356 21.86 -36.93 4.75
N TRP B 357 21.16 -37.79 4.00
CA TRP B 357 20.97 -39.19 4.34
C TRP B 357 20.85 -39.96 3.04
N LEU B 358 21.86 -40.78 2.73
CA LEU B 358 21.82 -41.71 1.60
C LEU B 358 21.77 -43.14 2.12
N GLN B 359 21.08 -44.01 1.36
CA GLN B 359 21.12 -45.45 1.56
C GLN B 359 21.41 -46.18 0.25
N LEU B 360 22.28 -47.19 0.32
CA LEU B 360 22.36 -48.22 -0.71
C LEU B 360 21.49 -49.40 -0.29
N VAL B 361 20.54 -49.79 -1.16
CA VAL B 361 19.56 -50.81 -0.87
C VAL B 361 19.58 -51.87 -1.96
N LEU B 362 19.66 -53.13 -1.55
CA LEU B 362 19.47 -54.26 -2.45
C LEU B 362 17.99 -54.62 -2.48
N LEU B 363 17.48 -54.85 -3.69
CA LEU B 363 16.10 -55.26 -3.90
C LEU B 363 16.11 -56.52 -4.75
N PRO B 364 15.72 -57.70 -4.20
CA PRO B 364 15.65 -58.93 -4.99
C PRO B 364 14.41 -58.93 -5.86
N PRO B 365 14.48 -59.46 -7.11
CA PRO B 365 13.33 -59.57 -8.00
C PRO B 365 12.06 -60.23 -7.44
N ALA B 366 12.24 -61.17 -6.49
CA ALA B 366 11.16 -61.86 -5.81
C ALA B 366 10.30 -60.90 -4.98
N LEU B 367 10.83 -59.72 -4.63
CA LEU B 367 10.10 -58.73 -3.85
C LEU B 367 9.13 -57.95 -4.73
N PHE B 368 9.28 -58.04 -6.06
CA PHE B 368 8.32 -57.46 -6.98
C PHE B 368 7.26 -58.51 -7.38
N ILE B 369 6.00 -58.08 -7.57
CA ILE B 369 4.91 -58.98 -7.96
C ILE B 369 4.16 -58.37 -9.13
N PRO B 370 3.44 -59.17 -9.96
CA PRO B 370 2.72 -58.63 -11.12
C PRO B 370 1.69 -57.60 -10.69
N SER B 371 1.69 -56.44 -11.35
CA SER B 371 0.71 -55.39 -11.11
C SER B 371 -0.64 -55.87 -11.61
N THR B 372 -1.71 -55.60 -10.85
CA THR B 372 -3.03 -56.07 -11.21
C THR B 372 -4.07 -55.24 -10.45
N GLU B 373 -5.20 -55.01 -11.11
CA GLU B 373 -6.35 -54.38 -10.50
C GLU B 373 -7.13 -55.39 -9.65
N ASN B 374 -7.00 -56.68 -10.00
CA ASN B 374 -7.61 -57.78 -9.28
C ASN B 374 -6.99 -57.88 -7.88
N GLU B 375 -7.76 -57.45 -6.87
CA GLU B 375 -7.27 -57.36 -5.50
C GLU B 375 -7.01 -58.75 -4.92
N GLU B 376 -7.77 -59.75 -5.36
CA GLU B 376 -7.62 -61.12 -4.87
C GLU B 376 -6.31 -61.71 -5.39
N GLN B 377 -5.95 -61.42 -6.64
CA GLN B 377 -4.69 -61.84 -7.24
C GLN B 377 -3.49 -61.23 -6.51
N ARG B 378 -3.59 -59.92 -6.19
CA ARG B 378 -2.51 -59.20 -5.50
C ARG B 378 -2.17 -59.89 -4.18
N LEU B 379 -3.20 -60.22 -3.36
CA LEU B 379 -2.99 -60.80 -2.04
C LEU B 379 -2.33 -62.17 -2.15
N ALA B 380 -2.77 -62.98 -3.12
CA ALA B 380 -2.18 -64.28 -3.37
C ALA B 380 -0.69 -64.14 -3.67
N SER B 381 -0.37 -63.20 -4.59
CA SER B 381 1.00 -62.88 -4.97
C SER B 381 1.83 -62.47 -3.76
N ALA B 382 1.27 -61.58 -2.92
CA ALA B 382 1.94 -61.10 -1.73
C ALA B 382 2.22 -62.23 -0.76
N ARG B 383 1.23 -63.12 -0.57
CA ARG B 383 1.37 -64.28 0.30
C ARG B 383 2.46 -65.23 -0.19
N ALA B 384 2.56 -65.39 -1.52
CA ALA B 384 3.48 -66.34 -2.12
C ALA B 384 4.93 -65.86 -2.06
N VAL B 385 5.17 -64.57 -1.76
CA VAL B 385 6.51 -64.04 -1.64
C VAL B 385 7.15 -64.67 -0.40
N PRO B 386 8.29 -65.39 -0.55
CA PRO B 386 9.02 -65.94 0.60
C PRO B 386 9.26 -64.94 1.75
N ARG B 387 9.27 -65.45 2.98
CA ARG B 387 9.43 -64.62 4.16
C ARG B 387 10.85 -64.09 4.28
N ASN B 388 11.82 -64.82 3.71
CA ASN B 388 13.23 -64.46 3.76
C ASN B 388 13.64 -63.59 2.57
N VAL B 389 12.68 -63.19 1.71
CA VAL B 389 12.86 -62.09 0.78
C VAL B 389 12.61 -60.77 1.49
N GLN B 390 13.52 -59.81 1.29
CA GLN B 390 13.41 -58.47 1.86
C GLN B 390 14.41 -57.54 1.19
N PRO B 391 14.25 -56.21 1.36
CA PRO B 391 15.33 -55.27 1.06
C PRO B 391 16.46 -55.38 2.08
N TYR B 392 17.68 -55.06 1.63
CA TYR B 392 18.84 -54.98 2.50
C TYR B 392 19.54 -53.64 2.34
N VAL B 393 19.49 -52.80 3.39
CA VAL B 393 20.21 -51.53 3.42
C VAL B 393 21.65 -51.85 3.78
N VAL B 394 22.50 -52.02 2.76
CA VAL B 394 23.86 -52.49 2.94
C VAL B 394 24.81 -51.33 3.25
N TYR B 395 24.35 -50.09 3.07
CA TYR B 395 25.19 -48.96 3.43
C TYR B 395 24.31 -47.75 3.70
N GLU B 396 24.84 -46.84 4.53
CA GLU B 396 24.13 -45.63 4.95
C GLU B 396 25.18 -44.55 5.21
N GLU B 397 24.98 -43.38 4.58
CA GLU B 397 25.89 -42.25 4.69
C GLU B 397 25.09 -41.05 5.22
N VAL B 398 25.58 -40.36 6.26
CA VAL B 398 24.84 -39.25 6.87
C VAL B 398 25.78 -38.09 7.20
N THR B 399 25.28 -36.84 7.13
CA THR B 399 26.13 -35.67 7.30
C THR B 399 25.27 -34.50 7.76
N ASN B 400 25.94 -33.49 8.33
CA ASN B 400 25.33 -32.19 8.65
C ASN B 400 25.69 -31.14 7.58
N VAL B 401 26.33 -31.55 6.47
CA VAL B 401 26.60 -30.66 5.36
C VAL B 401 25.66 -31.04 4.21
N TRP B 402 26.13 -31.85 3.25
CA TRP B 402 25.26 -32.46 2.24
C TRP B 402 25.95 -33.69 1.66
N ILE B 403 25.13 -34.59 1.09
CA ILE B 403 25.60 -35.77 0.39
C ILE B 403 25.77 -35.43 -1.08
N ASN B 404 27.02 -35.36 -1.51
CA ASN B 404 27.30 -35.38 -2.94
C ASN B 404 27.17 -36.81 -3.42
N VAL B 405 26.49 -36.99 -4.56
CA VAL B 405 26.26 -38.30 -5.14
C VAL B 405 27.53 -38.74 -5.86
N HIS B 406 28.21 -39.75 -5.30
CA HIS B 406 29.39 -40.37 -5.86
C HIS B 406 28.97 -41.67 -6.55
N ASP B 407 29.55 -41.91 -7.74
CA ASP B 407 29.08 -42.97 -8.63
C ASP B 407 29.71 -44.32 -8.29
N ILE B 408 30.73 -44.35 -7.41
CA ILE B 408 31.47 -45.58 -7.19
C ILE B 408 30.73 -46.46 -6.19
N PHE B 409 30.25 -47.59 -6.71
CA PHE B 409 29.74 -48.69 -5.91
C PHE B 409 29.97 -49.97 -6.70
N TYR B 410 30.91 -50.79 -6.22
CA TYR B 410 31.27 -52.02 -6.92
C TYR B 410 30.98 -53.19 -5.99
N PRO B 411 29.85 -53.92 -6.22
CA PRO B 411 29.56 -55.15 -5.49
C PRO B 411 30.31 -56.33 -6.10
N PHE B 412 31.05 -57.03 -5.23
CA PHE B 412 31.75 -58.25 -5.58
C PHE B 412 30.77 -59.40 -5.64
N PRO B 413 31.06 -60.46 -6.43
CA PRO B 413 30.18 -61.63 -6.52
C PRO B 413 30.22 -62.34 -5.18
N GLN B 414 29.10 -63.00 -4.84
CA GLN B 414 28.94 -63.66 -3.57
C GLN B 414 29.44 -65.10 -3.66
N SER B 415 30.04 -65.58 -2.56
CA SER B 415 30.35 -66.99 -2.39
C SER B 415 29.05 -67.79 -2.24
N GLU B 416 29.08 -69.08 -2.64
CA GLU B 416 27.90 -69.95 -2.60
C GLU B 416 27.48 -70.17 -1.16
N GLY B 417 26.18 -69.96 -0.87
CA GLY B 417 25.63 -70.13 0.47
C GLY B 417 26.11 -69.05 1.45
N GLU B 418 26.60 -67.91 0.94
CA GLU B 418 27.15 -66.86 1.76
C GLU B 418 26.03 -65.87 2.06
N ASP B 419 25.98 -65.41 3.32
CA ASP B 419 25.02 -64.40 3.76
C ASP B 419 25.76 -63.07 4.00
N GLU B 420 26.70 -62.75 3.09
CA GLU B 420 27.33 -61.44 3.11
C GLU B 420 27.51 -60.94 1.69
N LEU B 421 27.60 -59.62 1.60
CA LEU B 421 27.93 -58.92 0.36
C LEU B 421 29.14 -58.05 0.65
N CYS B 422 30.19 -58.21 -0.17
CA CYS B 422 31.36 -57.36 -0.08
C CYS B 422 31.33 -56.38 -1.24
N PHE B 423 31.74 -55.15 -0.99
CA PHE B 423 31.74 -54.14 -2.03
C PHE B 423 32.69 -52.98 -1.73
N LEU B 424 33.15 -52.34 -2.82
CA LEU B 424 33.89 -51.10 -2.77
C LEU B 424 32.90 -49.94 -2.86
N ARG B 425 33.19 -48.86 -2.10
CA ARG B 425 32.32 -47.71 -1.99
C ARG B 425 33.17 -46.46 -1.76
N ALA B 426 32.91 -45.43 -2.57
CA ALA B 426 33.42 -44.10 -2.32
C ALA B 426 32.52 -43.42 -1.28
N ASN B 427 33.14 -42.93 -0.20
CA ASN B 427 32.44 -42.28 0.92
C ASN B 427 33.21 -41.02 1.29
N GLU B 428 32.49 -39.90 1.35
CA GLU B 428 33.06 -38.58 1.60
C GLU B 428 32.75 -38.11 3.02
N CYS B 429 31.55 -38.41 3.50
CA CYS B 429 31.02 -37.88 4.75
C CYS B 429 31.77 -38.43 5.98
N LYS B 430 32.40 -39.60 5.86
CA LYS B 430 33.12 -40.20 6.97
C LYS B 430 34.27 -39.29 7.44
N THR B 431 35.18 -38.91 6.53
CA THR B 431 36.35 -38.10 6.88
C THR B 431 36.24 -36.67 6.36
N GLY B 432 35.20 -36.38 5.56
CA GLY B 432 35.09 -35.10 4.87
C GLY B 432 35.92 -35.05 3.60
N PHE B 433 36.45 -36.20 3.17
CA PHE B 433 37.11 -36.38 1.89
C PHE B 433 36.65 -37.71 1.30
N CYS B 434 36.43 -37.72 -0.03
CA CYS B 434 35.97 -38.89 -0.74
C CYS B 434 37.10 -39.91 -0.82
N HIS B 435 36.86 -41.09 -0.24
CA HIS B 435 37.84 -42.17 -0.23
C HIS B 435 37.15 -43.49 -0.51
N LEU B 436 37.97 -44.46 -0.96
CA LEU B 436 37.51 -45.82 -1.20
C LEU B 436 37.57 -46.64 0.08
N TYR B 437 36.48 -47.39 0.32
CA TYR B 437 36.36 -48.33 1.43
C TYR B 437 35.89 -49.68 0.90
N LYS B 438 36.43 -50.78 1.46
CA LYS B 438 35.93 -52.11 1.19
C LYS B 438 35.05 -52.52 2.37
N VAL B 439 33.75 -52.64 2.09
CA VAL B 439 32.75 -52.91 3.10
C VAL B 439 32.21 -54.32 2.92
N THR B 440 31.98 -55.00 4.04
CA THR B 440 31.28 -56.27 4.04
C THR B 440 30.04 -56.14 4.92
N ALA B 441 28.86 -56.32 4.32
CA ALA B 441 27.58 -56.29 5.01
C ALA B 441 27.05 -57.71 5.22
N VAL B 442 26.30 -57.92 6.31
CA VAL B 442 25.68 -59.20 6.62
C VAL B 442 24.21 -59.14 6.21
N LEU B 443 23.79 -60.07 5.34
CA LEU B 443 22.43 -60.08 4.81
C LEU B 443 21.64 -61.18 5.49
N LYS B 444 20.97 -60.85 6.60
CA LYS B 444 20.21 -61.81 7.39
C LYS B 444 18.73 -61.51 7.27
N SER B 445 17.94 -62.52 6.86
CA SER B 445 16.49 -62.44 6.80
C SER B 445 15.88 -62.38 8.21
N GLN B 446 15.15 -61.30 8.49
CA GLN B 446 14.39 -61.16 9.72
C GLN B 446 13.09 -61.98 9.65
N GLY B 447 12.61 -62.30 8.44
CA GLY B 447 11.36 -63.00 8.24
C GLY B 447 10.22 -61.99 8.22
N TYR B 448 9.47 -61.93 7.11
CA TYR B 448 8.44 -60.92 6.94
C TYR B 448 7.21 -61.53 6.25
N ASP B 449 6.04 -61.09 6.71
CA ASP B 449 4.77 -61.41 6.09
C ASP B 449 4.39 -60.24 5.16
N TRP B 450 4.60 -60.43 3.86
CA TRP B 450 4.40 -59.35 2.90
C TRP B 450 2.93 -59.11 2.57
N SER B 451 2.04 -60.05 2.94
CA SER B 451 0.61 -59.85 2.79
C SER B 451 0.11 -58.91 3.89
N GLU B 452 0.80 -58.88 5.03
CA GLU B 452 0.51 -57.95 6.12
C GLU B 452 1.11 -56.60 5.77
N PRO B 453 0.34 -55.49 5.72
CA PRO B 453 0.92 -54.15 5.63
C PRO B 453 1.62 -53.84 6.95
N PHE B 454 2.73 -53.10 6.88
CA PHE B 454 3.47 -52.66 8.07
C PHE B 454 4.26 -51.39 7.73
N SER B 455 4.27 -50.43 8.65
CA SER B 455 5.19 -49.31 8.59
C SER B 455 6.55 -49.74 9.15
N PRO B 456 7.63 -49.78 8.34
CA PRO B 456 8.97 -50.08 8.85
C PRO B 456 9.52 -48.95 9.71
N GLY B 457 10.15 -49.32 10.83
CA GLY B 457 10.71 -48.37 11.77
C GLY B 457 12.12 -47.96 11.34
N GLU B 458 12.78 -47.17 12.21
CA GLU B 458 14.15 -46.73 11.97
C GLU B 458 15.03 -47.96 11.91
N ASP B 459 15.89 -48.02 10.88
CA ASP B 459 16.96 -49.01 10.79
C ASP B 459 16.36 -50.42 10.63
N GLU B 460 15.22 -50.52 9.93
CA GLU B 460 14.52 -51.77 9.70
C GLU B 460 15.37 -52.73 8.88
N PHE B 461 15.68 -52.35 7.62
CA PHE B 461 16.34 -53.25 6.70
C PHE B 461 17.86 -53.15 6.88
N LYS B 462 18.35 -52.53 7.97
CA LYS B 462 19.76 -52.17 8.07
C LYS B 462 20.58 -53.43 8.25
N CYS B 463 21.63 -53.59 7.45
CA CYS B 463 22.56 -54.70 7.55
C CYS B 463 23.69 -54.35 8.51
N PRO B 464 24.10 -55.26 9.42
CA PRO B 464 25.35 -55.09 10.16
C PRO B 464 26.54 -55.04 9.20
N ILE B 465 27.51 -54.19 9.54
CA ILE B 465 28.76 -54.08 8.81
C ILE B 465 29.81 -54.95 9.50
N LYS B 466 30.13 -56.11 8.91
CA LYS B 466 31.12 -57.02 9.44
C LYS B 466 32.52 -56.39 9.38
N GLU B 467 32.83 -55.66 8.31
CA GLU B 467 34.16 -55.12 8.07
C GLU B 467 34.02 -53.85 7.22
N GLU B 468 34.89 -52.87 7.47
CA GLU B 468 34.97 -51.64 6.67
C GLU B 468 36.40 -51.11 6.69
N ILE B 469 37.13 -51.42 5.62
CA ILE B 469 38.54 -51.08 5.50
C ILE B 469 38.66 -49.86 4.61
N ALA B 470 39.46 -48.87 5.07
CA ALA B 470 39.83 -47.71 4.29
C ALA B 470 40.97 -48.06 3.34
N LEU B 471 40.76 -47.91 2.03
CA LEU B 471 41.80 -48.21 1.07
C LEU B 471 42.64 -46.95 0.80
N THR B 472 42.03 -45.79 0.98
CA THR B 472 42.66 -44.49 0.79
C THR B 472 42.28 -43.61 1.96
N SER B 473 43.10 -42.58 2.22
CA SER B 473 42.83 -41.61 3.25
C SER B 473 43.73 -40.40 3.04
N GLY B 474 43.45 -39.31 3.76
CA GLY B 474 44.25 -38.10 3.69
C GLY B 474 43.42 -36.93 3.19
N GLU B 475 44.07 -35.74 3.12
CA GLU B 475 43.41 -34.50 2.75
C GLU B 475 43.49 -34.33 1.25
N TRP B 476 42.82 -35.26 0.56
CA TRP B 476 42.71 -35.28 -0.89
C TRP B 476 41.58 -36.24 -1.26
N GLU B 477 41.18 -36.23 -2.54
CA GLU B 477 39.95 -36.88 -2.98
C GLU B 477 40.20 -37.99 -3.98
N VAL B 478 39.38 -39.04 -3.85
CA VAL B 478 39.10 -39.94 -4.95
C VAL B 478 37.98 -39.28 -5.77
N LEU B 479 38.19 -39.19 -7.09
CA LEU B 479 37.23 -38.58 -7.99
C LEU B 479 36.17 -39.61 -8.35
N ALA B 480 34.90 -39.26 -8.08
CA ALA B 480 33.81 -40.22 -8.17
C ALA B 480 32.56 -39.65 -8.80
N ARG B 481 32.65 -38.52 -9.51
CA ARG B 481 31.50 -37.83 -10.05
C ARG B 481 31.80 -37.39 -11.47
N HIS B 482 30.76 -36.95 -12.20
CA HIS B 482 30.92 -36.23 -13.45
C HIS B 482 31.82 -36.97 -14.43
N GLY B 483 31.66 -38.30 -14.50
CA GLY B 483 32.40 -39.12 -15.44
C GLY B 483 33.49 -39.97 -14.79
N SER B 484 33.96 -39.57 -13.61
CA SER B 484 35.00 -40.31 -12.92
C SER B 484 34.44 -41.64 -12.40
N LYS B 485 35.31 -42.66 -12.45
CA LYS B 485 34.93 -44.02 -12.16
C LYS B 485 36.14 -44.80 -11.64
N ILE B 486 35.90 -46.02 -11.17
CA ILE B 486 36.96 -46.97 -10.86
C ILE B 486 36.90 -48.14 -11.83
N TRP B 487 37.99 -48.93 -11.82
CA TRP B 487 38.09 -50.17 -12.55
C TRP B 487 38.73 -51.19 -11.62
N VAL B 488 38.08 -52.36 -11.46
CA VAL B 488 38.50 -53.37 -10.49
C VAL B 488 38.97 -54.62 -11.22
N ASN B 489 40.20 -55.06 -10.89
CA ASN B 489 40.76 -56.30 -11.41
C ASN B 489 40.68 -57.34 -10.30
N GLU B 490 39.69 -58.25 -10.42
CA GLU B 490 39.40 -59.23 -9.39
C GLU B 490 40.43 -60.36 -9.40
N GLU B 491 41.12 -60.55 -10.53
CA GLU B 491 42.17 -61.54 -10.62
C GLU B 491 43.35 -61.11 -9.75
N THR B 492 43.78 -59.84 -9.88
CA THR B 492 44.95 -59.34 -9.18
C THR B 492 44.59 -58.65 -7.85
N LYS B 493 43.29 -58.40 -7.62
CA LYS B 493 42.82 -57.77 -6.38
C LYS B 493 43.26 -56.30 -6.29
N LEU B 494 43.27 -55.61 -7.45
CA LEU B 494 43.65 -54.21 -7.55
C LEU B 494 42.43 -53.39 -8.01
N VAL B 495 42.35 -52.13 -7.52
CA VAL B 495 41.38 -51.14 -7.98
C VAL B 495 42.15 -49.92 -8.48
N TYR B 496 41.88 -49.54 -9.74
CA TYR B 496 42.40 -48.34 -10.36
C TYR B 496 41.40 -47.20 -10.14
N PHE B 497 41.91 -45.99 -9.87
CA PHE B 497 41.04 -44.86 -9.58
C PHE B 497 41.76 -43.54 -9.87
N GLN B 498 40.99 -42.45 -9.99
CA GLN B 498 41.55 -41.13 -10.19
C GLN B 498 41.40 -40.30 -8.91
N GLY B 499 42.33 -39.36 -8.70
CA GLY B 499 42.40 -38.63 -7.45
C GLY B 499 43.26 -37.37 -7.52
N THR B 500 43.23 -36.61 -6.41
CA THR B 500 43.97 -35.37 -6.24
C THR B 500 45.09 -35.58 -5.21
N LYS B 501 45.65 -36.79 -5.15
CA LYS B 501 46.61 -37.11 -4.09
C LYS B 501 47.86 -36.23 -4.23
N ASP B 502 48.38 -36.14 -5.46
CA ASP B 502 49.57 -35.35 -5.74
C ASP B 502 49.32 -33.87 -5.48
N THR B 503 48.14 -33.35 -5.89
CA THR B 503 47.81 -31.93 -5.81
C THR B 503 46.34 -31.71 -6.18
N PRO B 504 45.64 -30.70 -5.64
CA PRO B 504 44.30 -30.38 -6.13
C PRO B 504 44.29 -29.82 -7.56
N LEU B 505 45.46 -29.49 -8.12
CA LEU B 505 45.56 -28.85 -9.43
C LEU B 505 45.67 -29.88 -10.55
N GLU B 506 45.72 -31.18 -10.23
CA GLU B 506 45.95 -32.23 -11.23
C GLU B 506 45.15 -33.48 -10.85
N HIS B 507 44.43 -34.04 -11.84
CA HIS B 507 43.87 -35.37 -11.71
C HIS B 507 44.91 -36.36 -12.21
N HIS B 508 45.14 -37.42 -11.41
CA HIS B 508 46.02 -38.51 -11.80
C HIS B 508 45.28 -39.84 -11.65
N LEU B 509 45.85 -40.87 -12.29
CA LEU B 509 45.46 -42.25 -12.16
C LEU B 509 46.33 -42.92 -11.12
N TYR B 510 45.70 -43.63 -10.17
CA TYR B 510 46.39 -44.40 -9.16
C TYR B 510 45.87 -45.84 -9.18
N VAL B 511 46.58 -46.72 -8.48
CA VAL B 511 46.16 -48.10 -8.25
C VAL B 511 46.54 -48.48 -6.83
N VAL B 512 45.69 -49.30 -6.20
CA VAL B 512 45.91 -49.82 -4.87
C VAL B 512 45.26 -51.21 -4.79
N SER B 513 45.78 -52.04 -3.87
CA SER B 513 45.19 -53.34 -3.60
C SER B 513 43.96 -53.16 -2.70
N TYR B 514 42.89 -53.90 -3.00
CA TYR B 514 41.74 -53.95 -2.13
C TYR B 514 41.79 -55.16 -1.20
N GLU B 515 42.75 -56.07 -1.41
CA GLU B 515 42.98 -57.20 -0.51
C GLU B 515 43.76 -56.71 0.69
N ALA B 516 44.95 -56.14 0.43
CA ALA B 516 45.89 -55.74 1.45
C ALA B 516 46.24 -54.27 1.25
N ALA B 517 45.30 -53.39 1.60
CA ALA B 517 45.41 -51.97 1.34
C ALA B 517 46.73 -51.44 1.88
N GLY B 518 47.45 -50.67 1.06
CA GLY B 518 48.75 -50.16 1.45
C GLY B 518 49.29 -49.13 0.48
N GLU B 519 50.28 -49.54 -0.31
CA GLU B 519 50.97 -48.62 -1.22
C GLU B 519 50.02 -48.25 -2.35
N ILE B 520 49.94 -46.94 -2.64
CA ILE B 520 49.20 -46.40 -3.77
C ILE B 520 50.23 -46.00 -4.82
N VAL B 521 50.22 -46.65 -5.98
CA VAL B 521 51.08 -46.29 -7.10
C VAL B 521 50.30 -45.37 -8.04
N ARG B 522 50.92 -44.25 -8.42
CA ARG B 522 50.46 -43.37 -9.47
C ARG B 522 50.96 -43.88 -10.81
N LEU B 523 50.12 -43.79 -11.85
CA LEU B 523 50.45 -44.32 -13.17
C LEU B 523 50.61 -43.21 -14.21
N THR B 524 50.37 -41.94 -13.83
CA THR B 524 50.34 -40.82 -14.77
C THR B 524 51.42 -39.80 -14.44
N THR B 525 51.84 -39.04 -15.46
CA THR B 525 52.98 -38.15 -15.39
C THR B 525 52.60 -36.88 -14.64
N PRO B 526 53.30 -36.50 -13.54
CA PRO B 526 53.08 -35.20 -12.91
C PRO B 526 53.40 -34.02 -13.82
N GLY B 527 52.82 -32.87 -13.48
CA GLY B 527 52.85 -31.66 -14.30
C GLY B 527 51.74 -31.62 -15.34
N PHE B 528 50.79 -32.55 -15.28
CA PHE B 528 49.62 -32.54 -16.14
C PHE B 528 48.40 -33.03 -15.36
N SER B 529 47.21 -32.63 -15.85
CA SER B 529 45.95 -33.17 -15.35
C SER B 529 45.42 -34.16 -16.38
N HIS B 530 44.96 -35.33 -15.90
CA HIS B 530 44.74 -36.49 -16.76
C HIS B 530 43.31 -36.99 -16.66
N SER B 531 42.75 -37.35 -17.81
CA SER B 531 41.47 -38.04 -17.88
C SER B 531 41.66 -39.40 -18.55
N CYS B 532 41.56 -40.50 -17.78
CA CYS B 532 42.00 -41.80 -18.26
C CYS B 532 40.84 -42.78 -18.52
N SER B 533 41.02 -43.62 -19.55
CA SER B 533 40.17 -44.76 -19.87
C SER B 533 41.00 -46.02 -19.79
N MET B 534 40.52 -47.02 -19.04
CA MET B 534 41.30 -48.21 -18.71
C MET B 534 40.66 -49.41 -19.39
N SER B 535 41.51 -50.26 -19.98
CA SER B 535 41.06 -51.49 -20.60
C SER B 535 40.45 -52.43 -19.57
N GLN B 536 39.46 -53.21 -20.00
CA GLN B 536 38.80 -54.18 -19.13
C GLN B 536 39.75 -55.32 -18.78
N ASN B 537 40.83 -55.49 -19.55
CA ASN B 537 41.84 -56.53 -19.35
C ASN B 537 43.06 -56.01 -18.56
N PHE B 538 43.06 -54.72 -18.22
CA PHE B 538 44.07 -54.10 -17.37
C PHE B 538 45.47 -54.19 -17.96
N ASP B 539 45.55 -54.17 -19.29
CA ASP B 539 46.82 -54.25 -20.00
C ASP B 539 47.19 -52.90 -20.60
N MET B 540 46.20 -52.07 -20.98
CA MET B 540 46.48 -50.76 -21.53
C MET B 540 45.50 -49.73 -20.98
N PHE B 541 45.88 -48.45 -21.07
CA PHE B 541 44.95 -47.36 -20.85
C PHE B 541 45.29 -46.17 -21.74
N VAL B 542 44.28 -45.30 -21.93
CA VAL B 542 44.42 -44.00 -22.57
C VAL B 542 44.46 -42.92 -21.50
N SER B 543 45.26 -41.88 -21.72
CA SER B 543 45.19 -40.65 -20.94
C SER B 543 45.05 -39.46 -21.87
N HIS B 544 43.92 -38.76 -21.76
CA HIS B 544 43.74 -37.42 -22.31
C HIS B 544 44.23 -36.43 -21.27
N TYR B 545 45.31 -35.69 -21.57
CA TYR B 545 45.89 -34.81 -20.58
C TYR B 545 46.45 -33.54 -21.20
N SER B 546 46.67 -32.55 -20.32
CA SER B 546 47.17 -31.24 -20.67
C SER B 546 47.70 -30.56 -19.42
N SER B 547 48.33 -29.41 -19.65
CA SER B 547 48.78 -28.52 -18.59
C SER B 547 48.41 -27.10 -18.98
N VAL B 548 48.53 -26.20 -18.02
CA VAL B 548 48.26 -24.79 -18.19
C VAL B 548 49.03 -24.23 -19.38
N SER B 549 50.22 -24.77 -19.67
CA SER B 549 51.08 -24.28 -20.75
C SER B 549 50.91 -25.08 -22.04
N THR B 550 50.48 -26.34 -21.95
CA THR B 550 50.55 -27.27 -23.08
C THR B 550 49.13 -27.70 -23.45
N PRO B 551 48.69 -27.57 -24.72
CA PRO B 551 47.40 -28.11 -25.14
C PRO B 551 47.26 -29.63 -24.96
N PRO B 552 46.02 -30.19 -25.03
CA PRO B 552 45.81 -31.60 -24.77
C PRO B 552 46.43 -32.50 -25.82
N CYS B 553 46.94 -33.64 -25.35
CA CYS B 553 47.25 -34.80 -26.16
C CYS B 553 46.48 -36.01 -25.65
N VAL B 554 46.47 -37.10 -26.43
CA VAL B 554 45.83 -38.35 -26.07
C VAL B 554 46.83 -39.46 -26.36
N HIS B 555 47.27 -40.19 -25.31
CA HIS B 555 48.36 -41.15 -25.38
C HIS B 555 47.91 -42.51 -24.84
N VAL B 556 48.41 -43.58 -25.47
CA VAL B 556 48.13 -44.95 -25.04
C VAL B 556 49.35 -45.47 -24.29
N TYR B 557 49.12 -46.03 -23.11
CA TYR B 557 50.16 -46.59 -22.26
C TYR B 557 49.91 -48.09 -22.09
N LYS B 558 50.99 -48.87 -21.93
CA LYS B 558 50.89 -50.30 -21.71
C LYS B 558 51.45 -50.62 -20.33
N LEU B 559 50.67 -51.38 -19.54
CA LEU B 559 51.12 -51.80 -18.22
C LEU B 559 52.00 -53.05 -18.34
N SER B 560 53.33 -52.84 -18.30
CA SER B 560 54.31 -53.90 -18.54
C SER B 560 55.06 -54.18 -17.25
N GLY B 561 55.31 -55.47 -16.99
CA GLY B 561 56.21 -55.88 -15.93
C GLY B 561 55.98 -57.33 -15.50
N PRO B 562 56.79 -57.83 -14.54
CA PRO B 562 56.53 -59.10 -13.88
C PRO B 562 55.07 -59.30 -13.47
N ASP B 563 54.52 -60.46 -13.83
CA ASP B 563 53.15 -60.81 -13.50
C ASP B 563 52.98 -61.12 -12.01
N ASP B 564 54.08 -61.46 -11.32
CA ASP B 564 54.01 -61.74 -9.89
C ASP B 564 53.93 -60.46 -9.07
N ASP B 565 54.10 -59.28 -9.69
CA ASP B 565 54.08 -58.01 -9.00
C ASP B 565 53.17 -57.02 -9.75
N PRO B 566 51.84 -57.27 -9.80
CA PRO B 566 50.94 -56.46 -10.64
C PRO B 566 50.74 -55.03 -10.15
N LEU B 567 50.91 -54.81 -8.83
CA LEU B 567 50.78 -53.48 -8.25
C LEU B 567 51.80 -52.52 -8.85
N HIS B 568 52.99 -53.05 -9.18
CA HIS B 568 54.09 -52.22 -9.67
C HIS B 568 54.34 -52.51 -11.14
N LYS B 569 53.29 -52.77 -11.91
CA LYS B 569 53.38 -52.69 -13.37
C LYS B 569 53.82 -51.27 -13.74
N GLN B 570 54.70 -51.16 -14.74
CA GLN B 570 55.16 -49.88 -15.27
C GLN B 570 54.17 -49.44 -16.36
N PRO B 571 53.72 -48.17 -16.35
CA PRO B 571 52.98 -47.63 -17.50
C PRO B 571 53.98 -47.16 -18.56
N ARG B 572 54.05 -47.86 -19.69
CA ARG B 572 55.04 -47.54 -20.72
C ARG B 572 54.31 -46.85 -21.87
N PHE B 573 54.82 -45.68 -22.28
CA PHE B 573 54.27 -44.99 -23.44
C PHE B 573 54.32 -45.92 -24.64
N TRP B 574 53.21 -46.05 -25.36
CA TRP B 574 53.09 -46.99 -26.46
C TRP B 574 52.89 -46.26 -27.77
N ALA B 575 51.88 -45.37 -27.82
CA ALA B 575 51.56 -44.64 -29.04
C ALA B 575 50.69 -43.42 -28.73
N SER B 576 50.56 -42.54 -29.72
CA SER B 576 49.76 -41.34 -29.63
C SER B 576 48.48 -41.52 -30.45
N MET B 577 47.36 -41.08 -29.87
CA MET B 577 46.11 -40.89 -30.58
C MET B 577 46.01 -39.46 -31.10
N MET B 578 46.66 -38.51 -30.43
CA MET B 578 46.59 -37.09 -30.78
C MET B 578 47.74 -36.37 -30.11
N GLU B 579 48.61 -35.72 -30.90
CA GLU B 579 49.66 -34.89 -30.34
C GLU B 579 49.11 -33.50 -30.05
N ALA B 580 49.73 -32.83 -29.06
CA ALA B 580 49.30 -31.51 -28.62
C ALA B 580 49.57 -30.49 -29.72
N ALA B 581 48.55 -29.69 -30.05
CA ALA B 581 48.70 -28.63 -31.04
C ALA B 581 49.70 -27.60 -30.53
N SER B 582 50.30 -26.84 -31.47
CA SER B 582 51.24 -25.79 -31.11
C SER B 582 50.45 -24.68 -30.42
N CYS B 583 50.87 -24.34 -29.19
CA CYS B 583 50.29 -23.22 -28.46
C CYS B 583 50.54 -21.96 -29.29
N PRO B 584 49.50 -21.26 -29.81
CA PRO B 584 49.72 -20.09 -30.69
C PRO B 584 50.69 -19.07 -30.09
N PRO B 585 51.53 -18.36 -30.89
CA PRO B 585 52.36 -17.26 -30.38
C PRO B 585 51.64 -16.12 -29.64
N ASP B 586 50.43 -15.79 -30.14
N ASP B 586 50.43 -15.79 -30.11
CA ASP B 586 49.52 -14.83 -29.53
CA ASP B 586 49.58 -14.78 -29.48
C ASP B 586 49.02 -15.25 -28.14
C ASP B 586 49.03 -15.24 -28.11
N TYR B 587 49.01 -16.56 -27.85
CA TYR B 587 48.55 -17.11 -26.58
C TYR B 587 49.67 -17.10 -25.53
N VAL B 588 49.38 -16.54 -24.35
CA VAL B 588 50.26 -16.64 -23.20
C VAL B 588 49.49 -17.31 -22.06
N PRO B 589 49.95 -18.48 -21.57
CA PRO B 589 49.27 -19.16 -20.44
C PRO B 589 49.14 -18.25 -19.24
N PRO B 590 48.09 -18.39 -18.41
CA PRO B 590 48.01 -17.70 -17.13
C PRO B 590 48.98 -18.37 -16.15
N GLU B 591 49.22 -17.69 -15.03
CA GLU B 591 50.08 -18.16 -13.97
C GLU B 591 49.22 -18.55 -12.77
N ILE B 592 49.38 -19.79 -12.32
CA ILE B 592 48.72 -20.23 -11.10
C ILE B 592 49.50 -19.68 -9.92
N PHE B 593 48.78 -19.22 -8.90
CA PHE B 593 49.37 -18.84 -7.63
C PHE B 593 48.49 -19.39 -6.51
N HIS B 594 48.93 -19.20 -5.26
CA HIS B 594 48.10 -19.51 -4.11
C HIS B 594 48.51 -18.62 -2.93
N PHE B 595 47.64 -18.55 -1.91
CA PHE B 595 47.86 -17.66 -0.78
C PHE B 595 46.96 -18.09 0.38
N HIS B 596 47.14 -17.45 1.54
CA HIS B 596 46.45 -17.82 2.76
C HIS B 596 45.62 -16.65 3.24
N THR B 597 44.31 -16.89 3.44
CA THR B 597 43.40 -15.89 3.93
C THR B 597 43.76 -15.54 5.38
N ARG B 598 43.10 -14.52 5.90
CA ARG B 598 43.22 -14.14 7.29
C ARG B 598 42.74 -15.27 8.22
N SER B 599 41.82 -16.12 7.75
CA SER B 599 41.42 -17.31 8.49
C SER B 599 42.37 -18.49 8.28
N ASP B 600 43.43 -18.28 7.49
CA ASP B 600 44.47 -19.28 7.22
C ASP B 600 43.93 -20.45 6.38
N VAL B 601 43.12 -20.13 5.36
CA VAL B 601 42.66 -21.07 4.35
C VAL B 601 43.50 -20.84 3.10
N ARG B 602 44.02 -21.92 2.53
CA ARG B 602 44.74 -21.84 1.27
C ARG B 602 43.73 -21.74 0.14
N LEU B 603 43.84 -20.67 -0.66
CA LEU B 603 43.10 -20.54 -1.89
C LEU B 603 44.08 -20.42 -3.04
N TYR B 604 43.70 -21.00 -4.18
CA TYR B 604 44.44 -20.88 -5.42
C TYR B 604 43.75 -19.88 -6.35
N GLY B 605 44.52 -19.30 -7.27
CA GLY B 605 44.00 -18.41 -8.29
C GLY B 605 44.83 -18.49 -9.57
N MET B 606 44.37 -17.78 -10.61
CA MET B 606 45.18 -17.55 -11.81
C MET B 606 45.27 -16.05 -12.12
N ILE B 607 46.33 -15.67 -12.82
CA ILE B 607 46.53 -14.30 -13.30
C ILE B 607 46.95 -14.37 -14.76
N TYR B 608 46.15 -13.73 -15.62
CA TYR B 608 46.54 -13.41 -16.99
C TYR B 608 47.21 -12.04 -16.94
N LYS B 609 48.53 -12.03 -17.11
CA LYS B 609 49.31 -10.80 -17.09
C LYS B 609 48.97 -10.00 -18.33
N PRO B 610 48.95 -8.64 -18.26
CA PRO B 610 48.88 -7.81 -19.46
C PRO B 610 49.98 -8.22 -20.41
N HIS B 611 49.63 -8.48 -21.68
CA HIS B 611 50.66 -8.80 -22.68
C HIS B 611 51.58 -7.60 -22.85
N ALA B 612 52.85 -7.90 -23.18
CA ALA B 612 53.91 -6.90 -23.31
C ALA B 612 53.90 -6.02 -22.06
N LEU B 613 54.00 -6.67 -20.90
CA LEU B 613 53.97 -5.99 -19.62
C LEU B 613 55.24 -5.17 -19.49
N GLN B 614 55.10 -3.94 -18.96
CA GLN B 614 56.22 -3.10 -18.58
C GLN B 614 56.14 -2.90 -17.08
N PRO B 615 57.28 -2.69 -16.38
CA PRO B 615 57.25 -2.43 -14.94
C PRO B 615 56.76 -1.01 -14.65
N GLY B 616 56.26 -0.78 -13.44
CA GLY B 616 55.93 0.56 -12.96
C GLY B 616 54.60 1.04 -13.51
N LYS B 617 53.72 0.10 -13.88
CA LYS B 617 52.45 0.41 -14.55
C LYS B 617 51.32 -0.48 -14.00
N LYS B 618 50.17 0.15 -13.78
CA LYS B 618 49.02 -0.50 -13.17
C LYS B 618 47.88 -0.52 -14.17
N HIS B 619 47.35 -1.73 -14.40
CA HIS B 619 46.42 -2.00 -15.49
C HIS B 619 45.00 -2.14 -14.96
N PRO B 620 43.97 -1.84 -15.79
CA PRO B 620 42.58 -2.14 -15.45
C PRO B 620 42.43 -3.67 -15.42
N THR B 621 41.57 -4.14 -14.53
CA THR B 621 41.54 -5.56 -14.19
C THR B 621 40.11 -6.08 -14.30
N VAL B 622 39.98 -7.29 -14.87
CA VAL B 622 38.74 -8.04 -14.83
C VAL B 622 38.90 -9.24 -13.91
N LEU B 623 38.16 -9.26 -12.79
CA LEU B 623 37.97 -10.45 -11.99
C LEU B 623 36.89 -11.31 -12.65
N PHE B 624 37.31 -12.43 -13.24
CA PHE B 624 36.43 -13.40 -13.84
C PHE B 624 36.04 -14.43 -12.79
N VAL B 625 34.74 -14.58 -12.55
CA VAL B 625 34.24 -15.32 -11.40
C VAL B 625 33.21 -16.36 -11.82
N TYR B 626 33.25 -17.51 -11.14
CA TYR B 626 32.14 -18.45 -11.10
C TYR B 626 31.73 -18.57 -9.65
N GLY B 627 32.55 -19.28 -8.83
CA GLY B 627 32.50 -19.17 -7.39
C GLY B 627 31.51 -20.10 -6.69
N GLY B 628 30.82 -20.94 -7.46
CA GLY B 628 29.75 -21.79 -6.96
C GLY B 628 30.23 -23.23 -6.78
N PRO B 629 29.40 -24.08 -6.14
CA PRO B 629 29.74 -25.47 -5.88
C PRO B 629 29.85 -26.32 -7.13
N GLN B 630 30.63 -27.40 -6.99
CA GLN B 630 30.84 -28.41 -8.02
C GLN B 630 31.73 -27.87 -9.15
N VAL B 631 32.42 -26.75 -8.97
CA VAL B 631 33.29 -26.24 -10.04
C VAL B 631 34.66 -25.88 -9.46
N GLN B 632 35.70 -26.08 -10.27
CA GLN B 632 37.05 -25.62 -9.99
C GLN B 632 37.63 -25.01 -11.25
N LEU B 633 37.79 -23.67 -11.24
CA LEU B 633 38.33 -22.94 -12.37
C LEU B 633 39.85 -23.09 -12.47
N VAL B 634 40.53 -23.25 -11.33
CA VAL B 634 41.99 -23.15 -11.27
C VAL B 634 42.58 -24.54 -11.07
N ASN B 635 43.27 -25.02 -12.11
CA ASN B 635 44.02 -26.27 -12.06
C ASN B 635 45.03 -26.29 -13.20
N ASN B 636 45.98 -27.22 -13.15
CA ASN B 636 47.01 -27.35 -14.15
C ASN B 636 46.49 -28.14 -15.37
N SER B 637 45.65 -27.47 -16.16
CA SER B 637 45.23 -27.97 -17.47
C SER B 637 45.04 -26.77 -18.40
N PHE B 638 44.96 -27.05 -19.70
CA PHE B 638 45.02 -26.01 -20.71
C PHE B 638 43.68 -25.28 -20.76
N LYS B 639 43.72 -23.94 -20.62
CA LYS B 639 42.52 -23.12 -20.59
C LYS B 639 42.29 -22.40 -21.92
N GLY B 640 43.19 -22.59 -22.89
CA GLY B 640 43.28 -21.74 -24.06
C GLY B 640 42.14 -21.89 -25.06
N ILE B 641 41.49 -23.06 -25.11
CA ILE B 641 40.36 -23.21 -26.00
C ILE B 641 39.13 -22.56 -25.35
N LYS B 642 38.77 -23.01 -24.15
CA LYS B 642 37.52 -22.60 -23.53
C LYS B 642 37.58 -21.14 -23.07
N TYR B 643 38.75 -20.66 -22.62
CA TYR B 643 38.88 -19.32 -22.06
C TYR B 643 39.83 -18.47 -22.91
N LEU B 644 39.74 -18.60 -24.23
CA LEU B 644 40.53 -17.78 -25.14
C LEU B 644 40.27 -16.29 -24.91
N ARG B 645 39.00 -15.91 -24.68
CA ARG B 645 38.63 -14.52 -24.51
C ARG B 645 39.39 -13.87 -23.34
N LEU B 646 39.79 -14.67 -22.33
CA LEU B 646 40.59 -14.15 -21.21
C LEU B 646 41.99 -13.76 -21.69
N ASN B 647 42.55 -14.55 -22.60
CA ASN B 647 43.80 -14.21 -23.23
C ASN B 647 43.63 -12.94 -24.08
N THR B 648 42.50 -12.84 -24.80
CA THR B 648 42.23 -11.69 -25.65
C THR B 648 42.19 -10.42 -24.81
N LEU B 649 41.53 -10.47 -23.64
CA LEU B 649 41.49 -9.34 -22.73
C LEU B 649 42.92 -8.90 -22.40
N ALA B 650 43.77 -9.88 -22.04
CA ALA B 650 45.12 -9.59 -21.58
C ALA B 650 45.96 -9.00 -22.71
N SER B 651 45.68 -9.41 -23.96
CA SER B 651 46.36 -8.88 -25.12
C SER B 651 46.04 -7.40 -25.35
N LEU B 652 44.91 -6.90 -24.86
CA LEU B 652 44.56 -5.48 -24.96
C LEU B 652 45.11 -4.69 -23.78
N GLY B 653 45.65 -5.39 -22.77
CA GLY B 653 46.31 -4.77 -21.64
C GLY B 653 45.49 -4.80 -20.36
N TYR B 654 44.44 -5.62 -20.32
CA TYR B 654 43.69 -5.86 -19.09
C TYR B 654 44.38 -7.00 -18.36
N ALA B 655 44.54 -6.88 -17.04
CA ALA B 655 44.85 -8.02 -16.20
C ALA B 655 43.59 -8.82 -15.97
N VAL B 656 43.69 -10.16 -15.87
CA VAL B 656 42.54 -11.02 -15.63
C VAL B 656 42.86 -11.95 -14.45
N VAL B 657 42.04 -11.86 -13.39
CA VAL B 657 42.21 -12.67 -12.19
C VAL B 657 41.07 -13.68 -12.07
N VAL B 658 41.41 -14.90 -11.62
CA VAL B 658 40.44 -15.93 -11.26
C VAL B 658 40.78 -16.42 -9.87
N ILE B 659 39.78 -16.59 -9.00
CA ILE B 659 39.97 -17.08 -7.64
C ILE B 659 39.01 -18.22 -7.36
N ASP B 660 39.51 -19.41 -7.01
CA ASP B 660 38.66 -20.47 -6.48
C ASP B 660 38.54 -20.30 -4.97
N GLY B 661 37.48 -19.61 -4.53
CA GLY B 661 37.24 -19.37 -3.12
C GLY B 661 36.55 -20.55 -2.47
N ARG B 662 36.13 -20.38 -1.20
CA ARG B 662 35.42 -21.42 -0.48
C ARG B 662 34.07 -21.59 -1.17
N GLY B 663 33.63 -22.86 -1.25
CA GLY B 663 32.45 -23.25 -1.99
C GLY B 663 32.85 -24.07 -3.22
N SER B 664 34.02 -23.78 -3.79
CA SER B 664 34.48 -24.45 -4.99
C SER B 664 34.98 -25.84 -4.62
N CYS B 665 35.20 -26.70 -5.64
CA CYS B 665 35.31 -28.13 -5.41
C CYS B 665 36.77 -28.61 -5.48
N GLN B 666 36.97 -29.92 -5.23
CA GLN B 666 38.26 -30.61 -5.24
C GLN B 666 39.09 -30.30 -4.00
N ARG B 667 38.45 -29.83 -2.92
CA ARG B 667 39.14 -29.46 -1.70
C ARG B 667 38.45 -30.05 -0.47
N GLY B 668 37.56 -31.03 -0.66
CA GLY B 668 36.86 -31.66 0.44
C GLY B 668 35.57 -30.93 0.82
N LEU B 669 34.78 -31.65 1.62
CA LEU B 669 33.41 -31.27 1.94
C LEU B 669 33.35 -30.05 2.85
N ARG B 670 34.32 -29.92 3.76
CA ARG B 670 34.37 -28.83 4.72
C ARG B 670 34.61 -27.50 3.99
N PHE B 671 35.52 -27.51 3.02
CA PHE B 671 35.88 -26.33 2.23
C PHE B 671 34.69 -25.82 1.42
N GLU B 672 33.94 -26.74 0.77
CA GLU B 672 32.77 -26.35 0.00
C GLU B 672 31.58 -26.05 0.91
N GLY B 673 31.57 -26.65 2.10
CA GLY B 673 30.51 -26.50 3.08
C GLY B 673 30.45 -25.10 3.69
N ALA B 674 31.51 -24.30 3.53
CA ALA B 674 31.58 -22.94 4.06
C ALA B 674 30.36 -22.08 3.72
N LEU B 675 29.71 -22.34 2.58
CA LEU B 675 28.60 -21.49 2.14
C LEU B 675 27.25 -22.13 2.44
N LYS B 676 27.21 -23.16 3.30
CA LYS B 676 25.95 -23.82 3.63
C LYS B 676 24.97 -22.80 4.20
N ASN B 677 23.84 -22.63 3.52
CA ASN B 677 22.71 -21.81 3.93
C ASN B 677 23.02 -20.32 3.85
N GLN B 678 24.12 -19.92 3.21
CA GLN B 678 24.45 -18.49 3.13
C GLN B 678 25.20 -18.18 1.84
N MET B 679 24.66 -18.65 0.71
CA MET B 679 25.26 -18.44 -0.59
C MET B 679 25.38 -16.95 -0.84
N GLY B 680 26.54 -16.56 -1.38
CA GLY B 680 26.86 -15.16 -1.64
C GLY B 680 27.86 -14.56 -0.66
N GLN B 681 27.77 -14.97 0.62
CA GLN B 681 28.39 -14.22 1.70
C GLN B 681 29.90 -14.49 1.74
N VAL B 682 30.33 -15.73 2.00
CA VAL B 682 31.75 -16.03 2.07
C VAL B 682 32.44 -15.85 0.72
N GLU B 683 31.70 -16.02 -0.40
CA GLU B 683 32.31 -16.09 -1.72
C GLU B 683 32.93 -14.76 -2.11
N ILE B 684 32.21 -13.65 -1.90
CA ILE B 684 32.71 -12.34 -2.27
C ILE B 684 33.89 -11.94 -1.38
N GLU B 685 33.83 -12.31 -0.09
CA GLU B 685 34.92 -12.04 0.82
C GLU B 685 36.21 -12.64 0.25
N ASP B 686 36.16 -13.90 -0.20
CA ASP B 686 37.33 -14.61 -0.67
C ASP B 686 37.80 -14.04 -2.02
N GLN B 687 36.85 -13.59 -2.87
CA GLN B 687 37.20 -13.01 -4.16
C GLN B 687 38.00 -11.72 -3.93
N VAL B 688 37.53 -10.89 -2.98
CA VAL B 688 38.17 -9.63 -2.65
C VAL B 688 39.54 -9.86 -2.02
N GLU B 689 39.61 -10.79 -1.06
CA GLU B 689 40.87 -11.13 -0.40
C GLU B 689 41.91 -11.48 -1.46
N GLY B 690 41.49 -12.26 -2.46
CA GLY B 690 42.38 -12.76 -3.50
C GLY B 690 42.78 -11.66 -4.47
N LEU B 691 41.86 -10.74 -4.77
CA LEU B 691 42.15 -9.60 -5.63
C LEU B 691 43.22 -8.72 -4.99
N GLN B 692 43.06 -8.49 -3.68
CA GLN B 692 43.94 -7.60 -2.93
C GLN B 692 45.31 -8.24 -2.77
N PHE B 693 45.33 -9.55 -2.54
CA PHE B 693 46.57 -10.31 -2.51
C PHE B 693 47.34 -10.15 -3.83
N VAL B 694 46.62 -10.27 -4.95
CA VAL B 694 47.25 -10.30 -6.27
C VAL B 694 47.83 -8.93 -6.60
N ALA B 695 47.15 -7.87 -6.15
CA ALA B 695 47.63 -6.51 -6.33
C ALA B 695 48.95 -6.32 -5.59
N GLU B 696 48.97 -6.69 -4.31
CA GLU B 696 50.14 -6.64 -3.45
C GLU B 696 51.30 -7.47 -4.00
N LYS B 697 51.04 -8.70 -4.43
CA LYS B 697 52.11 -9.58 -4.87
C LYS B 697 52.67 -9.12 -6.21
N TYR B 698 51.81 -8.83 -7.18
CA TYR B 698 52.24 -8.66 -8.57
C TYR B 698 52.47 -7.20 -8.94
N GLY B 699 51.79 -6.28 -8.26
CA GLY B 699 52.10 -4.86 -8.38
C GLY B 699 51.52 -4.14 -9.60
N PHE B 700 50.90 -4.85 -10.56
CA PHE B 700 50.42 -4.21 -11.78
C PHE B 700 48.89 -4.09 -11.82
N ILE B 701 48.21 -4.21 -10.66
CA ILE B 701 46.76 -4.17 -10.62
C ILE B 701 46.32 -2.76 -10.21
N ASP B 702 45.46 -2.14 -11.02
CA ASP B 702 44.84 -0.87 -10.67
C ASP B 702 43.50 -1.11 -9.98
N LEU B 703 43.51 -1.14 -8.64
CA LEU B 703 42.33 -1.46 -7.85
C LEU B 703 41.22 -0.43 -8.02
N SER B 704 41.51 0.76 -8.59
CA SER B 704 40.50 1.74 -8.89
C SER B 704 39.69 1.37 -10.13
N ARG B 705 40.17 0.41 -10.94
CA ARG B 705 39.51 0.02 -12.17
C ARG B 705 39.35 -1.51 -12.23
N VAL B 706 38.48 -2.05 -11.38
CA VAL B 706 38.22 -3.48 -11.39
C VAL B 706 36.79 -3.77 -11.87
N ALA B 707 36.68 -4.67 -12.86
CA ALA B 707 35.40 -5.20 -13.32
C ALA B 707 35.21 -6.61 -12.76
N ILE B 708 33.99 -6.94 -12.36
CA ILE B 708 33.63 -8.31 -11.99
C ILE B 708 32.70 -8.86 -13.07
N HIS B 709 33.01 -10.06 -13.56
CA HIS B 709 32.28 -10.62 -14.68
C HIS B 709 32.18 -12.13 -14.55
N GLY B 710 30.94 -12.66 -14.62
CA GLY B 710 30.71 -14.10 -14.49
C GLY B 710 29.38 -14.51 -15.12
N TRP B 711 29.20 -15.82 -15.31
CA TRP B 711 27.97 -16.37 -15.86
C TRP B 711 27.33 -17.31 -14.83
N SER B 712 26.00 -17.26 -14.76
CA SER B 712 25.21 -18.19 -13.95
C SER B 712 25.42 -17.85 -12.47
N TYR B 713 26.07 -18.74 -11.70
CA TYR B 713 26.47 -18.43 -10.35
C TYR B 713 27.43 -17.22 -10.36
N GLY B 714 28.28 -17.12 -11.39
CA GLY B 714 29.20 -16.01 -11.55
C GLY B 714 28.49 -14.68 -11.83
N GLY B 715 27.35 -14.75 -12.52
CA GLY B 715 26.49 -13.60 -12.76
C GLY B 715 25.87 -13.12 -11.44
N PHE B 716 25.35 -14.09 -10.68
CA PHE B 716 24.88 -13.87 -9.33
C PHE B 716 25.93 -13.16 -8.48
N LEU B 717 27.17 -13.65 -8.52
CA LEU B 717 28.24 -13.13 -7.69
C LEU B 717 28.72 -11.77 -8.17
N SER B 718 28.71 -11.55 -9.49
CA SER B 718 29.05 -10.25 -10.05
C SER B 718 28.13 -9.18 -9.44
N LEU B 719 26.84 -9.51 -9.29
CA LEU B 719 25.89 -8.60 -8.68
C LEU B 719 26.12 -8.46 -7.18
N MET B 720 26.46 -9.56 -6.50
CA MET B 720 26.78 -9.47 -5.07
C MET B 720 27.96 -8.53 -4.84
N GLY B 721 28.96 -8.61 -5.72
CA GLY B 721 30.14 -7.76 -5.60
C GLY B 721 29.80 -6.27 -5.67
N LEU B 722 28.97 -5.89 -6.63
CA LEU B 722 28.62 -4.50 -6.88
C LEU B 722 27.71 -3.98 -5.77
N ILE B 723 26.82 -4.87 -5.28
CA ILE B 723 25.95 -4.54 -4.16
C ILE B 723 26.75 -4.32 -2.88
N HIS B 724 27.61 -5.30 -2.51
CA HIS B 724 28.24 -5.32 -1.18
C HIS B 724 29.63 -4.69 -1.15
N LYS B 725 30.30 -4.54 -2.29
CA LYS B 725 31.64 -3.96 -2.36
C LYS B 725 31.70 -2.96 -3.51
N PRO B 726 30.83 -1.92 -3.52
CA PRO B 726 30.83 -0.91 -4.59
C PRO B 726 32.14 -0.15 -4.76
N GLN B 727 32.89 0.00 -3.66
N GLN B 727 32.89 0.00 -3.66
CA GLN B 727 34.19 0.67 -3.67
CA GLN B 727 34.18 0.67 -3.70
C GLN B 727 35.26 -0.23 -4.28
C GLN B 727 35.30 -0.24 -4.19
N VAL B 728 35.04 -1.55 -4.36
CA VAL B 728 36.01 -2.48 -4.94
C VAL B 728 35.76 -2.60 -6.45
N PHE B 729 34.48 -2.78 -6.80
CA PHE B 729 34.11 -3.09 -8.19
C PHE B 729 33.51 -1.83 -8.81
N LYS B 730 34.19 -1.29 -9.83
CA LYS B 730 33.71 -0.12 -10.52
C LYS B 730 32.52 -0.50 -11.41
N VAL B 731 32.66 -1.64 -12.12
CA VAL B 731 31.57 -2.16 -12.94
C VAL B 731 31.36 -3.65 -12.65
N ALA B 732 30.14 -4.11 -12.93
CA ALA B 732 29.80 -5.53 -12.97
C ALA B 732 29.09 -5.87 -14.29
N ILE B 733 29.53 -6.95 -14.93
CA ILE B 733 28.84 -7.55 -16.06
C ILE B 733 28.31 -8.91 -15.63
N ALA B 734 26.99 -8.98 -15.44
CA ALA B 734 26.34 -10.17 -14.89
C ALA B 734 25.69 -10.97 -16.02
N GLY B 735 26.22 -12.17 -16.27
CA GLY B 735 25.69 -13.06 -17.30
C GLY B 735 24.69 -14.05 -16.71
N ALA B 736 23.48 -14.11 -17.27
CA ALA B 736 22.45 -15.06 -16.87
C ALA B 736 22.48 -15.28 -15.36
N PRO B 737 22.32 -14.21 -14.56
CA PRO B 737 22.41 -14.35 -13.10
C PRO B 737 21.23 -15.07 -12.50
N VAL B 738 21.49 -15.85 -11.44
CA VAL B 738 20.47 -16.22 -10.48
C VAL B 738 20.24 -15.00 -9.60
N THR B 739 19.02 -14.43 -9.67
CA THR B 739 18.70 -13.18 -8.98
C THR B 739 17.76 -13.43 -7.81
N VAL B 740 17.11 -14.60 -7.77
CA VAL B 740 16.17 -14.92 -6.71
C VAL B 740 16.11 -16.43 -6.55
N TRP B 741 16.57 -16.92 -5.38
CA TRP B 741 16.77 -18.33 -5.17
C TRP B 741 15.45 -19.10 -5.02
N MET B 742 14.38 -18.41 -4.63
CA MET B 742 13.07 -19.04 -4.50
C MET B 742 12.56 -19.55 -5.85
N ALA B 743 13.17 -19.07 -6.95
CA ALA B 743 12.78 -19.44 -8.30
C ALA B 743 13.65 -20.55 -8.90
N TYR B 744 14.66 -21.04 -8.16
CA TYR B 744 15.53 -22.11 -8.65
C TYR B 744 15.00 -23.45 -8.13
N ASP B 745 15.57 -24.57 -8.60
CA ASP B 745 14.94 -25.87 -8.45
C ASP B 745 15.26 -26.52 -7.09
N THR B 746 14.60 -27.65 -6.82
CA THR B 746 14.74 -28.40 -5.58
C THR B 746 16.14 -28.98 -5.44
N GLY B 747 16.55 -29.79 -6.42
CA GLY B 747 17.74 -30.60 -6.32
C GLY B 747 18.97 -29.79 -5.93
N TYR B 748 19.17 -28.64 -6.58
CA TYR B 748 20.32 -27.79 -6.30
C TYR B 748 20.06 -26.95 -5.06
N THR B 749 19.00 -26.14 -5.10
CA THR B 749 18.85 -25.07 -4.15
C THR B 749 18.80 -25.65 -2.73
N GLU B 750 18.03 -26.73 -2.54
CA GLU B 750 17.80 -27.26 -1.22
C GLU B 750 19.06 -27.91 -0.64
N ARG B 751 19.87 -28.51 -1.50
CA ARG B 751 21.13 -29.13 -1.08
C ARG B 751 21.95 -28.14 -0.26
N TYR B 752 22.09 -26.93 -0.80
CA TYR B 752 23.03 -25.94 -0.31
C TYR B 752 22.37 -24.89 0.60
N MET B 753 21.04 -24.68 0.50
CA MET B 753 20.36 -23.59 1.19
C MET B 753 19.15 -24.02 2.02
N ASP B 754 18.77 -25.32 2.01
CA ASP B 754 17.55 -25.78 2.65
C ASP B 754 16.35 -25.22 1.88
N VAL B 755 15.13 -25.50 2.37
CA VAL B 755 13.90 -24.99 1.78
C VAL B 755 13.70 -23.56 2.27
N PRO B 756 12.97 -22.70 1.54
CA PRO B 756 12.76 -21.32 1.94
C PRO B 756 12.24 -21.11 3.37
N GLU B 757 11.29 -21.95 3.80
CA GLU B 757 10.72 -21.86 5.14
C GLU B 757 11.78 -22.04 6.22
N ASN B 758 12.78 -22.89 5.97
CA ASN B 758 13.82 -23.17 6.96
C ASN B 758 14.99 -22.19 6.90
N ASN B 759 15.02 -21.26 5.93
CA ASN B 759 16.18 -20.39 5.77
C ASN B 759 15.79 -19.07 5.11
N GLN B 760 14.80 -18.39 5.70
CA GLN B 760 14.32 -17.13 5.15
C GLN B 760 15.45 -16.11 5.07
N HIS B 761 16.30 -16.06 6.09
CA HIS B 761 17.33 -15.04 6.17
C HIS B 761 18.36 -15.26 5.07
N GLY B 762 18.72 -16.52 4.83
CA GLY B 762 19.73 -16.85 3.83
C GLY B 762 19.23 -16.63 2.40
N TYR B 763 18.00 -17.06 2.14
CA TYR B 763 17.34 -16.83 0.85
C TYR B 763 17.24 -15.33 0.56
N GLU B 764 16.89 -14.53 1.56
CA GLU B 764 16.71 -13.10 1.36
C GLU B 764 18.06 -12.42 1.12
N ALA B 765 19.05 -12.79 1.94
CA ALA B 765 20.37 -12.19 1.89
C ALA B 765 21.05 -12.45 0.54
N GLY B 766 20.83 -13.67 0.00
CA GLY B 766 21.54 -14.16 -1.18
C GLY B 766 20.77 -14.00 -2.48
N SER B 767 19.56 -13.40 -2.41
CA SER B 767 18.75 -13.14 -3.59
C SER B 767 18.96 -11.69 -4.03
N VAL B 768 19.83 -11.45 -5.02
CA VAL B 768 20.37 -10.13 -5.29
C VAL B 768 19.28 -9.18 -5.81
N ALA B 769 18.21 -9.70 -6.41
CA ALA B 769 17.10 -8.85 -6.85
C ALA B 769 16.36 -8.21 -5.69
N LEU B 770 16.54 -8.70 -4.45
CA LEU B 770 15.94 -8.10 -3.26
C LEU B 770 16.80 -6.95 -2.70
N HIS B 771 17.96 -6.68 -3.29
CA HIS B 771 18.91 -5.70 -2.76
C HIS B 771 19.25 -4.64 -3.81
N VAL B 772 18.31 -4.36 -4.72
CA VAL B 772 18.54 -3.43 -5.82
C VAL B 772 18.71 -2.00 -5.31
N GLU B 773 18.13 -1.68 -4.15
CA GLU B 773 18.35 -0.37 -3.54
C GLU B 773 19.83 -0.09 -3.30
N LYS B 774 20.65 -1.12 -3.06
CA LYS B 774 22.08 -0.98 -2.82
C LYS B 774 22.89 -0.96 -4.11
N LEU B 775 22.25 -1.09 -5.27
CA LEU B 775 22.96 -1.01 -6.53
C LEU B 775 23.23 0.45 -6.85
N PRO B 776 24.18 0.76 -7.77
CA PRO B 776 24.61 2.13 -7.98
C PRO B 776 23.49 2.97 -8.61
N ASN B 777 23.41 4.23 -8.13
CA ASN B 777 22.54 5.25 -8.68
C ASN B 777 23.21 6.00 -9.84
N GLU B 778 24.31 5.45 -10.38
CA GLU B 778 25.07 6.08 -11.44
C GLU B 778 25.05 5.14 -12.65
N PRO B 779 24.81 5.64 -13.89
CA PRO B 779 24.79 4.79 -15.07
C PRO B 779 26.14 4.15 -15.36
N ASN B 780 26.09 3.09 -16.16
CA ASN B 780 27.25 2.51 -16.81
C ASN B 780 28.17 1.82 -15.82
N ARG B 781 27.59 1.27 -14.75
CA ARG B 781 28.31 0.39 -13.85
C ARG B 781 27.71 -1.00 -13.83
N LEU B 782 26.63 -1.26 -14.59
CA LEU B 782 25.95 -2.55 -14.53
C LEU B 782 25.50 -2.94 -15.93
N LEU B 783 25.93 -4.13 -16.39
CA LEU B 783 25.49 -4.69 -17.65
C LEU B 783 24.95 -6.10 -17.42
N ILE B 784 23.72 -6.35 -17.86
CA ILE B 784 23.07 -7.65 -17.75
C ILE B 784 23.02 -8.29 -19.13
N LEU B 785 23.33 -9.60 -19.19
CA LEU B 785 23.29 -10.40 -20.40
C LEU B 785 22.50 -11.67 -20.11
N HIS B 786 21.63 -12.11 -21.02
CA HIS B 786 20.90 -13.36 -20.81
C HIS B 786 20.48 -13.97 -22.15
N GLY B 787 20.68 -15.29 -22.29
CA GLY B 787 20.05 -16.04 -23.35
C GLY B 787 18.55 -16.26 -23.07
N PHE B 788 17.70 -15.99 -24.06
CA PHE B 788 16.26 -15.90 -23.86
C PHE B 788 15.64 -17.29 -23.62
N LEU B 789 16.24 -18.32 -24.23
CA LEU B 789 15.73 -19.69 -24.20
C LEU B 789 16.32 -20.48 -23.02
N ASP B 790 17.01 -19.80 -22.10
CA ASP B 790 17.74 -20.48 -21.05
C ASP B 790 16.75 -21.30 -20.25
N GLU B 791 17.03 -22.60 -20.12
CA GLU B 791 16.12 -23.52 -19.46
C GLU B 791 16.67 -23.97 -18.11
N ASN B 792 17.79 -23.39 -17.65
CA ASN B 792 18.35 -23.63 -16.33
C ASN B 792 18.15 -22.37 -15.48
N VAL B 793 18.84 -21.29 -15.87
CA VAL B 793 18.62 -19.99 -15.26
C VAL B 793 17.64 -19.25 -16.16
N HIS B 794 16.34 -19.39 -15.85
CA HIS B 794 15.30 -18.85 -16.70
C HIS B 794 15.50 -17.35 -16.87
N PHE B 795 15.08 -16.83 -18.02
CA PHE B 795 15.11 -15.40 -18.30
C PHE B 795 14.35 -14.62 -17.23
N PHE B 796 13.34 -15.26 -16.63
CA PHE B 796 12.62 -14.72 -15.49
C PHE B 796 13.56 -14.06 -14.49
N HIS B 797 14.74 -14.64 -14.24
CA HIS B 797 15.68 -14.08 -13.27
C HIS B 797 16.07 -12.65 -13.66
N THR B 798 16.38 -12.45 -14.94
CA THR B 798 16.75 -11.13 -15.44
C THR B 798 15.51 -10.23 -15.47
N ASN B 799 14.35 -10.80 -15.85
CA ASN B 799 13.11 -10.05 -15.90
C ASN B 799 12.74 -9.50 -14.54
N PHE B 800 12.83 -10.35 -13.51
CA PHE B 800 12.50 -9.94 -12.17
C PHE B 800 13.50 -8.90 -11.66
N LEU B 801 14.79 -9.08 -11.96
CA LEU B 801 15.82 -8.11 -11.59
C LEU B 801 15.50 -6.74 -12.21
N VAL B 802 15.24 -6.71 -13.52
CA VAL B 802 14.91 -5.46 -14.20
C VAL B 802 13.66 -4.84 -13.58
N SER B 803 12.67 -5.69 -13.29
CA SER B 803 11.45 -5.27 -12.63
C SER B 803 11.76 -4.49 -11.34
N GLN B 804 12.67 -5.04 -10.52
CA GLN B 804 13.05 -4.43 -9.26
C GLN B 804 13.91 -3.19 -9.46
N LEU B 805 14.78 -3.21 -10.48
CA LEU B 805 15.56 -2.04 -10.84
C LEU B 805 14.66 -0.87 -11.17
N ILE B 806 13.57 -1.12 -11.91
CA ILE B 806 12.61 -0.09 -12.27
C ILE B 806 11.94 0.46 -11.01
N ARG B 807 11.54 -0.44 -10.10
CA ARG B 807 10.88 -0.04 -8.87
C ARG B 807 11.83 0.78 -7.97
N ALA B 808 13.13 0.48 -8.01
CA ALA B 808 14.11 1.17 -7.18
C ALA B 808 14.69 2.39 -7.88
N GLY B 809 14.28 2.64 -9.11
CA GLY B 809 14.75 3.80 -9.87
C GLY B 809 16.22 3.70 -10.28
N LYS B 810 16.75 2.47 -10.44
CA LYS B 810 18.16 2.25 -10.73
C LYS B 810 18.36 2.04 -12.23
N PRO B 811 19.46 2.58 -12.83
CA PRO B 811 19.79 2.34 -14.23
C PRO B 811 20.45 1.00 -14.48
N TYR B 812 20.31 0.46 -15.71
CA TYR B 812 20.95 -0.78 -16.13
C TYR B 812 21.16 -0.76 -17.64
N GLN B 813 22.14 -1.55 -18.11
CA GLN B 813 22.29 -1.86 -19.52
C GLN B 813 21.95 -3.33 -19.73
N LEU B 814 21.44 -3.67 -20.92
CA LEU B 814 20.88 -5.00 -21.14
C LEU B 814 21.22 -5.51 -22.54
N GLN B 815 21.62 -6.78 -22.64
CA GLN B 815 21.75 -7.47 -23.91
C GLN B 815 21.05 -8.84 -23.83
N ILE B 816 20.34 -9.23 -24.90
CA ILE B 816 19.66 -10.53 -24.98
C ILE B 816 20.35 -11.33 -26.09
N TYR B 817 20.31 -12.67 -25.95
CA TYR B 817 20.67 -13.59 -27.01
C TYR B 817 19.41 -14.40 -27.28
N PRO B 818 18.53 -13.94 -28.19
CA PRO B 818 17.25 -14.60 -28.43
C PRO B 818 17.28 -16.09 -28.80
N ASN B 819 18.36 -16.51 -29.48
CA ASN B 819 18.46 -17.85 -30.01
C ASN B 819 19.31 -18.76 -29.12
N GLU B 820 19.66 -18.33 -27.90
CA GLU B 820 20.59 -19.07 -27.07
C GLU B 820 19.88 -19.60 -25.83
N ARG B 821 20.27 -20.82 -25.45
CA ARG B 821 19.96 -21.44 -24.17
C ARG B 821 20.89 -20.85 -23.11
N HIS B 822 21.33 -21.67 -22.14
CA HIS B 822 22.26 -21.20 -21.13
C HIS B 822 23.59 -20.83 -21.78
N SER B 823 24.19 -21.80 -22.50
CA SER B 823 25.47 -21.63 -23.16
C SER B 823 25.29 -20.99 -24.54
N ILE B 824 26.12 -19.99 -24.85
CA ILE B 824 26.11 -19.30 -26.14
C ILE B 824 26.84 -20.18 -27.17
N ARG B 825 26.07 -20.94 -27.95
CA ARG B 825 26.62 -21.87 -28.91
C ARG B 825 26.99 -21.15 -30.21
N CYS B 826 26.03 -20.42 -30.82
CA CYS B 826 26.21 -19.82 -32.14
C CYS B 826 27.38 -18.83 -32.15
N PRO B 827 28.23 -18.80 -33.20
CA PRO B 827 29.40 -17.93 -33.23
C PRO B 827 29.12 -16.43 -33.31
N GLU B 828 28.02 -16.04 -33.97
CA GLU B 828 27.64 -14.65 -34.07
C GLU B 828 27.24 -14.10 -32.70
N SER B 829 26.49 -14.91 -31.91
CA SER B 829 26.16 -14.54 -30.54
C SER B 829 27.44 -14.31 -29.74
N GLY B 830 28.38 -15.26 -29.82
CA GLY B 830 29.64 -15.20 -29.11
C GLY B 830 30.45 -13.96 -29.47
N GLU B 831 30.66 -13.73 -30.76
CA GLU B 831 31.44 -12.57 -31.20
C GLU B 831 30.78 -11.30 -30.70
N HIS B 832 29.45 -11.22 -30.81
CA HIS B 832 28.73 -10.01 -30.44
C HIS B 832 28.90 -9.74 -28.95
N TYR B 833 28.79 -10.81 -28.15
CA TYR B 833 28.99 -10.76 -26.72
C TYR B 833 30.38 -10.20 -26.41
N GLU B 834 31.40 -10.76 -27.08
CA GLU B 834 32.79 -10.40 -26.82
C GLU B 834 33.03 -8.94 -27.17
N VAL B 835 32.52 -8.51 -28.34
CA VAL B 835 32.69 -7.13 -28.78
C VAL B 835 32.00 -6.19 -27.78
N THR B 836 30.79 -6.52 -27.37
CA THR B 836 30.04 -5.73 -26.40
C THR B 836 30.85 -5.57 -25.11
N LEU B 837 31.51 -6.64 -24.66
CA LEU B 837 32.24 -6.61 -23.39
C LEU B 837 33.46 -5.69 -23.52
N LEU B 838 34.20 -5.83 -24.64
CA LEU B 838 35.35 -4.98 -24.90
C LEU B 838 34.94 -3.51 -24.94
N HIS B 839 33.85 -3.20 -25.67
CA HIS B 839 33.35 -1.83 -25.76
C HIS B 839 33.01 -1.31 -24.38
N PHE B 840 32.25 -2.10 -23.62
CA PHE B 840 31.79 -1.70 -22.30
C PHE B 840 32.99 -1.40 -21.41
N LEU B 841 34.01 -2.27 -21.45
CA LEU B 841 35.19 -2.11 -20.62
C LEU B 841 35.98 -0.88 -21.04
N GLN B 842 36.20 -0.72 -22.35
CA GLN B 842 36.99 0.40 -22.82
C GLN B 842 36.29 1.73 -22.50
N GLU B 843 34.96 1.74 -22.52
CA GLU B 843 34.19 2.96 -22.30
C GLU B 843 34.01 3.26 -20.81
N TYR B 844 33.75 2.24 -19.98
CA TYR B 844 33.28 2.50 -18.63
C TYR B 844 34.19 1.96 -17.53
N LEU B 845 35.16 1.08 -17.84
CA LEU B 845 36.11 0.63 -16.82
C LEU B 845 37.20 1.70 -16.63
N HIS B 846 37.46 2.45 -17.70
CA HIS B 846 38.29 3.64 -17.69
C HIS B 846 37.51 4.77 -17.02
N HIS B 847 38.19 5.87 -16.67
CA HIS B 847 37.66 6.90 -15.79
C HIS B 847 36.88 8.00 -16.53
N ALA C 3 23.76 30.64 -35.21
CA ALA C 3 24.98 31.35 -34.77
C ALA C 3 25.69 30.62 -33.61
N ALA C 4 24.97 29.94 -32.72
CA ALA C 4 25.56 29.20 -31.61
C ALA C 4 24.64 28.06 -31.16
N ARG C 5 25.26 26.95 -30.76
CA ARG C 5 24.56 25.75 -30.33
C ARG C 5 24.25 25.77 -28.84
N PHE C 6 23.00 25.46 -28.51
CA PHE C 6 22.58 25.35 -27.12
C PHE C 6 23.01 24.01 -26.53
N GLN C 7 23.57 24.04 -25.32
CA GLN C 7 23.86 22.83 -24.56
C GLN C 7 22.84 22.73 -23.43
N VAL C 8 22.24 21.54 -23.28
CA VAL C 8 21.34 21.23 -22.18
C VAL C 8 22.18 20.95 -20.95
N GLN C 9 21.70 21.41 -19.80
CA GLN C 9 22.25 21.09 -18.49
C GLN C 9 22.37 19.58 -18.34
N LYS C 10 23.60 19.07 -18.13
CA LYS C 10 23.83 17.70 -17.75
C LYS C 10 23.50 17.57 -16.26
N HIS C 11 22.60 16.64 -15.93
CA HIS C 11 22.29 16.31 -14.56
C HIS C 11 22.72 14.88 -14.27
N SER C 12 22.84 14.55 -12.99
CA SER C 12 23.00 13.17 -12.59
C SER C 12 21.68 12.42 -12.79
N TRP C 13 21.76 11.09 -12.69
CA TRP C 13 20.61 10.20 -12.77
C TRP C 13 19.56 10.60 -11.73
N ASP C 14 20.02 10.85 -10.49
CA ASP C 14 19.11 11.24 -9.43
C ASP C 14 18.55 12.63 -9.68
N GLY C 15 19.36 13.48 -10.32
CA GLY C 15 18.91 14.79 -10.77
C GLY C 15 17.72 14.68 -11.70
N LEU C 16 17.83 13.79 -12.69
CA LEU C 16 16.78 13.54 -13.66
C LEU C 16 15.54 12.94 -12.98
N ARG C 17 15.74 12.09 -11.97
CA ARG C 17 14.61 11.52 -11.24
C ARG C 17 13.86 12.62 -10.49
N SER C 18 14.62 13.56 -9.90
CA SER C 18 14.04 14.69 -9.18
C SER C 18 13.19 15.55 -10.13
N ILE C 19 13.73 15.85 -11.32
CA ILE C 19 13.01 16.61 -12.33
C ILE C 19 11.70 15.91 -12.67
N ILE C 20 11.77 14.61 -12.97
CA ILE C 20 10.63 13.88 -13.48
C ILE C 20 9.60 13.69 -12.38
N HIS C 21 10.04 13.34 -11.16
CA HIS C 21 9.11 13.18 -10.06
C HIS C 21 8.40 14.50 -9.75
N GLY C 22 9.12 15.62 -9.85
CA GLY C 22 8.55 16.94 -9.63
C GLY C 22 7.50 17.31 -10.66
N SER C 23 7.79 17.02 -11.94
CA SER C 23 6.95 17.40 -13.06
C SER C 23 5.58 16.73 -12.99
N ARG C 24 5.54 15.46 -12.54
CA ARG C 24 4.36 14.64 -12.73
C ARG C 24 3.40 14.93 -11.59
N LYS C 25 3.90 15.04 -10.35
CA LYS C 25 3.07 15.23 -9.17
C LYS C 25 2.45 16.63 -9.20
N TYR C 26 3.30 17.66 -9.38
CA TYR C 26 2.92 19.06 -9.23
C TYR C 26 1.90 19.50 -10.30
N SER C 27 1.74 18.72 -11.39
CA SER C 27 0.78 19.03 -12.44
C SER C 27 -0.64 19.07 -11.88
N ASN C 32 -8.78 9.33 -14.90
CA ASN C 32 -9.76 10.09 -15.73
C ASN C 32 -10.76 10.77 -14.80
N LYS C 33 -10.57 12.09 -14.64
CA LYS C 33 -11.45 12.91 -13.82
C LYS C 33 -12.84 13.06 -14.44
N ALA C 34 -12.94 13.01 -15.79
CA ALA C 34 -14.13 13.42 -16.52
C ALA C 34 -15.26 12.40 -16.39
N PRO C 35 -16.53 12.83 -16.18
CA PRO C 35 -17.68 11.92 -16.28
C PRO C 35 -17.95 11.46 -17.72
N HIS C 36 -18.62 10.30 -17.86
CA HIS C 36 -18.80 9.65 -19.17
C HIS C 36 -19.97 8.68 -19.13
N ASP C 37 -20.37 8.21 -20.32
CA ASP C 37 -21.52 7.32 -20.53
C ASP C 37 -22.79 7.98 -20.00
N PHE C 38 -23.18 9.10 -20.65
CA PHE C 38 -24.31 9.87 -20.21
C PHE C 38 -25.64 9.26 -20.66
N GLN C 39 -26.65 9.33 -19.79
CA GLN C 39 -28.04 9.05 -20.15
C GLN C 39 -28.95 10.09 -19.53
N PHE C 40 -29.57 10.91 -20.39
CA PHE C 40 -30.61 11.83 -19.95
C PHE C 40 -31.93 11.07 -19.85
N VAL C 41 -32.73 11.37 -18.81
CA VAL C 41 -34.08 10.86 -18.64
C VAL C 41 -34.95 12.03 -18.20
N GLN C 42 -36.10 12.22 -18.86
CA GLN C 42 -37.02 13.30 -18.51
C GLN C 42 -37.72 12.97 -17.20
N LYS C 43 -37.93 13.99 -16.36
CA LYS C 43 -38.78 13.88 -15.19
C LYS C 43 -40.22 14.28 -15.56
N THR C 44 -41.19 13.53 -15.04
CA THR C 44 -42.59 13.65 -15.45
C THR C 44 -43.38 14.28 -14.31
N ASP C 45 -42.90 15.41 -13.78
CA ASP C 45 -43.48 16.04 -12.60
C ASP C 45 -43.47 17.55 -12.79
N GLU C 46 -44.65 18.11 -13.05
CA GLU C 46 -44.80 19.53 -13.34
C GLU C 46 -44.55 20.38 -12.09
N SER C 47 -44.73 19.79 -10.90
CA SER C 47 -44.50 20.48 -9.64
C SER C 47 -43.01 20.70 -9.39
N GLY C 48 -42.20 19.65 -9.61
CA GLY C 48 -40.82 19.62 -9.17
C GLY C 48 -39.92 20.46 -10.06
N PRO C 49 -38.71 20.85 -9.57
CA PRO C 49 -37.86 21.82 -10.25
C PRO C 49 -36.89 21.34 -11.33
N HIS C 50 -36.99 20.05 -11.73
CA HIS C 50 -36.00 19.39 -12.56
C HIS C 50 -36.63 18.91 -13.88
N SER C 51 -36.01 19.23 -15.01
CA SER C 51 -36.45 18.77 -16.32
C SER C 51 -35.99 17.34 -16.56
N HIS C 52 -34.76 17.01 -16.15
CA HIS C 52 -34.16 15.72 -16.40
C HIS C 52 -33.31 15.26 -15.23
N ARG C 53 -33.12 13.94 -15.13
CA ARG C 53 -32.00 13.35 -14.41
C ARG C 53 -30.98 12.83 -15.44
N LEU C 54 -29.71 13.06 -15.15
CA LEU C 54 -28.62 12.73 -16.06
C LEU C 54 -27.72 11.71 -15.37
N TYR C 55 -27.73 10.46 -15.87
CA TYR C 55 -26.92 9.38 -15.35
C TYR C 55 -25.57 9.37 -16.05
N TYR C 56 -24.52 8.91 -15.36
CA TYR C 56 -23.18 8.81 -15.91
C TYR C 56 -22.29 7.98 -14.99
N LEU C 57 -21.08 7.68 -15.48
CA LEU C 57 -20.02 7.09 -14.70
C LEU C 57 -18.99 8.17 -14.38
N GLY C 58 -18.49 8.16 -13.15
CA GLY C 58 -17.44 9.07 -12.74
C GLY C 58 -16.87 8.68 -11.37
N MET C 59 -15.70 9.24 -11.04
CA MET C 59 -15.07 9.07 -9.73
C MET C 59 -15.48 10.24 -8.85
N PRO C 60 -16.41 10.05 -7.87
CA PRO C 60 -16.84 11.14 -6.99
C PRO C 60 -15.76 11.68 -6.04
N TYR C 61 -16.14 12.60 -5.13
CA TYR C 61 -15.18 13.39 -4.36
C TYR C 61 -14.30 12.50 -3.48
N GLY C 62 -14.90 11.58 -2.72
CA GLY C 62 -14.17 10.74 -1.77
C GLY C 62 -13.52 9.54 -2.45
N SER C 63 -14.29 8.83 -3.28
CA SER C 63 -13.87 7.56 -3.86
C SER C 63 -12.83 7.76 -4.96
N ARG C 64 -11.89 6.81 -5.09
CA ARG C 64 -10.91 6.81 -6.17
C ARG C 64 -11.23 5.68 -7.16
N GLU C 65 -12.49 5.26 -7.22
CA GLU C 65 -12.98 4.28 -8.19
C GLU C 65 -14.25 4.82 -8.87
N ASN C 66 -14.50 4.35 -10.09
CA ASN C 66 -15.69 4.75 -10.86
C ASN C 66 -16.94 4.18 -10.22
N SER C 67 -18.04 4.95 -10.22
CA SER C 67 -19.34 4.41 -9.86
C SER C 67 -20.45 5.06 -10.72
N LEU C 68 -21.66 4.49 -10.62
CA LEU C 68 -22.86 5.02 -11.22
C LEU C 68 -23.31 6.25 -10.43
N LEU C 69 -23.40 7.38 -11.14
CA LEU C 69 -23.75 8.67 -10.56
C LEU C 69 -24.91 9.28 -11.32
N TYR C 70 -25.52 10.33 -10.74
CA TYR C 70 -26.51 11.12 -11.44
C TYR C 70 -26.41 12.58 -11.01
N SER C 71 -27.03 13.43 -11.82
CA SER C 71 -27.21 14.84 -11.53
C SER C 71 -28.63 15.25 -11.94
N GLU C 72 -29.20 16.17 -11.16
CA GLU C 72 -30.49 16.77 -11.44
C GLU C 72 -30.30 17.99 -12.33
N ILE C 73 -30.99 18.01 -13.48
CA ILE C 73 -30.91 19.12 -14.42
C ILE C 73 -32.09 20.04 -14.15
N PRO C 74 -31.90 21.28 -13.66
CA PRO C 74 -33.02 22.15 -13.30
C PRO C 74 -33.75 22.72 -14.50
N LYS C 75 -35.02 23.09 -14.29
CA LYS C 75 -35.86 23.71 -15.30
C LYS C 75 -35.41 25.14 -15.58
N LYS C 76 -34.88 25.83 -14.55
CA LYS C 76 -34.48 27.22 -14.66
C LYS C 76 -33.08 27.40 -14.08
N VAL C 77 -32.29 28.30 -14.70
CA VAL C 77 -30.96 28.67 -14.23
C VAL C 77 -30.81 30.20 -14.39
N ARG C 78 -30.05 30.83 -13.47
CA ARG C 78 -29.80 32.26 -13.48
C ARG C 78 -28.87 32.63 -14.64
N LYS C 79 -29.19 33.71 -15.34
CA LYS C 79 -28.69 34.01 -16.68
C LYS C 79 -27.17 34.19 -16.70
N GLU C 80 -26.63 35.00 -15.79
CA GLU C 80 -25.20 35.27 -15.73
C GLU C 80 -24.62 34.58 -14.48
N ALA C 81 -24.75 33.24 -14.44
CA ALA C 81 -24.42 32.43 -13.28
C ALA C 81 -24.00 31.03 -13.70
N LEU C 82 -22.91 30.52 -13.11
CA LEU C 82 -22.31 29.26 -13.51
C LEU C 82 -22.75 28.16 -12.54
N LEU C 83 -23.68 27.29 -12.98
CA LEU C 83 -24.23 26.26 -12.11
C LEU C 83 -23.34 25.02 -12.20
N LEU C 84 -22.72 24.67 -11.06
CA LEU C 84 -21.89 23.48 -10.93
C LEU C 84 -22.78 22.36 -10.41
N LEU C 85 -23.03 21.34 -11.24
CA LEU C 85 -23.98 20.28 -10.91
C LEU C 85 -23.38 19.38 -9.82
N SER C 86 -24.21 19.08 -8.82
CA SER C 86 -23.82 18.18 -7.74
C SER C 86 -23.85 16.73 -8.24
N TRP C 87 -22.73 16.02 -8.03
CA TRP C 87 -22.64 14.61 -8.36
C TRP C 87 -23.23 13.76 -7.23
N LYS C 88 -24.43 13.20 -7.43
CA LYS C 88 -25.07 12.29 -6.50
C LYS C 88 -24.68 10.85 -6.82
N GLN C 89 -24.62 10.02 -5.78
CA GLN C 89 -24.33 8.61 -5.95
C GLN C 89 -25.66 7.86 -6.05
N MET C 90 -25.63 6.74 -6.80
CA MET C 90 -26.78 5.85 -6.95
C MET C 90 -26.66 4.62 -6.06
N LEU C 91 -25.43 4.30 -5.63
CA LEU C 91 -25.12 3.04 -4.97
C LEU C 91 -24.59 3.31 -3.56
N ASP C 92 -25.10 2.56 -2.56
CA ASP C 92 -24.46 2.41 -1.27
C ASP C 92 -23.13 1.68 -1.46
N HIS C 93 -22.03 2.45 -1.38
CA HIS C 93 -20.68 2.08 -1.81
C HIS C 93 -20.36 0.64 -1.45
N PHE C 94 -19.84 -0.12 -2.43
CA PHE C 94 -19.72 -1.56 -2.34
C PHE C 94 -18.46 -2.01 -3.10
N GLY C 120 -13.56 0.25 -11.05
CA GLY C 120 -14.86 0.33 -10.36
C GLY C 120 -16.01 -0.18 -11.23
N ILE C 121 -16.71 0.73 -11.92
CA ILE C 121 -17.67 0.36 -12.95
C ILE C 121 -17.23 1.01 -14.26
N THR C 122 -16.97 0.17 -15.28
CA THR C 122 -16.43 0.64 -16.54
C THR C 122 -17.56 0.88 -17.55
N SER C 123 -18.68 0.13 -17.45
CA SER C 123 -19.85 0.33 -18.29
C SER C 123 -21.11 -0.17 -17.61
N TYR C 124 -22.26 0.22 -18.17
CA TYR C 124 -23.57 -0.22 -17.69
C TYR C 124 -24.53 -0.25 -18.88
N ASP C 125 -25.52 -1.15 -18.80
CA ASP C 125 -26.64 -1.17 -19.75
C ASP C 125 -27.86 -0.62 -19.01
N PHE C 126 -28.69 0.10 -19.76
CA PHE C 126 -29.85 0.78 -19.19
C PHE C 126 -31.06 0.56 -20.10
N HIS C 127 -32.22 0.31 -19.48
CA HIS C 127 -33.48 0.15 -20.18
C HIS C 127 -34.41 1.28 -19.72
N SER C 128 -34.61 2.29 -20.57
CA SER C 128 -35.23 3.54 -20.13
C SER C 128 -36.68 3.32 -19.66
N GLU C 129 -37.42 2.43 -20.34
CA GLU C 129 -38.82 2.19 -20.02
C GLU C 129 -38.98 1.68 -18.59
N SER C 130 -38.24 0.63 -18.23
CA SER C 130 -38.32 0.01 -16.91
C SER C 130 -37.42 0.72 -15.89
N GLY C 131 -36.43 1.49 -16.36
CA GLY C 131 -35.47 2.14 -15.48
C GLY C 131 -34.46 1.17 -14.87
N LEU C 132 -34.22 0.00 -15.51
CA LEU C 132 -33.32 -1.02 -15.01
C LEU C 132 -31.89 -0.74 -15.47
N PHE C 133 -30.94 -0.73 -14.53
CA PHE C 133 -29.52 -0.64 -14.80
C PHE C 133 -28.89 -2.00 -14.56
N LEU C 134 -28.00 -2.42 -15.48
CA LEU C 134 -27.32 -3.71 -15.40
C LEU C 134 -25.83 -3.46 -15.61
N PHE C 135 -24.99 -4.00 -14.72
CA PHE C 135 -23.57 -3.69 -14.75
C PHE C 135 -22.73 -4.76 -14.04
N GLN C 136 -21.51 -4.98 -14.54
CA GLN C 136 -20.51 -5.80 -13.86
C GLN C 136 -19.79 -4.96 -12.82
N ALA C 137 -19.41 -5.61 -11.71
CA ALA C 137 -18.78 -4.96 -10.57
C ALA C 137 -18.37 -6.01 -9.55
N SER C 138 -17.15 -5.90 -9.04
CA SER C 138 -16.66 -6.75 -7.97
C SER C 138 -16.75 -8.23 -8.33
N ASN C 139 -16.39 -8.57 -9.59
CA ASN C 139 -16.38 -9.92 -10.12
C ASN C 139 -17.75 -10.59 -10.04
N SER C 140 -18.81 -9.83 -10.31
CA SER C 140 -20.16 -10.37 -10.36
C SER C 140 -21.04 -9.49 -11.24
N LEU C 141 -22.36 -9.78 -11.28
CA LEU C 141 -23.35 -8.97 -11.97
C LEU C 141 -24.27 -8.34 -10.93
N PHE C 142 -24.59 -7.06 -11.14
CA PHE C 142 -25.48 -6.32 -10.25
C PHE C 142 -26.50 -5.56 -11.08
N HIS C 143 -27.55 -5.09 -10.40
CA HIS C 143 -28.59 -4.30 -11.05
C HIS C 143 -29.21 -3.33 -10.04
N CYS C 144 -29.86 -2.29 -10.55
CA CYS C 144 -30.70 -1.42 -9.75
C CYS C 144 -31.78 -0.79 -10.64
N ARG C 145 -32.76 -0.12 -10.02
CA ARG C 145 -33.84 0.52 -10.76
C ARG C 145 -33.99 1.96 -10.29
N ASP C 146 -34.25 2.85 -11.26
CA ASP C 146 -34.49 4.26 -10.99
C ASP C 146 -35.28 4.83 -12.16
N GLY C 147 -36.31 5.64 -11.84
CA GLY C 147 -37.26 6.09 -12.84
C GLY C 147 -38.31 5.03 -13.14
N GLY C 148 -39.06 5.22 -14.23
CA GLY C 148 -40.18 4.36 -14.56
C GLY C 148 -41.29 4.44 -13.51
N LYS C 149 -41.92 3.30 -13.23
CA LYS C 149 -42.96 3.20 -12.22
C LYS C 149 -42.40 3.46 -10.81
N ASN C 150 -41.11 3.11 -10.59
CA ASN C 150 -40.50 3.19 -9.27
C ASN C 150 -40.36 4.62 -8.75
N GLY C 151 -40.25 5.60 -9.66
CA GLY C 151 -39.92 6.97 -9.29
C GLY C 151 -38.44 7.15 -8.96
N PHE C 152 -38.02 8.40 -8.75
CA PHE C 152 -36.61 8.76 -8.69
C PHE C 152 -36.09 8.74 -7.24
N MET C 153 -34.97 8.03 -7.02
CA MET C 153 -34.40 7.90 -5.70
C MET C 153 -33.93 9.25 -5.20
N VAL C 154 -34.03 9.45 -3.88
CA VAL C 154 -33.63 10.67 -3.19
C VAL C 154 -32.33 10.43 -2.43
N SER C 155 -31.79 9.20 -2.47
CA SER C 155 -30.55 8.86 -1.78
C SER C 155 -30.04 7.49 -2.25
N PRO C 156 -28.71 7.20 -2.15
CA PRO C 156 -28.15 5.93 -2.63
C PRO C 156 -28.87 4.67 -2.13
N MET C 157 -29.05 3.71 -3.04
CA MET C 157 -29.72 2.45 -2.75
C MET C 157 -28.72 1.30 -2.92
N LYS C 158 -29.02 0.15 -2.31
CA LYS C 158 -28.13 -1.01 -2.35
C LYS C 158 -28.31 -1.72 -3.68
N PRO C 159 -27.20 -2.02 -4.41
CA PRO C 159 -27.28 -2.80 -5.64
C PRO C 159 -27.51 -4.29 -5.35
N LEU C 160 -28.54 -4.88 -5.96
CA LEU C 160 -28.81 -6.30 -5.81
C LEU C 160 -27.88 -7.07 -6.73
N GLU C 161 -27.08 -7.99 -6.15
CA GLU C 161 -26.31 -8.96 -6.89
C GLU C 161 -27.27 -9.94 -7.57
N ILE C 162 -26.81 -10.55 -8.67
CA ILE C 162 -27.56 -11.57 -9.37
C ILE C 162 -26.84 -12.90 -9.16
N LYS C 163 -27.51 -13.85 -8.49
CA LYS C 163 -26.90 -15.13 -8.16
C LYS C 163 -26.86 -15.99 -9.43
N THR C 164 -25.95 -16.97 -9.46
CA THR C 164 -25.77 -17.84 -10.61
C THR C 164 -25.24 -19.19 -10.13
N GLN C 165 -25.56 -20.24 -10.88
CA GLN C 165 -24.98 -21.55 -10.71
C GLN C 165 -23.95 -21.82 -11.82
N CYS C 166 -23.48 -20.78 -12.53
CA CYS C 166 -22.50 -20.95 -13.59
C CYS C 166 -21.10 -21.05 -13.01
N SER C 167 -20.23 -21.84 -13.67
CA SER C 167 -18.79 -21.81 -13.46
C SER C 167 -18.18 -20.68 -14.27
N GLY C 168 -17.30 -19.89 -13.63
CA GLY C 168 -16.52 -18.89 -14.32
C GLY C 168 -17.31 -17.61 -14.58
N PRO C 169 -16.66 -16.57 -15.12
CA PRO C 169 -17.29 -15.25 -15.31
C PRO C 169 -18.52 -15.24 -16.22
N ARG C 170 -19.42 -14.28 -15.95
CA ARG C 170 -20.54 -13.97 -16.82
C ARG C 170 -20.21 -12.69 -17.58
N MET C 171 -19.90 -12.82 -18.88
CA MET C 171 -19.33 -11.75 -19.67
C MET C 171 -20.39 -11.09 -20.55
N ASP C 172 -20.15 -9.82 -20.87
CA ASP C 172 -20.86 -9.09 -21.90
C ASP C 172 -22.37 -9.12 -21.62
N PRO C 173 -22.82 -8.71 -20.42
CA PRO C 173 -24.24 -8.76 -20.09
C PRO C 173 -25.04 -7.66 -20.79
N LYS C 174 -26.26 -8.00 -21.22
CA LYS C 174 -27.13 -7.07 -21.92
C LYS C 174 -28.57 -7.39 -21.58
N ILE C 175 -29.34 -6.33 -21.33
CA ILE C 175 -30.76 -6.39 -21.04
C ILE C 175 -31.49 -6.76 -22.33
N CYS C 176 -32.55 -7.57 -22.20
CA CYS C 176 -33.41 -7.90 -23.32
C CYS C 176 -34.32 -6.72 -23.61
N PRO C 177 -34.25 -6.07 -24.81
CA PRO C 177 -35.08 -4.89 -25.09
C PRO C 177 -36.58 -5.12 -25.04
N ALA C 178 -37.04 -6.25 -25.59
CA ALA C 178 -38.46 -6.56 -25.71
C ALA C 178 -39.10 -6.86 -24.35
N ASP C 179 -38.29 -7.33 -23.38
CA ASP C 179 -38.79 -7.74 -22.09
C ASP C 179 -37.64 -7.68 -21.09
N PRO C 180 -37.53 -6.61 -20.27
CA PRO C 180 -36.39 -6.44 -19.36
C PRO C 180 -36.31 -7.37 -18.15
N ALA C 181 -37.28 -8.29 -18.02
CA ALA C 181 -37.16 -9.43 -17.12
C ALA C 181 -35.95 -10.29 -17.48
N PHE C 182 -35.59 -10.34 -18.77
CA PHE C 182 -34.50 -11.18 -19.22
C PHE C 182 -33.24 -10.35 -19.49
N PHE C 183 -32.09 -11.03 -19.40
CA PHE C 183 -30.83 -10.49 -19.80
C PHE C 183 -29.97 -11.63 -20.34
N SER C 184 -28.92 -11.28 -21.08
CA SER C 184 -28.06 -12.26 -21.73
C SER C 184 -26.66 -12.15 -21.16
N PHE C 185 -25.86 -13.20 -21.34
CA PHE C 185 -24.42 -13.13 -21.06
C PHE C 185 -23.71 -14.28 -21.79
N ILE C 186 -22.36 -14.18 -21.80
CA ILE C 186 -21.51 -15.24 -22.29
C ILE C 186 -20.87 -15.94 -21.10
N ASN C 187 -20.82 -17.28 -21.17
CA ASN C 187 -20.20 -18.12 -20.15
C ASN C 187 -19.51 -19.28 -20.85
N ASN C 188 -18.19 -19.37 -20.66
CA ASN C 188 -17.35 -20.37 -21.29
C ASN C 188 -17.64 -20.46 -22.79
N SER C 189 -17.59 -19.30 -23.45
CA SER C 189 -17.74 -19.16 -24.89
C SER C 189 -19.08 -19.67 -25.41
N ASP C 190 -20.16 -19.48 -24.64
CA ASP C 190 -21.50 -19.81 -25.11
C ASP C 190 -22.52 -18.80 -24.56
N LEU C 191 -23.65 -18.70 -25.26
CA LEU C 191 -24.64 -17.68 -24.99
C LEU C 191 -25.63 -18.22 -23.96
N TRP C 192 -25.90 -17.40 -22.93
CA TRP C 192 -26.90 -17.70 -21.91
C TRP C 192 -27.91 -16.58 -21.84
N VAL C 193 -29.10 -16.91 -21.31
CA VAL C 193 -30.04 -15.92 -20.84
C VAL C 193 -30.44 -16.29 -19.41
N ALA C 194 -30.98 -15.29 -18.70
CA ALA C 194 -31.48 -15.47 -17.36
C ALA C 194 -32.68 -14.57 -17.17
N ASN C 195 -33.47 -14.87 -16.14
CA ASN C 195 -34.59 -14.07 -15.70
C ASN C 195 -34.19 -13.41 -14.39
N ILE C 196 -34.21 -12.08 -14.36
CA ILE C 196 -33.65 -11.32 -13.25
C ILE C 196 -34.58 -11.41 -12.04
N GLU C 197 -35.87 -11.62 -12.28
CA GLU C 197 -36.90 -11.71 -11.27
C GLU C 197 -36.90 -13.09 -10.62
N THR C 198 -37.07 -14.14 -11.43
CA THR C 198 -37.16 -15.51 -10.95
C THR C 198 -35.78 -16.03 -10.54
N GLY C 199 -34.72 -15.59 -11.23
CA GLY C 199 -33.38 -16.09 -11.00
C GLY C 199 -33.01 -17.28 -11.90
N GLU C 200 -33.92 -17.72 -12.77
CA GLU C 200 -33.69 -18.85 -13.65
C GLU C 200 -32.64 -18.50 -14.69
N GLU C 201 -31.75 -19.46 -14.98
CA GLU C 201 -30.74 -19.35 -16.02
C GLU C 201 -30.96 -20.46 -17.03
N ARG C 202 -30.74 -20.18 -18.34
CA ARG C 202 -30.77 -21.21 -19.36
C ARG C 202 -29.68 -20.93 -20.39
N ARG C 203 -28.87 -21.95 -20.66
CA ARG C 203 -27.87 -21.93 -21.71
C ARG C 203 -28.55 -22.08 -23.08
N LEU C 204 -28.11 -21.29 -24.07
CA LEU C 204 -28.70 -21.31 -25.41
C LEU C 204 -27.84 -22.07 -26.42
N THR C 205 -26.52 -21.92 -26.35
CA THR C 205 -25.64 -22.49 -27.36
C THR C 205 -24.73 -23.52 -26.70
N PHE C 206 -24.33 -24.55 -27.49
CA PHE C 206 -23.59 -25.68 -27.00
C PHE C 206 -22.35 -25.90 -27.86
N CYS C 207 -21.66 -24.81 -28.24
CA CYS C 207 -20.43 -24.85 -29.01
C CYS C 207 -19.22 -25.35 -28.22
N HIS C 208 -19.14 -24.90 -26.97
CA HIS C 208 -17.97 -25.13 -26.15
C HIS C 208 -18.24 -26.37 -25.31
N GLN C 209 -17.50 -27.44 -25.60
CA GLN C 209 -17.61 -28.71 -24.92
C GLN C 209 -17.01 -28.61 -23.52
N GLY C 210 -16.04 -27.70 -23.32
CA GLY C 210 -15.35 -27.55 -22.05
C GLY C 210 -14.37 -28.70 -21.81
N LEU C 211 -13.65 -29.11 -22.87
CA LEU C 211 -12.71 -30.22 -22.83
C LEU C 211 -11.52 -29.87 -21.97
N SER C 212 -10.81 -30.93 -21.56
CA SER C 212 -9.54 -30.83 -20.84
C SER C 212 -8.51 -30.11 -21.70
N ASN C 213 -8.28 -30.61 -22.92
CA ASN C 213 -7.43 -29.94 -23.89
C ASN C 213 -8.26 -28.81 -24.55
N VAL C 214 -7.87 -27.55 -24.30
CA VAL C 214 -8.57 -26.38 -24.82
C VAL C 214 -8.42 -26.28 -26.35
N LEU C 215 -7.28 -26.77 -26.86
CA LEU C 215 -6.97 -26.68 -28.28
C LEU C 215 -7.85 -27.62 -29.09
N ASP C 216 -8.43 -28.65 -28.43
CA ASP C 216 -9.38 -29.54 -29.07
C ASP C 216 -10.81 -29.03 -28.95
N ASP C 217 -11.02 -27.79 -28.46
CA ASP C 217 -12.34 -27.22 -28.24
C ASP C 217 -12.43 -25.83 -28.88
N PRO C 218 -12.35 -25.71 -30.23
CA PRO C 218 -12.10 -24.43 -30.89
C PRO C 218 -13.28 -23.55 -31.31
N LYS C 219 -14.51 -23.90 -30.88
CA LYS C 219 -15.69 -23.15 -31.27
C LYS C 219 -16.17 -22.26 -30.12
N SER C 220 -16.69 -21.07 -30.48
CA SER C 220 -17.31 -20.13 -29.56
C SER C 220 -18.61 -19.62 -30.17
N ALA C 221 -19.49 -19.04 -29.33
CA ALA C 221 -20.69 -18.38 -29.79
C ALA C 221 -20.93 -17.12 -28.96
N GLY C 222 -21.18 -16.00 -29.65
CA GLY C 222 -21.48 -14.72 -29.00
C GLY C 222 -20.23 -13.89 -28.67
N VAL C 223 -19.06 -14.33 -29.15
CA VAL C 223 -17.78 -13.77 -28.76
C VAL C 223 -17.11 -13.17 -29.98
N ALA C 224 -16.52 -11.99 -29.78
CA ALA C 224 -15.65 -11.34 -30.75
C ALA C 224 -14.21 -11.81 -30.56
N THR C 225 -13.58 -12.32 -31.63
CA THR C 225 -12.26 -12.92 -31.54
C THR C 225 -11.20 -11.82 -31.56
N PHE C 226 -9.93 -12.22 -31.44
CA PHE C 226 -8.82 -11.30 -31.23
C PHE C 226 -8.79 -10.20 -32.29
N VAL C 227 -8.75 -10.58 -33.57
CA VAL C 227 -8.62 -9.63 -34.66
C VAL C 227 -9.83 -8.69 -34.72
N ILE C 228 -11.01 -9.21 -34.40
CA ILE C 228 -12.24 -8.44 -34.45
C ILE C 228 -12.18 -7.34 -33.38
N GLN C 229 -11.69 -7.69 -32.18
CA GLN C 229 -11.61 -6.73 -31.08
C GLN C 229 -10.51 -5.71 -31.32
N GLU C 230 -9.31 -6.20 -31.64
CA GLU C 230 -8.13 -5.36 -31.77
C GLU C 230 -8.18 -4.50 -33.03
N GLU C 231 -8.62 -5.08 -34.17
CA GLU C 231 -8.44 -4.42 -35.45
C GLU C 231 -9.75 -3.97 -36.09
N PHE C 232 -10.91 -4.41 -35.59
CA PHE C 232 -12.19 -3.99 -36.16
C PHE C 232 -13.09 -3.30 -35.12
N ASP C 233 -12.58 -3.11 -33.90
CA ASP C 233 -13.26 -2.32 -32.88
C ASP C 233 -14.60 -2.91 -32.47
N ARG C 234 -14.78 -4.25 -32.57
CA ARG C 234 -16.02 -4.90 -32.18
C ARG C 234 -15.77 -5.79 -30.97
N PHE C 235 -16.57 -5.61 -29.91
CA PHE C 235 -16.36 -6.28 -28.63
C PHE C 235 -17.52 -7.18 -28.23
N THR C 236 -18.41 -7.53 -29.18
CA THR C 236 -19.49 -8.48 -28.93
C THR C 236 -19.65 -9.36 -30.16
N GLY C 237 -20.26 -10.52 -29.97
CA GLY C 237 -20.60 -11.41 -31.07
C GLY C 237 -22.08 -11.79 -31.04
N TYR C 238 -22.96 -10.97 -30.41
CA TYR C 238 -24.37 -11.29 -30.37
C TYR C 238 -25.19 -10.02 -30.20
N TRP C 239 -26.46 -10.10 -30.62
CA TRP C 239 -27.34 -8.95 -30.79
C TRP C 239 -28.79 -9.36 -30.49
N TRP C 240 -29.38 -8.83 -29.43
CA TRP C 240 -30.77 -9.05 -29.10
C TRP C 240 -31.66 -8.57 -30.24
N CYS C 241 -32.61 -9.42 -30.66
CA CYS C 241 -33.76 -8.94 -31.43
C CYS C 241 -34.55 -8.01 -30.53
N PRO C 242 -34.93 -6.80 -30.98
CA PRO C 242 -35.66 -5.85 -30.13
C PRO C 242 -37.13 -6.17 -29.86
N THR C 243 -37.70 -7.16 -30.56
CA THR C 243 -39.13 -7.46 -30.49
C THR C 243 -39.35 -8.94 -30.19
N ALA C 244 -40.52 -9.21 -29.60
CA ALA C 244 -41.01 -10.56 -29.33
C ALA C 244 -41.94 -11.03 -30.46
N SER C 245 -42.05 -12.34 -30.65
CA SER C 245 -43.03 -12.91 -31.57
C SER C 245 -43.82 -14.01 -30.87
N TRP C 246 -44.91 -14.47 -31.52
CA TRP C 246 -45.95 -15.30 -30.89
C TRP C 246 -46.38 -16.51 -31.73
N GLU C 247 -45.47 -17.10 -32.49
CA GLU C 247 -45.82 -18.12 -33.49
C GLU C 247 -46.10 -19.48 -32.84
N GLY C 248 -45.49 -19.75 -31.66
CA GLY C 248 -45.69 -21.02 -30.95
C GLY C 248 -47.15 -21.24 -30.55
N SER C 249 -47.67 -22.46 -30.79
CA SER C 249 -49.09 -22.78 -30.62
C SER C 249 -49.51 -22.75 -29.15
N GLU C 250 -48.53 -22.83 -28.23
CA GLU C 250 -48.84 -23.05 -26.82
C GLU C 250 -49.27 -21.74 -26.14
N GLY C 251 -49.30 -20.60 -26.85
CA GLY C 251 -49.50 -19.30 -26.21
C GLY C 251 -48.23 -18.79 -25.52
N LEU C 252 -47.07 -19.17 -26.09
CA LEU C 252 -45.76 -18.81 -25.59
C LEU C 252 -45.19 -17.69 -26.45
N LYS C 253 -44.51 -16.74 -25.78
CA LYS C 253 -43.78 -15.68 -26.44
C LYS C 253 -42.37 -16.13 -26.81
N THR C 254 -41.91 -15.76 -28.02
CA THR C 254 -40.59 -16.08 -28.51
C THR C 254 -39.71 -14.82 -28.46
N LEU C 255 -38.51 -14.98 -27.89
CA LEU C 255 -37.45 -13.99 -27.91
C LEU C 255 -36.29 -14.57 -28.72
N ARG C 256 -35.52 -13.69 -29.39
CA ARG C 256 -34.47 -14.12 -30.31
C ARG C 256 -33.17 -13.35 -30.10
N ILE C 257 -32.04 -14.04 -30.36
CA ILE C 257 -30.72 -13.43 -30.35
C ILE C 257 -29.95 -13.89 -31.58
N LEU C 258 -29.55 -12.92 -32.42
CA LEU C 258 -28.56 -13.13 -33.48
C LEU C 258 -27.18 -13.28 -32.82
N TYR C 259 -26.31 -14.13 -33.37
CA TYR C 259 -24.98 -14.31 -32.80
C TYR C 259 -24.02 -14.90 -33.86
N GLU C 260 -22.74 -14.56 -33.71
CA GLU C 260 -21.66 -15.12 -34.51
C GLU C 260 -21.11 -16.37 -33.81
N GLU C 261 -21.07 -17.47 -34.56
CA GLU C 261 -20.37 -18.69 -34.17
C GLU C 261 -19.06 -18.72 -34.94
N VAL C 262 -17.96 -19.07 -34.25
CA VAL C 262 -16.62 -19.05 -34.84
C VAL C 262 -15.96 -20.39 -34.53
N ASP C 263 -15.07 -20.81 -35.43
CA ASP C 263 -14.27 -22.01 -35.26
C ASP C 263 -12.83 -21.66 -35.58
N GLU C 264 -11.99 -21.68 -34.54
CA GLU C 264 -10.62 -21.21 -34.62
C GLU C 264 -9.62 -22.35 -34.80
N SER C 265 -10.11 -23.55 -35.16
CA SER C 265 -9.27 -24.73 -35.21
C SER C 265 -8.08 -24.52 -36.16
N GLU C 266 -8.29 -23.92 -37.34
CA GLU C 266 -7.21 -23.74 -38.31
C GLU C 266 -6.36 -22.49 -38.06
N VAL C 267 -6.74 -21.67 -37.07
CA VAL C 267 -6.00 -20.46 -36.77
C VAL C 267 -4.76 -20.82 -35.95
N GLU C 268 -3.63 -20.19 -36.30
CA GLU C 268 -2.36 -20.45 -35.62
C GLU C 268 -2.42 -19.98 -34.18
N VAL C 269 -1.73 -20.73 -33.29
CA VAL C 269 -1.66 -20.44 -31.87
C VAL C 269 -0.29 -19.86 -31.54
N ILE C 270 -0.28 -18.85 -30.66
CA ILE C 270 0.95 -18.27 -30.14
C ILE C 270 0.81 -18.13 -28.63
N HIS C 271 1.95 -18.04 -27.93
CA HIS C 271 1.98 -17.92 -26.48
C HIS C 271 2.57 -16.57 -26.09
N VAL C 272 1.89 -15.83 -25.21
CA VAL C 272 2.30 -14.52 -24.74
C VAL C 272 2.46 -14.59 -23.22
N PRO C 273 3.54 -13.99 -22.64
CA PRO C 273 3.78 -14.09 -21.19
C PRO C 273 2.59 -13.62 -20.33
N SER C 274 2.21 -14.47 -19.36
CA SER C 274 1.12 -14.22 -18.44
C SER C 274 1.52 -13.07 -17.51
N PRO C 275 0.57 -12.23 -17.03
CA PRO C 275 0.93 -11.07 -16.21
C PRO C 275 1.55 -11.33 -14.83
N ALA C 276 1.20 -12.46 -14.21
CA ALA C 276 1.83 -12.87 -12.96
C ALA C 276 3.20 -13.50 -13.24
N LEU C 277 4.24 -12.65 -13.35
CA LEU C 277 5.57 -13.06 -13.80
C LEU C 277 6.13 -14.26 -13.05
N GLU C 278 5.91 -14.29 -11.73
CA GLU C 278 6.55 -15.26 -10.85
C GLU C 278 6.08 -16.69 -11.15
N GLU C 279 4.94 -16.85 -11.85
CA GLU C 279 4.45 -18.15 -12.25
C GLU C 279 5.14 -18.70 -13.50
N ARG C 280 5.79 -17.83 -14.29
CA ARG C 280 6.50 -18.23 -15.50
C ARG C 280 5.59 -19.03 -16.45
N LYS C 281 4.38 -18.49 -16.67
CA LYS C 281 3.45 -19.06 -17.63
C LYS C 281 3.22 -18.14 -18.82
N THR C 282 2.54 -18.68 -19.83
CA THR C 282 2.01 -17.91 -20.95
C THR C 282 0.52 -18.18 -21.07
N ASP C 283 -0.15 -17.30 -21.81
CA ASP C 283 -1.51 -17.51 -22.26
C ASP C 283 -1.49 -17.78 -23.76
N SER C 284 -2.33 -18.72 -24.19
CA SER C 284 -2.50 -19.05 -25.61
C SER C 284 -3.46 -18.05 -26.27
N TYR C 285 -3.07 -17.59 -27.46
CA TYR C 285 -3.92 -16.78 -28.31
C TYR C 285 -4.03 -17.48 -29.65
N ARG C 286 -5.26 -17.55 -30.18
CA ARG C 286 -5.47 -17.78 -31.59
C ARG C 286 -5.16 -16.49 -32.34
N TYR C 287 -4.01 -16.45 -33.01
CA TYR C 287 -3.49 -15.22 -33.59
C TYR C 287 -3.40 -15.40 -35.10
N PRO C 288 -4.36 -14.86 -35.89
CA PRO C 288 -4.24 -14.85 -37.34
C PRO C 288 -3.13 -13.89 -37.76
N ARG C 289 -1.97 -14.44 -38.10
CA ARG C 289 -0.93 -13.61 -38.68
C ARG C 289 -1.29 -13.38 -40.14
N THR C 290 -0.83 -12.23 -40.65
CA THR C 290 -1.08 -11.85 -42.03
C THR C 290 -0.78 -13.04 -42.94
N GLY C 291 -1.69 -13.32 -43.86
CA GLY C 291 -1.53 -14.41 -44.82
C GLY C 291 -2.05 -15.77 -44.31
N SER C 292 -2.28 -15.92 -43.01
CA SER C 292 -2.72 -17.19 -42.44
C SER C 292 -4.24 -17.17 -42.29
N LYS C 293 -4.79 -18.30 -41.82
CA LYS C 293 -6.22 -18.51 -41.72
C LYS C 293 -6.79 -17.63 -40.62
N ASN C 294 -7.87 -16.92 -40.98
CA ASN C 294 -8.77 -16.32 -40.02
C ASN C 294 -9.76 -17.38 -39.55
N PRO C 295 -10.53 -17.16 -38.47
CA PRO C 295 -11.55 -18.12 -38.05
C PRO C 295 -12.61 -18.36 -39.12
N LYS C 296 -13.18 -19.58 -39.10
CA LYS C 296 -14.38 -19.88 -39.84
C LYS C 296 -15.57 -19.33 -39.07
N ILE C 297 -16.45 -18.57 -39.75
CA ILE C 297 -17.50 -17.81 -39.10
C ILE C 297 -18.87 -18.14 -39.71
N ALA C 298 -19.92 -17.82 -38.94
CA ALA C 298 -21.30 -17.92 -39.39
C ALA C 298 -22.21 -17.19 -38.41
N LEU C 299 -23.23 -16.54 -38.96
CA LEU C 299 -24.33 -16.03 -38.15
C LEU C 299 -25.38 -17.11 -37.93
N LYS C 300 -25.89 -17.16 -36.71
CA LYS C 300 -26.90 -18.10 -36.28
C LYS C 300 -27.90 -17.36 -35.41
N LEU C 301 -29.02 -18.04 -35.18
CA LEU C 301 -30.12 -17.47 -34.43
C LEU C 301 -30.47 -18.41 -33.29
N ALA C 302 -30.42 -17.86 -32.06
CA ALA C 302 -30.88 -18.59 -30.89
C ALA C 302 -32.21 -17.99 -30.49
N GLU C 303 -33.19 -18.88 -30.26
CA GLU C 303 -34.53 -18.49 -29.85
C GLU C 303 -34.89 -19.23 -28.57
N PHE C 304 -35.85 -18.68 -27.81
CA PHE C 304 -36.36 -19.35 -26.63
C PHE C 304 -37.75 -18.82 -26.32
N GLN C 305 -38.58 -19.67 -25.69
N GLN C 305 -38.59 -19.68 -25.70
CA GLN C 305 -39.97 -19.41 -25.42
CA GLN C 305 -39.98 -19.34 -25.43
C GLN C 305 -40.14 -19.09 -23.93
C GLN C 305 -40.17 -19.10 -23.94
N THR C 306 -41.07 -18.17 -23.62
CA THR C 306 -41.40 -17.83 -22.25
C THR C 306 -42.91 -17.92 -22.07
N ASP C 307 -43.33 -18.29 -20.84
CA ASP C 307 -44.73 -18.37 -20.48
C ASP C 307 -45.12 -17.07 -19.77
N SER C 308 -46.35 -17.03 -19.25
CA SER C 308 -46.85 -15.86 -18.55
C SER C 308 -46.09 -15.61 -17.24
N GLN C 309 -45.56 -16.68 -16.61
CA GLN C 309 -44.79 -16.57 -15.38
C GLN C 309 -43.36 -16.08 -15.66
N GLY C 310 -42.91 -16.16 -16.91
CA GLY C 310 -41.57 -15.75 -17.31
C GLY C 310 -40.59 -16.92 -17.24
N LYS C 311 -41.12 -18.15 -17.35
CA LYS C 311 -40.33 -19.35 -17.24
C LYS C 311 -39.89 -19.74 -18.64
N ILE C 312 -38.65 -20.23 -18.74
CA ILE C 312 -38.05 -20.52 -20.03
C ILE C 312 -38.39 -21.97 -20.38
N VAL C 313 -39.40 -22.10 -21.25
CA VAL C 313 -40.07 -23.35 -21.56
C VAL C 313 -39.22 -24.16 -22.53
N SER C 314 -38.61 -23.52 -23.53
CA SER C 314 -37.84 -24.20 -24.56
C SER C 314 -36.88 -23.22 -25.24
N THR C 315 -35.85 -23.79 -25.87
CA THR C 315 -34.83 -23.03 -26.58
C THR C 315 -34.50 -23.76 -27.88
N GLN C 316 -33.95 -23.03 -28.87
CA GLN C 316 -33.62 -23.64 -30.14
C GLN C 316 -32.46 -22.92 -30.81
N GLU C 317 -31.47 -23.70 -31.29
CA GLU C 317 -30.40 -23.21 -32.14
C GLU C 317 -30.83 -23.35 -33.59
N LYS C 318 -30.94 -22.23 -34.30
CA LYS C 318 -31.26 -22.21 -35.71
C LYS C 318 -30.06 -21.71 -36.52
N GLU C 319 -29.97 -22.17 -37.77
CA GLU C 319 -28.86 -21.81 -38.64
C GLU C 319 -29.39 -21.59 -40.05
N LEU C 320 -28.62 -20.86 -40.85
CA LEU C 320 -28.95 -20.55 -42.22
C LEU C 320 -29.26 -21.83 -42.99
N VAL C 321 -30.24 -21.73 -43.89
CA VAL C 321 -30.86 -22.89 -44.52
C VAL C 321 -29.81 -23.56 -45.42
N GLN C 322 -28.98 -22.74 -46.08
CA GLN C 322 -27.73 -23.20 -46.66
C GLN C 322 -26.58 -22.68 -45.80
N PRO C 323 -25.39 -23.31 -45.82
CA PRO C 323 -24.24 -22.79 -45.08
C PRO C 323 -23.89 -21.36 -45.47
N PHE C 324 -23.49 -20.59 -44.45
CA PHE C 324 -22.96 -19.24 -44.60
C PHE C 324 -21.92 -19.16 -45.73
N SER C 325 -21.02 -20.15 -45.82
CA SER C 325 -19.96 -20.15 -46.81
C SER C 325 -20.52 -20.31 -48.23
N SER C 326 -21.66 -20.99 -48.39
CA SER C 326 -22.33 -21.13 -49.68
C SER C 326 -22.97 -19.81 -50.10
N LEU C 327 -23.78 -19.23 -49.18
CA LEU C 327 -24.51 -18.00 -49.42
C LEU C 327 -23.57 -16.83 -49.62
N PHE C 328 -22.52 -16.73 -48.80
CA PHE C 328 -21.64 -15.57 -48.75
C PHE C 328 -20.18 -16.02 -48.90
N PRO C 329 -19.81 -16.58 -50.07
CA PRO C 329 -18.49 -17.20 -50.24
C PRO C 329 -17.29 -16.27 -50.21
N LYS C 330 -17.48 -14.96 -50.42
CA LYS C 330 -16.39 -14.00 -50.48
C LYS C 330 -16.20 -13.26 -49.14
N VAL C 331 -16.95 -13.61 -48.10
CA VAL C 331 -16.89 -12.92 -46.83
C VAL C 331 -15.80 -13.53 -45.95
N GLU C 332 -14.90 -12.68 -45.44
CA GLU C 332 -13.90 -13.06 -44.45
C GLU C 332 -14.34 -12.64 -43.04
N TYR C 333 -14.98 -11.47 -42.92
CA TYR C 333 -15.19 -10.81 -41.64
C TYR C 333 -16.62 -10.31 -41.53
N ILE C 334 -17.20 -10.45 -40.34
CA ILE C 334 -18.40 -9.72 -39.95
C ILE C 334 -17.93 -8.49 -39.18
N ALA C 335 -18.05 -7.32 -39.81
CA ALA C 335 -17.64 -6.08 -39.18
C ALA C 335 -18.62 -5.76 -38.05
N ARG C 336 -19.92 -5.78 -38.40
CA ARG C 336 -20.99 -5.35 -37.51
C ARG C 336 -22.23 -6.19 -37.77
N ALA C 337 -23.15 -6.19 -36.80
CA ALA C 337 -24.47 -6.76 -37.03
C ALA C 337 -25.50 -6.09 -36.12
N GLY C 338 -26.77 -6.38 -36.36
CA GLY C 338 -27.86 -5.74 -35.63
C GLY C 338 -29.21 -6.18 -36.16
N TRP C 339 -30.24 -5.39 -35.85
CA TRP C 339 -31.62 -5.66 -36.21
C TRP C 339 -32.31 -4.39 -36.67
N THR C 340 -33.31 -4.53 -37.54
CA THR C 340 -34.26 -3.44 -37.77
C THR C 340 -35.06 -3.27 -36.49
N ARG C 341 -35.62 -2.07 -36.26
CA ARG C 341 -36.25 -1.73 -34.99
C ARG C 341 -37.49 -2.58 -34.75
N ASP C 342 -38.12 -3.05 -35.82
CA ASP C 342 -39.28 -3.92 -35.78
C ASP C 342 -38.91 -5.39 -35.62
N GLY C 343 -37.64 -5.73 -35.78
CA GLY C 343 -37.21 -7.12 -35.65
C GLY C 343 -37.53 -7.98 -36.87
N LYS C 344 -37.98 -7.34 -37.96
N LYS C 344 -37.96 -7.34 -37.97
CA LYS C 344 -38.36 -8.05 -39.17
CA LYS C 344 -38.36 -8.05 -39.18
C LYS C 344 -37.12 -8.69 -39.79
C LYS C 344 -37.12 -8.69 -39.82
N TYR C 345 -36.02 -7.94 -39.82
CA TYR C 345 -34.74 -8.42 -40.34
C TYR C 345 -33.61 -8.24 -39.32
N ALA C 346 -32.77 -9.26 -39.24
CA ALA C 346 -31.39 -9.11 -38.79
C ALA C 346 -30.58 -8.49 -39.92
N TRP C 347 -29.54 -7.75 -39.57
CA TRP C 347 -28.62 -7.26 -40.58
C TRP C 347 -27.17 -7.48 -40.16
N ALA C 348 -26.31 -7.52 -41.17
CA ALA C 348 -24.88 -7.69 -40.96
C ALA C 348 -24.11 -6.86 -41.98
N MET C 349 -22.90 -6.43 -41.58
N MET C 349 -22.90 -6.47 -41.59
CA MET C 349 -21.95 -5.80 -42.47
CA MET C 349 -21.94 -5.81 -42.46
C MET C 349 -20.82 -6.80 -42.72
C MET C 349 -20.82 -6.79 -42.72
N PHE C 350 -20.67 -7.22 -43.99
CA PHE C 350 -19.69 -8.22 -44.39
C PHE C 350 -18.53 -7.57 -45.14
N LEU C 351 -17.33 -8.15 -44.99
CA LEU C 351 -16.12 -7.66 -45.61
C LEU C 351 -15.40 -8.84 -46.23
N ASP C 352 -14.89 -8.62 -47.45
CA ASP C 352 -14.04 -9.60 -48.09
C ASP C 352 -12.66 -9.54 -47.45
N ARG C 353 -11.80 -10.52 -47.77
CA ARG C 353 -10.50 -10.61 -47.13
C ARG C 353 -9.62 -9.41 -47.49
N PRO C 354 -9.56 -8.93 -48.76
CA PRO C 354 -8.80 -7.72 -49.09
C PRO C 354 -9.30 -6.41 -48.48
N GLN C 355 -10.52 -6.43 -47.93
CA GLN C 355 -11.16 -5.29 -47.29
C GLN C 355 -11.38 -4.16 -48.28
N GLN C 356 -11.84 -4.52 -49.49
CA GLN C 356 -12.13 -3.58 -50.55
C GLN C 356 -13.58 -3.65 -51.02
N TRP C 357 -14.38 -4.50 -50.34
CA TRP C 357 -15.74 -4.84 -50.75
C TRP C 357 -16.55 -5.12 -49.49
N LEU C 358 -17.50 -4.23 -49.22
CA LEU C 358 -18.39 -4.32 -48.07
C LEU C 358 -19.82 -4.44 -48.57
N GLN C 359 -20.59 -5.25 -47.86
CA GLN C 359 -21.97 -5.51 -48.18
C GLN C 359 -22.77 -5.40 -46.88
N LEU C 360 -23.83 -4.59 -46.95
CA LEU C 360 -24.87 -4.58 -45.93
C LEU C 360 -25.99 -5.53 -46.36
N VAL C 361 -26.27 -6.54 -45.53
CA VAL C 361 -27.13 -7.64 -45.91
C VAL C 361 -28.22 -7.83 -44.87
N LEU C 362 -29.48 -7.88 -45.32
CA LEU C 362 -30.60 -8.18 -44.44
C LEU C 362 -30.83 -9.69 -44.46
N LEU C 363 -31.08 -10.26 -43.28
CA LEU C 363 -31.28 -11.69 -43.11
C LEU C 363 -32.56 -11.87 -42.29
N PRO C 364 -33.67 -12.36 -42.89
CA PRO C 364 -34.92 -12.59 -42.14
C PRO C 364 -34.84 -13.88 -41.33
N PRO C 365 -35.46 -13.92 -40.12
CA PRO C 365 -35.50 -15.13 -39.31
C PRO C 365 -35.96 -16.43 -39.96
N ALA C 366 -36.84 -16.31 -40.96
CA ALA C 366 -37.37 -17.45 -41.70
C ALA C 366 -36.29 -18.17 -42.52
N LEU C 367 -35.14 -17.52 -42.73
CA LEU C 367 -34.03 -18.12 -43.46
C LEU C 367 -33.23 -19.07 -42.57
N PHE C 368 -33.47 -19.03 -41.26
CA PHE C 368 -32.80 -19.93 -40.33
C PHE C 368 -33.73 -21.09 -40.01
N ILE C 369 -33.14 -22.29 -39.86
CA ILE C 369 -33.86 -23.51 -39.61
C ILE C 369 -33.24 -24.20 -38.40
N PRO C 370 -33.96 -25.07 -37.67
CA PRO C 370 -33.37 -25.80 -36.55
C PRO C 370 -32.14 -26.61 -36.95
N SER C 371 -31.06 -26.50 -36.15
CA SER C 371 -29.90 -27.37 -36.27
C SER C 371 -30.29 -28.79 -35.92
N THR C 372 -29.73 -29.78 -36.63
CA THR C 372 -30.03 -31.19 -36.43
C THR C 372 -28.97 -32.04 -37.11
N GLU C 373 -28.71 -33.23 -36.54
CA GLU C 373 -27.89 -34.24 -37.18
C GLU C 373 -28.70 -34.98 -38.24
N ASN C 374 -30.03 -35.03 -38.04
CA ASN C 374 -30.92 -35.81 -38.88
C ASN C 374 -31.04 -35.13 -40.24
N GLU C 375 -30.41 -35.73 -41.27
CA GLU C 375 -30.39 -35.19 -42.62
C GLU C 375 -31.79 -35.13 -43.23
N GLU C 376 -32.67 -36.09 -42.89
CA GLU C 376 -34.01 -36.13 -43.47
C GLU C 376 -34.85 -34.97 -42.92
N GLN C 377 -34.68 -34.69 -41.62
CA GLN C 377 -35.35 -33.57 -40.96
C GLN C 377 -34.90 -32.22 -41.52
N ARG C 378 -33.59 -32.08 -41.78
CA ARG C 378 -33.00 -30.89 -42.38
C ARG C 378 -33.69 -30.53 -43.69
N LEU C 379 -33.85 -31.51 -44.58
CA LEU C 379 -34.45 -31.31 -45.89
C LEU C 379 -35.90 -30.84 -45.76
N ALA C 380 -36.66 -31.43 -44.83
CA ALA C 380 -38.03 -31.02 -44.58
C ALA C 380 -38.09 -29.54 -44.23
N SER C 381 -37.25 -29.12 -43.27
CA SER C 381 -37.11 -27.74 -42.85
C SER C 381 -36.77 -26.83 -44.02
N ALA C 382 -35.79 -27.24 -44.83
CA ALA C 382 -35.34 -26.46 -45.97
C ALA C 382 -36.45 -26.30 -47.00
N ARG C 383 -37.20 -27.39 -47.25
N ARG C 383 -37.21 -27.37 -47.25
CA ARG C 383 -38.32 -27.39 -48.18
CA ARG C 383 -38.30 -27.34 -48.21
C ARG C 383 -39.41 -26.43 -47.73
C ARG C 383 -39.42 -26.41 -47.73
N ALA C 384 -39.66 -26.38 -46.41
CA ALA C 384 -40.72 -25.57 -45.85
C ALA C 384 -40.41 -24.07 -45.86
N VAL C 385 -39.15 -23.66 -46.09
CA VAL C 385 -38.79 -22.25 -46.11
C VAL C 385 -39.43 -21.60 -47.34
N PRO C 386 -40.33 -20.60 -47.19
CA PRO C 386 -40.99 -19.99 -48.34
C PRO C 386 -40.05 -19.47 -49.43
N ARG C 387 -40.54 -19.42 -50.68
CA ARG C 387 -39.69 -19.14 -51.83
C ARG C 387 -39.28 -17.67 -51.86
N ASN C 388 -40.09 -16.77 -51.26
CA ASN C 388 -39.79 -15.34 -51.30
C ASN C 388 -38.99 -14.88 -50.07
N VAL C 389 -38.53 -15.85 -49.26
CA VAL C 389 -37.58 -15.60 -48.20
C VAL C 389 -36.18 -15.67 -48.82
N GLN C 390 -35.39 -14.62 -48.58
CA GLN C 390 -34.02 -14.58 -49.06
C GLN C 390 -33.24 -13.47 -48.34
N PRO C 391 -31.89 -13.47 -48.44
CA PRO C 391 -31.10 -12.31 -48.06
C PRO C 391 -31.27 -11.18 -49.07
N TYR C 392 -30.99 -9.93 -48.64
CA TYR C 392 -31.00 -8.76 -49.50
C TYR C 392 -29.77 -7.89 -49.24
N VAL C 393 -28.92 -7.76 -50.27
CA VAL C 393 -27.80 -6.83 -50.24
C VAL C 393 -28.34 -5.43 -50.53
N VAL C 394 -28.65 -4.67 -49.47
CA VAL C 394 -29.30 -3.37 -49.60
C VAL C 394 -28.27 -2.26 -49.83
N TYR C 395 -26.99 -2.54 -49.64
CA TYR C 395 -25.96 -1.57 -49.98
C TYR C 395 -24.64 -2.29 -50.23
N GLU C 396 -23.77 -1.64 -51.03
CA GLU C 396 -22.49 -2.20 -51.41
C GLU C 396 -21.50 -1.03 -51.54
N GLU C 397 -20.36 -1.14 -50.85
CA GLU C 397 -19.31 -0.12 -50.82
C GLU C 397 -18.03 -0.76 -51.33
N VAL C 398 -17.38 -0.14 -52.33
CA VAL C 398 -16.27 -0.76 -53.06
C VAL C 398 -15.19 0.29 -53.33
N THR C 399 -13.92 -0.13 -53.31
CA THR C 399 -12.80 0.79 -53.37
C THR C 399 -11.54 0.07 -53.87
N ASN C 400 -10.60 0.86 -54.37
CA ASN C 400 -9.26 0.37 -54.69
C ASN C 400 -8.24 0.92 -53.67
N VAL C 401 -8.72 1.43 -52.53
CA VAL C 401 -7.88 1.75 -51.39
C VAL C 401 -8.17 0.70 -50.32
N TRP C 402 -9.06 1.00 -49.35
CA TRP C 402 -9.56 0.03 -48.38
C TRP C 402 -10.86 0.53 -47.78
N ILE C 403 -11.69 -0.40 -47.30
CA ILE C 403 -12.94 -0.08 -46.62
C ILE C 403 -12.65 0.10 -45.14
N ASN C 404 -12.69 1.35 -44.65
CA ASN C 404 -12.75 1.60 -43.23
C ASN C 404 -14.16 1.29 -42.74
N VAL C 405 -14.28 0.58 -41.60
CA VAL C 405 -15.57 0.21 -41.04
C VAL C 405 -16.13 1.42 -40.28
N HIS C 406 -17.21 1.99 -40.83
CA HIS C 406 -17.95 3.09 -40.21
C HIS C 406 -19.21 2.51 -39.57
N ASP C 407 -19.53 3.01 -38.37
CA ASP C 407 -20.55 2.43 -37.53
C ASP C 407 -21.96 2.91 -37.89
N ILE C 408 -22.09 3.92 -38.76
CA ILE C 408 -23.36 4.57 -38.97
C ILE C 408 -24.18 3.80 -40.00
N PHE C 409 -25.27 3.19 -39.51
CA PHE C 409 -26.28 2.57 -40.35
C PHE C 409 -27.60 2.63 -39.60
N TYR C 410 -28.50 3.52 -40.03
CA TYR C 410 -29.76 3.72 -39.33
C TYR C 410 -30.92 3.36 -40.27
N PRO C 411 -31.51 2.15 -40.14
CA PRO C 411 -32.62 1.75 -41.00
C PRO C 411 -33.95 2.23 -40.41
N PHE C 412 -34.73 2.93 -41.25
CA PHE C 412 -36.05 3.40 -40.90
C PHE C 412 -37.04 2.25 -40.97
N PRO C 413 -38.07 2.22 -40.09
CA PRO C 413 -38.95 1.05 -40.00
C PRO C 413 -39.82 1.01 -41.24
N GLN C 414 -40.25 -0.19 -41.64
CA GLN C 414 -41.03 -0.37 -42.85
C GLN C 414 -42.52 -0.42 -42.50
N SER C 415 -43.36 0.17 -43.37
CA SER C 415 -44.79 -0.06 -43.36
C SER C 415 -45.10 -1.49 -43.82
N GLU C 416 -46.28 -2.02 -43.45
CA GLU C 416 -46.67 -3.39 -43.76
C GLU C 416 -46.85 -3.54 -45.29
N GLY C 417 -46.26 -4.60 -45.86
CA GLY C 417 -46.37 -4.86 -47.29
C GLY C 417 -45.52 -3.91 -48.15
N GLU C 418 -44.57 -3.19 -47.50
CA GLU C 418 -43.61 -2.34 -48.19
C GLU C 418 -42.47 -3.24 -48.65
N ASP C 419 -42.17 -3.15 -49.94
CA ASP C 419 -41.09 -3.92 -50.56
C ASP C 419 -39.94 -2.97 -50.88
N GLU C 420 -39.70 -1.99 -49.98
CA GLU C 420 -38.47 -1.25 -49.97
C GLU C 420 -38.03 -0.93 -48.53
N LEU C 421 -36.78 -0.48 -48.38
CA LEU C 421 -36.21 -0.05 -47.11
C LEU C 421 -35.48 1.27 -47.30
N CYS C 422 -35.81 2.26 -46.47
CA CYS C 422 -35.04 3.51 -46.42
C CYS C 422 -34.07 3.49 -45.22
N PHE C 423 -32.89 4.10 -45.36
CA PHE C 423 -31.92 4.12 -44.27
C PHE C 423 -30.82 5.17 -44.47
N LEU C 424 -30.22 5.62 -43.35
CA LEU C 424 -29.04 6.45 -43.35
C LEU C 424 -27.78 5.59 -43.32
N ARG C 425 -26.75 6.03 -44.04
CA ARG C 425 -25.48 5.34 -44.12
C ARG C 425 -24.37 6.37 -44.29
N ALA C 426 -23.30 6.21 -43.50
CA ALA C 426 -22.05 6.89 -43.74
C ALA C 426 -21.27 6.11 -44.80
N ASN C 427 -20.89 6.81 -45.88
CA ASN C 427 -20.13 6.23 -46.97
C ASN C 427 -18.96 7.15 -47.30
N GLU C 428 -17.75 6.59 -47.30
CA GLU C 428 -16.51 7.31 -47.53
C GLU C 428 -16.00 7.01 -48.93
N CYS C 429 -16.12 5.75 -49.39
CA CYS C 429 -15.52 5.29 -50.62
C CYS C 429 -16.16 5.94 -51.85
N LYS C 430 -17.41 6.39 -51.76
CA LYS C 430 -18.11 7.02 -52.87
C LYS C 430 -17.35 8.26 -53.37
N THR C 431 -17.05 9.21 -52.47
CA THR C 431 -16.41 10.46 -52.85
C THR C 431 -14.98 10.54 -52.34
N GLY C 432 -14.56 9.57 -51.51
CA GLY C 432 -13.27 9.63 -50.86
C GLY C 432 -13.29 10.45 -49.57
N PHE C 433 -14.50 10.89 -49.14
CA PHE C 433 -14.71 11.45 -47.80
C PHE C 433 -16.00 10.89 -47.21
N CYS C 434 -15.99 10.62 -45.89
CA CYS C 434 -17.10 10.02 -45.17
C CYS C 434 -18.24 11.01 -45.06
N HIS C 435 -19.41 10.65 -45.62
CA HIS C 435 -20.58 11.52 -45.61
C HIS C 435 -21.87 10.70 -45.41
N LEU C 436 -22.94 11.40 -45.00
CA LEU C 436 -24.23 10.80 -44.76
C LEU C 436 -25.06 10.79 -46.04
N TYR C 437 -25.70 9.64 -46.30
CA TYR C 437 -26.61 9.44 -47.41
C TYR C 437 -27.92 8.87 -46.88
N LYS C 438 -29.05 9.34 -47.43
CA LYS C 438 -30.34 8.71 -47.27
C LYS C 438 -30.60 7.83 -48.48
N VAL C 439 -30.60 6.52 -48.25
CA VAL C 439 -30.66 5.52 -49.31
C VAL C 439 -32.01 4.82 -49.23
N THR C 440 -32.58 4.46 -50.39
CA THR C 440 -33.80 3.66 -50.46
C THR C 440 -33.56 2.47 -51.41
N ALA C 441 -33.68 1.25 -50.89
CA ALA C 441 -33.44 0.03 -51.68
C ALA C 441 -34.75 -0.72 -51.90
N VAL C 442 -34.86 -1.49 -52.99
CA VAL C 442 -36.07 -2.24 -53.30
C VAL C 442 -35.82 -3.71 -52.95
N LEU C 443 -36.72 -4.29 -52.15
CA LEU C 443 -36.57 -5.64 -51.68
C LEU C 443 -37.61 -6.52 -52.38
N LYS C 444 -37.25 -7.10 -53.54
CA LYS C 444 -38.16 -7.92 -54.31
C LYS C 444 -37.54 -9.31 -54.51
N SER C 445 -38.29 -10.33 -54.12
CA SER C 445 -37.83 -11.70 -54.14
C SER C 445 -37.76 -12.28 -55.55
N GLN C 446 -36.61 -12.89 -55.85
CA GLN C 446 -36.40 -13.67 -57.07
C GLN C 446 -37.13 -15.02 -57.00
N GLY C 447 -37.44 -15.53 -55.80
CA GLY C 447 -37.94 -16.89 -55.63
C GLY C 447 -36.78 -17.88 -55.55
N TYR C 448 -36.76 -18.75 -54.51
CA TYR C 448 -35.69 -19.70 -54.29
C TYR C 448 -36.23 -21.00 -53.71
N ASP C 449 -35.66 -22.13 -54.18
CA ASP C 449 -35.84 -23.44 -53.59
C ASP C 449 -34.62 -23.73 -52.72
N TRP C 450 -34.80 -23.58 -51.40
CA TRP C 450 -33.68 -23.64 -50.47
C TRP C 450 -33.21 -25.06 -50.19
N SER C 451 -33.99 -26.08 -50.60
CA SER C 451 -33.57 -27.46 -50.48
C SER C 451 -32.53 -27.79 -51.54
N GLU C 452 -32.57 -27.09 -52.68
CA GLU C 452 -31.66 -27.33 -53.78
C GLU C 452 -30.31 -26.69 -53.49
N PRO C 453 -29.16 -27.33 -53.87
CA PRO C 453 -27.85 -26.84 -53.46
C PRO C 453 -27.56 -25.53 -54.18
N PHE C 454 -26.89 -24.59 -53.50
CA PHE C 454 -26.88 -23.19 -53.90
C PHE C 454 -25.51 -22.77 -54.40
N SER C 455 -25.47 -22.00 -55.48
CA SER C 455 -24.26 -21.32 -55.91
C SER C 455 -24.62 -19.89 -56.36
N PRO C 456 -24.21 -18.84 -55.61
CA PRO C 456 -24.58 -17.47 -55.94
C PRO C 456 -23.87 -16.97 -57.20
N GLY C 457 -24.61 -16.25 -58.05
CA GLY C 457 -24.06 -15.59 -59.22
C GLY C 457 -23.43 -14.25 -58.87
N GLU C 458 -22.95 -13.54 -59.89
CA GLU C 458 -22.49 -12.17 -59.68
C GLU C 458 -23.71 -11.34 -59.29
N ASP C 459 -23.58 -10.56 -58.22
CA ASP C 459 -24.61 -9.65 -57.75
C ASP C 459 -25.91 -10.37 -57.39
N GLU C 460 -25.78 -11.59 -56.85
CA GLU C 460 -26.87 -12.31 -56.22
C GLU C 460 -27.37 -11.51 -55.02
N PHE C 461 -28.70 -11.33 -54.93
CA PHE C 461 -29.35 -10.66 -53.80
C PHE C 461 -29.20 -9.14 -53.88
N LYS C 462 -28.58 -8.60 -54.94
CA LYS C 462 -28.30 -7.18 -55.00
C LYS C 462 -29.62 -6.42 -55.23
N CYS C 463 -29.90 -5.42 -54.39
CA CYS C 463 -31.16 -4.69 -54.44
C CYS C 463 -30.99 -3.46 -55.31
N PRO C 464 -31.92 -3.17 -56.23
CA PRO C 464 -31.99 -1.86 -56.89
C PRO C 464 -32.09 -0.71 -55.89
N ILE C 465 -31.42 0.40 -56.20
CA ILE C 465 -31.38 1.58 -55.36
C ILE C 465 -32.31 2.61 -55.97
N LYS C 466 -33.49 2.80 -55.36
CA LYS C 466 -34.50 3.76 -55.83
C LYS C 466 -34.00 5.19 -55.71
N GLU C 467 -33.25 5.50 -54.63
CA GLU C 467 -32.80 6.86 -54.35
C GLU C 467 -31.57 6.78 -53.45
N GLU C 468 -30.67 7.77 -53.62
CA GLU C 468 -29.53 7.98 -52.73
C GLU C 468 -29.24 9.48 -52.64
N ILE C 469 -29.87 10.18 -51.69
CA ILE C 469 -29.64 11.59 -51.42
C ILE C 469 -28.40 11.73 -50.54
N ALA C 470 -27.48 12.62 -50.93
CA ALA C 470 -26.35 13.01 -50.10
C ALA C 470 -26.79 14.10 -49.13
N LEU C 471 -26.70 13.86 -47.81
CA LEU C 471 -27.08 14.85 -46.81
C LEU C 471 -25.92 15.79 -46.52
N THR C 472 -24.67 15.28 -46.69
CA THR C 472 -23.46 16.04 -46.43
C THR C 472 -22.51 15.82 -47.61
N SER C 473 -21.61 16.80 -47.83
CA SER C 473 -20.59 16.69 -48.87
C SER C 473 -19.50 17.73 -48.64
N GLY C 474 -18.39 17.58 -49.36
CA GLY C 474 -17.26 18.49 -49.23
C GLY C 474 -15.98 17.73 -48.93
N GLU C 475 -14.87 18.46 -48.90
CA GLU C 475 -13.57 17.92 -48.50
C GLU C 475 -13.45 18.03 -46.97
N TRP C 476 -14.29 17.27 -46.29
CA TRP C 476 -14.28 17.10 -44.84
C TRP C 476 -15.07 15.85 -44.51
N GLU C 477 -15.02 15.41 -43.24
CA GLU C 477 -15.55 14.11 -42.86
C GLU C 477 -16.65 14.22 -41.81
N VAL C 478 -17.66 13.37 -41.96
CA VAL C 478 -18.51 12.95 -40.85
C VAL C 478 -17.74 11.88 -40.10
N LEU C 479 -17.68 12.02 -38.77
CA LEU C 479 -16.98 11.08 -37.92
C LEU C 479 -17.91 9.91 -37.62
N ALA C 480 -17.44 8.69 -37.93
CA ALA C 480 -18.29 7.52 -37.89
C ALA C 480 -17.64 6.30 -37.23
N ARG C 481 -16.54 6.52 -36.49
CA ARG C 481 -15.71 5.45 -35.94
C ARG C 481 -15.34 5.77 -34.50
N HIS C 482 -14.80 4.77 -33.78
CA HIS C 482 -14.14 4.98 -32.50
C HIS C 482 -15.03 5.75 -31.53
N GLY C 483 -16.33 5.43 -31.51
CA GLY C 483 -17.27 6.02 -30.57
C GLY C 483 -18.23 7.02 -31.21
N SER C 484 -17.85 7.57 -32.36
CA SER C 484 -18.67 8.60 -32.99
C SER C 484 -19.94 7.97 -33.57
N LYS C 485 -21.05 8.74 -33.49
CA LYS C 485 -22.36 8.22 -33.80
C LYS C 485 -23.26 9.34 -34.33
N ILE C 486 -24.42 8.97 -34.89
CA ILE C 486 -25.47 9.92 -35.20
C ILE C 486 -26.63 9.77 -34.23
N TRP C 487 -27.43 10.82 -34.17
CA TRP C 487 -28.68 10.80 -33.45
C TRP C 487 -29.77 11.32 -34.39
N VAL C 488 -30.84 10.53 -34.55
CA VAL C 488 -31.89 10.83 -35.52
C VAL C 488 -33.19 11.15 -34.80
N ASN C 489 -33.74 12.32 -35.09
CA ASN C 489 -35.03 12.73 -34.58
C ASN C 489 -36.07 12.54 -35.68
N GLU C 490 -36.86 11.47 -35.58
CA GLU C 490 -37.87 11.15 -36.59
C GLU C 490 -39.08 12.07 -36.50
N GLU C 491 -39.27 12.73 -35.34
CA GLU C 491 -40.33 13.72 -35.18
C GLU C 491 -40.02 14.93 -36.06
N THR C 492 -38.77 15.41 -36.05
CA THR C 492 -38.38 16.61 -36.78
C THR C 492 -37.69 16.30 -38.12
N LYS C 493 -37.33 15.03 -38.38
CA LYS C 493 -36.63 14.63 -39.59
C LYS C 493 -35.22 15.24 -39.66
N LEU C 494 -34.54 15.22 -38.51
CA LEU C 494 -33.21 15.79 -38.38
C LEU C 494 -32.22 14.71 -37.93
N VAL C 495 -30.98 14.82 -38.42
CA VAL C 495 -29.90 13.93 -38.03
C VAL C 495 -28.74 14.77 -37.53
N TYR C 496 -28.35 14.53 -36.27
CA TYR C 496 -27.23 15.17 -35.60
C TYR C 496 -25.97 14.33 -35.82
N PHE C 497 -24.81 14.97 -35.97
CA PHE C 497 -23.57 14.26 -36.26
C PHE C 497 -22.35 15.12 -35.90
N GLN C 498 -21.19 14.47 -35.80
CA GLN C 498 -19.92 15.15 -35.57
C GLN C 498 -19.07 15.06 -36.83
N GLY C 499 -18.17 16.03 -37.03
CA GLY C 499 -17.39 16.11 -38.24
C GLY C 499 -16.38 17.25 -38.23
N THR C 500 -15.60 17.31 -39.32
CA THR C 500 -14.46 18.20 -39.47
C THR C 500 -14.78 19.32 -40.47
N LYS C 501 -16.05 19.73 -40.55
CA LYS C 501 -16.48 20.63 -41.59
C LYS C 501 -15.78 21.98 -41.42
N ASP C 502 -15.80 22.52 -40.20
CA ASP C 502 -15.16 23.78 -39.87
C ASP C 502 -13.66 23.69 -40.08
N THR C 503 -13.04 22.57 -39.63
CA THR C 503 -11.58 22.43 -39.66
C THR C 503 -11.19 20.99 -39.35
N PRO C 504 -10.12 20.45 -39.98
CA PRO C 504 -9.62 19.13 -39.59
C PRO C 504 -9.02 19.07 -38.18
N LEU C 505 -8.80 20.24 -37.55
CA LEU C 505 -8.15 20.32 -36.25
C LEU C 505 -9.15 20.24 -35.10
N GLU C 506 -10.46 20.24 -35.38
CA GLU C 506 -11.47 20.26 -34.31
C GLU C 506 -12.68 19.43 -34.71
N HIS C 507 -13.18 18.58 -33.80
CA HIS C 507 -14.45 17.90 -33.99
C HIS C 507 -15.56 18.81 -33.47
N HIS C 508 -16.62 18.98 -34.29
CA HIS C 508 -17.77 19.76 -33.90
C HIS C 508 -19.06 18.97 -34.11
N LEU C 509 -20.13 19.47 -33.49
CA LEU C 509 -21.46 18.89 -33.55
C LEU C 509 -22.30 19.70 -34.53
N TYR C 510 -22.95 18.99 -35.47
CA TYR C 510 -23.73 19.60 -36.53
C TYR C 510 -25.12 18.98 -36.54
N VAL C 511 -26.04 19.62 -37.30
CA VAL C 511 -27.35 19.05 -37.60
C VAL C 511 -27.75 19.39 -39.04
N VAL C 512 -28.43 18.44 -39.69
CA VAL C 512 -28.99 18.63 -41.02
C VAL C 512 -30.33 17.87 -41.11
N SER C 513 -31.21 18.32 -42.02
CA SER C 513 -32.44 17.61 -42.32
C SER C 513 -32.14 16.44 -43.24
N TYR C 514 -32.79 15.30 -42.97
CA TYR C 514 -32.77 14.18 -43.92
C TYR C 514 -34.02 14.20 -44.81
N GLU C 515 -34.99 15.06 -44.51
CA GLU C 515 -36.21 15.21 -45.29
C GLU C 515 -35.94 16.09 -46.49
N ALA C 516 -35.45 17.32 -46.23
CA ALA C 516 -35.10 18.28 -47.27
C ALA C 516 -33.66 18.76 -47.06
N ALA C 517 -32.71 17.89 -47.43
CA ALA C 517 -31.30 18.11 -47.15
C ALA C 517 -30.86 19.49 -47.60
N GLY C 518 -30.14 20.23 -46.73
CA GLY C 518 -29.67 21.55 -47.11
C GLY C 518 -28.67 22.14 -46.11
N GLU C 519 -29.14 23.13 -45.35
CA GLU C 519 -28.27 23.91 -44.48
C GLU C 519 -27.82 23.03 -43.31
N ILE C 520 -26.50 23.08 -43.05
CA ILE C 520 -25.88 22.40 -41.93
C ILE C 520 -25.60 23.42 -40.84
N VAL C 521 -26.21 23.24 -39.68
CA VAL C 521 -26.04 24.13 -38.55
C VAL C 521 -25.09 23.48 -37.56
N ARG C 522 -24.09 24.26 -37.13
CA ARG C 522 -23.14 23.84 -36.12
C ARG C 522 -23.66 24.25 -34.75
N LEU C 523 -23.51 23.37 -33.75
CA LEU C 523 -24.03 23.60 -32.41
C LEU C 523 -22.92 23.84 -31.39
N THR C 524 -21.64 23.64 -31.75
CA THR C 524 -20.53 23.74 -30.81
C THR C 524 -19.68 24.97 -31.09
N THR C 525 -19.05 25.47 -30.03
CA THR C 525 -18.29 26.72 -30.08
C THR C 525 -16.95 26.49 -30.77
N PRO C 526 -16.62 27.27 -31.83
CA PRO C 526 -15.30 27.17 -32.47
C PRO C 526 -14.14 27.49 -31.54
N GLY C 527 -12.94 27.00 -31.93
CA GLY C 527 -11.73 27.19 -31.16
C GLY C 527 -11.52 26.11 -30.10
N PHE C 528 -12.30 25.02 -30.18
CA PHE C 528 -12.13 23.85 -29.32
C PHE C 528 -12.52 22.61 -30.12
N SER C 529 -12.04 21.44 -29.68
CA SER C 529 -12.50 20.16 -30.21
C SER C 529 -13.49 19.52 -29.24
N HIS C 530 -14.60 18.97 -29.76
CA HIS C 530 -15.73 18.58 -28.93
C HIS C 530 -16.04 17.11 -29.10
N SER C 531 -16.42 16.48 -27.98
CA SER C 531 -16.98 15.14 -27.97
C SER C 531 -18.34 15.18 -27.26
N CYS C 532 -19.42 14.95 -28.02
CA CYS C 532 -20.77 15.28 -27.56
C CYS C 532 -21.63 14.03 -27.37
N SER C 533 -22.52 14.11 -26.37
CA SER C 533 -23.56 13.14 -26.07
C SER C 533 -24.91 13.87 -26.17
N MET C 534 -25.86 13.30 -26.91
CA MET C 534 -27.13 13.95 -27.20
C MET C 534 -28.23 13.22 -26.43
N SER C 535 -29.15 13.99 -25.83
CA SER C 535 -30.31 13.46 -25.14
C SER C 535 -31.22 12.71 -26.12
N GLN C 536 -31.91 11.68 -25.62
CA GLN C 536 -32.84 10.88 -26.41
C GLN C 536 -34.03 11.71 -26.88
N ASN C 537 -34.32 12.84 -26.21
CA ASN C 537 -35.46 13.68 -26.54
C ASN C 537 -35.04 14.92 -27.33
N PHE C 538 -33.74 15.05 -27.64
CA PHE C 538 -33.20 16.12 -28.48
C PHE C 538 -33.43 17.50 -27.87
N ASP C 539 -33.52 17.57 -26.54
CA ASP C 539 -33.70 18.84 -25.83
C ASP C 539 -32.36 19.33 -25.28
N MET C 540 -31.44 18.43 -24.94
CA MET C 540 -30.17 18.81 -24.34
C MET C 540 -29.03 17.98 -24.91
N PHE C 541 -27.80 18.47 -24.73
CA PHE C 541 -26.63 17.66 -24.99
C PHE C 541 -25.48 18.05 -24.07
N VAL C 542 -24.52 17.13 -23.92
CA VAL C 542 -23.27 17.33 -23.19
C VAL C 542 -22.15 17.48 -24.22
N SER C 543 -21.16 18.34 -23.92
CA SER C 543 -19.93 18.39 -24.69
C SER C 543 -18.72 18.35 -23.77
N HIS C 544 -17.91 17.29 -23.92
CA HIS C 544 -16.55 17.22 -23.42
C HIS C 544 -15.65 17.90 -24.45
N TYR C 545 -15.01 19.01 -24.08
CA TYR C 545 -14.19 19.75 -25.03
C TYR C 545 -12.98 20.38 -24.37
N SER C 546 -12.01 20.73 -25.22
CA SER C 546 -10.74 21.30 -24.82
C SER C 546 -10.06 21.95 -26.03
N SER C 547 -8.96 22.65 -25.74
CA SER C 547 -8.07 23.20 -26.77
C SER C 547 -6.62 22.95 -26.35
N VAL C 548 -5.67 23.17 -27.27
CA VAL C 548 -4.25 23.03 -26.96
C VAL C 548 -3.88 23.85 -25.72
N SER C 549 -4.53 25.01 -25.54
CA SER C 549 -4.18 25.93 -24.47
C SER C 549 -5.01 25.70 -23.21
N THR C 550 -6.19 25.07 -23.31
CA THR C 550 -7.10 24.95 -22.18
C THR C 550 -7.40 23.49 -21.86
N PRO C 551 -7.22 23.03 -20.60
CA PRO C 551 -7.66 21.69 -20.19
C PRO C 551 -9.15 21.45 -20.37
N PRO C 552 -9.60 20.17 -20.40
CA PRO C 552 -10.98 19.87 -20.79
C PRO C 552 -12.00 20.27 -19.74
N CYS C 553 -13.23 20.57 -20.19
CA CYS C 553 -14.40 20.70 -19.33
C CYS C 553 -15.55 19.88 -19.92
N VAL C 554 -16.57 19.65 -19.10
CA VAL C 554 -17.79 18.97 -19.54
C VAL C 554 -18.97 19.88 -19.19
N HIS C 555 -19.69 20.34 -20.22
CA HIS C 555 -20.77 21.31 -20.06
C HIS C 555 -22.06 20.78 -20.68
N VAL C 556 -23.19 21.16 -20.07
CA VAL C 556 -24.51 20.74 -20.49
C VAL C 556 -25.16 21.92 -21.22
N TYR C 557 -25.74 21.64 -22.39
CA TYR C 557 -26.36 22.66 -23.22
C TYR C 557 -27.85 22.35 -23.38
N LYS C 558 -28.66 23.41 -23.50
CA LYS C 558 -30.07 23.28 -23.84
C LYS C 558 -30.30 23.77 -25.27
N LEU C 559 -31.07 23.01 -26.06
CA LEU C 559 -31.53 23.47 -27.36
C LEU C 559 -32.88 24.16 -27.20
N SER C 560 -32.89 25.49 -27.39
CA SER C 560 -34.09 26.28 -27.15
C SER C 560 -34.47 27.02 -28.43
N GLY C 561 -35.78 27.13 -28.67
CA GLY C 561 -36.31 27.93 -29.77
C GLY C 561 -37.73 27.50 -30.17
N PRO C 562 -38.35 28.25 -31.11
CA PRO C 562 -39.61 27.81 -31.72
C PRO C 562 -39.56 26.38 -32.25
N ASP C 563 -40.60 25.61 -31.93
CA ASP C 563 -40.72 24.23 -32.38
C ASP C 563 -40.95 24.14 -33.89
N ASP C 564 -41.48 25.20 -34.50
CA ASP C 564 -41.75 25.18 -35.93
C ASP C 564 -40.47 25.41 -36.75
N ASP C 565 -39.35 25.76 -36.10
CA ASP C 565 -38.05 25.86 -36.77
C ASP C 565 -37.01 25.06 -35.99
N PRO C 566 -37.09 23.72 -35.93
CA PRO C 566 -36.21 22.93 -35.06
C PRO C 566 -34.76 22.88 -35.53
N LEU C 567 -34.51 23.08 -36.82
CA LEU C 567 -33.16 23.10 -37.36
C LEU C 567 -32.34 24.22 -36.72
N HIS C 568 -32.98 25.35 -36.37
CA HIS C 568 -32.26 26.51 -35.87
C HIS C 568 -32.52 26.70 -34.37
N LYS C 569 -32.67 25.60 -33.63
CA LYS C 569 -32.61 25.67 -32.18
C LYS C 569 -31.25 26.24 -31.77
N GLN C 570 -31.24 27.10 -30.74
CA GLN C 570 -30.01 27.70 -30.24
C GLN C 570 -29.48 26.84 -29.08
N PRO C 571 -28.17 26.52 -29.05
CA PRO C 571 -27.54 25.88 -27.91
C PRO C 571 -27.21 26.91 -26.83
N ARG C 572 -27.72 26.71 -25.62
CA ARG C 572 -27.47 27.64 -24.51
C ARG C 572 -26.73 26.85 -23.43
N PHE C 573 -25.62 27.41 -22.94
CA PHE C 573 -24.95 26.88 -21.76
C PHE C 573 -25.96 26.79 -20.62
N TRP C 574 -26.04 25.65 -19.94
CA TRP C 574 -27.03 25.40 -18.90
C TRP C 574 -26.36 25.09 -17.57
N ALA C 575 -25.39 24.16 -17.56
CA ALA C 575 -24.64 23.85 -16.35
C ALA C 575 -23.30 23.20 -16.68
N SER C 576 -22.45 23.11 -15.65
CA SER C 576 -21.16 22.43 -15.75
C SER C 576 -21.24 21.12 -15.01
N MET C 577 -20.69 20.08 -15.64
CA MET C 577 -20.43 18.79 -15.01
C MET C 577 -19.00 18.75 -14.45
N MET C 578 -18.09 19.53 -15.05
CA MET C 578 -16.69 19.55 -14.70
C MET C 578 -16.05 20.79 -15.30
N GLU C 579 -15.52 21.68 -14.44
CA GLU C 579 -14.80 22.85 -14.90
C GLU C 579 -13.35 22.49 -15.23
N ALA C 580 -12.75 23.25 -16.16
CA ALA C 580 -11.39 22.99 -16.59
C ALA C 580 -10.43 23.34 -15.47
N ALA C 581 -9.49 22.43 -15.18
CA ALA C 581 -8.35 22.73 -14.32
C ALA C 581 -7.52 23.87 -14.91
N SER C 582 -6.73 24.51 -14.05
CA SER C 582 -5.77 25.52 -14.47
C SER C 582 -4.69 24.84 -15.31
N CYS C 583 -4.45 25.37 -16.51
CA CYS C 583 -3.30 25.02 -17.32
C CYS C 583 -2.03 25.25 -16.50
N PRO C 584 -1.25 24.20 -16.11
CA PRO C 584 -0.16 24.36 -15.15
C PRO C 584 0.82 25.51 -15.47
N PRO C 585 1.36 26.23 -14.46
CA PRO C 585 2.30 27.34 -14.72
C PRO C 585 3.57 26.96 -15.48
N ASP C 586 4.12 25.78 -15.19
N ASP C 586 4.13 25.79 -15.17
CA ASP C 586 5.30 25.25 -15.87
CA ASP C 586 5.28 25.23 -15.89
C ASP C 586 5.00 24.81 -17.30
C ASP C 586 4.96 24.98 -17.35
N TYR C 587 3.72 24.55 -17.62
CA TYR C 587 3.30 24.06 -18.92
C TYR C 587 3.11 25.19 -19.93
N VAL C 588 3.75 25.03 -21.10
CA VAL C 588 3.60 25.93 -22.23
C VAL C 588 3.00 25.13 -23.38
N PRO C 589 1.77 25.48 -23.85
CA PRO C 589 1.14 24.76 -24.95
C PRO C 589 2.03 24.73 -26.19
N PRO C 590 1.93 23.67 -27.02
CA PRO C 590 2.61 23.66 -28.31
C PRO C 590 1.84 24.58 -29.25
N GLU C 591 2.51 24.94 -30.34
CA GLU C 591 1.97 25.82 -31.34
C GLU C 591 1.66 24.98 -32.58
N ILE C 592 0.38 24.97 -32.98
CA ILE C 592 -0.03 24.31 -34.22
C ILE C 592 0.40 25.20 -35.38
N PHE C 593 0.90 24.58 -36.46
CA PHE C 593 1.18 25.26 -37.70
C PHE C 593 0.75 24.35 -38.85
N HIS C 594 0.91 24.84 -40.08
CA HIS C 594 0.81 24.00 -41.26
C HIS C 594 1.74 24.53 -42.34
N PHE C 595 1.92 23.74 -43.39
CA PHE C 595 2.81 24.08 -44.48
C PHE C 595 2.47 23.18 -45.68
N HIS C 596 3.09 23.47 -46.83
CA HIS C 596 2.79 22.77 -48.06
C HIS C 596 4.04 22.05 -48.55
N THR C 597 3.92 20.75 -48.79
CA THR C 597 5.01 19.91 -49.21
C THR C 597 5.42 20.30 -50.63
N ARG C 598 6.52 19.70 -51.12
CA ARG C 598 6.95 19.88 -52.48
C ARG C 598 5.89 19.38 -53.47
N SER C 599 5.07 18.38 -53.09
CA SER C 599 3.93 17.95 -53.90
C SER C 599 2.69 18.83 -53.70
N ASP C 600 2.78 19.86 -52.85
CA ASP C 600 1.71 20.80 -52.55
C ASP C 600 0.56 20.14 -51.77
N VAL C 601 0.90 19.25 -50.82
CA VAL C 601 -0.04 18.71 -49.84
C VAL C 601 0.08 19.52 -48.56
N ARG C 602 -1.05 19.89 -47.95
CA ARG C 602 -1.04 20.57 -46.67
C ARG C 602 -0.81 19.52 -45.58
N LEU C 603 0.27 19.71 -44.81
CA LEU C 603 0.55 18.96 -43.60
C LEU C 603 0.44 19.92 -42.42
N TYR C 604 -0.13 19.44 -41.32
CA TYR C 604 -0.13 20.15 -40.07
C TYR C 604 0.94 19.59 -39.14
N GLY C 605 1.41 20.43 -38.20
CA GLY C 605 2.40 20.04 -37.24
C GLY C 605 2.22 20.80 -35.93
N MET C 606 2.97 20.40 -34.90
CA MET C 606 3.13 21.15 -33.67
C MET C 606 4.61 21.41 -33.39
N ILE C 607 4.88 22.48 -32.63
CA ILE C 607 6.20 22.78 -32.11
C ILE C 607 6.08 23.12 -30.63
N TYR C 608 6.90 22.45 -29.81
CA TYR C 608 7.15 22.90 -28.46
C TYR C 608 8.45 23.69 -28.50
N LYS C 609 8.35 25.03 -28.33
CA LYS C 609 9.54 25.88 -28.35
C LYS C 609 10.36 25.60 -27.10
N PRO C 610 11.72 25.59 -27.18
CA PRO C 610 12.56 25.48 -25.99
C PRO C 610 12.16 26.61 -25.03
N HIS C 611 11.90 26.29 -23.78
CA HIS C 611 11.54 27.30 -22.79
C HIS C 611 12.71 28.26 -22.61
N ALA C 612 12.38 29.51 -22.29
CA ALA C 612 13.36 30.58 -22.11
C ALA C 612 14.32 30.60 -23.31
N LEU C 613 13.71 30.71 -24.50
CA LEU C 613 14.47 30.69 -25.73
C LEU C 613 15.25 32.00 -25.82
N GLN C 614 16.52 31.91 -26.24
CA GLN C 614 17.36 33.07 -26.55
C GLN C 614 17.47 33.17 -28.07
N PRO C 615 17.58 34.38 -28.67
CA PRO C 615 17.66 34.52 -30.12
C PRO C 615 19.00 34.05 -30.65
N GLY C 616 18.97 33.42 -31.83
CA GLY C 616 20.18 32.96 -32.52
C GLY C 616 20.80 31.70 -31.93
N LYS C 617 20.08 31.00 -31.03
CA LYS C 617 20.52 29.74 -30.47
C LYS C 617 19.82 28.59 -31.20
N LYS C 618 20.62 27.56 -31.56
CA LYS C 618 20.15 26.37 -32.25
C LYS C 618 20.10 25.21 -31.26
N HIS C 619 18.90 24.68 -31.00
CA HIS C 619 18.67 23.72 -29.92
C HIS C 619 18.59 22.29 -30.45
N PRO C 620 18.97 21.28 -29.63
CA PRO C 620 18.79 19.88 -30.00
C PRO C 620 17.30 19.59 -30.01
N THR C 621 16.89 18.67 -30.89
CA THR C 621 15.49 18.53 -31.25
C THR C 621 15.10 17.05 -31.15
N VAL C 622 13.88 16.80 -30.65
CA VAL C 622 13.25 15.49 -30.71
C VAL C 622 12.07 15.55 -31.68
N LEU C 623 12.15 14.75 -32.74
CA LEU C 623 11.03 14.50 -33.62
C LEU C 623 10.20 13.36 -33.04
N PHE C 624 9.03 13.70 -32.48
CA PHE C 624 8.13 12.72 -31.90
C PHE C 624 7.14 12.29 -32.99
N VAL C 625 7.06 10.97 -33.24
CA VAL C 625 6.35 10.44 -34.38
C VAL C 625 5.40 9.32 -33.94
N TYR C 626 4.22 9.26 -34.57
CA TYR C 626 3.41 8.05 -34.64
C TYR C 626 3.36 7.66 -36.10
N GLY C 627 2.56 8.39 -36.91
CA GLY C 627 2.72 8.38 -38.36
C GLY C 627 1.97 7.27 -39.10
N GLY C 628 1.24 6.44 -38.35
CA GLY C 628 0.50 5.32 -38.92
C GLY C 628 -0.96 5.66 -39.14
N PRO C 629 -1.72 4.77 -39.81
CA PRO C 629 -3.15 5.01 -40.05
C PRO C 629 -4.01 4.99 -38.79
N GLN C 630 -5.19 5.61 -38.92
CA GLN C 630 -6.23 5.61 -37.91
C GLN C 630 -5.89 6.56 -36.76
N VAL C 631 -4.83 7.38 -36.88
CA VAL C 631 -4.44 8.28 -35.81
C VAL C 631 -4.18 9.67 -36.40
N GLN C 632 -4.42 10.70 -35.58
CA GLN C 632 -4.08 12.08 -35.88
C GLN C 632 -3.50 12.72 -34.61
N LEU C 633 -2.19 13.04 -34.61
CA LEU C 633 -1.56 13.63 -33.43
C LEU C 633 -1.89 15.12 -33.30
N VAL C 634 -2.06 15.82 -34.44
CA VAL C 634 -2.13 17.27 -34.46
C VAL C 634 -3.59 17.71 -34.63
N ASN C 635 -4.14 18.29 -33.56
CA ASN C 635 -5.47 18.86 -33.54
C ASN C 635 -5.59 19.79 -32.34
N ASN C 636 -6.63 20.62 -32.32
CA ASN C 636 -6.77 21.63 -31.29
C ASN C 636 -7.52 21.04 -30.09
N SER C 637 -6.79 20.22 -29.33
CA SER C 637 -7.26 19.72 -28.05
C SER C 637 -6.09 19.66 -27.08
N PHE C 638 -6.39 19.51 -25.78
CA PHE C 638 -5.38 19.64 -24.75
C PHE C 638 -4.48 18.40 -24.74
N LYS C 639 -3.17 18.63 -24.87
CA LYS C 639 -2.21 17.54 -24.97
C LYS C 639 -1.45 17.34 -23.66
N GLY C 640 -1.71 18.18 -22.65
CA GLY C 640 -0.85 18.28 -21.49
C GLY C 640 -0.96 17.11 -20.51
N ILE C 641 -2.06 16.34 -20.56
CA ILE C 641 -2.18 15.13 -19.76
C ILE C 641 -1.30 14.05 -20.41
N LYS C 642 -1.65 13.66 -21.63
CA LYS C 642 -1.05 12.51 -22.28
C LYS C 642 0.40 12.81 -22.67
N TYR C 643 0.71 14.04 -23.09
CA TYR C 643 2.01 14.37 -23.65
C TYR C 643 2.73 15.40 -22.79
N LEU C 644 2.62 15.26 -21.47
CA LEU C 644 3.32 16.13 -20.53
C LEU C 644 4.83 16.07 -20.76
N ARG C 645 5.36 14.86 -21.00
CA ARG C 645 6.79 14.64 -21.20
C ARG C 645 7.36 15.51 -22.33
N LEU C 646 6.54 15.87 -23.33
CA LEU C 646 7.02 16.70 -24.43
C LEU C 646 7.24 18.13 -23.94
N ASN C 647 6.37 18.61 -23.02
CA ASN C 647 6.59 19.88 -22.37
C ASN C 647 7.86 19.81 -21.51
N THR C 648 8.05 18.68 -20.80
CA THR C 648 9.22 18.50 -19.95
C THR C 648 10.50 18.58 -20.78
N LEU C 649 10.50 17.94 -21.96
CA LEU C 649 11.63 18.03 -22.87
C LEU C 649 11.94 19.48 -23.19
N ALA C 650 10.91 20.25 -23.53
CA ALA C 650 11.08 21.63 -23.94
C ALA C 650 11.59 22.49 -22.79
N SER C 651 11.20 22.14 -21.55
CA SER C 651 11.65 22.86 -20.36
C SER C 651 13.15 22.69 -20.12
N LEU C 652 13.76 21.62 -20.65
CA LEU C 652 15.20 21.42 -20.52
C LEU C 652 15.95 21.98 -21.72
N GLY C 653 15.21 22.49 -22.72
CA GLY C 653 15.81 23.22 -23.83
C GLY C 653 15.87 22.42 -25.12
N TYR C 654 15.16 21.28 -25.17
CA TYR C 654 14.96 20.57 -26.43
C TYR C 654 13.78 21.19 -27.18
N ALA C 655 13.90 21.35 -28.50
CA ALA C 655 12.76 21.62 -29.35
C ALA C 655 12.01 20.30 -29.60
N VAL C 656 10.68 20.35 -29.71
CA VAL C 656 9.92 19.13 -29.96
C VAL C 656 8.99 19.37 -31.15
N VAL C 657 9.17 18.56 -32.22
CA VAL C 657 8.41 18.68 -33.44
C VAL C 657 7.51 17.45 -33.58
N VAL C 658 6.26 17.70 -34.02
CA VAL C 658 5.30 16.65 -34.34
C VAL C 658 4.70 16.94 -35.72
N ILE C 659 4.66 15.96 -36.62
CA ILE C 659 4.18 16.15 -37.99
C ILE C 659 3.16 15.05 -38.31
N ASP C 660 1.92 15.44 -38.70
CA ASP C 660 0.96 14.50 -39.26
C ASP C 660 1.19 14.41 -40.76
N GLY C 661 2.02 13.46 -41.20
CA GLY C 661 2.27 13.23 -42.62
C GLY C 661 1.17 12.37 -43.24
N ARG C 662 1.34 12.07 -44.54
CA ARG C 662 0.36 11.30 -45.27
C ARG C 662 0.33 9.89 -44.68
N GLY C 663 -0.88 9.32 -44.61
CA GLY C 663 -1.14 8.09 -43.89
C GLY C 663 -2.01 8.33 -42.67
N SER C 664 -1.89 9.52 -42.07
CA SER C 664 -2.63 9.86 -40.86
C SER C 664 -4.08 10.18 -41.24
N CYS C 665 -4.97 10.34 -40.24
CA CYS C 665 -6.40 10.33 -40.49
C CYS C 665 -7.02 11.72 -40.32
N GLN C 666 -8.34 11.80 -40.54
CA GLN C 666 -9.17 13.01 -40.50
C GLN C 666 -8.96 13.91 -41.72
N ARG C 667 -8.39 13.35 -42.81
CA ARG C 667 -8.11 14.11 -44.01
C ARG C 667 -8.63 13.39 -45.26
N GLY C 668 -9.46 12.37 -45.08
CA GLY C 668 -10.05 11.63 -46.17
C GLY C 668 -9.18 10.46 -46.61
N LEU C 669 -9.80 9.60 -47.43
CA LEU C 669 -9.28 8.30 -47.79
C LEU C 669 -8.05 8.42 -48.69
N ARG C 670 -8.00 9.43 -49.56
CA ARG C 670 -6.90 9.60 -50.50
C ARG C 670 -5.60 9.90 -49.74
N PHE C 671 -5.69 10.80 -48.75
CA PHE C 671 -4.56 11.22 -47.93
C PHE C 671 -3.95 10.04 -47.17
N GLU C 672 -4.80 9.22 -46.54
CA GLU C 672 -4.32 8.07 -45.78
C GLU C 672 -3.93 6.92 -46.71
N GLY C 673 -4.54 6.86 -47.90
CA GLY C 673 -4.27 5.83 -48.91
C GLY C 673 -2.88 5.92 -49.53
N ALA C 674 -2.18 7.05 -49.33
CA ALA C 674 -0.84 7.28 -49.83
C ALA C 674 0.14 6.15 -49.51
N LEU C 675 -0.07 5.44 -48.39
CA LEU C 675 0.87 4.43 -47.96
C LEU C 675 0.45 3.03 -48.39
N LYS C 676 -0.53 2.92 -49.30
CA LYS C 676 -1.05 1.61 -49.69
C LYS C 676 0.07 0.76 -50.27
N ASN C 677 0.31 -0.38 -49.61
CA ASN C 677 1.24 -1.40 -50.04
C ASN C 677 2.71 -0.97 -49.89
N GLN C 678 3.00 0.16 -49.24
CA GLN C 678 4.38 0.63 -49.12
C GLN C 678 4.59 1.37 -47.80
N MET C 679 4.13 0.75 -46.71
CA MET C 679 4.27 1.32 -45.39
C MET C 679 5.76 1.53 -45.09
N GLY C 680 6.07 2.69 -44.50
CA GLY C 680 7.43 3.09 -44.20
C GLY C 680 7.95 4.18 -45.14
N GLN C 681 7.59 4.11 -46.44
CA GLN C 681 8.30 4.86 -47.47
C GLN C 681 7.86 6.32 -47.48
N VAL C 682 6.58 6.59 -47.75
CA VAL C 682 6.12 7.97 -47.85
C VAL C 682 6.21 8.71 -46.51
N GLU C 683 6.08 7.98 -45.38
CA GLU C 683 5.89 8.59 -44.08
C GLU C 683 7.13 9.37 -43.64
N ILE C 684 8.32 8.77 -43.85
CA ILE C 684 9.57 9.39 -43.44
C ILE C 684 9.85 10.64 -44.28
N GLU C 685 9.53 10.58 -45.58
CA GLU C 685 9.71 11.73 -46.45
C GLU C 685 8.97 12.94 -45.86
N ASP C 686 7.72 12.75 -45.45
CA ASP C 686 6.92 13.84 -44.91
C ASP C 686 7.43 14.30 -43.54
N GLN C 687 7.95 13.37 -42.74
CA GLN C 687 8.54 13.72 -41.45
C GLN C 687 9.73 14.65 -41.62
N VAL C 688 10.61 14.29 -42.57
CA VAL C 688 11.83 15.06 -42.84
C VAL C 688 11.46 16.42 -43.42
N GLU C 689 10.55 16.43 -44.40
CA GLU C 689 10.13 17.66 -45.03
C GLU C 689 9.63 18.64 -43.97
N GLY C 690 8.87 18.13 -43.00
CA GLY C 690 8.30 18.95 -41.95
C GLY C 690 9.35 19.45 -40.95
N LEU C 691 10.34 18.60 -40.66
CA LEU C 691 11.46 18.98 -39.80
C LEU C 691 12.23 20.14 -40.44
N GLN C 692 12.46 20.03 -41.75
CA GLN C 692 13.24 21.02 -42.49
C GLN C 692 12.45 22.32 -42.61
N PHE C 693 11.14 22.21 -42.82
CA PHE C 693 10.27 23.38 -42.82
C PHE C 693 10.38 24.12 -41.49
N VAL C 694 10.35 23.38 -40.38
CA VAL C 694 10.28 23.97 -39.04
C VAL C 694 11.58 24.69 -38.72
N ALA C 695 12.71 24.13 -39.20
CA ALA C 695 14.01 24.74 -39.05
C ALA C 695 14.05 26.10 -39.75
N GLU C 696 13.65 26.11 -41.04
CA GLU C 696 13.55 27.30 -41.87
C GLU C 696 12.64 28.36 -41.25
N LYS C 697 11.45 27.98 -40.79
CA LYS C 697 10.48 28.94 -40.31
C LYS C 697 10.94 29.53 -38.96
N TYR C 698 11.30 28.67 -38.01
CA TYR C 698 11.39 29.07 -36.61
C TYR C 698 12.84 29.37 -36.20
N GLY C 699 13.82 28.74 -36.86
CA GLY C 699 15.19 29.18 -36.77
C GLY C 699 15.97 28.63 -35.56
N PHE C 700 15.31 27.99 -34.57
CA PHE C 700 16.01 27.52 -33.37
C PHE C 700 16.27 26.00 -33.41
N ILE C 701 16.22 25.37 -34.59
CA ILE C 701 16.45 23.94 -34.71
C ILE C 701 17.92 23.73 -35.11
N ASP C 702 18.65 22.93 -34.32
CA ASP C 702 19.97 22.47 -34.70
C ASP C 702 19.85 21.12 -35.43
N LEU C 703 19.85 21.19 -36.76
CA LEU C 703 19.64 20.00 -37.58
C LEU C 703 20.75 18.96 -37.44
N SER C 704 21.89 19.32 -36.83
CA SER C 704 22.95 18.35 -36.55
C SER C 704 22.60 17.45 -35.36
N ARG C 705 21.57 17.82 -34.58
CA ARG C 705 21.24 17.14 -33.33
C ARG C 705 19.73 16.87 -33.28
N VAL C 706 19.28 15.90 -34.08
CA VAL C 706 17.88 15.52 -34.10
C VAL C 706 17.73 14.06 -33.67
N ALA C 707 16.82 13.81 -32.71
CA ALA C 707 16.41 12.48 -32.30
C ALA C 707 15.03 12.17 -32.87
N ILE C 708 14.80 10.92 -33.30
CA ILE C 708 13.49 10.44 -33.69
C ILE C 708 13.01 9.43 -32.64
N HIS C 709 11.77 9.60 -32.16
CA HIS C 709 11.24 8.78 -31.07
C HIS C 709 9.73 8.58 -31.22
N GLY C 710 9.28 7.32 -31.21
CA GLY C 710 7.87 6.97 -31.30
C GLY C 710 7.58 5.60 -30.69
N TRP C 711 6.29 5.28 -30.48
CA TRP C 711 5.85 3.98 -30.00
C TRP C 711 5.01 3.28 -31.06
N SER C 712 5.16 1.95 -31.15
CA SER C 712 4.35 1.12 -32.02
C SER C 712 4.72 1.41 -33.48
N TYR C 713 3.80 2.00 -34.26
CA TYR C 713 4.13 2.47 -35.60
C TYR C 713 5.23 3.53 -35.53
N GLY C 714 5.22 4.35 -34.47
CA GLY C 714 6.24 5.36 -34.24
C GLY C 714 7.61 4.76 -33.95
N GLY C 715 7.63 3.58 -33.32
CA GLY C 715 8.86 2.82 -33.11
C GLY C 715 9.38 2.28 -34.43
N PHE C 716 8.47 1.70 -35.23
CA PHE C 716 8.76 1.30 -36.59
C PHE C 716 9.42 2.45 -37.39
N LEU C 717 8.83 3.65 -37.34
CA LEU C 717 9.28 4.78 -38.13
C LEU C 717 10.59 5.35 -37.59
N SER C 718 10.77 5.30 -36.26
CA SER C 718 12.02 5.70 -35.65
C SER C 718 13.17 4.91 -36.26
N LEU C 719 12.95 3.61 -36.46
CA LEU C 719 13.95 2.73 -37.07
C LEU C 719 14.11 3.05 -38.55
N MET C 720 12.99 3.30 -39.26
CA MET C 720 13.08 3.60 -40.68
C MET C 720 13.87 4.88 -40.89
N GLY C 721 13.66 5.88 -40.02
CA GLY C 721 14.34 7.15 -40.11
C GLY C 721 15.86 6.98 -40.01
N LEU C 722 16.29 6.18 -39.03
CA LEU C 722 17.70 5.95 -38.76
C LEU C 722 18.33 5.11 -39.87
N ILE C 723 17.55 4.17 -40.41
CA ILE C 723 18.00 3.33 -41.51
C ILE C 723 18.17 4.17 -42.78
N HIS C 724 17.15 4.93 -43.16
CA HIS C 724 17.11 5.54 -44.48
C HIS C 724 17.63 6.98 -44.50
N LYS C 725 17.67 7.65 -43.34
CA LYS C 725 18.14 9.03 -43.23
C LYS C 725 19.10 9.11 -42.05
N PRO C 726 20.23 8.36 -42.08
CA PRO C 726 21.25 8.45 -41.02
C PRO C 726 21.87 9.83 -40.85
N GLN C 727 21.91 10.61 -41.95
CA GLN C 727 22.44 11.96 -41.94
C GLN C 727 21.48 12.94 -41.28
N VAL C 728 20.18 12.63 -41.23
CA VAL C 728 19.18 13.51 -40.65
C VAL C 728 19.02 13.23 -39.16
N PHE C 729 18.97 11.94 -38.82
CA PHE C 729 18.70 11.50 -37.46
C PHE C 729 19.98 11.00 -36.83
N LYS C 730 20.42 11.68 -35.78
CA LYS C 730 21.63 11.31 -35.08
C LYS C 730 21.34 10.08 -34.21
N VAL C 731 20.19 10.07 -33.53
CA VAL C 731 19.78 8.97 -32.68
C VAL C 731 18.32 8.60 -32.92
N ALA C 732 17.96 7.36 -32.57
CA ALA C 732 16.61 6.85 -32.62
C ALA C 732 16.31 6.09 -31.34
N ILE C 733 15.16 6.42 -30.73
CA ILE C 733 14.59 5.64 -29.64
C ILE C 733 13.30 4.98 -30.14
N ALA C 734 13.34 3.65 -30.34
CA ALA C 734 12.23 2.90 -30.92
C ALA C 734 11.46 2.19 -29.82
N GLY C 735 10.24 2.66 -29.52
CA GLY C 735 9.34 1.98 -28.59
C GLY C 735 8.46 0.93 -29.28
N ALA C 736 8.46 -0.29 -28.72
CA ALA C 736 7.59 -1.37 -29.17
C ALA C 736 7.47 -1.37 -30.70
N PRO C 737 8.58 -1.44 -31.45
CA PRO C 737 8.52 -1.35 -32.91
C PRO C 737 7.91 -2.58 -33.59
N VAL C 738 7.22 -2.36 -34.72
CA VAL C 738 6.89 -3.43 -35.63
C VAL C 738 8.11 -3.60 -36.52
N THR C 739 8.79 -4.75 -36.45
CA THR C 739 10.07 -4.93 -37.09
C THR C 739 9.96 -5.90 -38.26
N VAL C 740 8.90 -6.72 -38.27
CA VAL C 740 8.68 -7.61 -39.41
C VAL C 740 7.18 -7.82 -39.60
N TRP C 741 6.66 -7.37 -40.75
CA TRP C 741 5.23 -7.26 -40.96
C TRP C 741 4.57 -8.62 -41.13
N MET C 742 5.33 -9.64 -41.55
CA MET C 742 4.78 -10.99 -41.67
C MET C 742 4.32 -11.54 -40.32
N ALA C 743 4.76 -10.93 -39.21
CA ALA C 743 4.44 -11.37 -37.87
C ALA C 743 3.28 -10.58 -37.23
N TYR C 744 2.70 -9.62 -37.97
CA TYR C 744 1.53 -8.88 -37.49
C TYR C 744 0.27 -9.54 -38.05
N ASP C 745 -0.90 -9.07 -37.60
CA ASP C 745 -2.15 -9.80 -37.79
C ASP C 745 -2.79 -9.57 -39.17
N THR C 746 -3.84 -10.34 -39.45
CA THR C 746 -4.60 -10.27 -40.70
C THR C 746 -5.30 -8.91 -40.84
N GLY C 747 -6.17 -8.60 -39.87
CA GLY C 747 -7.10 -7.49 -39.99
C GLY C 747 -6.40 -6.20 -40.40
N TYR C 748 -5.33 -5.85 -39.67
CA TYR C 748 -4.62 -4.60 -39.88
C TYR C 748 -3.68 -4.75 -41.07
N THR C 749 -2.78 -5.74 -41.02
CA THR C 749 -1.67 -5.77 -41.96
C THR C 749 -2.21 -5.83 -43.40
N GLU C 750 -3.21 -6.69 -43.63
CA GLU C 750 -3.66 -6.96 -45.00
C GLU C 750 -4.42 -5.76 -45.57
N ARG C 751 -5.12 -5.03 -44.70
CA ARG C 751 -5.86 -3.85 -45.12
C ARG C 751 -4.92 -2.88 -45.82
N TYR C 752 -3.75 -2.65 -45.23
CA TYR C 752 -2.84 -1.60 -45.69
C TYR C 752 -1.73 -2.13 -46.61
N MET C 753 -1.45 -3.45 -46.55
CA MET C 753 -0.28 -4.00 -47.21
C MET C 753 -0.56 -5.24 -48.06
N ASP C 754 -1.81 -5.72 -48.15
CA ASP C 754 -2.15 -6.93 -48.89
C ASP C 754 -1.55 -8.13 -48.17
N VAL C 755 -1.75 -9.30 -48.75
CA VAL C 755 -1.19 -10.55 -48.27
C VAL C 755 0.28 -10.64 -48.69
N PRO C 756 1.19 -11.26 -47.90
CA PRO C 756 2.61 -11.32 -48.24
C PRO C 756 2.94 -11.80 -49.65
N GLU C 757 2.22 -12.82 -50.12
CA GLU C 757 2.42 -13.40 -51.44
C GLU C 757 2.16 -12.34 -52.54
N ASN C 758 1.22 -11.41 -52.32
CA ASN C 758 0.87 -10.42 -53.31
C ASN C 758 1.73 -9.16 -53.20
N ASN C 759 2.62 -9.05 -52.20
CA ASN C 759 3.31 -7.79 -51.97
C ASN C 759 4.66 -8.06 -51.28
N GLN C 760 5.46 -8.96 -51.84
CA GLN C 760 6.76 -9.28 -51.28
C GLN C 760 7.62 -8.02 -51.18
N HIS C 761 7.60 -7.16 -52.21
CA HIS C 761 8.48 -6.01 -52.26
C HIS C 761 8.14 -5.03 -51.13
N GLY C 762 6.82 -4.83 -50.89
CA GLY C 762 6.36 -3.93 -49.86
C GLY C 762 6.68 -4.46 -48.46
N TYR C 763 6.45 -5.76 -48.24
CA TYR C 763 6.72 -6.42 -46.97
C TYR C 763 8.22 -6.33 -46.66
N GLU C 764 9.07 -6.54 -47.66
CA GLU C 764 10.52 -6.53 -47.48
C GLU C 764 11.00 -5.11 -47.17
N ALA C 765 10.51 -4.14 -47.94
CA ALA C 765 10.90 -2.75 -47.80
C ALA C 765 10.52 -2.20 -46.43
N GLY C 766 9.37 -2.63 -45.91
CA GLY C 766 8.77 -2.09 -44.71
C GLY C 766 9.10 -2.88 -43.44
N SER C 767 9.80 -4.00 -43.58
CA SER C 767 10.20 -4.81 -42.44
C SER C 767 11.62 -4.42 -42.00
N VAL C 768 11.73 -3.55 -41.00
CA VAL C 768 12.98 -2.90 -40.61
C VAL C 768 14.03 -3.93 -40.14
N ALA C 769 13.60 -5.08 -39.60
CA ALA C 769 14.53 -6.12 -39.16
C ALA C 769 15.31 -6.72 -40.32
N LEU C 770 14.83 -6.55 -41.56
CA LEU C 770 15.49 -7.09 -42.75
C LEU C 770 16.50 -6.10 -43.31
N HIS C 771 16.63 -4.91 -42.70
CA HIS C 771 17.52 -3.87 -43.17
C HIS C 771 18.53 -3.48 -42.09
N VAL C 772 18.84 -4.40 -41.16
CA VAL C 772 19.69 -4.10 -40.01
C VAL C 772 21.12 -3.75 -40.43
N GLU C 773 21.57 -4.27 -41.58
CA GLU C 773 22.86 -3.91 -42.13
C GLU C 773 22.98 -2.39 -42.36
N LYS C 774 21.88 -1.68 -42.59
CA LYS C 774 21.88 -0.24 -42.81
C LYS C 774 21.81 0.55 -41.50
N LEU C 775 21.67 -0.14 -40.35
CA LEU C 775 21.69 0.53 -39.06
C LEU C 775 23.13 0.88 -38.73
N PRO C 776 23.37 1.90 -37.87
CA PRO C 776 24.71 2.46 -37.71
C PRO C 776 25.65 1.48 -37.02
N ASN C 777 26.92 1.49 -37.46
CA ASN C 777 27.95 0.69 -36.81
C ASN C 777 28.68 1.53 -35.75
N GLU C 778 28.00 2.55 -35.19
CA GLU C 778 28.53 3.35 -34.09
C GLU C 778 27.61 3.18 -32.89
N PRO C 779 28.14 2.91 -31.67
CA PRO C 779 27.30 2.81 -30.47
C PRO C 779 26.52 4.08 -30.14
N ASN C 780 25.48 3.92 -29.30
CA ASN C 780 24.74 5.02 -28.71
C ASN C 780 23.95 5.83 -29.74
N ARG C 781 23.52 5.18 -30.83
CA ARG C 781 22.59 5.80 -31.77
C ARG C 781 21.23 5.11 -31.79
N LEU C 782 21.07 3.98 -31.09
CA LEU C 782 19.83 3.23 -31.13
C LEU C 782 19.48 2.72 -29.73
N LEU C 783 18.30 3.09 -29.25
CA LEU C 783 17.74 2.57 -28.00
C LEU C 783 16.40 1.91 -28.30
N ILE C 784 16.25 0.65 -27.88
CA ILE C 784 15.02 -0.11 -28.06
C ILE C 784 14.33 -0.27 -26.71
N LEU C 785 13.01 -0.07 -26.70
CA LEU C 785 12.16 -0.17 -25.53
C LEU C 785 10.98 -1.07 -25.85
N HIS C 786 10.58 -1.95 -24.94
CA HIS C 786 9.46 -2.84 -25.19
C HIS C 786 8.90 -3.39 -23.88
N GLY C 787 7.58 -3.31 -23.73
CA GLY C 787 6.88 -4.02 -22.66
C GLY C 787 6.80 -5.51 -22.98
N PHE C 788 7.14 -6.34 -21.99
CA PHE C 788 7.34 -7.76 -22.19
C PHE C 788 6.01 -8.49 -22.44
N LEU C 789 4.92 -7.97 -21.85
CA LEU C 789 3.61 -8.62 -21.92
C LEU C 789 2.78 -8.15 -23.11
N ASP C 790 3.39 -7.35 -24.01
CA ASP C 790 2.65 -6.69 -25.06
C ASP C 790 1.96 -7.76 -25.91
N GLU C 791 0.64 -7.60 -26.08
CA GLU C 791 -0.17 -8.57 -26.81
C GLU C 791 -0.59 -8.07 -28.19
N ASN C 792 -0.18 -6.82 -28.57
CA ASN C 792 -0.40 -6.28 -29.89
C ASN C 792 0.88 -6.35 -30.71
N VAL C 793 1.87 -5.56 -30.28
CA VAL C 793 3.22 -5.70 -30.82
C VAL C 793 3.97 -6.66 -29.91
N HIS C 794 3.96 -7.94 -30.26
CA HIS C 794 4.62 -8.96 -29.48
C HIS C 794 6.09 -8.59 -29.29
N PHE C 795 6.64 -8.99 -28.15
CA PHE C 795 8.06 -8.86 -27.84
C PHE C 795 8.90 -9.53 -28.92
N PHE C 796 8.35 -10.58 -29.56
CA PHE C 796 9.00 -11.22 -30.71
C PHE C 796 9.59 -10.19 -31.66
N HIS C 797 8.89 -9.07 -31.90
CA HIS C 797 9.38 -8.04 -32.81
C HIS C 797 10.76 -7.54 -32.38
N THR C 798 10.92 -7.24 -31.10
CA THR C 798 12.20 -6.75 -30.58
C THR C 798 13.23 -7.88 -30.56
N ASN C 799 12.79 -9.09 -30.20
CA ASN C 799 13.65 -10.26 -30.16
C ASN C 799 14.23 -10.57 -31.55
N PHE C 800 13.37 -10.51 -32.56
CA PHE C 800 13.77 -10.82 -33.92
C PHE C 800 14.75 -9.75 -34.42
N LEU C 801 14.45 -8.47 -34.12
CA LEU C 801 15.32 -7.36 -34.45
C LEU C 801 16.72 -7.57 -33.84
N VAL C 802 16.77 -7.84 -32.53
CA VAL C 802 18.03 -8.06 -31.83
C VAL C 802 18.77 -9.23 -32.47
N SER C 803 18.06 -10.30 -32.79
CA SER C 803 18.63 -11.47 -33.46
C SER C 803 19.42 -11.05 -34.70
N GLN C 804 18.80 -10.21 -35.53
CA GLN C 804 19.40 -9.76 -36.77
C GLN C 804 20.53 -8.77 -36.51
N LEU C 805 20.37 -7.90 -35.50
CA LEU C 805 21.43 -6.98 -35.08
C LEU C 805 22.71 -7.77 -34.73
N ILE C 806 22.54 -8.90 -34.02
CA ILE C 806 23.63 -9.77 -33.65
C ILE C 806 24.30 -10.32 -34.91
N ARG C 807 23.47 -10.80 -35.86
CA ARG C 807 23.97 -11.37 -37.10
C ARG C 807 24.70 -10.30 -37.94
N ALA C 808 24.27 -9.05 -37.87
CA ALA C 808 24.87 -7.98 -38.65
C ALA C 808 26.05 -7.31 -37.92
N GLY C 809 26.28 -7.72 -36.66
CA GLY C 809 27.34 -7.15 -35.85
C GLY C 809 27.11 -5.69 -35.52
N LYS C 810 25.85 -5.31 -35.27
CA LYS C 810 25.50 -3.94 -34.96
C LYS C 810 25.32 -3.77 -33.45
N PRO C 811 25.74 -2.62 -32.86
CA PRO C 811 25.44 -2.30 -31.47
C PRO C 811 24.00 -1.82 -31.24
N TYR C 812 23.47 -2.06 -30.04
CA TYR C 812 22.16 -1.54 -29.63
C TYR C 812 22.14 -1.40 -28.11
N GLN C 813 21.27 -0.52 -27.59
CA GLN C 813 20.88 -0.50 -26.19
C GLN C 813 19.43 -0.98 -26.08
N LEU C 814 19.09 -1.65 -24.97
CA LEU C 814 17.76 -2.20 -24.78
C LEU C 814 17.26 -1.91 -23.37
N GLN C 815 15.96 -1.60 -23.27
CA GLN C 815 15.25 -1.55 -22.00
C GLN C 815 13.94 -2.34 -22.14
N ILE C 816 13.56 -3.09 -21.09
CA ILE C 816 12.31 -3.83 -21.11
C ILE C 816 11.48 -3.44 -19.89
N TYR C 817 10.15 -3.55 -20.04
CA TYR C 817 9.21 -3.25 -18.98
C TYR C 817 8.48 -4.56 -18.70
N PRO C 818 8.98 -5.36 -17.73
CA PRO C 818 8.47 -6.72 -17.52
C PRO C 818 6.98 -6.83 -17.21
N ASN C 819 6.43 -5.81 -16.52
CA ASN C 819 5.06 -5.90 -16.03
C ASN C 819 4.07 -5.15 -16.93
N GLU C 820 4.54 -4.64 -18.07
CA GLU C 820 3.73 -3.78 -18.92
C GLU C 820 3.36 -4.49 -20.21
N ARG C 821 2.13 -4.24 -20.69
CA ARG C 821 1.67 -4.67 -22.00
C ARG C 821 2.14 -3.63 -23.00
N HIS C 822 1.28 -3.24 -23.95
CA HIS C 822 1.69 -2.26 -24.95
C HIS C 822 1.95 -0.91 -24.27
N SER C 823 0.93 -0.42 -23.57
CA SER C 823 0.97 0.87 -22.88
C SER C 823 1.59 0.72 -21.49
N ILE C 824 2.48 1.65 -21.11
CA ILE C 824 3.09 1.67 -19.79
C ILE C 824 2.11 2.31 -18.80
N ARG C 825 1.31 1.48 -18.08
CA ARG C 825 0.33 1.95 -17.12
C ARG C 825 0.98 2.35 -15.79
N CYS C 826 1.77 1.44 -15.20
N CYS C 826 1.76 1.43 -15.19
CA CYS C 826 2.29 1.62 -13.84
CA CYS C 826 2.30 1.60 -13.84
C CYS C 826 3.24 2.82 -13.81
C CYS C 826 3.24 2.82 -13.81
N PRO C 827 3.14 3.69 -12.77
CA PRO C 827 3.87 4.97 -12.77
C PRO C 827 5.38 4.87 -12.64
N GLU C 828 5.89 3.85 -11.93
CA GLU C 828 7.32 3.67 -11.77
C GLU C 828 7.95 3.30 -13.11
N SER C 829 7.29 2.42 -13.88
CA SER C 829 7.73 2.09 -15.22
C SER C 829 7.82 3.34 -16.10
N GLY C 830 6.77 4.18 -16.04
CA GLY C 830 6.71 5.40 -16.82
C GLY C 830 7.83 6.37 -16.45
N GLU C 831 8.01 6.63 -15.15
CA GLU C 831 9.08 7.50 -14.70
C GLU C 831 10.43 6.96 -15.19
N HIS C 832 10.63 5.64 -15.08
CA HIS C 832 11.91 5.04 -15.41
C HIS C 832 12.18 5.21 -16.90
N TYR C 833 11.14 5.03 -17.73
CA TYR C 833 11.20 5.31 -19.16
C TYR C 833 11.67 6.74 -19.39
N GLU C 834 11.02 7.69 -18.71
CA GLU C 834 11.28 9.11 -18.91
C GLU C 834 12.72 9.45 -18.53
N VAL C 835 13.16 8.96 -17.37
CA VAL C 835 14.51 9.25 -16.88
C VAL C 835 15.54 8.69 -17.86
N THR C 836 15.32 7.43 -18.29
CA THR C 836 16.20 6.77 -19.25
C THR C 836 16.31 7.62 -20.52
N LEU C 837 15.19 8.17 -20.97
CA LEU C 837 15.15 8.90 -22.23
C LEU C 837 15.94 10.19 -22.11
N LEU C 838 15.73 10.92 -21.01
CA LEU C 838 16.45 12.17 -20.77
C LEU C 838 17.95 11.92 -20.71
N HIS C 839 18.36 10.87 -19.97
CA HIS C 839 19.76 10.54 -19.84
C HIS C 839 20.35 10.22 -21.21
N PHE C 840 19.66 9.38 -21.98
CA PHE C 840 20.11 9.00 -23.31
C PHE C 840 20.31 10.25 -24.17
N LEU C 841 19.34 11.16 -24.14
CA LEU C 841 19.38 12.37 -24.95
C LEU C 841 20.53 13.27 -24.50
N GLN C 842 20.65 13.49 -23.19
CA GLN C 842 21.67 14.39 -22.67
C GLN C 842 23.07 13.86 -23.00
N GLU C 843 23.23 12.53 -23.02
CA GLU C 843 24.52 11.93 -23.31
C GLU C 843 24.80 11.87 -24.80
N TYR C 844 23.82 11.51 -25.64
CA TYR C 844 24.12 11.08 -27.00
C TYR C 844 23.51 11.93 -28.10
N LEU C 845 22.58 12.84 -27.76
CA LEU C 845 22.11 13.79 -28.75
C LEU C 845 23.09 14.97 -28.83
N HIS C 846 23.80 15.24 -27.72
CA HIS C 846 24.87 16.22 -27.66
C HIS C 846 26.11 15.64 -28.34
N HIS C 847 27.10 16.52 -28.58
CA HIS C 847 28.39 16.14 -29.16
C HIS C 847 29.44 16.01 -28.04
N ALA D 4 27.60 44.54 2.10
CA ALA D 4 28.05 44.23 3.47
C ALA D 4 26.87 43.77 4.34
N ARG D 5 27.13 42.82 5.23
CA ARG D 5 26.10 42.02 5.86
C ARG D 5 25.95 42.52 7.30
N PHE D 6 24.77 43.03 7.67
CA PHE D 6 24.47 43.36 9.05
C PHE D 6 24.10 42.07 9.78
N GLN D 7 24.80 41.81 10.88
CA GLN D 7 24.42 40.73 11.79
C GLN D 7 23.87 41.33 13.08
N VAL D 8 22.86 40.68 13.66
CA VAL D 8 22.32 41.05 14.96
C VAL D 8 23.25 40.54 16.05
N GLN D 9 23.40 41.32 17.14
CA GLN D 9 24.01 40.85 18.37
C GLN D 9 23.27 39.60 18.84
N LYS D 10 24.00 38.48 19.00
CA LYS D 10 23.45 37.29 19.61
C LYS D 10 23.43 37.49 21.12
N HIS D 11 22.24 37.30 21.72
CA HIS D 11 22.06 37.38 23.15
C HIS D 11 21.66 36.02 23.71
N SER D 12 21.88 35.87 25.01
CA SER D 12 21.41 34.72 25.76
C SER D 12 19.89 34.79 25.90
N TRP D 13 19.29 33.66 26.30
CA TRP D 13 17.86 33.54 26.51
C TRP D 13 17.39 34.56 27.53
N ASP D 14 18.11 34.70 28.65
CA ASP D 14 17.75 35.66 29.67
C ASP D 14 18.00 37.08 29.18
N GLY D 15 19.00 37.24 28.30
CA GLY D 15 19.23 38.52 27.63
C GLY D 15 18.00 38.94 26.84
N LEU D 16 17.44 37.99 26.07
CA LEU D 16 16.24 38.23 25.27
C LEU D 16 15.04 38.46 26.19
N ARG D 17 14.98 37.78 27.32
CA ARG D 17 13.91 38.01 28.29
C ARG D 17 14.01 39.42 28.86
N SER D 18 15.23 39.89 29.11
CA SER D 18 15.47 41.22 29.63
C SER D 18 14.99 42.27 28.62
N ILE D 19 15.31 42.07 27.34
CA ILE D 19 14.88 42.98 26.28
C ILE D 19 13.35 43.03 26.24
N ILE D 20 12.71 41.85 26.25
CA ILE D 20 11.28 41.78 26.05
C ILE D 20 10.55 42.31 27.28
N HIS D 21 11.01 41.95 28.49
CA HIS D 21 10.40 42.45 29.71
C HIS D 21 10.50 43.98 29.77
N GLY D 22 11.64 44.53 29.32
CA GLY D 22 11.87 45.96 29.28
C GLY D 22 10.91 46.70 28.35
N SER D 23 10.67 46.13 27.16
CA SER D 23 9.78 46.73 26.18
C SER D 23 8.33 46.84 26.69
N ARG D 24 7.90 45.85 27.48
CA ARG D 24 6.53 45.76 27.97
C ARG D 24 6.16 46.85 28.97
N LYS D 25 7.16 47.41 29.66
CA LYS D 25 6.98 48.58 30.53
C LYS D 25 6.46 49.81 29.76
N TYR D 26 6.84 49.96 28.48
CA TYR D 26 6.48 51.09 27.63
C TYR D 26 4.95 51.24 27.45
N ALA D 34 -8.57 53.10 27.14
CA ALA D 34 -9.34 54.15 26.42
C ALA D 34 -10.79 54.19 26.90
N PRO D 35 -11.43 55.38 27.05
CA PRO D 35 -12.87 55.46 27.30
C PRO D 35 -13.70 55.00 26.09
N HIS D 36 -14.88 54.39 26.35
CA HIS D 36 -15.66 53.77 25.29
C HIS D 36 -17.14 53.69 25.65
N ASP D 37 -17.94 53.35 24.63
CA ASP D 37 -19.39 53.22 24.72
C ASP D 37 -19.99 54.54 25.23
N PHE D 38 -19.78 55.62 24.48
CA PHE D 38 -20.10 56.98 24.92
C PHE D 38 -21.60 57.26 24.78
N GLN D 39 -22.13 58.08 25.71
CA GLN D 39 -23.54 58.51 25.69
C GLN D 39 -23.61 59.98 26.09
N PHE D 40 -23.94 60.86 25.14
CA PHE D 40 -24.19 62.27 25.41
C PHE D 40 -25.61 62.41 25.96
N VAL D 41 -25.76 63.24 27.00
CA VAL D 41 -27.03 63.46 27.69
C VAL D 41 -27.13 64.96 27.98
N GLN D 42 -28.28 65.56 27.67
CA GLN D 42 -28.50 66.99 27.84
C GLN D 42 -28.65 67.33 29.34
N LYS D 43 -28.23 68.54 29.74
CA LYS D 43 -28.47 69.06 31.09
C LYS D 43 -29.19 70.42 31.00
N GLY D 48 -26.88 75.02 36.70
CA GLY D 48 -25.41 74.86 36.69
C GLY D 48 -24.80 75.22 35.33
N PRO D 49 -23.45 75.25 35.22
CA PRO D 49 -22.78 75.65 33.97
C PRO D 49 -22.47 74.56 32.93
N HIS D 50 -23.11 73.38 33.06
CA HIS D 50 -22.82 72.21 32.24
C HIS D 50 -23.94 72.05 31.20
N SER D 51 -23.56 71.99 29.91
CA SER D 51 -24.50 71.80 28.82
C SER D 51 -24.92 70.34 28.70
N HIS D 52 -23.94 69.42 28.87
CA HIS D 52 -24.17 67.98 28.70
C HIS D 52 -23.35 67.19 29.70
N ARG D 53 -23.80 65.95 29.96
CA ARG D 53 -22.99 64.94 30.63
C ARG D 53 -22.72 63.82 29.63
N LEU D 54 -21.47 63.34 29.59
CA LEU D 54 -21.02 62.26 28.72
C LEU D 54 -20.71 61.03 29.58
N TYR D 55 -21.54 59.98 29.43
CA TYR D 55 -21.33 58.73 30.13
C TYR D 55 -20.45 57.81 29.27
N TYR D 56 -19.67 56.92 29.91
CA TYR D 56 -18.77 56.02 29.20
C TYR D 56 -18.24 54.94 30.15
N LEU D 57 -17.52 53.95 29.59
CA LEU D 57 -16.79 52.95 30.35
C LEU D 57 -15.30 53.27 30.26
N GLY D 58 -14.52 52.94 31.30
CA GLY D 58 -13.10 53.21 31.31
C GLY D 58 -12.40 52.58 32.52
N MET D 59 -11.06 52.52 32.45
CA MET D 59 -10.21 52.02 33.52
C MET D 59 -9.04 53.00 33.69
N PRO D 60 -9.04 53.88 34.72
CA PRO D 60 -7.96 54.87 34.87
C PRO D 60 -6.59 54.26 35.23
N TYR D 61 -5.59 55.13 35.41
CA TYR D 61 -4.27 54.72 35.86
C TYR D 61 -4.37 54.32 37.33
N GLY D 62 -3.67 53.23 37.70
CA GLY D 62 -3.81 52.62 39.00
C GLY D 62 -4.87 51.53 38.97
N SER D 63 -6.08 51.87 38.50
CA SER D 63 -7.18 50.92 38.39
C SER D 63 -6.93 49.96 37.21
N GLU D 65 -10.51 47.01 37.87
CA GLU D 65 -11.44 46.56 36.78
C GLU D 65 -12.09 47.76 36.11
N ASN D 66 -12.67 47.53 34.93
CA ASN D 66 -13.40 48.52 34.15
C ASN D 66 -14.68 48.93 34.90
N SER D 67 -15.06 50.22 34.81
CA SER D 67 -16.26 50.69 35.51
C SER D 67 -16.99 51.77 34.71
N LEU D 68 -18.23 52.03 35.15
CA LEU D 68 -19.06 53.11 34.59
C LEU D 68 -18.54 54.45 35.09
N LEU D 69 -18.39 55.44 34.18
CA LEU D 69 -17.89 56.77 34.49
C LEU D 69 -18.76 57.83 33.81
N TYR D 70 -18.58 59.11 34.18
CA TYR D 70 -19.14 60.24 33.45
C TYR D 70 -18.20 61.45 33.54
N SER D 71 -18.47 62.45 32.68
CA SER D 71 -17.71 63.70 32.60
C SER D 71 -18.63 64.83 32.12
N GLU D 72 -18.40 66.06 32.59
CA GLU D 72 -19.36 67.15 32.44
C GLU D 72 -18.80 68.20 31.48
N ILE D 73 -19.58 68.53 30.43
CA ILE D 73 -19.15 69.45 29.39
C ILE D 73 -19.67 70.84 29.73
N PRO D 74 -18.80 71.86 29.95
CA PRO D 74 -19.26 73.24 30.18
C PRO D 74 -19.88 73.92 28.96
N LYS D 75 -20.68 74.98 29.21
CA LYS D 75 -21.31 75.79 28.18
C LYS D 75 -20.26 76.65 27.46
N LYS D 76 -19.21 77.07 28.19
CA LYS D 76 -18.06 77.75 27.60
C LYS D 76 -16.76 77.17 28.19
N VAL D 77 -15.73 77.07 27.34
CA VAL D 77 -14.40 76.61 27.71
C VAL D 77 -13.36 77.60 27.18
N ARG D 78 -12.17 77.67 27.81
CA ARG D 78 -11.22 78.76 27.62
C ARG D 78 -10.65 78.77 26.21
N LYS D 79 -10.66 79.95 25.57
CA LYS D 79 -10.13 80.15 24.22
C LYS D 79 -8.61 79.85 24.23
N LEU D 83 -8.41 72.44 29.03
CA LEU D 83 -8.96 71.79 30.25
C LEU D 83 -9.24 70.33 29.91
N LEU D 84 -8.48 69.40 30.53
CA LEU D 84 -8.62 67.96 30.34
C LEU D 84 -9.67 67.44 31.32
N LEU D 85 -10.72 66.80 30.78
CA LEU D 85 -11.94 66.53 31.54
C LEU D 85 -11.70 65.42 32.56
N SER D 86 -12.19 65.67 33.79
CA SER D 86 -12.02 64.78 34.91
C SER D 86 -12.97 63.59 34.79
N TRP D 87 -12.43 62.37 34.96
CA TRP D 87 -13.22 61.15 34.95
C TRP D 87 -13.85 60.91 36.32
N LYS D 88 -15.17 61.10 36.43
CA LYS D 88 -15.88 60.87 37.68
C LYS D 88 -16.47 59.46 37.68
N GLN D 89 -16.46 58.80 38.84
CA GLN D 89 -16.91 57.43 38.98
C GLN D 89 -18.42 57.43 39.27
N MET D 90 -19.10 56.37 38.84
CA MET D 90 -20.52 56.18 39.06
C MET D 90 -20.79 55.11 40.13
N LEU D 91 -19.84 54.17 40.34
CA LEU D 91 -19.94 53.15 41.36
C LEU D 91 -18.78 53.35 42.38
N THR D 122 -18.20 46.19 30.68
CA THR D 122 -17.79 45.98 29.27
C THR D 122 -18.88 46.43 28.29
N SER D 123 -20.17 46.34 28.70
CA SER D 123 -21.25 47.02 28.00
C SER D 123 -22.39 47.33 28.98
N TYR D 124 -23.29 48.21 28.54
CA TYR D 124 -24.45 48.61 29.31
C TYR D 124 -25.57 49.07 28.37
N ASP D 125 -26.82 48.81 28.76
CA ASP D 125 -27.99 49.28 28.03
C ASP D 125 -28.55 50.51 28.74
N PHE D 126 -29.13 51.45 27.97
CA PHE D 126 -29.46 52.77 28.49
C PHE D 126 -30.80 53.26 27.93
N HIS D 127 -31.64 53.87 28.78
CA HIS D 127 -32.91 54.45 28.39
C HIS D 127 -32.84 55.97 28.61
N SER D 128 -32.79 56.74 27.51
CA SER D 128 -32.54 58.16 27.57
C SER D 128 -33.62 58.90 28.36
N GLU D 129 -34.90 58.50 28.21
CA GLU D 129 -36.00 59.20 28.87
C GLU D 129 -35.87 59.04 30.39
N SER D 130 -35.80 57.78 30.87
CA SER D 130 -35.88 57.47 32.29
C SER D 130 -34.51 57.57 32.97
N GLY D 131 -33.42 57.54 32.18
CA GLY D 131 -32.07 57.55 32.72
C GLY D 131 -31.68 56.21 33.35
N LEU D 132 -32.29 55.11 32.87
CA LEU D 132 -32.06 53.79 33.45
C LEU D 132 -30.86 53.15 32.77
N PHE D 133 -29.84 52.78 33.56
CA PHE D 133 -28.70 52.00 33.08
C PHE D 133 -28.87 50.55 33.54
N LEU D 134 -28.63 49.59 32.64
CA LEU D 134 -28.66 48.17 32.97
C LEU D 134 -27.37 47.55 32.45
N PHE D 135 -26.71 46.71 33.28
CA PHE D 135 -25.38 46.21 32.98
C PHE D 135 -25.07 44.97 33.78
N GLN D 136 -24.27 44.07 33.19
CA GLN D 136 -23.79 42.87 33.85
C GLN D 136 -22.50 43.21 34.59
N ALA D 137 -22.30 42.55 35.75
CA ALA D 137 -21.11 42.71 36.58
C ALA D 137 -21.15 41.70 37.71
N SER D 138 -20.00 41.06 38.00
CA SER D 138 -19.85 40.19 39.16
C SER D 138 -20.89 39.06 39.15
N ASN D 139 -21.10 38.46 37.96
CA ASN D 139 -21.95 37.30 37.75
C ASN D 139 -23.41 37.60 38.12
N SER D 140 -23.89 38.83 37.86
CA SER D 140 -25.30 39.16 38.06
C SER D 140 -25.68 40.34 37.18
N LEU D 141 -26.93 40.82 37.34
CA LEU D 141 -27.45 41.95 36.58
C LEU D 141 -27.74 43.07 37.57
N PHE D 142 -27.28 44.27 37.22
CA PHE D 142 -27.36 45.45 38.06
C PHE D 142 -28.00 46.58 37.27
N HIS D 143 -28.39 47.64 37.99
CA HIS D 143 -28.98 48.81 37.37
C HIS D 143 -28.73 50.04 38.25
N CYS D 144 -28.81 51.22 37.62
CA CYS D 144 -28.76 52.49 38.34
C CYS D 144 -29.45 53.56 37.48
N ARG D 145 -29.74 54.70 38.11
CA ARG D 145 -30.46 55.77 37.45
C ARG D 145 -29.64 57.05 37.54
N ASP D 146 -29.58 57.76 36.42
CA ASP D 146 -28.89 59.04 36.37
C ASP D 146 -29.48 59.84 35.21
N GLY D 147 -29.80 61.11 35.47
CA GLY D 147 -30.62 61.91 34.58
C GLY D 147 -32.11 61.61 34.79
N GLY D 148 -32.94 62.30 33.99
CA GLY D 148 -34.38 62.26 34.16
C GLY D 148 -34.79 62.87 35.50
N LYS D 149 -35.73 62.22 36.20
CA LYS D 149 -36.16 62.60 37.53
C LYS D 149 -35.03 62.38 38.54
N ASN D 150 -34.98 63.21 39.59
CA ASN D 150 -33.89 63.20 40.56
C ASN D 150 -32.60 63.80 39.96
N GLY D 151 -32.67 64.45 38.77
CA GLY D 151 -31.55 65.17 38.19
C GLY D 151 -30.34 64.26 38.02
N PHE D 152 -29.17 64.78 38.37
CA PHE D 152 -27.90 64.13 38.08
C PHE D 152 -27.11 63.90 39.38
N MET D 153 -26.48 62.71 39.50
CA MET D 153 -25.65 62.37 40.65
C MET D 153 -24.49 63.36 40.76
N VAL D 154 -24.16 63.70 42.00
CA VAL D 154 -22.99 64.53 42.31
C VAL D 154 -21.98 63.72 43.13
N SER D 155 -22.23 62.41 43.31
CA SER D 155 -21.30 61.53 44.02
C SER D 155 -21.61 60.07 43.71
N PRO D 156 -20.62 59.14 43.79
CA PRO D 156 -20.83 57.73 43.45
C PRO D 156 -22.03 57.06 44.15
N MET D 157 -22.73 56.18 43.42
CA MET D 157 -23.89 55.45 43.93
C MET D 157 -23.55 53.96 44.01
N LYS D 158 -24.23 53.25 44.92
CA LYS D 158 -24.19 51.79 44.95
C LYS D 158 -25.10 51.27 43.84
N PRO D 159 -24.65 50.28 43.02
CA PRO D 159 -25.50 49.66 42.01
C PRO D 159 -26.48 48.67 42.64
N LEU D 160 -27.79 48.90 42.44
CA LEU D 160 -28.82 48.03 42.97
C LEU D 160 -28.93 46.78 42.08
N GLU D 161 -28.75 45.60 42.68
CA GLU D 161 -28.84 44.33 41.97
C GLU D 161 -30.30 44.05 41.60
N ILE D 162 -30.51 43.18 40.60
CA ILE D 162 -31.84 42.63 40.31
C ILE D 162 -31.78 41.12 40.54
N LYS D 163 -32.15 40.66 41.76
CA LYS D 163 -32.07 39.25 42.13
C LYS D 163 -33.27 38.51 41.50
N THR D 164 -33.21 37.17 41.46
CA THR D 164 -34.17 36.38 40.70
C THR D 164 -34.48 35.05 41.37
N GLN D 165 -35.43 34.30 40.78
CA GLN D 165 -35.62 32.89 41.07
C GLN D 165 -35.16 32.09 39.86
N CYS D 166 -34.02 32.48 39.25
CA CYS D 166 -33.53 31.86 38.02
C CYS D 166 -32.27 31.04 38.29
N SER D 167 -32.14 29.90 37.59
CA SER D 167 -31.00 28.99 37.76
C SER D 167 -30.02 29.17 36.61
N GLY D 168 -28.72 29.30 36.94
CA GLY D 168 -27.69 29.50 35.93
C GLY D 168 -27.66 30.95 35.41
N PRO D 169 -26.71 31.29 34.52
CA PRO D 169 -26.49 32.70 34.13
C PRO D 169 -27.64 33.37 33.39
N ARG D 170 -27.75 34.70 33.50
CA ARG D 170 -28.73 35.48 32.76
C ARG D 170 -28.00 36.30 31.70
N MET D 171 -28.17 35.91 30.42
CA MET D 171 -27.35 36.42 29.34
C MET D 171 -28.12 37.42 28.47
N ASP D 172 -27.38 38.29 27.78
CA ASP D 172 -27.89 39.16 26.74
C ASP D 172 -29.07 39.97 27.27
N PRO D 173 -28.88 40.75 28.36
CA PRO D 173 -29.96 41.58 28.90
C PRO D 173 -30.25 42.79 28.02
N LYS D 174 -31.54 43.11 27.89
CA LYS D 174 -31.94 44.35 27.25
C LYS D 174 -33.17 44.92 27.94
N ILE D 175 -33.23 46.25 28.08
CA ILE D 175 -34.40 46.94 28.58
C ILE D 175 -35.49 46.91 27.51
N CYS D 176 -36.77 46.87 27.93
CA CYS D 176 -37.88 47.09 27.02
C CYS D 176 -37.95 48.57 26.65
N PRO D 177 -37.79 48.96 25.36
CA PRO D 177 -37.82 50.39 24.99
C PRO D 177 -39.14 51.10 25.29
N ALA D 178 -40.26 50.41 25.06
CA ALA D 178 -41.59 50.98 25.25
C ALA D 178 -41.90 51.21 26.73
N ASP D 179 -41.29 50.42 27.63
CA ASP D 179 -41.63 50.44 29.04
C ASP D 179 -40.43 49.96 29.86
N PRO D 180 -39.67 50.89 30.49
CA PRO D 180 -38.42 50.53 31.18
C PRO D 180 -38.56 49.75 32.49
N ALA D 181 -39.80 49.53 32.93
CA ALA D 181 -40.07 48.60 34.04
C ALA D 181 -39.62 47.19 33.68
N PHE D 182 -39.67 46.84 32.39
CA PHE D 182 -39.37 45.50 31.94
C PHE D 182 -37.97 45.43 31.33
N PHE D 183 -37.43 44.21 31.31
CA PHE D 183 -36.20 43.87 30.62
C PHE D 183 -36.29 42.39 30.21
N SER D 184 -35.36 41.97 29.33
CA SER D 184 -35.33 40.62 28.80
C SER D 184 -33.97 39.99 29.11
N PHE D 185 -33.90 38.66 29.02
CA PHE D 185 -32.64 37.93 29.11
C PHE D 185 -32.83 36.50 28.60
N ILE D 186 -31.70 35.84 28.32
CA ILE D 186 -31.70 34.43 27.95
C ILE D 186 -31.18 33.61 29.13
N ASN D 187 -31.84 32.47 29.37
CA ASN D 187 -31.52 31.58 30.46
C ASN D 187 -31.79 30.15 30.01
N ASN D 188 -30.73 29.32 30.04
CA ASN D 188 -30.75 27.94 29.55
C ASN D 188 -31.39 27.91 28.16
N SER D 189 -30.87 28.75 27.26
CA SER D 189 -31.24 28.80 25.84
C SER D 189 -32.73 29.11 25.63
N ASP D 190 -33.34 29.95 26.49
CA ASP D 190 -34.71 30.39 26.27
C ASP D 190 -34.90 31.84 26.75
N LEU D 191 -35.94 32.47 26.21
CA LEU D 191 -36.19 33.89 26.41
C LEU D 191 -37.06 34.08 27.65
N TRP D 192 -36.63 35.01 28.52
CA TRP D 192 -37.38 35.44 29.68
C TRP D 192 -37.54 36.95 29.66
N VAL D 193 -38.60 37.44 30.32
CA VAL D 193 -38.73 38.85 30.67
C VAL D 193 -39.02 38.94 32.17
N ALA D 194 -38.70 40.11 32.74
CA ALA D 194 -38.92 40.35 34.16
C ALA D 194 -39.19 41.84 34.39
N ASN D 195 -39.68 42.16 35.60
CA ASN D 195 -40.09 43.51 35.94
C ASN D 195 -39.20 43.98 37.09
N ILE D 196 -38.45 45.06 36.88
CA ILE D 196 -37.47 45.53 37.85
C ILE D 196 -38.18 46.10 39.09
N GLU D 197 -39.39 46.66 38.88
CA GLU D 197 -40.18 47.25 39.95
C GLU D 197 -40.89 46.16 40.75
N THR D 198 -41.72 45.34 40.10
CA THR D 198 -42.56 44.38 40.79
C THR D 198 -41.71 43.18 41.23
N GLY D 199 -40.70 42.81 40.42
CA GLY D 199 -39.91 41.62 40.70
C GLY D 199 -40.46 40.35 40.04
N GLU D 200 -41.53 40.50 39.23
CA GLU D 200 -42.13 39.36 38.54
C GLU D 200 -41.18 38.91 37.43
N GLU D 201 -41.08 37.58 37.22
CA GLU D 201 -40.31 37.00 36.13
C GLU D 201 -41.15 35.97 35.41
N ARG D 202 -41.04 35.94 34.06
CA ARG D 202 -41.83 35.03 33.24
C ARG D 202 -40.95 34.50 32.11
N ARG D 203 -40.93 33.16 31.97
CA ARG D 203 -40.34 32.49 30.82
C ARG D 203 -41.30 32.60 29.63
N LEU D 204 -40.77 32.92 28.43
CA LEU D 204 -41.57 33.09 27.22
C LEU D 204 -41.45 31.90 26.27
N THR D 205 -40.27 31.29 26.16
CA THR D 205 -40.05 30.24 25.16
C THR D 205 -39.68 28.94 25.86
N PHE D 206 -40.05 27.81 25.21
CA PHE D 206 -39.92 26.48 25.78
C PHE D 206 -39.23 25.57 24.77
N CYS D 207 -38.10 26.04 24.22
CA CYS D 207 -37.27 25.26 23.31
C CYS D 207 -36.42 24.24 24.04
N HIS D 208 -35.79 24.68 25.12
CA HIS D 208 -34.75 23.92 25.80
C HIS D 208 -35.39 23.20 26.98
N GLN D 209 -35.44 21.86 26.89
CA GLN D 209 -36.00 21.04 27.97
C GLN D 209 -35.07 21.03 29.18
N GLY D 210 -33.76 21.21 28.96
CA GLY D 210 -32.76 21.09 30.02
C GLY D 210 -32.54 19.63 30.41
N LEU D 211 -32.51 18.74 29.40
CA LEU D 211 -32.32 17.30 29.62
C LEU D 211 -30.89 17.04 30.08
N SER D 212 -30.70 15.83 30.64
CA SER D 212 -29.40 15.34 31.10
C SER D 212 -28.43 15.25 29.92
N ASN D 213 -28.83 14.51 28.89
CA ASN D 213 -28.03 14.36 27.67
C ASN D 213 -28.18 15.62 26.81
N VAL D 214 -27.07 16.36 26.64
CA VAL D 214 -27.07 17.67 26.02
C VAL D 214 -27.34 17.54 24.52
N LEU D 215 -26.88 16.42 23.93
CA LEU D 215 -27.01 16.17 22.50
C LEU D 215 -28.46 15.89 22.13
N ASP D 216 -29.28 15.48 23.10
CA ASP D 216 -30.69 15.23 22.88
C ASP D 216 -31.52 16.48 23.19
N ASP D 217 -30.89 17.69 23.28
CA ASP D 217 -31.65 18.92 23.56
C ASP D 217 -31.24 20.05 22.59
N PRO D 218 -31.49 19.91 21.25
CA PRO D 218 -30.97 20.85 20.23
C PRO D 218 -31.51 22.26 19.98
N LYS D 219 -32.61 22.64 20.68
CA LYS D 219 -33.36 23.83 20.31
C LYS D 219 -33.04 24.99 21.25
N SER D 220 -32.90 26.18 20.65
CA SER D 220 -32.60 27.40 21.38
C SER D 220 -33.53 28.50 20.89
N ALA D 221 -33.73 29.52 21.72
CA ALA D 221 -34.48 30.70 21.33
C ALA D 221 -33.79 31.94 21.88
N GLY D 222 -33.56 32.92 20.99
CA GLY D 222 -32.96 34.21 21.35
C GLY D 222 -31.42 34.17 21.30
N VAL D 223 -30.87 33.09 20.72
CA VAL D 223 -29.46 32.76 20.81
C VAL D 223 -28.82 32.86 19.42
N ALA D 224 -27.64 33.50 19.34
CA ALA D 224 -26.81 33.48 18.15
C ALA D 224 -25.86 32.28 18.22
N THR D 225 -25.94 31.35 17.24
CA THR D 225 -25.11 30.15 17.24
C THR D 225 -23.71 30.49 16.73
N PHE D 226 -22.84 29.48 16.70
CA PHE D 226 -21.41 29.66 16.54
C PHE D 226 -21.08 30.49 15.31
N VAL D 227 -21.54 30.06 14.13
CA VAL D 227 -21.17 30.68 12.87
C VAL D 227 -21.68 32.12 12.82
N ILE D 228 -22.86 32.36 13.39
CA ILE D 228 -23.46 33.68 13.40
C ILE D 228 -22.58 34.64 14.20
N GLN D 229 -22.07 34.19 15.35
CA GLN D 229 -21.23 35.04 16.19
C GLN D 229 -19.85 35.23 15.57
N GLU D 230 -19.23 34.12 15.18
CA GLU D 230 -17.84 34.13 14.76
C GLU D 230 -17.69 34.72 13.37
N GLU D 231 -18.61 34.41 12.45
CA GLU D 231 -18.41 34.75 11.04
C GLU D 231 -19.39 35.80 10.53
N PHE D 232 -20.45 36.15 11.27
CA PHE D 232 -21.42 37.14 10.80
C PHE D 232 -21.55 38.32 11.77
N ASP D 233 -20.79 38.32 12.87
CA ASP D 233 -20.71 39.46 13.79
C ASP D 233 -22.07 39.79 14.40
N ARG D 234 -22.90 38.76 14.65
CA ARG D 234 -24.17 38.94 15.33
C ARG D 234 -24.14 38.14 16.63
N PHE D 235 -24.41 38.81 17.76
CA PHE D 235 -24.31 38.21 19.08
C PHE D 235 -25.66 38.13 19.81
N THR D 236 -26.79 38.36 19.12
CA THR D 236 -28.12 38.26 19.74
C THR D 236 -29.03 37.50 18.80
N GLY D 237 -30.12 36.94 19.35
CA GLY D 237 -31.13 36.26 18.55
C GLY D 237 -32.55 36.76 18.84
N TYR D 238 -32.67 37.99 19.37
CA TYR D 238 -34.00 38.51 19.71
C TYR D 238 -33.98 40.04 19.69
N TRP D 239 -35.16 40.62 19.49
CA TRP D 239 -35.31 42.05 19.20
C TRP D 239 -36.62 42.57 19.78
N TRP D 240 -36.52 43.47 20.76
CA TRP D 240 -37.69 44.13 21.33
C TRP D 240 -38.42 44.90 20.25
N CYS D 241 -39.75 44.74 20.16
CA CYS D 241 -40.59 45.70 19.48
C CYS D 241 -40.53 47.02 20.26
N PRO D 242 -40.29 48.17 19.61
CA PRO D 242 -40.14 49.44 20.34
C PRO D 242 -41.43 50.07 20.88
N THR D 243 -42.59 49.54 20.49
CA THR D 243 -43.87 50.12 20.87
C THR D 243 -44.75 49.06 21.53
N ALA D 244 -45.71 49.55 22.34
CA ALA D 244 -46.79 48.72 22.84
C ALA D 244 -48.02 48.90 21.95
N SER D 245 -48.76 47.81 21.78
CA SER D 245 -50.08 47.88 21.17
C SER D 245 -51.13 47.60 22.25
N TRP D 246 -52.39 47.83 21.87
CA TRP D 246 -53.52 47.72 22.77
C TRP D 246 -54.58 46.91 22.03
N GLU D 247 -54.24 45.64 21.74
CA GLU D 247 -54.90 44.83 20.72
C GLU D 247 -56.43 44.86 20.82
N GLY D 248 -56.94 45.01 22.05
CA GLY D 248 -58.34 45.33 22.29
C GLY D 248 -58.83 44.78 23.65
N SER D 249 -60.14 44.57 23.75
CA SER D 249 -60.81 43.98 24.91
C SER D 249 -60.66 44.87 26.14
N GLU D 250 -59.95 44.42 27.19
CA GLU D 250 -59.67 45.24 28.37
C GLU D 250 -58.68 46.37 28.07
N GLY D 251 -57.99 46.28 26.92
CA GLY D 251 -57.08 47.33 26.47
C GLY D 251 -55.76 47.30 27.21
N LEU D 252 -55.33 46.08 27.59
CA LEU D 252 -54.06 45.85 28.27
C LEU D 252 -52.90 46.07 27.30
N LYS D 253 -51.78 46.65 27.78
CA LYS D 253 -50.58 46.84 26.95
C LYS D 253 -50.11 45.47 26.48
N THR D 254 -49.94 45.29 25.15
CA THR D 254 -49.23 44.14 24.61
C THR D 254 -47.83 44.58 24.17
N LEU D 255 -46.82 43.84 24.64
CA LEU D 255 -45.43 44.01 24.27
C LEU D 255 -44.99 42.77 23.51
N ARG D 256 -44.07 42.96 22.56
CA ARG D 256 -43.69 41.92 21.60
C ARG D 256 -42.18 41.80 21.51
N ILE D 257 -41.69 40.56 21.32
CA ILE D 257 -40.28 40.30 21.06
C ILE D 257 -40.16 39.33 19.89
N LEU D 258 -39.52 39.78 18.81
CA LEU D 258 -39.09 38.93 17.71
C LEU D 258 -37.90 38.10 18.19
N TYR D 259 -37.80 36.85 17.71
CA TYR D 259 -36.68 36.01 18.11
C TYR D 259 -36.46 34.90 17.07
N GLU D 260 -35.18 34.49 16.98
CA GLU D 260 -34.78 33.35 16.17
C GLU D 260 -34.83 32.09 17.02
N GLU D 261 -35.54 31.08 16.51
CA GLU D 261 -35.48 29.72 17.00
C GLU D 261 -34.53 28.92 16.12
N VAL D 262 -33.69 28.08 16.73
CA VAL D 262 -32.76 27.25 15.99
C VAL D 262 -32.89 25.80 16.49
N ASP D 263 -32.63 24.86 15.58
CA ASP D 263 -32.55 23.45 15.90
C ASP D 263 -31.23 22.92 15.34
N GLU D 264 -30.29 22.54 16.23
CA GLU D 264 -28.94 22.14 15.82
C GLU D 264 -28.77 20.62 15.72
N SER D 265 -29.89 19.87 15.68
CA SER D 265 -29.86 18.41 15.79
C SER D 265 -28.96 17.79 14.72
N GLU D 266 -29.07 18.26 13.46
CA GLU D 266 -28.32 17.65 12.37
C GLU D 266 -26.91 18.23 12.22
N VAL D 267 -26.56 19.26 13.00
CA VAL D 267 -25.28 19.93 12.87
C VAL D 267 -24.20 19.09 13.56
N GLU D 268 -23.02 19.01 12.94
CA GLU D 268 -21.93 18.18 13.44
C GLU D 268 -21.41 18.71 14.76
N VAL D 269 -21.01 17.78 15.64
CA VAL D 269 -20.46 18.07 16.95
C VAL D 269 -18.95 17.86 16.93
N ILE D 270 -18.24 18.72 17.66
CA ILE D 270 -16.83 18.52 17.93
C ILE D 270 -16.60 18.71 19.44
N HIS D 271 -15.46 18.22 19.93
CA HIS D 271 -15.05 18.41 21.31
C HIS D 271 -13.79 19.26 21.33
N VAL D 272 -13.79 20.31 22.18
CA VAL D 272 -12.62 21.15 22.40
C VAL D 272 -12.23 21.06 23.87
N PRO D 273 -10.92 20.92 24.19
CA PRO D 273 -10.45 20.97 25.58
C PRO D 273 -11.02 22.08 26.46
N SER D 274 -11.49 21.69 27.66
CA SER D 274 -11.92 22.63 28.69
C SER D 274 -10.75 23.47 29.18
N PRO D 275 -10.96 24.75 29.58
CA PRO D 275 -9.86 25.57 30.12
C PRO D 275 -9.18 25.06 31.38
N ALA D 276 -9.94 24.40 32.27
CA ALA D 276 -9.36 23.75 33.44
C ALA D 276 -8.74 22.42 33.04
N LEU D 277 -7.46 22.48 32.61
CA LEU D 277 -6.74 21.37 32.01
C LEU D 277 -6.73 20.13 32.92
N GLU D 278 -6.63 20.36 34.24
CA GLU D 278 -6.44 19.31 35.23
C GLU D 278 -7.62 18.33 35.27
N GLU D 279 -8.79 18.74 34.73
CA GLU D 279 -9.95 17.88 34.62
C GLU D 279 -9.86 16.91 33.45
N ARG D 280 -9.00 17.20 32.46
CA ARG D 280 -8.79 16.37 31.27
C ARG D 280 -10.10 16.03 30.57
N LYS D 281 -10.93 17.07 30.41
CA LYS D 281 -12.24 16.96 29.81
C LYS D 281 -12.31 17.95 28.64
N THR D 282 -13.38 17.79 27.85
CA THR D 282 -13.69 18.65 26.73
C THR D 282 -15.12 19.17 26.88
N ASP D 283 -15.46 20.20 26.10
CA ASP D 283 -16.82 20.65 25.92
C ASP D 283 -17.26 20.35 24.49
N SER D 284 -18.54 19.96 24.33
CA SER D 284 -19.16 19.74 23.04
C SER D 284 -19.60 21.05 22.41
N TYR D 285 -19.36 21.20 21.09
CA TYR D 285 -19.80 22.37 20.32
C TYR D 285 -20.40 21.90 19.00
N ARG D 286 -21.51 22.53 18.58
CA ARG D 286 -22.07 22.35 17.26
C ARG D 286 -21.26 23.17 16.26
N TYR D 287 -20.40 22.53 15.46
CA TYR D 287 -19.51 23.25 14.56
C TYR D 287 -19.86 22.88 13.12
N PRO D 288 -20.62 23.74 12.38
CA PRO D 288 -20.89 23.51 10.96
C PRO D 288 -19.62 23.74 10.15
N ARG D 289 -18.92 22.64 9.81
CA ARG D 289 -17.77 22.73 8.92
C ARG D 289 -18.28 22.91 7.50
N THR D 290 -17.45 23.56 6.67
CA THR D 290 -17.79 23.84 5.28
C THR D 290 -18.39 22.58 4.63
N GLY D 291 -19.53 22.73 3.96
CA GLY D 291 -20.18 21.60 3.31
C GLY D 291 -21.18 20.84 4.18
N SER D 292 -21.12 20.99 5.52
CA SER D 292 -22.03 20.29 6.43
C SER D 292 -23.28 21.13 6.70
N LYS D 293 -24.23 20.57 7.46
CA LYS D 293 -25.50 21.23 7.75
C LYS D 293 -25.28 22.40 8.70
N ASN D 294 -25.88 23.55 8.38
CA ASN D 294 -26.08 24.66 9.31
C ASN D 294 -27.34 24.39 10.10
N PRO D 295 -27.62 25.14 11.20
CA PRO D 295 -28.87 24.97 11.95
C PRO D 295 -30.12 25.19 11.10
N LYS D 296 -31.21 24.51 11.51
CA LYS D 296 -32.55 24.86 11.05
C LYS D 296 -32.99 26.11 11.81
N ILE D 297 -33.39 27.16 11.08
CA ILE D 297 -33.69 28.45 11.68
C ILE D 297 -35.11 28.88 11.35
N ALA D 298 -35.63 29.83 12.16
CA ALA D 298 -37.01 30.29 12.03
C ALA D 298 -37.23 31.50 12.93
N LEU D 299 -37.97 32.49 12.41
CA LEU D 299 -38.35 33.66 13.18
C LEU D 299 -39.71 33.41 13.80
N LYS D 300 -39.85 33.82 15.06
CA LYS D 300 -41.10 33.73 15.80
C LYS D 300 -41.31 35.00 16.59
N LEU D 301 -42.54 35.14 17.11
CA LEU D 301 -42.91 36.30 17.89
C LEU D 301 -43.44 35.82 19.24
N ALA D 302 -42.82 36.32 20.32
CA ALA D 302 -43.35 36.17 21.66
C ALA D 302 -44.06 37.47 22.03
N GLU D 303 -45.26 37.34 22.63
CA GLU D 303 -45.99 38.47 23.15
C GLU D 303 -46.36 38.23 24.61
N PHE D 304 -46.63 39.32 25.33
CA PHE D 304 -47.21 39.23 26.67
C PHE D 304 -47.97 40.52 26.97
N GLN D 305 -49.03 40.40 27.79
CA GLN D 305 -49.92 41.49 28.12
C GLN D 305 -49.66 41.94 29.56
N THR D 306 -49.78 43.24 29.81
CA THR D 306 -49.55 43.84 31.13
C THR D 306 -50.69 44.81 31.44
N ASP D 307 -50.99 44.98 32.74
CA ASP D 307 -52.06 45.84 33.21
C ASP D 307 -51.50 47.22 33.54
N SER D 308 -52.33 48.08 34.12
CA SER D 308 -51.93 49.42 34.55
C SER D 308 -50.86 49.38 35.62
N GLN D 309 -50.87 48.35 36.49
CA GLN D 309 -49.92 48.21 37.57
C GLN D 309 -48.57 47.68 37.05
N GLY D 310 -48.59 47.07 35.85
CA GLY D 310 -47.39 46.49 35.24
C GLY D 310 -47.26 44.99 35.56
N LYS D 311 -48.37 44.32 35.91
CA LYS D 311 -48.35 42.91 36.25
C LYS D 311 -48.63 42.11 34.98
N ILE D 312 -48.02 40.92 34.85
CA ILE D 312 -48.07 40.15 33.62
C ILE D 312 -49.30 39.25 33.65
N VAL D 313 -50.31 39.66 32.85
CA VAL D 313 -51.60 39.01 32.77
C VAL D 313 -51.52 37.72 31.95
N SER D 314 -50.84 37.75 30.79
CA SER D 314 -50.72 36.56 29.95
C SER D 314 -49.53 36.66 28.98
N THR D 315 -49.14 35.53 28.38
CA THR D 315 -48.11 35.45 27.35
C THR D 315 -48.56 34.50 26.24
N GLN D 316 -47.99 34.64 25.03
CA GLN D 316 -48.17 33.61 24.01
C GLN D 316 -47.03 33.55 23.00
N GLU D 317 -46.68 32.32 22.59
CA GLU D 317 -45.82 32.01 21.46
C GLU D 317 -46.62 32.08 20.17
N LYS D 318 -46.17 32.92 19.23
CA LYS D 318 -46.76 32.97 17.90
C LYS D 318 -45.72 32.56 16.87
N GLU D 319 -46.20 31.99 15.76
CA GLU D 319 -45.32 31.60 14.67
C GLU D 319 -45.96 31.93 13.32
N LEU D 320 -45.11 32.02 12.28
CA LEU D 320 -45.55 32.39 10.95
C LEU D 320 -46.67 31.44 10.48
N VAL D 321 -47.62 31.99 9.71
CA VAL D 321 -48.83 31.30 9.30
C VAL D 321 -48.45 30.09 8.43
N GLN D 322 -47.41 30.23 7.60
CA GLN D 322 -46.75 29.08 6.99
C GLN D 322 -45.36 28.94 7.60
N PRO D 323 -44.74 27.74 7.52
CA PRO D 323 -43.34 27.57 7.93
C PRO D 323 -42.39 28.56 7.24
N PHE D 324 -41.39 29.02 8.00
CA PHE D 324 -40.29 29.80 7.48
C PHE D 324 -39.66 29.13 6.25
N SER D 325 -39.49 27.80 6.29
CA SER D 325 -38.89 27.09 5.18
C SER D 325 -39.78 27.10 3.94
N SER D 326 -41.12 27.21 4.12
CA SER D 326 -42.05 27.32 3.00
C SER D 326 -41.93 28.69 2.35
N LEU D 327 -42.03 29.75 3.17
CA LEU D 327 -42.02 31.13 2.70
C LEU D 327 -40.68 31.50 2.10
N PHE D 328 -39.59 31.08 2.76
CA PHE D 328 -38.26 31.57 2.45
C PHE D 328 -37.33 30.37 2.23
N PRO D 329 -37.58 29.54 1.19
CA PRO D 329 -36.89 28.27 1.05
C PRO D 329 -35.40 28.34 0.73
N LYS D 330 -34.92 29.47 0.19
CA LYS D 330 -33.51 29.58 -0.20
C LYS D 330 -32.71 30.41 0.82
N VAL D 331 -33.28 30.69 2.00
CA VAL D 331 -32.56 31.34 3.08
C VAL D 331 -31.77 30.32 3.88
N GLU D 332 -30.46 30.56 4.06
CA GLU D 332 -29.61 29.75 4.91
C GLU D 332 -29.41 30.44 6.25
N TYR D 333 -29.20 31.77 6.25
CA TYR D 333 -28.84 32.50 7.45
C TYR D 333 -29.74 33.73 7.64
N ILE D 334 -30.07 34.06 8.91
CA ILE D 334 -30.58 35.38 9.26
C ILE D 334 -29.38 36.25 9.67
N ALA D 335 -29.01 37.20 8.82
CA ALA D 335 -27.88 38.07 9.08
C ALA D 335 -28.20 39.01 10.23
N ARG D 336 -29.33 39.70 10.12
CA ARG D 336 -29.76 40.73 11.04
C ARG D 336 -31.28 40.72 11.13
N ALA D 337 -31.84 41.40 12.14
CA ALA D 337 -33.27 41.67 12.20
C ALA D 337 -33.53 42.88 13.08
N GLY D 338 -34.77 43.34 13.13
CA GLY D 338 -35.16 44.49 13.92
C GLY D 338 -36.63 44.83 13.70
N TRP D 339 -36.97 46.10 13.97
CA TRP D 339 -38.33 46.61 13.82
C TRP D 339 -38.25 48.00 13.22
N THR D 340 -39.32 48.41 12.53
CA THR D 340 -39.53 49.82 12.23
C THR D 340 -39.77 50.53 13.56
N ARG D 341 -39.51 51.85 13.61
CA ARG D 341 -39.51 52.59 14.86
C ARG D 341 -40.92 52.63 15.45
N ASP D 342 -41.96 52.53 14.59
CA ASP D 342 -43.35 52.51 15.01
C ASP D 342 -43.81 51.11 15.45
N GLY D 343 -43.02 50.07 15.16
CA GLY D 343 -43.42 48.71 15.50
C GLY D 343 -44.49 48.13 14.57
N LYS D 344 -44.73 48.82 13.44
CA LYS D 344 -45.71 48.36 12.46
C LYS D 344 -45.21 47.07 11.83
N TYR D 345 -43.92 47.03 11.48
CA TYR D 345 -43.31 45.87 10.86
C TYR D 345 -42.04 45.47 11.61
N ALA D 346 -41.90 44.16 11.84
CA ALA D 346 -40.60 43.55 12.07
C ALA D 346 -39.88 43.41 10.72
N TRP D 347 -38.54 43.41 10.74
CA TRP D 347 -37.79 43.19 9.52
C TRP D 347 -36.62 42.26 9.78
N ALA D 348 -36.17 41.61 8.70
CA ALA D 348 -35.08 40.67 8.77
C ALA D 348 -34.23 40.78 7.49
N MET D 349 -32.94 40.54 7.66
CA MET D 349 -31.98 40.56 6.56
C MET D 349 -31.55 39.12 6.33
N PHE D 350 -31.89 38.54 5.18
CA PHE D 350 -31.68 37.12 4.89
C PHE D 350 -30.51 36.91 3.94
N LEU D 351 -29.87 35.73 4.01
CA LEU D 351 -28.80 35.34 3.11
C LEU D 351 -29.05 33.92 2.63
N ASP D 352 -28.78 33.67 1.34
CA ASP D 352 -28.72 32.31 0.82
C ASP D 352 -27.42 31.67 1.28
N ARG D 353 -27.29 30.36 1.06
CA ARG D 353 -26.14 29.62 1.53
C ARG D 353 -24.86 30.12 0.84
N PRO D 354 -24.83 30.32 -0.50
CA PRO D 354 -23.63 30.84 -1.16
C PRO D 354 -23.19 32.25 -0.78
N GLN D 355 -24.10 33.01 -0.12
CA GLN D 355 -23.86 34.39 0.29
C GLN D 355 -23.64 35.28 -0.92
N GLN D 356 -24.53 35.09 -1.91
CA GLN D 356 -24.53 35.91 -3.12
C GLN D 356 -25.87 36.61 -3.33
N TRP D 357 -26.82 36.41 -2.40
CA TRP D 357 -28.20 36.84 -2.56
C TRP D 357 -28.74 37.19 -1.17
N LEU D 358 -28.96 38.49 -0.92
CA LEU D 358 -29.48 39.01 0.34
C LEU D 358 -30.85 39.63 0.09
N GLN D 359 -31.74 39.58 1.09
CA GLN D 359 -33.03 40.26 1.02
C GLN D 359 -33.34 40.93 2.35
N LEU D 360 -33.80 42.20 2.31
CA LEU D 360 -34.51 42.81 3.43
C LEU D 360 -36.01 42.58 3.26
N VAL D 361 -36.63 41.98 4.28
CA VAL D 361 -38.00 41.55 4.22
C VAL D 361 -38.76 42.03 5.46
N LEU D 362 -39.92 42.68 5.25
CA LEU D 362 -40.79 43.09 6.35
C LEU D 362 -41.75 41.96 6.69
N LEU D 363 -41.92 41.71 8.00
CA LEU D 363 -42.89 40.76 8.51
C LEU D 363 -43.80 41.49 9.49
N PRO D 364 -45.09 41.66 9.17
CA PRO D 364 -46.03 42.30 10.10
C PRO D 364 -46.48 41.32 11.19
N PRO D 365 -46.74 41.78 12.44
CA PRO D 365 -47.22 40.93 13.53
C PRO D 365 -48.44 40.05 13.24
N ALA D 366 -49.32 40.53 12.36
CA ALA D 366 -50.52 39.78 11.97
C ALA D 366 -50.20 38.50 11.19
N LEU D 367 -48.97 38.38 10.68
CA LEU D 367 -48.54 37.19 9.95
C LEU D 367 -48.14 36.06 10.90
N PHE D 368 -48.07 36.34 12.21
CA PHE D 368 -47.80 35.31 13.21
C PHE D 368 -49.12 34.93 13.88
N ILE D 369 -49.27 33.64 14.16
CA ILE D 369 -50.49 33.11 14.77
C ILE D 369 -50.10 32.28 15.99
N PRO D 370 -51.04 31.99 16.94
CA PRO D 370 -50.73 31.16 18.10
C PRO D 370 -50.16 29.80 17.72
N SER D 371 -49.05 29.43 18.36
CA SER D 371 -48.48 28.09 18.21
C SER D 371 -49.41 27.09 18.88
N THR D 372 -49.63 25.93 18.24
CA THR D 372 -50.53 24.92 18.79
C THR D 372 -50.28 23.56 18.13
N GLU D 373 -50.45 22.48 18.92
CA GLU D 373 -50.42 21.12 18.40
C GLU D 373 -51.75 20.79 17.73
N ASN D 374 -52.82 21.47 18.15
CA ASN D 374 -54.16 21.27 17.65
C ASN D 374 -54.25 21.75 16.20
N GLU D 375 -54.35 20.79 15.26
CA GLU D 375 -54.43 21.06 13.83
C GLU D 375 -55.68 21.89 13.47
N GLU D 376 -56.79 21.66 14.20
CA GLU D 376 -58.05 22.33 13.95
C GLU D 376 -57.92 23.82 14.29
N GLN D 377 -57.24 24.12 15.42
CA GLN D 377 -57.00 25.49 15.84
C GLN D 377 -56.10 26.23 14.86
N ARG D 378 -55.04 25.56 14.36
CA ARG D 378 -54.08 26.15 13.44
C ARG D 378 -54.77 26.69 12.19
N LEU D 379 -55.62 25.85 11.56
CA LEU D 379 -56.30 26.21 10.33
C LEU D 379 -57.24 27.39 10.57
N ALA D 380 -57.97 27.37 11.68
CA ALA D 380 -58.87 28.46 12.05
C ALA D 380 -58.10 29.77 12.14
N SER D 381 -56.97 29.74 12.86
CA SER D 381 -56.10 30.90 13.03
C SER D 381 -55.59 31.40 11.69
N ALA D 382 -55.15 30.47 10.83
CA ALA D 382 -54.65 30.81 9.50
C ALA D 382 -55.73 31.48 8.65
N ARG D 383 -56.97 30.94 8.74
CA ARG D 383 -58.12 31.49 8.03
C ARG D 383 -58.44 32.90 8.51
N ALA D 384 -58.30 33.16 9.82
CA ALA D 384 -58.62 34.45 10.42
C ALA D 384 -57.62 35.55 10.04
N VAL D 385 -56.44 35.18 9.53
CA VAL D 385 -55.43 36.17 9.15
C VAL D 385 -55.93 36.92 7.91
N PRO D 386 -56.09 38.27 7.96
CA PRO D 386 -56.41 39.06 6.76
C PRO D 386 -55.58 38.73 5.51
N ARG D 387 -56.20 38.86 4.33
CA ARG D 387 -55.61 38.44 3.07
C ARG D 387 -54.46 39.38 2.67
N ASN D 388 -54.55 40.65 3.09
CA ASN D 388 -53.63 41.71 2.73
C ASN D 388 -52.46 41.80 3.71
N VAL D 389 -52.36 40.87 4.67
CA VAL D 389 -51.17 40.69 5.47
C VAL D 389 -50.23 39.76 4.69
N GLN D 390 -48.97 40.16 4.54
CA GLN D 390 -47.97 39.36 3.85
C GLN D 390 -46.55 39.87 4.13
N PRO D 391 -45.50 39.08 3.81
CA PRO D 391 -44.14 39.60 3.76
C PRO D 391 -43.96 40.55 2.58
N TYR D 392 -43.02 41.50 2.73
CA TYR D 392 -42.65 42.43 1.68
C TYR D 392 -41.13 42.50 1.54
N VAL D 393 -40.58 41.99 0.42
CA VAL D 393 -39.17 42.12 0.11
C VAL D 393 -38.93 43.52 -0.42
N VAL D 394 -38.48 44.41 0.46
CA VAL D 394 -38.29 45.81 0.15
C VAL D 394 -36.95 46.08 -0.55
N TYR D 395 -36.05 45.09 -0.56
CA TYR D 395 -34.77 45.27 -1.22
C TYR D 395 -34.13 43.90 -1.41
N GLU D 396 -33.31 43.79 -2.45
CA GLU D 396 -32.62 42.56 -2.79
C GLU D 396 -31.26 42.95 -3.35
N GLU D 397 -30.19 42.35 -2.80
CA GLU D 397 -28.82 42.59 -3.24
C GLU D 397 -28.28 41.27 -3.83
N VAL D 398 -27.64 41.34 -5.01
CA VAL D 398 -27.18 40.13 -5.70
C VAL D 398 -25.82 40.43 -6.35
N THR D 399 -24.93 39.44 -6.38
CA THR D 399 -23.56 39.63 -6.81
C THR D 399 -23.00 38.28 -7.23
N ASN D 400 -21.94 38.34 -8.05
CA ASN D 400 -21.19 37.17 -8.48
C ASN D 400 -19.86 37.09 -7.73
N VAL D 401 -19.65 37.96 -6.72
CA VAL D 401 -18.49 37.89 -5.85
C VAL D 401 -18.93 37.31 -4.51
N TRP D 402 -19.29 38.16 -3.54
CA TRP D 402 -19.99 37.73 -2.34
C TRP D 402 -20.68 38.92 -1.67
N ILE D 403 -21.70 38.63 -0.84
CA ILE D 403 -22.36 39.67 -0.05
C ILE D 403 -21.62 39.82 1.27
N ASN D 404 -20.89 40.92 1.40
CA ASN D 404 -20.46 41.38 2.71
C ASN D 404 -21.68 41.99 3.42
N VAL D 405 -21.89 41.58 4.66
CA VAL D 405 -23.04 42.00 5.43
C VAL D 405 -22.74 43.37 6.02
N HIS D 406 -23.45 44.39 5.54
CA HIS D 406 -23.33 45.76 6.03
C HIS D 406 -24.51 46.04 6.96
N ASP D 407 -24.23 46.73 8.08
CA ASP D 407 -25.20 46.89 9.16
C ASP D 407 -26.20 48.01 8.89
N ILE D 408 -25.92 48.88 7.89
CA ILE D 408 -26.69 50.10 7.68
C ILE D 408 -28.00 49.77 6.96
N PHE D 409 -29.09 50.02 7.70
CA PHE D 409 -30.44 50.00 7.16
C PHE D 409 -31.31 50.86 8.05
N TYR D 410 -31.71 52.04 7.56
CA TYR D 410 -32.45 53.02 8.35
C TYR D 410 -33.83 53.21 7.73
N PRO D 411 -34.90 52.57 8.26
CA PRO D 411 -36.26 52.76 7.74
C PRO D 411 -36.92 54.00 8.33
N PHE D 412 -37.41 54.88 7.44
CA PHE D 412 -38.05 56.11 7.84
C PHE D 412 -39.47 55.83 8.29
N PRO D 413 -40.04 56.66 9.21
CA PRO D 413 -41.46 56.54 9.56
C PRO D 413 -42.28 56.94 8.34
N GLN D 414 -43.52 56.42 8.26
CA GLN D 414 -44.33 56.52 7.06
C GLN D 414 -45.14 57.82 7.10
N SER D 415 -44.38 58.92 7.02
CA SER D 415 -44.89 60.27 6.90
C SER D 415 -45.60 60.45 5.56
N GLU D 416 -45.10 59.70 4.55
CA GLU D 416 -45.74 59.62 3.24
C GLU D 416 -47.12 58.99 3.43
N GLY D 417 -47.15 57.71 3.82
CA GLY D 417 -48.39 56.98 4.00
C GLY D 417 -48.11 55.50 4.13
N GLU D 418 -49.17 54.68 4.26
CA GLU D 418 -49.03 53.25 4.54
C GLU D 418 -48.77 52.44 3.27
N ASP D 419 -48.65 53.12 2.11
CA ASP D 419 -48.60 52.49 0.80
C ASP D 419 -47.16 52.20 0.36
N GLU D 420 -46.16 52.74 1.06
CA GLU D 420 -44.76 52.63 0.66
C GLU D 420 -43.84 52.71 1.89
N LEU D 421 -42.54 52.38 1.71
CA LEU D 421 -41.53 52.48 2.75
C LEU D 421 -40.28 53.09 2.14
N CYS D 422 -39.79 54.18 2.74
CA CYS D 422 -38.53 54.80 2.38
C CYS D 422 -37.46 54.40 3.39
N PHE D 423 -36.20 54.26 2.94
CA PHE D 423 -35.12 53.88 3.83
C PHE D 423 -33.75 54.19 3.22
N LEU D 424 -32.77 54.41 4.11
CA LEU D 424 -31.36 54.48 3.73
C LEU D 424 -30.75 53.08 3.83
N ARG D 425 -29.83 52.76 2.92
CA ARG D 425 -29.24 51.43 2.81
C ARG D 425 -27.81 51.57 2.29
N ALA D 426 -26.87 50.89 2.96
CA ALA D 426 -25.53 50.70 2.43
C ALA D 426 -25.55 49.54 1.43
N ASN D 427 -25.13 49.85 0.19
CA ASN D 427 -25.10 48.88 -0.89
C ASN D 427 -23.73 48.94 -1.55
N GLU D 428 -23.11 47.76 -1.65
CA GLU D 428 -21.77 47.60 -2.19
C GLU D 428 -21.81 46.98 -3.59
N CYS D 429 -22.79 46.09 -3.82
CA CYS D 429 -22.86 45.28 -5.02
C CYS D 429 -23.17 46.11 -6.27
N LYS D 430 -23.80 47.28 -6.11
CA LYS D 430 -24.16 48.09 -7.28
C LYS D 430 -22.92 48.54 -8.04
N THR D 431 -22.00 49.24 -7.37
CA THR D 431 -20.83 49.85 -8.01
C THR D 431 -19.55 49.09 -7.65
N GLY D 432 -19.65 48.09 -6.74
CA GLY D 432 -18.47 47.43 -6.19
C GLY D 432 -17.81 48.25 -5.08
N PHE D 433 -18.52 49.27 -4.60
CA PHE D 433 -18.09 50.14 -3.52
C PHE D 433 -19.30 50.42 -2.64
N CYS D 434 -19.05 50.40 -1.32
CA CYS D 434 -20.10 50.50 -0.32
C CYS D 434 -20.55 51.96 -0.22
N HIS D 435 -21.80 52.23 -0.58
CA HIS D 435 -22.31 53.60 -0.64
C HIS D 435 -23.72 53.66 -0.06
N LEU D 436 -24.13 54.88 0.32
CA LEU D 436 -25.46 55.11 0.86
C LEU D 436 -26.44 55.41 -0.26
N TYR D 437 -27.61 54.75 -0.22
CA TYR D 437 -28.68 54.93 -1.19
C TYR D 437 -29.99 55.16 -0.44
N LYS D 438 -30.83 56.07 -0.94
CA LYS D 438 -32.16 56.31 -0.41
C LYS D 438 -33.16 55.59 -1.31
N VAL D 439 -33.77 54.53 -0.77
CA VAL D 439 -34.62 53.64 -1.54
C VAL D 439 -36.07 53.80 -1.05
N THR D 440 -37.02 53.73 -1.99
CA THR D 440 -38.44 53.72 -1.69
C THR D 440 -39.06 52.51 -2.37
N ALA D 441 -39.75 51.68 -1.58
CA ALA D 441 -40.42 50.49 -2.07
C ALA D 441 -41.94 50.66 -1.99
N VAL D 442 -42.67 50.02 -2.91
CA VAL D 442 -44.12 50.09 -2.95
C VAL D 442 -44.70 48.85 -2.27
N LEU D 443 -45.54 49.06 -1.25
CA LEU D 443 -46.20 47.98 -0.53
C LEU D 443 -47.66 47.89 -1.00
N LYS D 444 -47.92 47.12 -2.05
CA LYS D 444 -49.28 46.76 -2.43
C LYS D 444 -49.44 45.26 -2.25
N SER D 445 -50.41 44.88 -1.41
CA SER D 445 -50.65 43.49 -1.09
C SER D 445 -51.36 42.79 -2.23
N GLN D 446 -50.73 41.72 -2.75
CA GLN D 446 -51.43 40.75 -3.57
C GLN D 446 -52.24 39.87 -2.62
N GLY D 447 -53.50 39.58 -2.97
CA GLY D 447 -54.33 38.67 -2.18
C GLY D 447 -53.61 37.35 -1.89
N TYR D 448 -53.67 36.90 -0.62
CA TYR D 448 -53.23 35.56 -0.27
C TYR D 448 -54.21 34.94 0.72
N ASP D 449 -54.52 33.66 0.49
CA ASP D 449 -55.29 32.85 1.42
C ASP D 449 -54.29 31.93 2.14
N TRP D 450 -53.97 32.28 3.40
CA TRP D 450 -52.92 31.62 4.15
C TRP D 450 -53.32 30.25 4.69
N SER D 451 -54.61 29.89 4.59
CA SER D 451 -55.09 28.55 4.93
C SER D 451 -54.58 27.51 3.92
N GLU D 452 -54.33 27.94 2.68
CA GLU D 452 -53.80 27.07 1.64
C GLU D 452 -52.31 26.85 1.86
N PRO D 453 -51.75 25.63 1.65
CA PRO D 453 -50.29 25.46 1.55
C PRO D 453 -49.84 26.12 0.24
N PHE D 454 -48.69 26.79 0.27
CA PHE D 454 -48.34 27.75 -0.76
C PHE D 454 -46.86 27.65 -1.10
N SER D 455 -46.57 27.66 -2.40
CA SER D 455 -45.21 27.61 -2.91
C SER D 455 -44.86 28.96 -3.52
N PRO D 456 -43.83 29.69 -3.00
CA PRO D 456 -43.43 30.96 -3.60
C PRO D 456 -42.78 30.77 -4.96
N GLY D 457 -43.20 31.57 -5.94
CA GLY D 457 -42.62 31.58 -7.27
C GLY D 457 -41.40 32.49 -7.31
N GLU D 458 -40.92 32.76 -8.54
CA GLU D 458 -39.84 33.69 -8.78
C GLU D 458 -40.29 35.08 -8.28
N ASP D 459 -39.43 35.72 -7.47
CA ASP D 459 -39.61 37.11 -7.07
C ASP D 459 -40.89 37.31 -6.27
N GLU D 460 -41.26 36.31 -5.45
CA GLU D 460 -42.45 36.39 -4.61
C GLU D 460 -42.26 37.49 -3.55
N PHE D 461 -43.28 38.34 -3.38
CA PHE D 461 -43.30 39.39 -2.36
C PHE D 461 -42.39 40.57 -2.73
N LYS D 462 -41.84 40.57 -3.95
CA LYS D 462 -40.87 41.59 -4.33
C LYS D 462 -41.59 42.92 -4.53
N CYS D 463 -41.07 43.98 -3.90
CA CYS D 463 -41.67 45.31 -3.99
C CYS D 463 -41.08 46.08 -5.16
N PRO D 464 -41.89 46.76 -5.99
CA PRO D 464 -41.36 47.74 -6.95
C PRO D 464 -40.60 48.85 -6.24
N ILE D 465 -39.50 49.31 -6.85
CA ILE D 465 -38.67 50.37 -6.29
C ILE D 465 -39.05 51.69 -6.96
N LYS D 466 -39.80 52.53 -6.26
CA LYS D 466 -40.28 53.80 -6.80
C LYS D 466 -39.11 54.76 -7.00
N GLU D 467 -38.16 54.78 -6.07
CA GLU D 467 -36.99 55.64 -6.14
C GLU D 467 -35.79 54.91 -5.54
N GLU D 468 -34.58 55.22 -6.06
CA GLU D 468 -33.33 54.64 -5.59
C GLU D 468 -32.18 55.59 -5.93
N ILE D 469 -31.87 56.56 -5.04
CA ILE D 469 -30.93 57.62 -5.37
C ILE D 469 -29.69 57.49 -4.48
N ALA D 470 -28.51 57.55 -5.12
CA ALA D 470 -27.24 57.35 -4.47
C ALA D 470 -26.76 58.65 -3.85
N LEU D 471 -26.53 58.66 -2.53
CA LEU D 471 -26.11 59.85 -1.80
C LEU D 471 -24.59 59.99 -1.83
N THR D 472 -23.89 58.87 -2.05
CA THR D 472 -22.44 58.85 -2.15
C THR D 472 -22.08 58.01 -3.38
N SER D 473 -20.89 58.27 -3.91
CA SER D 473 -20.33 57.53 -5.02
C SER D 473 -18.83 57.80 -5.10
N GLY D 474 -18.14 57.01 -5.93
CA GLY D 474 -16.71 57.17 -6.14
C GLY D 474 -15.96 55.94 -5.70
N GLU D 475 -14.64 55.97 -5.91
CA GLU D 475 -13.79 54.80 -5.74
C GLU D 475 -13.28 54.80 -4.30
N TRP D 476 -14.22 54.72 -3.36
CA TRP D 476 -13.95 54.76 -1.94
C TRP D 476 -15.22 54.25 -1.23
N GLU D 477 -15.09 53.98 0.07
CA GLU D 477 -16.13 53.25 0.79
C GLU D 477 -16.70 54.09 1.92
N VAL D 478 -18.03 53.99 2.08
CA VAL D 478 -18.68 54.24 3.35
C VAL D 478 -18.48 53.00 4.20
N LEU D 479 -18.03 53.19 5.44
CA LEU D 479 -17.73 52.09 6.33
C LEU D 479 -19.02 51.70 7.05
N ALA D 480 -19.40 50.42 6.95
CA ALA D 480 -20.74 49.97 7.31
C ALA D 480 -20.72 48.64 8.08
N ARG D 481 -19.58 48.31 8.71
CA ARG D 481 -19.33 47.00 9.29
C ARG D 481 -18.62 47.17 10.63
N HIS D 482 -18.64 46.08 11.42
CA HIS D 482 -17.75 45.92 12.56
C HIS D 482 -17.80 47.13 13.48
N GLY D 483 -19.01 47.67 13.71
CA GLY D 483 -19.20 48.76 14.66
C GLY D 483 -19.48 50.10 13.97
N SER D 484 -19.06 50.24 12.69
CA SER D 484 -19.33 51.46 11.95
C SER D 484 -20.83 51.56 11.65
N LYS D 485 -21.32 52.79 11.66
CA LYS D 485 -22.73 53.10 11.78
C LYS D 485 -22.98 54.46 11.11
N ILE D 486 -24.25 54.80 10.89
CA ILE D 486 -24.62 56.14 10.47
C ILE D 486 -25.46 56.79 11.56
N TRP D 487 -25.55 58.12 11.48
CA TRP D 487 -26.40 58.90 12.34
C TRP D 487 -27.21 59.84 11.46
N VAL D 488 -28.54 59.83 11.62
CA VAL D 488 -29.44 60.52 10.71
C VAL D 488 -30.19 61.61 11.49
N ASN D 489 -30.12 62.85 10.98
CA ASN D 489 -30.81 63.98 11.58
C ASN D 489 -32.01 64.31 10.68
N GLU D 490 -33.21 63.91 11.12
CA GLU D 490 -34.43 64.08 10.34
C GLU D 490 -34.90 65.53 10.37
N GLU D 491 -34.46 66.33 11.35
CA GLU D 491 -34.75 67.75 11.37
C GLU D 491 -34.06 68.43 10.18
N THR D 492 -32.76 68.15 9.99
CA THR D 492 -31.95 68.82 8.98
C THR D 492 -31.86 68.02 7.68
N LYS D 493 -32.35 66.76 7.67
CA LYS D 493 -32.34 65.89 6.50
C LYS D 493 -30.90 65.53 6.11
N LEU D 494 -30.05 65.24 7.11
CA LEU D 494 -28.63 64.97 6.91
C LEU D 494 -28.26 63.60 7.48
N VAL D 495 -27.29 62.94 6.82
CA VAL D 495 -26.74 61.66 7.24
C VAL D 495 -25.25 61.85 7.51
N TYR D 496 -24.81 61.51 8.73
CA TYR D 496 -23.41 61.47 9.09
C TYR D 496 -22.92 60.04 8.92
N PHE D 497 -21.67 59.88 8.48
CA PHE D 497 -21.10 58.57 8.21
C PHE D 497 -19.58 58.64 8.18
N GLN D 498 -18.92 57.47 8.24
CA GLN D 498 -17.47 57.38 8.13
C GLN D 498 -17.13 56.70 6.81
N GLY D 499 -15.95 57.02 6.27
CA GLY D 499 -15.54 56.55 4.96
C GLY D 499 -14.07 56.84 4.63
N THR D 500 -13.64 56.36 3.46
CA THR D 500 -12.25 56.42 3.00
C THR D 500 -12.13 57.38 1.82
N LYS D 501 -12.94 58.45 1.81
CA LYS D 501 -13.05 59.32 0.64
C LYS D 501 -11.71 59.99 0.37
N ASP D 502 -11.14 60.58 1.44
CA ASP D 502 -9.87 61.29 1.36
C ASP D 502 -8.75 60.32 1.02
N THR D 503 -8.74 59.13 1.65
CA THR D 503 -7.70 58.14 1.43
C THR D 503 -8.11 56.80 2.06
N PRO D 504 -7.72 55.64 1.48
CA PRO D 504 -7.88 54.35 2.17
C PRO D 504 -7.06 54.22 3.46
N LEU D 505 -6.13 55.14 3.74
CA LEU D 505 -5.27 55.07 4.91
C LEU D 505 -5.89 55.73 6.14
N GLU D 506 -7.06 56.38 6.01
CA GLU D 506 -7.62 57.15 7.10
C GLU D 506 -9.15 57.02 7.08
N HIS D 507 -9.73 56.72 8.25
CA HIS D 507 -11.17 56.83 8.41
C HIS D 507 -11.50 58.26 8.84
N HIS D 508 -12.46 58.89 8.14
CA HIS D 508 -12.91 60.23 8.46
C HIS D 508 -14.43 60.27 8.56
N LEU D 509 -14.93 61.37 9.17
CA LEU D 509 -16.35 61.59 9.35
C LEU D 509 -16.83 62.57 8.29
N TYR D 510 -17.90 62.20 7.58
CA TYR D 510 -18.45 63.00 6.50
C TYR D 510 -19.93 63.25 6.76
N VAL D 511 -20.50 64.19 5.99
CA VAL D 511 -21.90 64.55 6.10
C VAL D 511 -22.46 64.85 4.71
N VAL D 512 -23.70 64.42 4.45
CA VAL D 512 -24.37 64.58 3.17
C VAL D 512 -25.88 64.65 3.44
N SER D 513 -26.59 65.38 2.58
CA SER D 513 -28.04 65.49 2.65
C SER D 513 -28.67 64.28 1.99
N TYR D 514 -29.78 63.77 2.55
CA TYR D 514 -30.54 62.71 1.93
C TYR D 514 -31.77 63.26 1.18
N GLU D 515 -31.99 64.59 1.18
CA GLU D 515 -33.08 65.17 0.40
C GLU D 515 -32.60 65.37 -1.04
N ALA D 516 -31.57 66.22 -1.19
CA ALA D 516 -30.96 66.54 -2.47
C ALA D 516 -29.44 66.46 -2.35
N ALA D 517 -28.95 65.22 -2.34
CA ALA D 517 -27.54 64.92 -2.18
C ALA D 517 -26.69 65.75 -3.13
N GLY D 518 -25.62 66.36 -2.60
CA GLY D 518 -24.62 66.99 -3.44
C GLY D 518 -23.24 67.01 -2.75
N GLU D 519 -22.88 68.17 -2.19
CA GLU D 519 -21.58 68.36 -1.58
C GLU D 519 -21.46 67.52 -0.32
N ILE D 520 -20.31 66.84 -0.19
CA ILE D 520 -19.96 66.00 0.95
C ILE D 520 -18.95 66.76 1.81
N VAL D 521 -19.31 67.10 3.05
CA VAL D 521 -18.44 67.86 3.93
C VAL D 521 -17.75 66.91 4.90
N ARG D 522 -16.42 66.98 4.98
CA ARG D 522 -15.62 66.24 5.94
C ARG D 522 -15.52 67.05 7.23
N LEU D 523 -15.67 66.37 8.38
CA LEU D 523 -15.70 67.04 9.68
C LEU D 523 -14.40 66.82 10.47
N THR D 524 -13.54 65.87 10.04
CA THR D 524 -12.35 65.49 10.79
C THR D 524 -11.08 66.00 10.12
N THR D 525 -10.03 66.23 10.92
CA THR D 525 -8.78 66.80 10.45
C THR D 525 -7.97 65.71 9.75
N PRO D 526 -7.51 65.89 8.49
CA PRO D 526 -6.60 64.93 7.84
C PRO D 526 -5.27 64.75 8.54
N GLY D 527 -4.58 63.66 8.21
CA GLY D 527 -3.34 63.23 8.86
C GLY D 527 -3.57 62.37 10.09
N PHE D 528 -4.83 61.94 10.31
CA PHE D 528 -5.17 60.99 11.35
C PHE D 528 -6.28 60.07 10.86
N SER D 529 -6.41 58.90 11.51
CA SER D 529 -7.54 58.01 11.30
C SER D 529 -8.45 58.13 12.53
N HIS D 530 -9.76 58.28 12.27
CA HIS D 530 -10.70 58.74 13.28
C HIS D 530 -11.82 57.72 13.46
N SER D 531 -12.16 57.49 14.73
CA SER D 531 -13.25 56.61 15.13
C SER D 531 -14.25 57.41 15.96
N CYS D 532 -15.43 57.73 15.39
CA CYS D 532 -16.26 58.81 15.92
C CYS D 532 -17.58 58.31 16.50
N SER D 533 -18.04 59.00 17.56
CA SER D 533 -19.38 58.88 18.13
C SER D 533 -20.08 60.23 17.99
N MET D 534 -21.34 60.23 17.53
CA MET D 534 -22.13 61.44 17.37
C MET D 534 -23.12 61.58 18.55
N SER D 535 -23.30 62.81 19.07
CA SER D 535 -24.36 63.10 20.03
C SER D 535 -25.72 62.86 19.41
N GLN D 536 -26.70 62.46 20.24
CA GLN D 536 -28.06 62.21 19.80
C GLN D 536 -28.73 63.50 19.31
N ASN D 537 -28.21 64.67 19.72
CA ASN D 537 -28.78 65.96 19.38
C ASN D 537 -27.99 66.63 18.24
N PHE D 538 -26.96 65.96 17.73
CA PHE D 538 -26.18 66.41 16.57
C PHE D 538 -25.50 67.76 16.82
N ASP D 539 -25.17 68.07 18.08
CA ASP D 539 -24.49 69.32 18.43
C ASP D 539 -22.99 69.10 18.65
N MET D 540 -22.60 67.92 19.15
CA MET D 540 -21.21 67.59 19.43
C MET D 540 -20.91 66.15 19.01
N PHE D 541 -19.62 65.81 18.89
CA PHE D 541 -19.20 64.44 18.63
C PHE D 541 -17.83 64.19 19.26
N VAL D 542 -17.53 62.90 19.47
CA VAL D 542 -16.23 62.44 19.93
C VAL D 542 -15.46 61.87 18.75
N SER D 543 -14.14 62.10 18.72
CA SER D 543 -13.24 61.37 17.84
C SER D 543 -12.11 60.75 18.65
N HIS D 544 -12.05 59.41 18.64
CA HIS D 544 -10.86 58.66 19.01
C HIS D 544 -10.01 58.55 17.75
N TYR D 545 -8.81 59.14 17.80
CA TYR D 545 -7.96 59.18 16.63
C TYR D 545 -6.49 59.10 16.99
N SER D 546 -5.70 58.73 15.97
CA SER D 546 -4.26 58.61 16.07
C SER D 546 -3.65 58.65 14.66
N SER D 547 -2.32 58.69 14.61
CA SER D 547 -1.55 58.48 13.40
C SER D 547 -0.44 57.48 13.69
N VAL D 548 0.24 57.01 12.64
CA VAL D 548 1.37 56.09 12.79
C VAL D 548 2.40 56.67 13.77
N SER D 549 2.57 58.00 13.77
CA SER D 549 3.59 58.67 14.54
C SER D 549 3.08 59.14 15.90
N THR D 550 1.77 59.39 16.05
CA THR D 550 1.23 59.99 17.26
C THR D 550 0.28 59.00 17.96
N PRO D 551 0.49 58.66 19.25
CA PRO D 551 -0.44 57.81 19.99
C PRO D 551 -1.86 58.39 20.09
N PRO D 552 -2.88 57.55 20.39
CA PRO D 552 -4.28 57.97 20.29
C PRO D 552 -4.67 58.97 21.38
N CYS D 553 -5.63 59.83 21.02
CA CYS D 553 -6.28 60.77 21.94
C CYS D 553 -7.80 60.71 21.70
N VAL D 554 -8.56 61.26 22.65
CA VAL D 554 -10.01 61.30 22.58
C VAL D 554 -10.44 62.74 22.82
N HIS D 555 -11.02 63.37 21.79
CA HIS D 555 -11.42 64.77 21.85
C HIS D 555 -12.92 64.90 21.57
N VAL D 556 -13.57 65.86 22.26
CA VAL D 556 -14.95 66.23 21.98
C VAL D 556 -14.91 67.52 21.16
N TYR D 557 -15.62 67.51 20.02
CA TYR D 557 -15.70 68.66 19.13
C TYR D 557 -17.15 69.19 19.10
N LYS D 558 -17.31 70.48 18.80
CA LYS D 558 -18.61 71.14 18.77
C LYS D 558 -18.91 71.58 17.34
N LEU D 559 -20.12 71.30 16.87
CA LEU D 559 -20.59 71.74 15.57
C LEU D 559 -21.27 73.11 15.72
N SER D 560 -20.60 74.18 15.25
CA SER D 560 -21.06 75.55 15.45
C SER D 560 -21.08 76.31 14.12
N GLY D 561 -22.04 77.23 13.98
CA GLY D 561 -22.25 78.00 12.76
C GLY D 561 -23.72 78.40 12.60
N PRO D 562 -24.07 79.18 11.55
CA PRO D 562 -25.48 79.47 11.25
C PRO D 562 -26.34 78.21 11.18
N ASP D 563 -27.50 78.22 11.87
CA ASP D 563 -28.40 77.07 11.87
C ASP D 563 -29.09 76.90 10.52
N ASP D 564 -29.18 77.98 9.73
CA ASP D 564 -29.84 77.93 8.44
C ASP D 564 -28.93 77.34 7.37
N ASP D 565 -27.64 77.07 7.68
CA ASP D 565 -26.75 76.36 6.78
C ASP D 565 -26.12 75.18 7.52
N PRO D 566 -26.91 74.13 7.86
CA PRO D 566 -26.42 73.07 8.76
C PRO D 566 -25.37 72.17 8.12
N LEU D 567 -25.38 72.05 6.79
CA LEU D 567 -24.43 71.23 6.06
C LEU D 567 -23.00 71.73 6.28
N HIS D 568 -22.83 73.03 6.49
CA HIS D 568 -21.51 73.63 6.56
C HIS D 568 -21.19 74.08 7.99
N LYS D 569 -21.72 73.37 8.99
CA LYS D 569 -21.34 73.62 10.38
C LYS D 569 -19.85 73.41 10.52
N GLN D 570 -19.21 74.23 11.37
CA GLN D 570 -17.78 74.14 11.63
C GLN D 570 -17.55 73.21 12.82
N PRO D 571 -16.56 72.29 12.76
CA PRO D 571 -16.09 71.59 13.95
C PRO D 571 -15.10 72.44 14.74
N ARG D 572 -15.30 72.57 16.07
CA ARG D 572 -14.36 73.27 16.93
C ARG D 572 -14.02 72.42 18.14
N PHE D 573 -12.72 72.24 18.40
CA PHE D 573 -12.26 71.47 19.54
C PHE D 573 -12.84 72.10 20.81
N TRP D 574 -13.42 71.27 21.68
CA TRP D 574 -14.07 71.75 22.89
C TRP D 574 -13.26 71.33 24.13
N ALA D 575 -12.99 70.02 24.25
CA ALA D 575 -12.23 69.50 25.37
C ALA D 575 -11.68 68.11 25.05
N SER D 576 -10.71 67.69 25.87
CA SER D 576 -10.06 66.39 25.72
C SER D 576 -10.54 65.46 26.82
N MET D 577 -10.84 64.21 26.43
CA MET D 577 -11.11 63.12 27.32
C MET D 577 -9.83 62.34 27.65
N MET D 578 -8.85 62.37 26.72
CA MET D 578 -7.59 61.67 26.90
C MET D 578 -6.55 62.26 25.96
N GLU D 579 -5.43 62.75 26.49
CA GLU D 579 -4.31 63.18 25.66
C GLU D 579 -3.42 61.99 25.33
N ALA D 580 -2.67 62.11 24.22
CA ALA D 580 -1.83 61.03 23.72
C ALA D 580 -0.66 60.78 24.68
N ALA D 581 -0.43 59.50 25.02
CA ALA D 581 0.70 59.10 25.82
C ALA D 581 2.01 59.42 25.10
N SER D 582 3.09 59.57 25.87
CA SER D 582 4.38 59.93 25.33
C SER D 582 4.93 58.74 24.55
N CYS D 583 5.31 58.97 23.28
CA CYS D 583 6.03 57.97 22.49
C CYS D 583 7.32 57.59 23.21
N PRO D 584 7.50 56.32 23.64
CA PRO D 584 8.77 55.89 24.27
C PRO D 584 10.03 56.30 23.49
N PRO D 585 11.18 56.63 24.16
CA PRO D 585 12.43 56.92 23.45
C PRO D 585 12.98 55.85 22.50
N ASP D 586 12.79 54.58 22.87
CA ASP D 586 13.08 53.45 22.00
C ASP D 586 11.75 53.10 21.37
N TYR D 587 11.19 54.02 20.58
CA TYR D 587 10.10 53.73 19.66
C TYR D 587 10.26 54.63 18.43
N VAL D 588 10.30 54.02 17.23
CA VAL D 588 10.44 54.76 15.99
C VAL D 588 9.28 54.39 15.07
N PRO D 589 8.35 55.34 14.76
CA PRO D 589 7.21 55.03 13.90
C PRO D 589 7.62 54.39 12.58
N PRO D 590 6.81 53.45 12.04
CA PRO D 590 7.07 52.90 10.71
C PRO D 590 6.69 53.93 9.66
N GLU D 591 7.12 53.66 8.43
CA GLU D 591 6.88 54.54 7.31
C GLU D 591 5.92 53.84 6.35
N ILE D 592 4.76 54.47 6.10
CA ILE D 592 3.83 54.00 5.09
C ILE D 592 4.40 54.37 3.73
N PHE D 593 4.26 53.45 2.78
CA PHE D 593 4.55 53.72 1.38
C PHE D 593 3.47 53.08 0.54
N HIS D 594 3.56 53.32 -0.78
CA HIS D 594 2.75 52.60 -1.73
C HIS D 594 3.57 52.42 -2.99
N PHE D 595 3.08 51.52 -3.85
CA PHE D 595 3.75 51.17 -5.07
C PHE D 595 2.75 50.50 -6.01
N HIS D 596 3.19 50.27 -7.25
CA HIS D 596 2.30 49.85 -8.33
C HIS D 596 2.82 48.52 -8.86
N THR D 597 1.98 47.47 -8.82
CA THR D 597 2.38 46.14 -9.23
C THR D 597 2.60 46.12 -10.72
N ARG D 598 3.16 45.00 -11.21
CA ARG D 598 3.34 44.80 -12.65
C ARG D 598 1.99 44.79 -13.36
N SER D 599 0.92 44.37 -12.68
CA SER D 599 -0.44 44.42 -13.20
C SER D 599 -1.09 45.81 -12.99
N ASP D 600 -0.33 46.77 -12.46
CA ASP D 600 -0.71 48.18 -12.37
C ASP D 600 -1.81 48.37 -11.31
N VAL D 601 -1.62 47.75 -10.14
CA VAL D 601 -2.50 47.91 -9.01
C VAL D 601 -1.75 48.61 -7.89
N ARG D 602 -2.38 49.58 -7.21
CA ARG D 602 -1.73 50.28 -6.11
C ARG D 602 -1.86 49.44 -4.84
N LEU D 603 -0.71 49.05 -4.26
CA LEU D 603 -0.66 48.39 -2.97
C LEU D 603 0.06 49.30 -1.98
N TYR D 604 -0.44 49.29 -0.74
CA TYR D 604 0.20 50.00 0.37
C TYR D 604 0.98 49.02 1.23
N GLY D 605 1.97 49.55 1.95
CA GLY D 605 2.84 48.75 2.81
C GLY D 605 3.47 49.62 3.90
N MET D 606 4.20 48.98 4.82
CA MET D 606 4.98 49.67 5.82
C MET D 606 6.40 49.11 5.89
N ILE D 607 7.31 49.97 6.32
CA ILE D 607 8.65 49.56 6.68
C ILE D 607 8.93 50.11 8.09
N TYR D 608 9.34 49.21 8.98
CA TYR D 608 10.10 49.58 10.16
C TYR D 608 11.57 49.48 9.79
N LYS D 609 12.22 50.64 9.61
CA LYS D 609 13.62 50.67 9.21
C LYS D 609 14.47 50.15 10.38
N PRO D 610 15.56 49.38 10.12
CA PRO D 610 16.44 48.93 11.20
C PRO D 610 16.95 50.14 11.94
N HIS D 611 16.84 50.16 13.28
CA HIS D 611 17.31 51.29 14.07
C HIS D 611 18.83 51.39 13.90
N ALA D 612 19.34 52.63 13.94
CA ALA D 612 20.75 52.92 13.70
C ALA D 612 21.22 52.22 12.42
N LEU D 613 20.52 52.50 11.33
CA LEU D 613 20.89 52.00 10.02
C LEU D 613 22.18 52.70 9.57
N GLN D 614 23.06 51.95 8.91
CA GLN D 614 24.22 52.52 8.24
C GLN D 614 24.12 52.17 6.76
N PRO D 615 24.54 53.08 5.84
CA PRO D 615 24.33 52.87 4.41
C PRO D 615 25.29 51.83 3.85
N GLY D 616 24.87 51.14 2.79
CA GLY D 616 25.63 50.06 2.20
C GLY D 616 25.16 48.72 2.77
N LYS D 617 24.97 48.65 4.10
CA LYS D 617 24.76 47.40 4.81
C LYS D 617 23.33 46.89 4.62
N LYS D 618 23.20 45.58 4.35
CA LYS D 618 21.91 44.91 4.20
C LYS D 618 21.52 44.16 5.47
N HIS D 619 20.29 44.39 5.94
CA HIS D 619 19.79 43.84 7.19
C HIS D 619 18.87 42.64 6.96
N PRO D 620 18.81 41.68 7.92
CA PRO D 620 17.89 40.54 7.83
C PRO D 620 16.48 41.09 8.04
N THR D 621 15.51 40.44 7.40
CA THR D 621 14.19 41.04 7.21
C THR D 621 13.10 40.05 7.63
N VAL D 622 12.08 40.59 8.32
CA VAL D 622 10.87 39.86 8.70
C VAL D 622 9.70 40.43 7.92
N LEU D 623 9.09 39.58 7.07
CA LEU D 623 7.82 39.90 6.43
C LEU D 623 6.70 39.49 7.38
N PHE D 624 6.04 40.49 7.96
CA PHE D 624 4.88 40.26 8.82
C PHE D 624 3.62 40.31 7.96
N VAL D 625 2.84 39.23 7.99
CA VAL D 625 1.74 39.04 7.05
C VAL D 625 0.46 38.63 7.79
N TYR D 626 -0.68 39.12 7.29
CA TYR D 626 -1.97 38.50 7.57
C TYR D 626 -2.53 38.05 6.23
N GLY D 627 -2.97 39.01 5.39
CA GLY D 627 -3.18 38.78 3.97
C GLY D 627 -4.59 38.31 3.60
N GLY D 628 -5.44 38.08 4.60
CA GLY D 628 -6.76 37.52 4.40
C GLY D 628 -7.85 38.59 4.40
N PRO D 629 -9.08 38.21 4.00
CA PRO D 629 -10.17 39.17 3.87
C PRO D 629 -10.65 39.79 5.18
N GLN D 630 -11.33 40.94 5.04
CA GLN D 630 -11.93 41.68 6.14
C GLN D 630 -10.89 42.41 6.99
N VAL D 631 -9.63 42.45 6.57
CA VAL D 631 -8.59 43.08 7.39
C VAL D 631 -7.80 44.06 6.54
N GLN D 632 -7.28 45.12 7.19
CA GLN D 632 -6.33 46.04 6.59
C GLN D 632 -5.28 46.39 7.64
N LEU D 633 -4.04 45.97 7.39
CA LEU D 633 -2.97 46.24 8.34
C LEU D 633 -2.43 47.66 8.20
N VAL D 634 -2.46 48.22 6.97
CA VAL D 634 -1.69 49.42 6.64
C VAL D 634 -2.63 50.60 6.48
N ASN D 635 -2.53 51.53 7.44
CA ASN D 635 -3.31 52.75 7.48
C ASN D 635 -2.61 53.69 8.47
N ASN D 636 -3.00 54.97 8.44
CA ASN D 636 -2.34 55.98 9.23
C ASN D 636 -2.97 56.05 10.61
N SER D 637 -2.63 55.06 11.45
CA SER D 637 -2.98 55.04 12.85
C SER D 637 -1.88 54.35 13.63
N PHE D 638 -1.87 54.54 14.95
CA PHE D 638 -0.75 54.20 15.78
C PHE D 638 -0.69 52.69 15.98
N LYS D 639 0.47 52.10 15.68
CA LYS D 639 0.66 50.65 15.72
C LYS D 639 1.38 50.18 16.99
N GLY D 640 1.77 51.12 17.86
CA GLY D 640 2.67 50.85 18.95
C GLY D 640 2.04 50.05 20.09
N ILE D 641 0.70 50.00 20.22
CA ILE D 641 0.07 49.16 21.23
C ILE D 641 0.11 47.71 20.70
N LYS D 642 -0.58 47.46 19.58
CA LYS D 642 -0.84 46.10 19.16
C LYS D 642 0.41 45.46 18.54
N TYR D 643 1.29 46.27 17.91
CA TYR D 643 2.42 45.75 17.14
C TYR D 643 3.76 46.32 17.65
N LEU D 644 3.89 46.48 18.98
CA LEU D 644 5.11 46.97 19.60
C LEU D 644 6.31 46.11 19.21
N ARG D 645 6.11 44.79 19.23
CA ARG D 645 7.15 43.81 18.96
C ARG D 645 7.83 44.05 17.60
N LEU D 646 7.12 44.66 16.64
CA LEU D 646 7.70 44.94 15.33
C LEU D 646 8.74 46.05 15.45
N ASN D 647 8.47 47.04 16.29
CA ASN D 647 9.46 48.04 16.63
C ASN D 647 10.64 47.40 17.34
N THR D 648 10.35 46.47 18.27
CA THR D 648 11.39 45.76 19.01
C THR D 648 12.32 45.02 18.05
N LEU D 649 11.74 44.34 17.04
CA LEU D 649 12.52 43.68 16.01
C LEU D 649 13.48 44.69 15.37
N ALA D 650 12.94 45.84 14.98
CA ALA D 650 13.68 46.83 14.25
C ALA D 650 14.80 47.42 15.09
N SER D 651 14.60 47.50 16.43
CA SER D 651 15.61 48.01 17.35
C SER D 651 16.82 47.08 17.42
N LEU D 652 16.65 45.80 17.10
CA LEU D 652 17.74 44.84 17.12
C LEU D 652 18.39 44.76 15.73
N GLY D 653 17.79 45.42 14.73
CA GLY D 653 18.40 45.57 13.41
C GLY D 653 17.78 44.66 12.36
N TYR D 654 16.59 44.12 12.63
CA TYR D 654 15.77 43.52 11.60
C TYR D 654 14.99 44.63 10.90
N ALA D 655 14.95 44.61 9.57
CA ALA D 655 13.96 45.37 8.83
C ALA D 655 12.63 44.61 8.90
N VAL D 656 11.52 45.34 9.04
CA VAL D 656 10.20 44.72 9.07
C VAL D 656 9.35 45.32 7.94
N VAL D 657 8.89 44.45 7.04
CA VAL D 657 7.99 44.82 5.96
C VAL D 657 6.58 44.30 6.28
N VAL D 658 5.56 45.11 5.93
CA VAL D 658 4.16 44.72 5.95
C VAL D 658 3.55 45.10 4.60
N ILE D 659 2.80 44.19 3.96
CA ILE D 659 2.17 44.46 2.68
C ILE D 659 0.68 44.10 2.74
N ASP D 660 -0.21 45.07 2.50
CA ASP D 660 -1.63 44.79 2.27
C ASP D 660 -1.83 44.47 0.78
N GLY D 661 -1.86 43.16 0.49
CA GLY D 661 -2.05 42.70 -0.87
C GLY D 661 -3.52 42.71 -1.28
N ARG D 662 -3.80 42.19 -2.47
CA ARG D 662 -5.17 41.98 -2.94
C ARG D 662 -5.81 40.93 -2.03
N GLY D 663 -7.09 41.14 -1.72
CA GLY D 663 -7.80 40.36 -0.71
C GLY D 663 -8.09 41.19 0.54
N SER D 664 -7.23 42.17 0.84
CA SER D 664 -7.39 43.04 2.00
C SER D 664 -8.53 44.03 1.73
N CYS D 665 -9.01 44.69 2.78
CA CYS D 665 -10.28 45.42 2.72
C CYS D 665 -10.02 46.93 2.67
N GLN D 666 -11.13 47.70 2.58
CA GLN D 666 -11.18 49.16 2.43
C GLN D 666 -10.80 49.61 1.02
N ARG D 667 -10.83 48.70 0.04
CA ARG D 667 -10.41 48.96 -1.33
C ARG D 667 -11.44 48.43 -2.33
N GLY D 668 -12.65 48.11 -1.87
CA GLY D 668 -13.74 47.73 -2.77
C GLY D 668 -13.79 46.22 -3.04
N LEU D 669 -14.92 45.78 -3.59
CA LEU D 669 -15.26 44.37 -3.73
C LEU D 669 -14.37 43.68 -4.76
N ARG D 670 -14.01 44.40 -5.84
CA ARG D 670 -13.18 43.86 -6.92
C ARG D 670 -11.80 43.46 -6.38
N PHE D 671 -11.21 44.37 -5.57
CA PHE D 671 -9.89 44.21 -5.00
C PHE D 671 -9.82 42.99 -4.08
N GLU D 672 -10.82 42.85 -3.20
CA GLU D 672 -10.91 41.78 -2.24
C GLU D 672 -11.33 40.48 -2.93
N GLY D 673 -12.12 40.59 -4.02
CA GLY D 673 -12.65 39.44 -4.74
C GLY D 673 -11.57 38.68 -5.53
N ALA D 674 -10.37 39.28 -5.67
CA ALA D 674 -9.25 38.67 -6.39
C ALA D 674 -8.95 37.24 -5.95
N LEU D 675 -9.22 36.90 -4.67
CA LEU D 675 -8.86 35.59 -4.15
C LEU D 675 -10.02 34.60 -4.21
N LYS D 676 -11.15 34.96 -4.85
CA LYS D 676 -12.34 34.13 -4.86
C LYS D 676 -12.01 32.75 -5.39
N ASN D 677 -12.24 31.74 -4.54
CA ASN D 677 -12.13 30.32 -4.90
C ASN D 677 -10.68 29.89 -5.10
N GLN D 678 -9.68 30.70 -4.70
CA GLN D 678 -8.29 30.33 -4.88
C GLN D 678 -7.41 30.99 -3.81
N MET D 679 -7.81 30.80 -2.55
CA MET D 679 -7.11 31.43 -1.43
C MET D 679 -5.69 30.88 -1.40
N GLY D 680 -4.73 31.78 -1.13
CA GLY D 680 -3.31 31.44 -1.12
C GLY D 680 -2.55 31.93 -2.36
N GLN D 681 -3.23 31.95 -3.52
CA GLN D 681 -2.54 32.05 -4.80
C GLN D 681 -2.14 33.51 -5.06
N VAL D 682 -3.13 34.39 -5.20
CA VAL D 682 -2.91 35.81 -5.42
C VAL D 682 -2.07 36.47 -4.31
N GLU D 683 -2.23 36.02 -3.07
CA GLU D 683 -1.75 36.76 -1.91
C GLU D 683 -0.23 36.74 -1.83
N ILE D 684 0.37 35.57 -2.10
CA ILE D 684 1.81 35.38 -1.99
C ILE D 684 2.52 36.18 -3.09
N GLU D 685 1.91 36.21 -4.29
CA GLU D 685 2.43 36.99 -5.41
C GLU D 685 2.66 38.42 -4.94
N ASP D 686 1.64 38.99 -4.29
CA ASP D 686 1.67 40.39 -3.90
C ASP D 686 2.66 40.62 -2.75
N GLN D 687 2.81 39.63 -1.86
CA GLN D 687 3.78 39.73 -0.78
C GLN D 687 5.20 39.82 -1.33
N VAL D 688 5.51 38.96 -2.31
CA VAL D 688 6.81 38.95 -2.97
C VAL D 688 7.07 40.26 -3.71
N GLU D 689 6.09 40.70 -4.52
CA GLU D 689 6.22 41.91 -5.30
C GLU D 689 6.59 43.07 -4.37
N GLY D 690 5.92 43.15 -3.20
CA GLY D 690 6.10 44.25 -2.27
C GLY D 690 7.46 44.19 -1.57
N LEU D 691 7.90 42.97 -1.25
CA LEU D 691 9.21 42.76 -0.65
C LEU D 691 10.31 43.22 -1.59
N GLN D 692 10.15 42.88 -2.88
CA GLN D 692 11.15 43.18 -3.89
C GLN D 692 11.19 44.68 -4.18
N PHE D 693 10.01 45.29 -4.18
CA PHE D 693 9.90 46.73 -4.34
C PHE D 693 10.67 47.44 -3.21
N VAL D 694 10.49 46.96 -1.97
CA VAL D 694 11.04 47.65 -0.80
C VAL D 694 12.55 47.54 -0.81
N ALA D 695 13.09 46.40 -1.29
CA ALA D 695 14.51 46.20 -1.42
C ALA D 695 15.10 47.22 -2.40
N GLU D 696 14.49 47.30 -3.59
CA GLU D 696 14.86 48.25 -4.63
C GLU D 696 14.78 49.69 -4.15
N LYS D 697 13.69 50.06 -3.47
CA LYS D 697 13.47 51.45 -3.10
C LYS D 697 14.41 51.85 -1.96
N TYR D 698 14.47 51.04 -0.90
CA TYR D 698 15.06 51.46 0.37
C TYR D 698 16.49 50.96 0.50
N GLY D 699 16.85 49.85 -0.15
CA GLY D 699 18.25 49.52 -0.33
C GLY D 699 18.87 48.70 0.81
N PHE D 700 18.28 48.68 2.02
CA PHE D 700 18.90 48.02 3.18
C PHE D 700 18.34 46.62 3.46
N ILE D 701 17.65 46.00 2.49
CA ILE D 701 17.01 44.71 2.67
C ILE D 701 17.96 43.61 2.18
N ASP D 702 18.25 42.63 3.06
CA ASP D 702 19.01 41.46 2.64
C ASP D 702 18.06 40.34 2.23
N LEU D 703 17.76 40.24 0.93
CA LEU D 703 16.79 39.29 0.41
C LEU D 703 17.25 37.84 0.57
N SER D 704 18.52 37.60 0.92
CA SER D 704 18.99 36.26 1.24
C SER D 704 18.54 35.81 2.65
N ARG D 705 18.06 36.75 3.48
CA ARG D 705 17.70 36.48 4.87
C ARG D 705 16.34 37.07 5.18
N VAL D 706 15.29 36.44 4.64
CA VAL D 706 13.92 36.88 4.85
C VAL D 706 13.15 35.79 5.61
N ALA D 707 12.47 36.22 6.68
CA ALA D 707 11.53 35.38 7.41
C ALA D 707 10.11 35.85 7.12
N ILE D 708 9.18 34.90 6.99
CA ILE D 708 7.76 35.19 6.87
C ILE D 708 7.07 34.69 8.14
N HIS D 709 6.20 35.54 8.71
CA HIS D 709 5.58 35.27 10.01
C HIS D 709 4.23 35.95 10.08
N GLY D 710 3.19 35.17 10.42
CA GLY D 710 1.84 35.66 10.59
C GLY D 710 1.03 34.75 11.50
N TRP D 711 -0.21 35.16 11.82
CA TRP D 711 -1.11 34.38 12.66
C TRP D 711 -2.45 34.18 11.97
N SER D 712 -3.05 33.00 12.17
CA SER D 712 -4.34 32.63 11.58
C SER D 712 -4.18 32.52 10.05
N TYR D 713 -4.80 33.42 9.29
CA TYR D 713 -4.60 33.48 7.86
C TYR D 713 -3.13 33.77 7.56
N GLY D 714 -2.49 34.60 8.41
CA GLY D 714 -1.08 34.92 8.30
C GLY D 714 -0.17 33.70 8.52
N GLY D 715 -0.61 32.78 9.40
CA GLY D 715 0.07 31.52 9.61
C GLY D 715 -0.05 30.63 8.39
N PHE D 716 -1.27 30.53 7.85
CA PHE D 716 -1.55 29.85 6.59
C PHE D 716 -0.62 30.35 5.48
N LEU D 717 -0.50 31.68 5.34
CA LEU D 717 0.27 32.28 4.25
C LEU D 717 1.76 32.13 4.48
N SER D 718 2.18 32.16 5.76
CA SER D 718 3.57 31.87 6.11
C SER D 718 3.98 30.52 5.54
N LEU D 719 3.09 29.53 5.65
CA LEU D 719 3.34 28.20 5.15
C LEU D 719 3.29 28.19 3.62
N MET D 720 2.36 28.91 3.01
CA MET D 720 2.31 29.00 1.55
C MET D 720 3.61 29.59 1.01
N GLY D 721 4.15 30.61 1.69
CA GLY D 721 5.37 31.27 1.27
C GLY D 721 6.55 30.30 1.21
N LEU D 722 6.69 29.48 2.26
CA LEU D 722 7.78 28.51 2.36
C LEU D 722 7.57 27.37 1.36
N ILE D 723 6.31 26.98 1.12
CA ILE D 723 5.97 25.95 0.15
C ILE D 723 6.30 26.42 -1.27
N HIS D 724 5.76 27.57 -1.68
CA HIS D 724 5.79 27.99 -3.08
C HIS D 724 6.94 28.92 -3.43
N LYS D 725 7.55 29.60 -2.44
CA LYS D 725 8.66 30.51 -2.69
C LYS D 725 9.81 30.18 -1.74
N PRO D 726 10.34 28.93 -1.77
CA PRO D 726 11.43 28.54 -0.87
C PRO D 726 12.71 29.35 -1.03
N GLN D 727 12.96 29.86 -2.25
CA GLN D 727 14.15 30.65 -2.53
C GLN D 727 13.99 32.09 -2.03
N VAL D 728 12.75 32.54 -1.75
CA VAL D 728 12.52 33.87 -1.18
C VAL D 728 12.61 33.80 0.35
N PHE D 729 11.89 32.83 0.92
CA PHE D 729 11.69 32.75 2.35
C PHE D 729 12.62 31.69 2.93
N LYS D 730 13.61 32.13 3.72
CA LYS D 730 14.56 31.23 4.33
C LYS D 730 13.88 30.49 5.47
N VAL D 731 13.06 31.18 6.28
CA VAL D 731 12.31 30.55 7.36
C VAL D 731 10.85 31.02 7.36
N ALA D 732 9.99 30.19 7.98
CA ALA D 732 8.60 30.53 8.28
C ALA D 732 8.31 30.27 9.75
N ILE D 733 7.66 31.24 10.41
CA ILE D 733 7.03 31.03 11.71
C ILE D 733 5.51 31.15 11.53
N ALA D 734 4.82 30.00 11.54
CA ALA D 734 3.40 29.96 11.22
C ALA D 734 2.59 29.88 12.51
N GLY D 735 1.85 30.95 12.84
CA GLY D 735 0.98 30.99 14.00
C GLY D 735 -0.43 30.51 13.69
N ALA D 736 -0.93 29.56 14.49
CA ALA D 736 -2.29 29.06 14.39
C ALA D 736 -2.73 28.97 12.93
N PRO D 737 -2.00 28.22 12.07
CA PRO D 737 -2.34 28.13 10.65
C PRO D 737 -3.63 27.36 10.38
N VAL D 738 -4.40 27.85 9.41
CA VAL D 738 -5.37 27.04 8.69
C VAL D 738 -4.56 26.15 7.75
N THR D 739 -4.64 24.83 7.97
CA THR D 739 -3.85 23.87 7.18
C THR D 739 -4.76 23.03 6.29
N VAL D 740 -6.05 22.98 6.60
CA VAL D 740 -7.03 22.27 5.81
C VAL D 740 -8.33 23.08 5.81
N TRP D 741 -8.76 23.55 4.63
CA TRP D 741 -9.97 24.37 4.54
C TRP D 741 -11.24 23.56 4.76
N MET D 742 -11.18 22.25 4.53
CA MET D 742 -12.30 21.35 4.81
C MET D 742 -12.67 21.35 6.29
N ALA D 743 -11.75 21.79 7.16
CA ALA D 743 -11.92 21.76 8.61
C ALA D 743 -12.40 23.10 9.19
N TYR D 744 -12.58 24.12 8.33
CA TYR D 744 -13.07 25.42 8.77
C TYR D 744 -14.56 25.46 8.47
N ASP D 745 -15.24 26.51 8.93
CA ASP D 745 -16.70 26.53 9.04
C ASP D 745 -17.37 26.95 7.74
N THR D 746 -18.71 26.88 7.75
CA THR D 746 -19.54 27.21 6.60
C THR D 746 -19.47 28.71 6.29
N GLY D 747 -19.83 29.53 7.28
CA GLY D 747 -20.04 30.95 7.07
C GLY D 747 -18.86 31.61 6.35
N TYR D 748 -17.63 31.36 6.83
CA TYR D 748 -16.44 31.98 6.28
C TYR D 748 -16.02 31.22 5.02
N THR D 749 -15.78 29.91 5.15
CA THR D 749 -15.07 29.21 4.10
C THR D 749 -15.87 29.27 2.80
N GLU D 750 -17.19 29.07 2.87
CA GLU D 750 -18.03 28.96 1.69
C GLU D 750 -18.16 30.32 0.99
N ARG D 751 -18.19 31.39 1.79
CA ARG D 751 -18.29 32.74 1.26
C ARG D 751 -17.19 32.96 0.23
N TYR D 752 -15.95 32.59 0.59
CA TYR D 752 -14.77 32.92 -0.18
C TYR D 752 -14.33 31.79 -1.12
N MET D 753 -14.76 30.54 -0.85
CA MET D 753 -14.19 29.39 -1.55
C MET D 753 -15.24 28.41 -2.10
N ASP D 754 -16.55 28.68 -1.93
CA ASP D 754 -17.61 27.73 -2.28
C ASP D 754 -17.53 26.53 -1.34
N VAL D 755 -18.40 25.53 -1.55
CA VAL D 755 -18.35 24.27 -0.81
C VAL D 755 -17.26 23.39 -1.40
N PRO D 756 -16.64 22.47 -0.64
CA PRO D 756 -15.54 21.64 -1.13
C PRO D 756 -15.80 20.91 -2.44
N GLU D 757 -17.02 20.34 -2.59
CA GLU D 757 -17.34 19.59 -3.81
C GLU D 757 -17.31 20.47 -5.06
N ASN D 758 -17.68 21.74 -4.91
CA ASN D 758 -17.74 22.67 -6.03
C ASN D 758 -16.40 23.39 -6.28
N ASN D 759 -15.35 23.11 -5.50
CA ASN D 759 -14.07 23.79 -5.68
C ASN D 759 -12.94 22.91 -5.17
N GLN D 760 -12.89 21.66 -5.66
CA GLN D 760 -11.91 20.70 -5.19
C GLN D 760 -10.51 21.23 -5.43
N HIS D 761 -10.28 21.85 -6.60
CA HIS D 761 -8.95 22.31 -6.99
C HIS D 761 -8.49 23.42 -6.05
N GLY D 762 -9.40 24.35 -5.72
CA GLY D 762 -9.06 25.52 -4.91
C GLY D 762 -8.79 25.15 -3.46
N TYR D 763 -9.66 24.29 -2.91
CA TYR D 763 -9.49 23.74 -1.57
C TYR D 763 -8.14 23.03 -1.44
N GLU D 764 -7.79 22.22 -2.43
CA GLU D 764 -6.58 21.41 -2.37
C GLU D 764 -5.35 22.30 -2.52
N ALA D 765 -5.40 23.27 -3.45
CA ALA D 765 -4.29 24.17 -3.71
C ALA D 765 -3.94 25.02 -2.49
N GLY D 766 -4.99 25.44 -1.75
CA GLY D 766 -4.84 26.36 -0.63
C GLY D 766 -4.82 25.68 0.73
N SER D 767 -4.80 24.33 0.77
CA SER D 767 -4.72 23.58 2.02
C SER D 767 -3.28 23.12 2.23
N VAL D 768 -2.55 23.85 3.09
CA VAL D 768 -1.09 23.74 3.15
C VAL D 768 -0.67 22.37 3.69
N ALA D 769 -1.52 21.72 4.50
CA ALA D 769 -1.21 20.40 5.03
C ALA D 769 -1.13 19.34 3.93
N LEU D 770 -1.71 19.60 2.75
CA LEU D 770 -1.69 18.65 1.66
C LEU D 770 -0.45 18.81 0.78
N HIS D 771 0.34 19.88 1.01
CA HIS D 771 1.48 20.18 0.17
C HIS D 771 2.79 20.10 0.96
N VAL D 772 2.80 19.21 1.95
CA VAL D 772 3.89 19.12 2.91
C VAL D 772 5.16 18.63 2.25
N GLU D 773 5.06 17.86 1.16
CA GLU D 773 6.22 17.36 0.44
C GLU D 773 7.10 18.52 -0.05
N LYS D 774 6.51 19.70 -0.32
CA LYS D 774 7.25 20.84 -0.86
C LYS D 774 7.90 21.68 0.26
N LEU D 775 7.66 21.33 1.54
CA LEU D 775 8.27 22.04 2.65
C LEU D 775 9.71 21.58 2.78
N PRO D 776 10.60 22.40 3.39
CA PRO D 776 12.03 22.16 3.31
C PRO D 776 12.40 20.93 4.13
N ASN D 777 13.33 20.14 3.57
CA ASN D 777 13.92 18.99 4.24
C ASN D 777 15.22 19.42 4.93
N GLU D 778 15.27 20.68 5.39
CA GLU D 778 16.36 21.20 6.20
C GLU D 778 15.77 21.63 7.54
N PRO D 779 16.40 21.28 8.69
CA PRO D 779 15.95 21.77 9.99
C PRO D 779 16.04 23.29 10.11
N ASN D 780 15.26 23.83 11.06
CA ASN D 780 15.33 25.23 11.46
C ASN D 780 14.88 26.17 10.33
N ARG D 781 13.93 25.73 9.50
CA ARG D 781 13.28 26.62 8.54
C ARG D 781 11.78 26.72 8.78
N LEU D 782 11.24 26.00 9.78
CA LEU D 782 9.80 26.00 10.05
C LEU D 782 9.58 25.85 11.55
N LEU D 783 8.88 26.86 12.10
CA LEU D 783 8.41 26.87 13.48
C LEU D 783 6.89 27.04 13.48
N ILE D 784 6.21 26.16 14.21
CA ILE D 784 4.76 26.18 14.32
C ILE D 784 4.38 26.60 15.73
N LEU D 785 3.41 27.52 15.84
CA LEU D 785 2.89 28.02 17.10
C LEU D 785 1.38 27.85 17.08
N HIS D 786 0.79 27.37 18.19
CA HIS D 786 -0.66 27.21 18.27
C HIS D 786 -1.13 27.17 19.72
N GLY D 787 -2.17 27.94 20.03
CA GLY D 787 -2.90 27.82 21.28
C GLY D 787 -3.77 26.56 21.28
N PHE D 788 -3.71 25.82 22.39
CA PHE D 788 -4.28 24.48 22.48
C PHE D 788 -5.79 24.55 22.55
N LEU D 789 -6.34 25.61 23.16
CA LEU D 789 -7.77 25.73 23.40
C LEU D 789 -8.47 26.49 22.28
N ASP D 790 -7.73 26.82 21.21
CA ASP D 790 -8.25 27.63 20.14
C ASP D 790 -9.51 26.97 19.59
N GLU D 791 -10.60 27.74 19.55
CA GLU D 791 -11.89 27.24 19.12
C GLU D 791 -12.35 27.90 17.83
N ASN D 792 -11.44 28.60 17.13
CA ASN D 792 -11.67 29.10 15.77
C ASN D 792 -10.83 28.25 14.81
N VAL D 793 -9.50 28.39 14.94
CA VAL D 793 -8.56 27.55 14.25
C VAL D 793 -8.20 26.42 15.22
N HIS D 794 -8.92 25.30 15.10
CA HIS D 794 -8.74 24.19 16.03
C HIS D 794 -7.29 23.73 16.01
N PHE D 795 -6.81 23.22 17.16
CA PHE D 795 -5.48 22.64 17.27
C PHE D 795 -5.31 21.52 16.23
N PHE D 796 -6.43 20.87 15.88
CA PHE D 796 -6.47 19.91 14.80
C PHE D 796 -5.63 20.33 13.60
N HIS D 797 -5.67 21.62 13.23
CA HIS D 797 -4.98 22.10 12.04
C HIS D 797 -3.48 21.83 12.17
N THR D 798 -2.89 22.16 13.34
CA THR D 798 -1.48 21.97 13.56
C THR D 798 -1.19 20.48 13.71
N ASN D 799 -2.10 19.76 14.38
CA ASN D 799 -1.92 18.35 14.66
C ASN D 799 -1.88 17.55 13.37
N PHE D 800 -2.81 17.87 12.46
CA PHE D 800 -2.86 17.21 11.17
C PHE D 800 -1.63 17.57 10.34
N LEU D 801 -1.21 18.83 10.37
CA LEU D 801 0.03 19.27 9.71
C LEU D 801 1.23 18.45 10.20
N VAL D 802 1.41 18.35 11.52
CA VAL D 802 2.50 17.59 12.11
C VAL D 802 2.40 16.13 11.65
N SER D 803 1.18 15.58 11.68
CA SER D 803 0.92 14.23 11.20
C SER D 803 1.49 14.03 9.80
N GLN D 804 1.20 14.97 8.89
CA GLN D 804 1.62 14.88 7.49
C GLN D 804 3.13 15.09 7.36
N LEU D 805 3.70 16.02 8.16
CA LEU D 805 5.13 16.23 8.20
C LEU D 805 5.88 14.95 8.56
N ILE D 806 5.34 14.19 9.51
CA ILE D 806 5.91 12.91 9.92
C ILE D 806 5.87 11.94 8.73
N ARG D 807 4.72 11.88 8.04
CA ARG D 807 4.57 11.00 6.88
C ARG D 807 5.51 11.40 5.73
N ALA D 808 5.83 12.69 5.62
CA ALA D 808 6.70 13.17 4.56
C ALA D 808 8.17 13.17 4.98
N GLY D 809 8.46 12.84 6.24
CA GLY D 809 9.84 12.82 6.71
C GLY D 809 10.47 14.22 6.83
N LYS D 810 9.63 15.24 7.08
CA LYS D 810 10.08 16.62 7.12
C LYS D 810 10.32 17.05 8.57
N PRO D 811 11.40 17.83 8.83
CA PRO D 811 11.67 18.38 10.16
C PRO D 811 10.80 19.61 10.49
N TYR D 812 10.49 19.78 11.77
CA TYR D 812 9.67 20.87 12.25
C TYR D 812 10.02 21.19 13.70
N GLN D 813 9.84 22.45 14.10
CA GLN D 813 9.86 22.86 15.49
C GLN D 813 8.45 23.33 15.86
N LEU D 814 8.09 23.17 17.15
CA LEU D 814 6.72 23.38 17.59
C LEU D 814 6.69 24.01 18.97
N GLN D 815 5.81 25.00 19.14
CA GLN D 815 5.49 25.56 20.44
C GLN D 815 3.97 25.56 20.60
N ILE D 816 3.49 25.11 21.77
CA ILE D 816 2.07 25.21 22.08
C ILE D 816 1.88 26.17 23.25
N TYR D 817 0.69 26.76 23.30
CA TYR D 817 0.27 27.62 24.39
C TYR D 817 -0.94 26.93 25.00
N PRO D 818 -0.73 26.02 25.98
CA PRO D 818 -1.79 25.18 26.50
C PRO D 818 -3.02 25.89 27.03
N ASN D 819 -2.84 27.09 27.62
CA ASN D 819 -3.91 27.80 28.28
C ASN D 819 -4.59 28.85 27.39
N GLU D 820 -4.10 29.03 26.16
CA GLU D 820 -4.58 30.08 25.29
C GLU D 820 -5.59 29.56 24.27
N ARG D 821 -6.58 30.41 23.97
CA ARG D 821 -7.48 30.27 22.84
C ARG D 821 -6.74 30.71 21.57
N HIS D 822 -7.45 31.35 20.63
CA HIS D 822 -6.82 31.84 19.42
C HIS D 822 -5.78 32.92 19.76
N SER D 823 -6.24 33.97 20.46
CA SER D 823 -5.41 35.12 20.81
C SER D 823 -4.65 34.85 22.11
N ILE D 824 -3.35 35.24 22.16
CA ILE D 824 -2.53 35.07 23.35
C ILE D 824 -2.83 36.21 24.31
N ARG D 825 -3.70 35.95 25.30
CA ARG D 825 -4.10 36.94 26.28
C ARG D 825 -3.07 37.03 27.40
N CYS D 826 -2.75 35.88 28.05
CA CYS D 826 -1.89 35.86 29.24
C CYS D 826 -0.52 36.43 28.90
N PRO D 827 0.05 37.34 29.75
CA PRO D 827 1.30 38.03 29.42
C PRO D 827 2.56 37.16 29.39
N GLU D 828 2.61 36.11 30.21
CA GLU D 828 3.74 35.20 30.26
C GLU D 828 3.82 34.42 28.95
N SER D 829 2.65 33.99 28.43
CA SER D 829 2.55 33.35 27.12
C SER D 829 3.13 34.27 26.04
N GLY D 830 2.71 35.55 26.08
CA GLY D 830 3.16 36.56 25.13
C GLY D 830 4.68 36.75 25.18
N GLU D 831 5.22 36.97 26.38
CA GLU D 831 6.66 37.12 26.53
C GLU D 831 7.37 35.89 25.97
N HIS D 832 6.87 34.69 26.29
CA HIS D 832 7.53 33.46 25.90
C HIS D 832 7.53 33.35 24.38
N TYR D 833 6.40 33.69 23.76
CA TYR D 833 6.27 33.72 22.30
C TYR D 833 7.32 34.65 21.71
N GLU D 834 7.42 35.86 22.25
CA GLU D 834 8.28 36.90 21.70
C GLU D 834 9.74 36.48 21.84
N VAL D 835 10.13 35.98 23.02
CA VAL D 835 11.49 35.54 23.28
C VAL D 835 11.83 34.40 22.33
N THR D 836 10.92 33.42 22.18
CA THR D 836 11.13 32.29 21.29
C THR D 836 11.40 32.79 19.86
N LEU D 837 10.65 33.81 19.44
CA LEU D 837 10.74 34.30 18.08
C LEU D 837 12.08 35.00 17.85
N LEU D 838 12.50 35.84 18.81
CA LEU D 838 13.79 36.54 18.74
C LEU D 838 14.92 35.51 18.67
N HIS D 839 14.88 34.50 19.56
CA HIS D 839 15.87 33.44 19.57
C HIS D 839 15.92 32.75 18.22
N PHE D 840 14.76 32.34 17.73
CA PHE D 840 14.64 31.65 16.46
C PHE D 840 15.28 32.47 15.34
N LEU D 841 14.97 33.77 15.29
CA LEU D 841 15.48 34.64 14.24
C LEU D 841 17.00 34.80 14.36
N GLN D 842 17.49 35.05 15.57
CA GLN D 842 18.90 35.29 15.78
C GLN D 842 19.71 34.04 15.45
N GLU D 843 19.14 32.85 15.67
CA GLU D 843 19.82 31.61 15.38
C GLU D 843 19.73 31.26 13.89
N TYR D 844 18.54 31.37 13.28
CA TYR D 844 18.30 30.68 12.02
C TYR D 844 18.03 31.65 10.86
N LEU D 845 18.28 32.96 11.06
CA LEU D 845 18.34 33.89 9.95
C LEU D 845 19.80 34.30 9.76
N HIS D 846 20.68 33.28 9.64
CA HIS D 846 22.14 33.39 9.59
C HIS D 846 22.72 34.04 10.86
C1 A1INH E . 5.81 -1.36 33.54
C2 A1INH E . 5.18 -1.32 34.91
C3 A1INH E . 3.68 -1.45 34.88
C4 A1INH E . 3.18 -2.84 34.45
C5 A1INH E . 2.26 -2.92 33.22
C6 A1INH E . 2.28 -1.73 32.32
C7 A1INH E . 3.11 -1.70 31.19
C8 A1INH E . 3.15 -0.60 30.37
C11 A1INH E . 1.50 -0.61 32.59
C12 A1INH E . 4.03 2.60 30.19
C15 A1INH E . 4.18 5.62 35.21
C9 A1INH E . 2.35 0.51 30.64
C10 A1INH E . 1.54 0.51 31.77
S1 A1INH E . 2.44 1.93 29.62
C13 A1INH E . 3.83 3.62 31.27
P1 A1INH E . 5.41 4.26 31.87
O1 A1INH E . 6.45 3.20 31.83
O2 A1INH E . 5.24 4.71 33.36
C14 A1INH E . 4.30 5.73 33.74
C1 EDO F . 10.92 1.38 27.52
O1 EDO F . 12.29 1.69 27.35
C2 EDO F . 10.61 -0.05 27.24
O2 EDO F . 10.44 -0.90 28.37
C1 EDO G . -21.92 -2.95 42.49
O1 EDO G . -22.42 -3.76 41.43
C2 EDO G . -21.03 -3.71 43.36
O2 EDO G . -21.50 -5.02 43.59
C1 EDO H . -4.45 17.06 39.33
O1 EDO H . -5.13 16.07 38.56
C2 EDO H . -3.17 17.48 38.69
O2 EDO H . -2.76 18.84 38.91
C1 EDO I . -14.17 0.03 46.96
O1 EDO I . -13.70 0.96 46.01
C2 EDO I . -14.17 -1.39 46.45
O2 EDO I . -15.43 -1.88 46.02
C1 EDO J . -7.26 -8.18 52.60
O1 EDO J . -6.86 -7.06 51.83
C2 EDO J . -8.26 -7.87 53.65
O2 EDO J . -8.45 -6.49 53.87
C1 EDO K . 0.19 -20.56 37.79
O1 EDO K . 1.01 -19.49 38.24
C2 EDO K . 0.27 -21.79 38.64
O2 EDO K . -0.19 -21.60 39.96
C1 EDO L . 20.78 -13.04 42.11
O1 EDO L . 19.88 -12.51 43.06
C2 EDO L . 21.45 -14.34 42.48
O2 EDO L . 21.57 -15.33 41.45
C1 EDO M . 28.16 -9.86 35.78
O1 EDO M . 29.20 -9.11 35.19
C2 EDO M . 28.11 -11.29 35.34
O2 EDO M . 27.61 -12.21 36.32
C1 EDO N . 27.83 -13.88 39.22
O1 EDO N . 28.72 -14.94 38.92
C2 EDO N . 26.43 -14.11 38.75
O2 EDO N . 25.50 -14.58 39.73
CL CL O . -0.46 -32.73 49.13
C1 A1INH P . 25.63 -33.50 -10.21
C2 A1INH P . 25.02 -32.27 -10.83
C3 A1INH P . 25.96 -31.48 -11.69
C4 A1INH P . 25.38 -30.16 -12.18
C5 A1INH P . 25.81 -29.79 -13.56
C6 A1INH P . 25.24 -28.56 -14.22
C7 A1INH P . 25.97 -27.87 -15.18
C8 A1INH P . 25.47 -26.72 -15.79
C11 A1INH P . 23.98 -28.07 -13.89
C12 A1INH P . 24.52 -23.41 -15.43
C15 A1INH P . 23.01 -21.86 -9.74
C9 A1INH P . 24.21 -26.24 -15.45
C10 A1INH P . 23.47 -26.93 -14.49
S1 A1INH P . 23.58 -24.79 -16.21
C13 A1INH P . 24.45 -23.42 -13.92
P1 A1INH P . 24.55 -21.81 -13.11
O1 A1INH P . 25.83 -21.73 -12.39
O2 A1INH P . 23.36 -21.73 -12.09
C14 A1INH P . 23.34 -22.62 -10.94
C1 EDO Q . 39.45 5.56 -32.81
O1 EDO Q . 39.23 4.28 -33.34
C2 EDO Q . 38.48 5.89 -31.72
O2 EDO Q . 39.05 6.39 -30.54
C1 EDO R . 8.48 -37.90 -2.99
O1 EDO R . 7.67 -36.99 -3.73
C2 EDO R . 9.04 -39.02 -3.80
O2 EDO R . 8.15 -40.08 -4.10
C1 EDO S . 32.09 -19.35 -15.89
O1 EDO S . 31.44 -18.23 -15.27
C2 EDO S . 31.22 -20.21 -16.77
O2 EDO S . 31.54 -21.60 -16.73
C1 EDO T . 9.59 -15.92 -7.12
O1 EDO T . 9.83 -14.98 -6.09
C2 EDO T . 9.00 -17.22 -6.66
O2 EDO T . 8.70 -18.15 -7.70
C1 EDO U . 4.40 -43.18 -9.91
O1 EDO U . 3.21 -43.36 -10.68
C2 EDO U . 4.24 -43.48 -8.48
O2 EDO U . 4.51 -44.82 -8.15
C1 EDO V . 0.01 -28.73 -11.08
O1 EDO V . 0.83 -28.34 -12.16
C2 EDO V . 0.64 -28.58 -9.74
O2 EDO V . 0.78 -27.23 -9.29
C1 EDO W . 17.51 -42.97 2.45
O1 EDO W . 17.70 -41.58 2.41
C2 EDO W . 16.57 -43.39 3.50
O2 EDO W . 15.83 -42.33 4.06
C1 EDO X . 32.73 -48.33 -11.39
O1 EDO X . 33.10 -47.00 -11.08
C2 EDO X . 32.12 -49.06 -10.23
O2 EDO X . 31.24 -48.27 -9.43
C1 EDO Y . 28.34 -18.49 -22.25
O1 EDO Y . 29.20 -17.38 -22.30
C2 EDO Y . 28.29 -19.14 -20.89
O2 EDO Y . 27.00 -19.23 -20.29
C1 EDO Z . 33.08 -17.47 -25.49
O1 EDO Z . 33.83 -16.33 -25.90
C2 EDO Z . 31.60 -17.37 -25.70
O2 EDO Z . 31.17 -17.58 -27.03
C1 EDO AA . 28.03 -47.28 7.61
O1 EDO AA . 29.19 -47.44 6.79
C2 EDO AA . 26.87 -48.14 7.18
O2 EDO AA . 25.63 -47.91 7.86
C1 EDO BA . 40.50 -19.36 -16.69
O1 EDO BA . 41.91 -19.49 -16.62
C2 EDO BA . 39.75 -20.45 -16.03
O2 EDO BA . 40.36 -20.93 -14.84
C1 A1INH CA . -10.54 -0.11 -35.80
C2 A1INH CA . -9.16 -0.30 -35.22
C3 A1INH CA . -8.69 0.87 -34.38
C4 A1INH CA . -7.32 0.68 -33.75
C5 A1INH CA . -7.44 -0.01 -32.40
C6 A1INH CA . -6.12 -0.32 -31.73
C7 A1INH CA . -5.68 0.43 -30.64
C8 A1INH CA . -4.47 0.17 -30.02
C11 A1INH CA . -5.30 -1.35 -32.17
C12 A1INH CA . -0.99 -0.07 -30.59
C15 A1INH CA . 1.02 -1.18 -36.29
C9 A1INH CA . -3.66 -0.88 -30.47
C10 A1INH CA . -4.09 -1.63 -31.57
S1 A1INH CA . -2.12 -1.18 -29.68
C13 A1INH CA . -0.57 -0.75 -31.87
P1 A1INH CA . 0.80 -0.04 -32.80
O1 A1INH CA . 0.45 1.29 -33.35
O2 A1INH CA . 0.96 -1.13 -33.93
C14 A1INH CA . 0.14 -1.11 -35.13
C1 EDO DA . 0.97 6.93 -28.72
O1 EDO DA . 2.33 7.30 -28.68
C2 EDO DA . 0.22 7.56 -29.86
O2 EDO DA . -1.19 7.30 -29.87
C1 EDO EA . 20.00 3.42 -18.80
O1 EDO EA . 20.69 2.46 -19.57
C2 EDO EA . 19.12 2.74 -17.81
O2 EDO EA . 17.78 3.17 -17.69
C1 EDO FA . -18.87 -22.27 -37.17
O1 EDO FA . -18.33 -23.47 -36.65
C2 EDO FA . -18.80 -22.19 -38.64
O2 EDO FA . -20.04 -21.96 -39.28
C1 EDO GA . 8.18 -16.26 -17.74
O1 EDO GA . 7.62 -15.27 -16.86
C2 EDO GA . 7.23 -16.87 -18.75
O2 EDO GA . 7.53 -16.65 -20.13
C1 EDO HA . -13.37 -16.66 -43.03
O1 EDO HA . -12.56 -17.82 -42.97
C2 EDO HA . -14.80 -16.91 -43.34
O2 EDO HA . -15.39 -18.01 -42.67
C1 EDO IA . -18.15 -8.62 -49.53
O1 EDO IA . -18.75 -8.47 -48.26
C2 EDO IA . -18.31 -10.00 -50.09
O2 EDO IA . -19.65 -10.45 -50.05
C1 EDO JA . -25.04 5.11 -35.25
O1 EDO JA . -25.08 6.51 -35.06
C2 EDO JA . -26.38 4.53 -35.59
O2 EDO JA . -26.64 4.40 -36.98
C1 EDO KA . -37.12 9.08 -44.82
O1 EDO KA . -37.22 10.30 -45.55
C2 EDO KA . -38.22 8.87 -43.84
O2 EDO KA . -38.69 7.53 -43.74
C1 EDO LA . -21.88 28.11 -30.97
O1 EDO LA . -20.75 28.78 -31.52
C2 EDO LA . -22.87 27.70 -31.99
O2 EDO LA . -22.29 27.33 -33.23
C1 EDO MA . 1.71 16.17 -28.79
O1 EDO MA . 1.57 17.58 -28.63
C2 EDO MA . 0.60 15.55 -29.54
O2 EDO MA . 0.73 15.64 -30.96
C1 EDO NA . -28.98 -19.98 -57.40
O1 EDO NA . -27.75 -20.04 -58.07
C2 EDO NA . -30.07 -19.39 -58.24
O2 EDO NA . -30.22 -20.01 -59.51
CL CL OA . -3.18 -24.50 -36.27
C1 A1INH PA . -17.94 39.03 10.56
C2 A1INH PA . -16.93 38.51 11.54
C3 A1INH PA . -15.59 39.21 11.45
C4 A1INH PA . -14.43 38.37 11.84
C5 A1INH PA . -14.36 38.07 13.33
C6 A1INH PA . -13.25 37.13 13.77
C7 A1INH PA . -12.18 37.60 14.51
C8 A1INH PA . -11.17 36.74 14.93
C11 A1INH PA . -13.30 35.78 13.48
C12 A1INH PA . -8.65 34.55 13.93
C15 A1INH PA . -9.48 31.70 8.49
C9 A1INH PA . -11.23 35.39 14.64
C10 A1INH PA . -12.31 34.92 13.90
S1 A1INH PA . -9.93 34.33 15.19
C13 A1INH PA . -9.22 34.32 12.55
P1 A1INH PA . -8.03 33.71 11.34
O1 A1INH PA . -7.69 34.82 10.43
O2 A1INH PA . -8.81 32.57 10.57
C14 A1INH PA . -9.65 32.84 9.41
C1 EDO QA . -4.52 40.87 12.60
O1 EDO QA . -5.65 41.12 13.41
C2 EDO QA . -3.26 40.63 13.39
O2 EDO QA . -2.82 39.28 13.41
C1 EDO RA . -31.66 34.85 -0.05
O1 EDO RA . -31.73 36.21 0.36
C2 EDO RA . -32.98 34.27 -0.42
O2 EDO RA . -34.02 35.23 -0.42
C1 EDO SA . 1.49 46.47 11.42
O1 EDO SA . 2.22 47.54 11.97
C2 EDO SA . 0.18 46.88 10.89
O2 EDO SA . 0.27 47.48 9.61
#